data_7FS4
#
_entry.id   7FS4
#
_cell.length_a   208.146
_cell.length_b   113.021
_cell.length_c   188.617
_cell.angle_alpha   90.000
_cell.angle_beta   91.930
_cell.angle_gamma   90.000
#
_symmetry.space_group_name_H-M   'C 1 2 1'
#
loop_
_entity.id
_entity.type
_entity.pdbx_description
1 polymer 'Pyruvate kinase PKLR'
2 non-polymer 1,6-di-O-phosphono-beta-D-fructofuranose
3 non-polymer 'OXALATE ION'
4 non-polymer 'MAGNESIUM ION'
5 non-polymer 'POTASSIUM ION'
6 non-polymer "4,4',5-trihydroxy-N-{[4-(3-hydroxybenzene-1-sulfonyl)phenyl]methyl}[1,1'-biphenyl]-2-sulfonamide"
7 water water
#
_entity_poly.entity_id   1
_entity_poly.type   'polypeptide(L)'
_entity_poly.pdbx_seq_one_letter_code
;GSMEGPAGYLRRADVAQLTQELGTAFFQQQQLPAAMADTFLEHLCLLDIDSEPVAARSTSIIATIGPASRSVERLKEMIK
AGMNIARLNFSHGSHEYHAESIANVREAVESFAGSPLSYRPVAIALDTKGPGSGPGLSEQDVRDLRFGVEHGVDIVFASF
VRKASDVAAVRAALGPEGHGIKIISKIENHEGVKRFDEILEVSDGIMVARGDLGIEIPAEKVFLAQKMMIGRCNLAGKPV
VCATQMLESMITKPRPTRAETSDVANAVLDGADCIMLSGETAKGNFPVEAVKMQHAIAREAEAAVYHRQLFEELRRAAPL
SRDPTEVTAIGAVEAAFKCCAAAIIVLTTTGRSAQLLSRYRPRAAVIAVTRSAQAARQVHLCRGVFPLLYREPPEAIWAD
DVDRRVQFGIESGKLRGFLRVGDLVIVVTGWRPGSGYTNIMRVLSIS
;
_entity_poly.pdbx_strand_id   A,B,C,D,E,F,G,H
#
loop_
_chem_comp.id
_chem_comp.type
_chem_comp.name
_chem_comp.formula
FBP D-saccharide, beta linking 1,6-di-O-phosphono-beta-D-fructofuranose 'C6 H14 O12 P2'
K non-polymer 'POTASSIUM ION' 'K 1'
MG non-polymer 'MAGNESIUM ION' 'Mg 2'
O9R non-polymer 4,4',5-trihydroxy-N-{[4-(3-hydroxybenzene-1-sulfonyl)phenyl]methyl}[1,1'-biphenyl]-2-sulfonamide 'C25 H21 N O8 S2'
OXL non-polymer 'OXALATE ION' 'C2 O4 -2'
#
# COMPACT_ATOMS: atom_id res chain seq x y z
N ALA A 25 -18.94 -27.97 6.45
CA ALA A 25 -19.16 -28.63 5.17
C ALA A 25 -20.63 -28.59 4.75
N PHE A 26 -21.55 -28.75 5.72
CA PHE A 26 -22.99 -28.72 5.48
C PHE A 26 -23.40 -27.36 4.91
N PHE A 27 -22.86 -26.28 5.51
CA PHE A 27 -23.17 -24.90 5.13
C PHE A 27 -22.44 -24.41 3.87
N GLN A 28 -21.60 -25.24 3.24
CA GLN A 28 -20.94 -24.88 1.99
C GLN A 28 -21.71 -25.46 0.77
N GLN A 29 -22.43 -26.58 0.97
CA GLN A 29 -23.24 -27.25 -0.05
C GLN A 29 -24.58 -26.51 -0.29
N GLN A 30 -25.31 -26.94 -1.34
CA GLN A 30 -26.64 -26.48 -1.77
C GLN A 30 -26.84 -24.94 -1.74
N GLN A 31 -25.80 -24.19 -2.14
CA GLN A 31 -25.77 -22.72 -2.19
C GLN A 31 -26.19 -22.05 -0.87
N LEU A 32 -25.87 -22.69 0.27
CA LEU A 32 -26.24 -22.13 1.57
C LEU A 32 -25.58 -20.76 1.86
N PRO A 33 -24.31 -20.48 1.49
CA PRO A 33 -23.79 -19.11 1.66
C PRO A 33 -24.61 -18.07 0.87
N ALA A 34 -25.04 -18.41 -0.36
CA ALA A 34 -25.85 -17.51 -1.18
C ALA A 34 -27.27 -17.34 -0.60
N ALA A 35 -27.80 -18.39 0.07
CA ALA A 35 -29.13 -18.36 0.68
C ALA A 35 -29.18 -17.49 1.94
N MET A 36 -28.03 -17.33 2.65
CA MET A 36 -27.94 -16.52 3.86
C MET A 36 -27.73 -15.02 3.58
N ALA A 37 -27.57 -14.61 2.31
CA ALA A 37 -27.31 -13.23 1.95
C ALA A 37 -28.43 -12.26 2.32
N ASP A 38 -28.08 -11.01 2.65
CA ASP A 38 -29.03 -9.97 3.07
C ASP A 38 -29.72 -9.24 1.91
N THR A 39 -29.15 -9.32 0.71
CA THR A 39 -29.73 -8.71 -0.48
C THR A 39 -29.70 -9.73 -1.63
N PHE A 40 -30.57 -9.52 -2.62
CA PHE A 40 -30.58 -10.37 -3.80
C PHE A 40 -29.26 -10.22 -4.58
N LEU A 41 -28.70 -9.01 -4.63
CA LEU A 41 -27.43 -8.77 -5.30
C LEU A 41 -26.31 -9.59 -4.67
N GLU A 42 -26.22 -9.61 -3.33
CA GLU A 42 -25.23 -10.38 -2.57
C GLU A 42 -25.44 -11.88 -2.80
N HIS A 43 -26.71 -12.32 -2.87
CA HIS A 43 -27.10 -13.70 -3.14
C HIS A 43 -26.54 -14.13 -4.48
N LEU A 44 -26.70 -13.29 -5.53
CA LEU A 44 -26.16 -13.61 -6.86
C LEU A 44 -24.63 -13.71 -6.81
N CYS A 45 -23.98 -12.75 -6.12
CA CYS A 45 -22.53 -12.69 -5.98
C CYS A 45 -21.95 -13.91 -5.27
N LEU A 46 -22.72 -14.53 -4.37
CA LEU A 46 -22.27 -15.68 -3.60
C LEU A 46 -22.56 -17.04 -4.25
N LEU A 47 -23.19 -17.08 -5.43
CA LEU A 47 -23.47 -18.35 -6.10
C LEU A 47 -22.13 -19.01 -6.46
N ASP A 48 -21.99 -20.31 -6.14
CA ASP A 48 -20.73 -21.02 -6.30
C ASP A 48 -20.92 -22.28 -7.15
N ILE A 49 -20.16 -22.40 -8.26
CA ILE A 49 -20.24 -23.60 -9.10
C ILE A 49 -19.72 -24.88 -8.36
N ASP A 50 -18.91 -24.71 -7.32
CA ASP A 50 -18.41 -25.82 -6.52
C ASP A 50 -19.35 -26.23 -5.38
N SER A 51 -20.43 -25.49 -5.14
CA SER A 51 -21.39 -25.81 -4.10
C SER A 51 -22.35 -26.83 -4.70
N GLU A 52 -22.21 -28.10 -4.30
CA GLU A 52 -23.03 -29.17 -4.87
C GLU A 52 -24.44 -29.28 -4.31
N PRO A 53 -25.43 -29.55 -5.19
CA PRO A 53 -26.80 -29.72 -4.69
C PRO A 53 -26.91 -31.00 -3.87
N VAL A 54 -27.63 -30.95 -2.74
CA VAL A 54 -27.79 -32.12 -1.89
C VAL A 54 -29.24 -32.60 -1.85
N ALA A 55 -30.19 -31.68 -1.87
CA ALA A 55 -31.61 -32.03 -1.84
C ALA A 55 -32.09 -32.75 -3.10
N ALA A 56 -33.17 -33.52 -2.98
CA ALA A 56 -33.78 -34.23 -4.09
C ALA A 56 -34.42 -33.20 -5.02
N ARG A 57 -34.42 -33.50 -6.34
CA ARG A 57 -34.98 -32.63 -7.35
C ARG A 57 -36.48 -32.49 -7.13
N SER A 58 -36.92 -31.23 -6.95
CA SER A 58 -38.26 -30.78 -6.63
C SER A 58 -39.19 -30.48 -7.80
N THR A 59 -38.66 -30.04 -8.94
CA THR A 59 -39.48 -29.67 -10.08
C THR A 59 -39.74 -30.91 -10.91
N SER A 60 -41.02 -31.28 -11.13
CA SER A 60 -41.35 -32.46 -11.90
C SER A 60 -41.05 -32.34 -13.38
N ILE A 61 -40.71 -33.47 -14.00
CA ILE A 61 -40.43 -33.50 -15.42
C ILE A 61 -41.57 -34.22 -16.12
N ILE A 62 -42.18 -33.54 -17.09
CA ILE A 62 -43.24 -34.12 -17.91
C ILE A 62 -42.59 -34.50 -19.23
N ALA A 63 -42.70 -35.77 -19.64
CA ALA A 63 -42.11 -36.21 -20.90
C ALA A 63 -43.20 -36.62 -21.85
N THR A 64 -43.16 -36.11 -23.08
CA THR A 64 -44.15 -36.48 -24.09
C THR A 64 -43.81 -37.85 -24.66
N ILE A 65 -44.79 -38.77 -24.67
CA ILE A 65 -44.59 -40.12 -25.18
C ILE A 65 -44.87 -40.17 -26.69
N GLY A 66 -43.97 -40.80 -27.43
CA GLY A 66 -44.08 -40.96 -28.87
C GLY A 66 -43.24 -42.12 -29.38
N PRO A 67 -42.99 -42.18 -30.70
CA PRO A 67 -42.17 -43.29 -31.24
C PRO A 67 -40.82 -43.51 -30.56
N ALA A 68 -40.15 -42.44 -30.14
CA ALA A 68 -38.84 -42.52 -29.49
C ALA A 68 -38.88 -42.94 -28.02
N SER A 69 -40.06 -42.93 -27.40
CA SER A 69 -40.17 -43.23 -25.98
C SER A 69 -41.38 -44.12 -25.66
N ARG A 70 -41.75 -45.01 -26.59
CA ARG A 70 -42.93 -45.85 -26.40
C ARG A 70 -42.65 -47.23 -25.83
N SER A 71 -41.47 -47.82 -26.10
CA SER A 71 -41.16 -49.16 -25.61
C SER A 71 -41.09 -49.24 -24.09
N VAL A 72 -41.45 -50.39 -23.53
CA VAL A 72 -41.43 -50.62 -22.08
C VAL A 72 -40.00 -50.47 -21.53
N GLU A 73 -39.01 -50.95 -22.28
CA GLU A 73 -37.60 -50.86 -21.88
C GLU A 73 -37.11 -49.40 -21.89
N ARG A 74 -37.56 -48.61 -22.88
CA ARG A 74 -37.20 -47.20 -23.00
C ARG A 74 -37.87 -46.40 -21.86
N LEU A 75 -39.14 -46.69 -21.56
CA LEU A 75 -39.90 -46.06 -20.50
C LEU A 75 -39.30 -46.31 -19.12
N LYS A 76 -38.74 -47.51 -18.88
CA LYS A 76 -38.07 -47.84 -17.62
C LYS A 76 -36.84 -46.96 -17.44
N GLU A 77 -36.10 -46.72 -18.52
CA GLU A 77 -34.92 -45.86 -18.49
C GLU A 77 -35.32 -44.41 -18.21
N MET A 78 -36.46 -43.96 -18.78
CA MET A 78 -36.95 -42.60 -18.56
CA MET A 78 -36.94 -42.59 -18.56
C MET A 78 -37.45 -42.40 -17.14
N ILE A 79 -38.03 -43.45 -16.53
CA ILE A 79 -38.50 -43.39 -15.14
C ILE A 79 -37.26 -43.24 -14.25
N LYS A 80 -36.19 -44.02 -14.52
CA LYS A 80 -34.94 -43.96 -13.78
C LYS A 80 -34.22 -42.61 -13.96
N ALA A 81 -34.33 -42.02 -15.17
CA ALA A 81 -33.74 -40.71 -15.47
C ALA A 81 -34.47 -39.55 -14.74
N GLY A 82 -35.73 -39.75 -14.35
CA GLY A 82 -36.48 -38.75 -13.63
C GLY A 82 -37.85 -38.35 -14.14
N MET A 83 -38.41 -39.03 -15.16
CA MET A 83 -39.75 -38.70 -15.65
C MET A 83 -40.80 -38.93 -14.55
N ASN A 84 -41.64 -37.92 -14.28
CA ASN A 84 -42.68 -38.00 -13.25
C ASN A 84 -44.08 -38.06 -13.84
N ILE A 85 -44.27 -37.43 -15.01
CA ILE A 85 -45.55 -37.36 -15.71
C ILE A 85 -45.34 -37.72 -17.17
N ALA A 86 -46.17 -38.62 -17.70
CA ALA A 86 -46.12 -39.03 -19.10
C ALA A 86 -47.22 -38.29 -19.84
N ARG A 87 -46.87 -37.52 -20.88
CA ARG A 87 -47.85 -36.74 -21.63
C ARG A 87 -48.21 -37.41 -22.94
N LEU A 88 -49.51 -37.59 -23.20
CA LEU A 88 -49.99 -38.17 -24.45
C LEU A 88 -50.55 -37.05 -25.29
N ASN A 89 -49.92 -36.76 -26.42
CA ASN A 89 -50.38 -35.68 -27.28
C ASN A 89 -51.46 -36.19 -28.21
N PHE A 90 -52.72 -35.84 -27.91
CA PHE A 90 -53.84 -36.30 -28.73
C PHE A 90 -53.99 -35.55 -30.05
N SER A 91 -53.04 -34.66 -30.39
CA SER A 91 -53.02 -34.02 -31.70
C SER A 91 -52.53 -35.01 -32.78
N HIS A 92 -51.84 -36.10 -32.38
CA HIS A 92 -51.32 -37.13 -33.27
C HIS A 92 -51.68 -38.52 -32.73
N GLY A 93 -51.85 -39.48 -33.62
CA GLY A 93 -52.17 -40.85 -33.24
C GLY A 93 -53.61 -41.15 -32.93
N SER A 94 -53.99 -42.41 -33.04
CA SER A 94 -55.35 -42.88 -32.78
C SER A 94 -55.55 -43.26 -31.31
N HIS A 95 -56.80 -43.55 -30.90
CA HIS A 95 -57.10 -44.00 -29.55
C HIS A 95 -56.38 -45.33 -29.27
N GLU A 96 -56.24 -46.20 -30.27
CA GLU A 96 -55.55 -47.48 -30.14
C GLU A 96 -54.08 -47.28 -29.84
N TYR A 97 -53.46 -46.30 -30.51
CA TYR A 97 -52.06 -45.93 -30.32
C TYR A 97 -51.84 -45.44 -28.87
N HIS A 98 -52.67 -44.49 -28.41
CA HIS A 98 -52.56 -43.96 -27.07
C HIS A 98 -52.86 -44.98 -25.98
N ALA A 99 -53.80 -45.91 -26.22
CA ALA A 99 -54.09 -46.97 -25.24
C ALA A 99 -52.87 -47.88 -25.05
N GLU A 100 -52.14 -48.15 -26.15
CA GLU A 100 -50.93 -48.97 -26.07
C GLU A 100 -49.82 -48.20 -25.32
N SER A 101 -49.73 -46.88 -25.54
CA SER A 101 -48.78 -46.02 -24.85
C SER A 101 -49.05 -46.06 -23.33
N ILE A 102 -50.34 -45.92 -22.93
CA ILE A 102 -50.76 -45.97 -21.53
C ILE A 102 -50.39 -47.32 -20.91
N ALA A 103 -50.68 -48.41 -21.62
CA ALA A 103 -50.37 -49.76 -21.14
C ALA A 103 -48.86 -49.96 -20.96
N ASN A 104 -48.04 -49.42 -21.88
CA ASN A 104 -46.58 -49.53 -21.78
C ASN A 104 -46.04 -48.72 -20.62
N VAL A 105 -46.61 -47.53 -20.37
CA VAL A 105 -46.20 -46.69 -19.23
C VAL A 105 -46.50 -47.44 -17.93
N ARG A 106 -47.74 -47.93 -17.78
CA ARG A 106 -48.14 -48.67 -16.58
C ARG A 106 -47.31 -49.95 -16.36
N GLU A 107 -46.92 -50.64 -17.44
CA GLU A 107 -46.09 -51.82 -17.32
C GLU A 107 -44.69 -51.45 -16.82
N ALA A 108 -44.10 -50.38 -17.38
CA ALA A 108 -42.78 -49.92 -16.95
C ALA A 108 -42.81 -49.41 -15.49
N VAL A 109 -43.87 -48.69 -15.10
CA VAL A 109 -44.01 -48.18 -13.74
C VAL A 109 -44.14 -49.32 -12.73
N GLU A 110 -45.00 -50.31 -13.04
CA GLU A 110 -45.22 -51.42 -12.12
C GLU A 110 -44.08 -52.42 -12.04
N SER A 111 -43.13 -52.38 -12.98
CA SER A 111 -41.95 -53.24 -12.91
C SER A 111 -41.03 -52.91 -11.69
N PHE A 112 -41.25 -51.75 -11.03
CA PHE A 112 -40.50 -51.34 -9.84
C PHE A 112 -41.34 -51.49 -8.54
N ALA A 113 -42.60 -51.96 -8.64
CA ALA A 113 -43.50 -52.11 -7.50
C ALA A 113 -43.11 -53.21 -6.49
N GLY A 114 -42.16 -54.06 -6.87
CA GLY A 114 -41.65 -55.11 -5.99
C GLY A 114 -40.96 -54.56 -4.75
N SER A 115 -40.47 -53.31 -4.83
CA SER A 115 -39.82 -52.63 -3.70
C SER A 115 -40.67 -51.42 -3.33
N PRO A 116 -41.64 -51.59 -2.41
CA PRO A 116 -42.56 -50.49 -2.07
C PRO A 116 -41.94 -49.23 -1.46
N LEU A 117 -40.80 -49.38 -0.75
CA LEU A 117 -40.13 -48.23 -0.15
C LEU A 117 -39.40 -47.36 -1.19
N SER A 118 -39.17 -47.87 -2.42
CA SER A 118 -38.48 -47.09 -3.45
C SER A 118 -39.32 -46.84 -4.73
N TYR A 119 -40.54 -47.43 -4.81
CA TYR A 119 -41.46 -47.31 -5.94
C TYR A 119 -41.80 -45.85 -6.27
N ARG A 120 -41.73 -45.51 -7.57
CA ARG A 120 -42.05 -44.16 -8.00
C ARG A 120 -43.31 -44.09 -8.85
N PRO A 121 -44.37 -43.44 -8.34
CA PRO A 121 -45.59 -43.28 -9.15
C PRO A 121 -45.36 -42.36 -10.35
N VAL A 122 -46.04 -42.60 -11.47
CA VAL A 122 -45.92 -41.76 -12.66
C VAL A 122 -47.31 -41.37 -13.12
N ALA A 123 -47.60 -40.07 -13.21
CA ALA A 123 -48.91 -39.61 -13.65
C ALA A 123 -49.08 -39.74 -15.16
N ILE A 124 -50.33 -39.89 -15.62
CA ILE A 124 -50.62 -39.94 -17.05
C ILE A 124 -51.48 -38.74 -17.41
N ALA A 125 -50.99 -37.90 -18.31
CA ALA A 125 -51.70 -36.70 -18.70
C ALA A 125 -52.12 -36.74 -20.16
N LEU A 126 -53.34 -36.33 -20.43
CA LEU A 126 -53.87 -36.30 -21.79
C LEU A 126 -53.85 -34.87 -22.29
N ASP A 127 -53.10 -34.58 -23.36
CA ASP A 127 -53.07 -33.24 -23.93
C ASP A 127 -54.06 -33.22 -25.10
N THR A 128 -55.13 -32.42 -24.99
CA THR A 128 -56.15 -32.39 -26.05
C THR A 128 -55.70 -31.71 -27.34
N LYS A 129 -56.35 -32.06 -28.46
CA LYS A 129 -56.06 -31.51 -29.78
C LYS A 129 -56.42 -30.02 -29.84
N GLY A 130 -57.54 -29.65 -29.23
CA GLY A 130 -57.97 -28.26 -29.20
C GLY A 130 -59.19 -27.93 -30.03
N PRO A 131 -59.65 -26.67 -29.93
CA PRO A 131 -60.86 -26.27 -30.69
C PRO A 131 -60.65 -26.02 -32.17
N GLY A 132 -59.41 -25.70 -32.57
CA GLY A 132 -59.07 -25.38 -33.95
C GLY A 132 -59.78 -24.11 -34.39
N SER A 133 -60.48 -24.19 -35.53
CA SER A 133 -61.24 -23.06 -36.07
C SER A 133 -62.53 -22.76 -35.26
N GLY A 134 -63.00 -23.73 -34.48
CA GLY A 134 -64.22 -23.61 -33.67
C GLY A 134 -64.14 -22.65 -32.51
N GLY A 136 -65.70 -23.31 -29.29
CA GLY A 136 -65.59 -24.02 -28.02
C GLY A 136 -65.07 -25.45 -28.16
N LEU A 137 -65.55 -26.34 -27.29
CA LEU A 137 -65.12 -27.74 -27.26
C LEU A 137 -65.47 -28.51 -28.53
N SER A 138 -64.44 -29.00 -29.23
CA SER A 138 -64.63 -29.76 -30.47
C SER A 138 -65.21 -31.17 -30.21
N GLU A 139 -65.75 -31.82 -31.24
CA GLU A 139 -66.31 -33.16 -31.09
C GLU A 139 -65.22 -34.20 -30.86
N GLN A 140 -64.03 -34.00 -31.45
CA GLN A 140 -62.90 -34.90 -31.23
C GLN A 140 -62.43 -34.79 -29.77
N ASP A 141 -62.43 -33.56 -29.21
CA ASP A 141 -62.05 -33.35 -27.82
C ASP A 141 -63.01 -34.07 -26.88
N VAL A 142 -64.32 -34.06 -27.17
CA VAL A 142 -65.30 -34.75 -26.33
C VAL A 142 -65.03 -36.27 -26.33
N ARG A 143 -64.68 -36.84 -27.50
CA ARG A 143 -64.37 -38.27 -27.60
C ARG A 143 -63.05 -38.63 -26.91
N ASP A 144 -62.04 -37.76 -27.04
CA ASP A 144 -60.73 -37.97 -26.42
C ASP A 144 -60.82 -37.83 -24.90
N LEU A 145 -61.62 -36.89 -24.41
CA LEU A 145 -61.82 -36.71 -22.98
C LEU A 145 -62.52 -37.91 -22.38
N ARG A 146 -63.50 -38.50 -23.10
CA ARG A 146 -64.19 -39.71 -22.66
C ARG A 146 -63.22 -40.88 -22.63
N PHE A 147 -62.31 -40.98 -23.62
CA PHE A 147 -61.27 -42.00 -23.68
C PHE A 147 -60.38 -41.90 -22.42
N GLY A 148 -60.01 -40.68 -22.04
CA GLY A 148 -59.20 -40.42 -20.87
C GLY A 148 -59.82 -40.91 -19.57
N VAL A 149 -61.12 -40.65 -19.40
CA VAL A 149 -61.85 -41.11 -18.21
C VAL A 149 -61.87 -42.64 -18.18
N GLU A 150 -62.17 -43.26 -19.34
CA GLU A 150 -62.22 -44.72 -19.46
C GLU A 150 -60.88 -45.39 -19.24
N HIS A 151 -59.78 -44.71 -19.58
CA HIS A 151 -58.45 -45.26 -19.38
C HIS A 151 -57.77 -44.78 -18.10
N GLY A 152 -58.49 -44.08 -17.23
CA GLY A 152 -57.99 -43.63 -15.93
C GLY A 152 -56.84 -42.64 -15.93
N VAL A 153 -56.88 -41.64 -16.85
CA VAL A 153 -55.84 -40.61 -16.85
C VAL A 153 -55.95 -39.75 -15.59
N ASP A 154 -54.84 -39.19 -15.14
CA ASP A 154 -54.83 -38.38 -13.93
C ASP A 154 -55.01 -36.89 -14.21
N ILE A 155 -54.51 -36.42 -15.35
CA ILE A 155 -54.52 -35.00 -15.67
C ILE A 155 -54.96 -34.78 -17.11
N VAL A 156 -55.57 -33.61 -17.37
CA VAL A 156 -55.90 -33.18 -18.73
C VAL A 156 -55.20 -31.83 -18.97
N PHE A 157 -54.40 -31.74 -20.04
CA PHE A 157 -53.80 -30.48 -20.43
C PHE A 157 -54.76 -29.98 -21.50
N ALA A 158 -55.67 -29.07 -21.14
CA ALA A 158 -56.68 -28.57 -22.06
C ALA A 158 -56.12 -27.51 -23.00
N SER A 159 -56.02 -27.82 -24.30
CA SER A 159 -55.49 -26.89 -25.30
C SER A 159 -56.36 -25.66 -25.55
N PHE A 160 -55.70 -24.54 -25.89
CA PHE A 160 -56.28 -23.25 -26.24
C PHE A 160 -57.44 -22.78 -25.33
N VAL A 161 -57.22 -22.73 -24.01
CA VAL A 161 -58.25 -22.23 -23.10
C VAL A 161 -58.26 -20.71 -23.21
N ARG A 162 -59.41 -20.11 -23.52
CA ARG A 162 -59.53 -18.66 -23.68
C ARG A 162 -60.40 -17.98 -22.64
N LYS A 163 -61.23 -18.73 -21.93
CA LYS A 163 -62.14 -18.18 -20.93
C LYS A 163 -62.57 -19.29 -19.95
N ALA A 164 -63.20 -18.90 -18.82
CA ALA A 164 -63.64 -19.83 -17.80
C ALA A 164 -64.63 -20.89 -18.32
N SER A 165 -65.50 -20.52 -19.27
CA SER A 165 -66.49 -21.44 -19.85
C SER A 165 -65.84 -22.59 -20.62
N ASP A 166 -64.60 -22.40 -21.14
CA ASP A 166 -63.86 -23.47 -21.82
C ASP A 166 -63.49 -24.56 -20.82
N VAL A 167 -63.11 -24.16 -19.59
CA VAL A 167 -62.75 -25.08 -18.51
C VAL A 167 -63.99 -25.86 -18.07
N ALA A 168 -65.13 -25.16 -17.94
CA ALA A 168 -66.40 -25.78 -17.55
C ALA A 168 -66.84 -26.83 -18.59
N ALA A 169 -66.61 -26.55 -19.89
CA ALA A 169 -66.93 -27.49 -20.96
C ALA A 169 -66.07 -28.76 -20.85
N VAL A 170 -64.77 -28.61 -20.56
CA VAL A 170 -63.87 -29.75 -20.40
C VAL A 170 -64.30 -30.58 -19.18
N ARG A 171 -64.67 -29.89 -18.09
CA ARG A 171 -65.12 -30.52 -16.87
C ARG A 171 -66.41 -31.34 -17.12
N ALA A 172 -67.36 -30.78 -17.90
CA ALA A 172 -68.61 -31.44 -18.26
C ALA A 172 -68.35 -32.67 -19.14
N ALA A 173 -67.41 -32.56 -20.10
CA ALA A 173 -67.07 -33.68 -20.98
C ALA A 173 -66.38 -34.84 -20.25
N LEU A 174 -65.78 -34.57 -19.08
CA LEU A 174 -65.19 -35.64 -18.27
C LEU A 174 -66.26 -36.44 -17.48
N GLY A 175 -67.48 -35.91 -17.38
CA GLY A 175 -68.62 -36.54 -16.73
C GLY A 175 -68.47 -36.77 -15.24
N PRO A 176 -69.37 -37.58 -14.66
CA PRO A 176 -69.29 -37.85 -13.22
C PRO A 176 -68.16 -38.80 -12.83
N GLU A 177 -67.76 -39.70 -13.76
CA GLU A 177 -66.65 -40.63 -13.49
C GLU A 177 -65.25 -39.91 -13.50
N GLY A 178 -65.19 -38.68 -14.01
CA GLY A 178 -63.95 -37.92 -14.10
C GLY A 178 -63.89 -36.68 -13.25
N HIS A 179 -64.55 -36.67 -12.08
CA HIS A 179 -64.51 -35.52 -11.17
C HIS A 179 -63.10 -35.31 -10.57
N GLY A 180 -62.37 -36.40 -10.37
CA GLY A 180 -61.05 -36.41 -9.76
C GLY A 180 -59.88 -36.02 -10.65
N ILE A 181 -60.09 -35.99 -11.96
CA ILE A 181 -59.04 -35.63 -12.92
C ILE A 181 -58.70 -34.13 -12.81
N LYS A 182 -57.41 -33.79 -12.78
CA LYS A 182 -56.98 -32.40 -12.68
C LYS A 182 -57.01 -31.75 -14.05
N ILE A 183 -57.54 -30.53 -14.15
CA ILE A 183 -57.56 -29.79 -15.41
C ILE A 183 -56.51 -28.68 -15.38
N ILE A 184 -55.50 -28.82 -16.21
CA ILE A 184 -54.43 -27.83 -16.34
C ILE A 184 -54.73 -27.09 -17.63
N SER A 185 -55.11 -25.82 -17.55
CA SER A 185 -55.45 -25.03 -18.74
C SER A 185 -54.22 -24.51 -19.47
N LYS A 186 -54.15 -24.78 -20.79
CA LYS A 186 -53.03 -24.28 -21.59
C LYS A 186 -53.32 -22.87 -22.09
N ILE A 187 -52.46 -21.90 -21.73
CA ILE A 187 -52.62 -20.53 -22.20
C ILE A 187 -51.75 -20.39 -23.43
N GLU A 188 -52.39 -20.27 -24.61
CA GLU A 188 -51.69 -20.27 -25.89
C GLU A 188 -51.95 -19.06 -26.77
N ASN A 189 -52.75 -18.09 -26.31
CA ASN A 189 -53.06 -16.93 -27.14
C ASN A 189 -53.32 -15.67 -26.32
N HIS A 190 -53.50 -14.51 -27.00
CA HIS A 190 -53.73 -13.24 -26.34
C HIS A 190 -54.94 -13.25 -25.42
N GLU A 191 -56.04 -13.87 -25.85
CA GLU A 191 -57.26 -13.90 -25.04
C GLU A 191 -57.08 -14.67 -23.74
N GLY A 192 -56.36 -15.80 -23.80
CA GLY A 192 -56.06 -16.60 -22.63
C GLY A 192 -55.23 -15.82 -21.63
N VAL A 193 -54.24 -15.03 -22.12
CA VAL A 193 -53.40 -14.21 -21.26
C VAL A 193 -54.25 -13.11 -20.61
N LYS A 194 -55.11 -12.45 -21.39
CA LYS A 194 -55.95 -11.37 -20.89
C LYS A 194 -57.02 -11.83 -19.92
N ARG A 195 -57.58 -13.02 -20.14
CA ARG A 195 -58.58 -13.56 -19.23
C ARG A 195 -58.01 -14.55 -18.22
N PHE A 196 -56.67 -14.51 -17.99
CA PHE A 196 -55.93 -15.40 -17.10
C PHE A 196 -56.56 -15.58 -15.71
N ASP A 197 -56.92 -14.50 -15.03
CA ASP A 197 -57.48 -14.60 -13.68
C ASP A 197 -58.74 -15.44 -13.60
N GLU A 198 -59.66 -15.28 -14.57
CA GLU A 198 -60.90 -16.05 -14.57
C GLU A 198 -60.65 -17.52 -14.91
N ILE A 199 -59.63 -17.80 -15.73
CA ILE A 199 -59.25 -19.15 -16.12
C ILE A 199 -58.59 -19.87 -14.93
N LEU A 200 -57.63 -19.20 -14.26
CA LEU A 200 -56.94 -19.78 -13.11
C LEU A 200 -57.91 -20.09 -11.97
N GLU A 201 -58.88 -19.22 -11.74
CA GLU A 201 -59.89 -19.41 -10.69
C GLU A 201 -60.64 -20.72 -10.81
N VAL A 202 -60.98 -21.14 -12.04
CA VAL A 202 -61.72 -22.39 -12.25
C VAL A 202 -60.84 -23.58 -12.64
N SER A 203 -59.53 -23.38 -12.88
CA SER A 203 -58.63 -24.48 -13.25
C SER A 203 -57.89 -25.03 -12.05
N ASP A 204 -57.36 -26.24 -12.17
CA ASP A 204 -56.51 -26.80 -11.13
C ASP A 204 -55.06 -26.25 -11.22
N GLY A 205 -54.67 -25.83 -12.43
CA GLY A 205 -53.35 -25.29 -12.71
C GLY A 205 -53.26 -24.76 -14.13
N ILE A 206 -52.06 -24.31 -14.52
CA ILE A 206 -51.85 -23.68 -15.81
C ILE A 206 -50.62 -24.25 -16.53
N MET A 207 -50.64 -24.23 -17.85
CA MET A 207 -49.47 -24.56 -18.64
C MET A 207 -49.18 -23.35 -19.52
N VAL A 208 -47.94 -22.86 -19.49
CA VAL A 208 -47.51 -21.77 -20.36
C VAL A 208 -47.07 -22.48 -21.63
N ALA A 209 -47.98 -22.57 -22.59
CA ALA A 209 -47.77 -23.27 -23.86
C ALA A 209 -47.09 -22.31 -24.83
N ARG A 210 -45.76 -22.17 -24.70
CA ARG A 210 -44.95 -21.20 -25.42
C ARG A 210 -44.90 -21.35 -26.95
N GLY A 211 -45.11 -22.56 -27.48
CA GLY A 211 -45.12 -22.79 -28.92
C GLY A 211 -46.17 -21.97 -29.64
N ASP A 212 -47.46 -22.17 -29.31
CA ASP A 212 -48.53 -21.40 -29.93
C ASP A 212 -48.55 -19.97 -29.43
N LEU A 213 -48.24 -19.75 -28.13
CA LEU A 213 -48.20 -18.41 -27.56
C LEU A 213 -47.20 -17.51 -28.31
N GLY A 214 -46.06 -18.08 -28.69
CA GLY A 214 -45.02 -17.39 -29.45
C GLY A 214 -45.38 -17.05 -30.89
N ILE A 215 -46.47 -17.62 -31.40
CA ILE A 215 -47.00 -17.34 -32.74
C ILE A 215 -48.18 -16.35 -32.61
N GLU A 216 -49.00 -16.52 -31.56
CA GLU A 216 -50.18 -15.68 -31.31
C GLU A 216 -49.86 -14.27 -30.84
N ILE A 217 -48.79 -14.14 -30.04
CA ILE A 217 -48.31 -12.84 -29.55
C ILE A 217 -46.85 -12.66 -30.04
N PRO A 218 -46.30 -11.43 -30.06
CA PRO A 218 -44.89 -11.27 -30.49
C PRO A 218 -43.94 -12.17 -29.69
N ALA A 219 -43.00 -12.84 -30.37
CA ALA A 219 -42.06 -13.75 -29.72
C ALA A 219 -41.31 -13.11 -28.55
N GLU A 220 -40.96 -11.83 -28.68
CA GLU A 220 -40.23 -11.09 -27.65
C GLU A 220 -41.06 -10.75 -26.41
N LYS A 221 -42.36 -11.08 -26.39
CA LYS A 221 -43.23 -10.83 -25.24
C LYS A 221 -43.58 -12.10 -24.46
N VAL A 222 -43.24 -13.30 -24.99
CA VAL A 222 -43.55 -14.56 -24.33
C VAL A 222 -42.96 -14.64 -22.92
N PHE A 223 -41.72 -14.17 -22.72
CA PHE A 223 -41.10 -14.20 -21.39
C PHE A 223 -41.89 -13.38 -20.35
N LEU A 224 -42.56 -12.29 -20.78
CA LEU A 224 -43.37 -11.49 -19.87
C LEU A 224 -44.61 -12.29 -19.45
N ALA A 225 -45.23 -12.99 -20.41
CA ALA A 225 -46.41 -13.81 -20.14
C ALA A 225 -46.04 -14.99 -19.23
N GLN A 226 -44.88 -15.63 -19.49
CA GLN A 226 -44.42 -16.73 -18.67
C GLN A 226 -44.17 -16.29 -17.22
N LYS A 227 -43.43 -15.21 -17.01
CA LYS A 227 -43.10 -14.73 -15.69
C LYS A 227 -44.34 -14.27 -14.93
N MET A 228 -45.29 -13.64 -15.62
CA MET A 228 -46.53 -13.18 -15.00
C MET A 228 -47.40 -14.37 -14.55
N MET A 229 -47.58 -15.37 -15.43
CA MET A 229 -48.41 -16.52 -15.12
C MET A 229 -47.83 -17.36 -14.01
N ILE A 230 -46.49 -17.54 -14.01
CA ILE A 230 -45.83 -18.28 -12.93
C ILE A 230 -46.01 -17.57 -11.59
N GLY A 231 -45.83 -16.25 -11.58
CA GLY A 231 -46.03 -15.46 -10.37
C GLY A 231 -47.44 -15.55 -9.83
N ARG A 232 -48.44 -15.42 -10.70
CA ARG A 232 -49.85 -15.50 -10.29
C ARG A 232 -50.23 -16.90 -9.79
N CYS A 233 -49.67 -17.95 -10.40
CA CYS A 233 -49.93 -19.31 -9.96
C CYS A 233 -49.28 -19.56 -8.62
N ASN A 234 -48.05 -19.06 -8.41
CA ASN A 234 -47.36 -19.17 -7.13
C ASN A 234 -48.17 -18.45 -6.02
N LEU A 235 -48.75 -17.30 -6.37
CA LEU A 235 -49.58 -16.50 -5.45
CA LEU A 235 -49.58 -16.50 -5.46
C LEU A 235 -50.85 -17.30 -5.10
N ALA A 236 -51.49 -17.92 -6.09
CA ALA A 236 -52.69 -18.72 -5.91
C ALA A 236 -52.45 -20.09 -5.26
N GLY A 237 -51.21 -20.55 -5.25
CA GLY A 237 -50.87 -21.87 -4.72
C GLY A 237 -51.33 -22.97 -5.66
N LYS A 238 -51.35 -22.71 -6.99
CA LYS A 238 -51.77 -23.69 -7.98
C LYS A 238 -50.63 -24.04 -8.91
N PRO A 239 -50.54 -25.33 -9.34
CA PRO A 239 -49.41 -25.73 -10.20
C PRO A 239 -49.29 -24.99 -11.53
N VAL A 240 -48.05 -24.72 -11.94
CA VAL A 240 -47.78 -24.09 -13.22
C VAL A 240 -46.68 -24.87 -13.96
N VAL A 241 -46.91 -25.15 -15.23
CA VAL A 241 -45.97 -25.90 -16.06
C VAL A 241 -45.34 -24.96 -17.08
N CYS A 242 -44.01 -25.02 -17.26
CA CYS A 242 -43.38 -24.28 -18.34
C CYS A 242 -43.14 -25.30 -19.45
N ALA A 243 -43.57 -24.97 -20.67
CA ALA A 243 -43.50 -25.92 -21.77
C ALA A 243 -42.96 -25.34 -23.07
N THR A 244 -42.45 -26.24 -23.96
CA THR A 244 -42.06 -26.11 -25.36
C THR A 244 -40.69 -25.49 -25.64
N GLN A 245 -39.89 -26.25 -26.42
CA GLN A 245 -38.56 -25.92 -26.94
C GLN A 245 -37.53 -25.65 -25.87
N MET A 246 -37.73 -26.21 -24.65
CA MET A 246 -36.79 -26.02 -23.54
C MET A 246 -35.40 -26.58 -23.86
N LEU A 247 -35.34 -27.75 -24.51
CA LEU A 247 -34.08 -28.40 -24.92
C LEU A 247 -34.17 -28.84 -26.38
N GLU A 248 -34.82 -28.03 -27.24
CA GLU A 248 -35.11 -28.33 -28.64
C GLU A 248 -33.98 -28.96 -29.45
N SER A 249 -32.77 -28.43 -29.37
CA SER A 249 -31.63 -28.96 -30.11
C SER A 249 -31.27 -30.42 -29.74
N MET A 250 -31.68 -30.88 -28.54
CA MET A 250 -31.45 -32.26 -28.14
C MET A 250 -32.31 -33.28 -28.91
N ILE A 251 -33.17 -32.83 -29.84
CA ILE A 251 -33.92 -33.74 -30.70
C ILE A 251 -32.88 -34.47 -31.61
N THR A 252 -31.85 -33.75 -32.08
CA THR A 252 -30.83 -34.34 -32.94
C THR A 252 -29.41 -34.37 -32.33
N LYS A 253 -29.13 -33.52 -31.31
CA LYS A 253 -27.79 -33.44 -30.72
C LYS A 253 -27.74 -33.99 -29.29
N PRO A 254 -26.63 -34.61 -28.87
CA PRO A 254 -26.57 -35.18 -27.50
C PRO A 254 -26.46 -34.17 -26.34
N ARG A 255 -26.06 -32.93 -26.64
CA ARG A 255 -25.91 -31.89 -25.64
C ARG A 255 -26.73 -30.68 -26.08
N PRO A 256 -27.34 -29.95 -25.13
CA PRO A 256 -28.13 -28.76 -25.51
C PRO A 256 -27.27 -27.52 -25.72
N THR A 257 -27.89 -26.44 -26.20
CA THR A 257 -27.19 -25.17 -26.38
C THR A 257 -27.13 -24.43 -25.01
N ARG A 258 -26.32 -23.37 -24.95
CA ARG A 258 -26.20 -22.53 -23.76
C ARG A 258 -27.51 -21.82 -23.44
N ALA A 259 -28.32 -21.49 -24.47
CA ALA A 259 -29.61 -20.84 -24.26
C ALA A 259 -30.64 -21.80 -23.67
N GLU A 260 -30.58 -23.07 -24.07
CA GLU A 260 -31.48 -24.12 -23.60
C GLU A 260 -31.29 -24.45 -22.13
N THR A 261 -30.03 -24.62 -21.68
CA THR A 261 -29.79 -24.89 -20.25
C THR A 261 -30.20 -23.68 -19.40
N SER A 262 -29.96 -22.47 -19.93
CA SER A 262 -30.34 -21.20 -19.29
C SER A 262 -31.88 -21.13 -19.16
N ASP A 263 -32.60 -21.53 -20.21
CA ASP A 263 -34.06 -21.53 -20.23
C ASP A 263 -34.64 -22.44 -19.16
N VAL A 264 -34.11 -23.65 -19.01
CA VAL A 264 -34.58 -24.60 -18.01
C VAL A 264 -34.32 -24.03 -16.62
N ALA A 265 -33.11 -23.54 -16.40
CA ALA A 265 -32.75 -22.98 -15.09
C ALA A 265 -33.62 -21.79 -14.73
N ASN A 266 -33.90 -20.91 -15.72
CA ASN A 266 -34.72 -19.74 -15.48
C ASN A 266 -36.18 -20.08 -15.25
N ALA A 267 -36.71 -21.14 -15.87
CA ALA A 267 -38.08 -21.54 -15.62
C ALA A 267 -38.23 -22.02 -14.17
N VAL A 268 -37.23 -22.77 -13.67
CA VAL A 268 -37.23 -23.24 -12.29
C VAL A 268 -37.07 -22.03 -11.34
N LEU A 269 -36.14 -21.12 -11.65
CA LEU A 269 -35.94 -19.91 -10.83
C LEU A 269 -37.19 -19.03 -10.83
N ASP A 270 -37.94 -18.95 -11.94
CA ASP A 270 -39.20 -18.18 -12.05
C ASP A 270 -40.25 -18.70 -11.06
N GLY A 271 -40.26 -20.00 -10.82
CA GLY A 271 -41.19 -20.63 -9.88
C GLY A 271 -42.07 -21.71 -10.49
N ALA A 272 -41.69 -22.25 -11.67
CA ALA A 272 -42.46 -23.33 -12.30
C ALA A 272 -42.45 -24.62 -11.47
N ASP A 273 -43.64 -25.20 -11.27
CA ASP A 273 -43.75 -26.46 -10.55
C ASP A 273 -43.27 -27.63 -11.42
N CYS A 274 -43.52 -27.56 -12.75
CA CYS A 274 -43.16 -28.61 -13.70
C CYS A 274 -42.47 -28.00 -14.89
N ILE A 275 -41.59 -28.78 -15.50
CA ILE A 275 -40.93 -28.45 -16.76
C ILE A 275 -41.25 -29.59 -17.74
N MET A 276 -41.38 -29.27 -19.03
CA MET A 276 -41.82 -30.25 -20.01
C MET A 276 -40.88 -30.47 -21.17
N LEU A 277 -40.92 -31.69 -21.73
CA LEU A 277 -40.19 -32.09 -22.93
C LEU A 277 -41.23 -32.55 -23.95
N SER A 278 -41.17 -32.03 -25.18
CA SER A 278 -42.13 -32.42 -26.23
C SER A 278 -41.43 -33.32 -27.27
N GLY A 279 -40.97 -32.76 -28.40
CA GLY A 279 -40.25 -33.50 -29.43
C GLY A 279 -38.98 -34.13 -28.92
N GLU A 280 -38.36 -33.54 -27.88
CA GLU A 280 -37.13 -34.04 -27.27
C GLU A 280 -37.29 -35.49 -26.79
N THR A 281 -38.48 -35.86 -26.31
CA THR A 281 -38.74 -37.22 -25.84
C THR A 281 -39.64 -38.01 -26.81
N ALA A 282 -40.60 -37.33 -27.43
CA ALA A 282 -41.54 -37.98 -28.33
C ALA A 282 -40.92 -38.51 -29.62
N LYS A 283 -40.01 -37.74 -30.25
CA LYS A 283 -39.43 -38.14 -31.52
C LYS A 283 -37.91 -38.01 -31.65
N GLY A 284 -37.26 -37.46 -30.64
CA GLY A 284 -35.83 -37.19 -30.66
C GLY A 284 -34.92 -38.38 -30.43
N ASN A 285 -33.67 -38.27 -30.91
CA ASN A 285 -32.67 -39.32 -30.79
C ASN A 285 -32.11 -39.49 -29.39
N PHE A 286 -32.36 -38.54 -28.47
CA PHE A 286 -31.81 -38.65 -27.12
C PHE A 286 -32.89 -38.39 -26.04
N PRO A 287 -34.00 -39.17 -26.01
CA PRO A 287 -35.05 -38.91 -25.02
C PRO A 287 -34.64 -39.06 -23.56
N VAL A 288 -33.84 -40.09 -23.25
CA VAL A 288 -33.38 -40.33 -21.89
C VAL A 288 -32.40 -39.23 -21.44
N GLU A 289 -31.52 -38.82 -22.35
CA GLU A 289 -30.53 -37.78 -22.11
C GLU A 289 -31.20 -36.42 -21.88
N ALA A 290 -32.32 -36.15 -22.56
CA ALA A 290 -33.07 -34.92 -22.39
C ALA A 290 -33.69 -34.89 -20.98
N VAL A 291 -34.20 -36.04 -20.49
CA VAL A 291 -34.75 -36.13 -19.14
C VAL A 291 -33.63 -35.95 -18.09
N LYS A 292 -32.46 -36.58 -18.34
CA LYS A 292 -31.33 -36.46 -17.43
C LYS A 292 -30.83 -35.01 -17.35
N MET A 293 -30.83 -34.30 -18.48
CA MET A 293 -30.40 -32.91 -18.54
C MET A 293 -31.34 -32.00 -17.75
N GLN A 294 -32.66 -32.17 -17.92
CA GLN A 294 -33.62 -31.39 -17.15
C GLN A 294 -33.50 -31.68 -15.66
N HIS A 295 -33.25 -32.95 -15.29
CA HIS A 295 -33.08 -33.33 -13.91
C HIS A 295 -31.87 -32.61 -13.30
N ALA A 296 -30.73 -32.64 -14.02
CA ALA A 296 -29.49 -32.02 -13.57
C ALA A 296 -29.61 -30.51 -13.41
N ILE A 297 -30.24 -29.81 -14.38
CA ILE A 297 -30.41 -28.36 -14.33
C ILE A 297 -31.37 -27.96 -13.21
N ALA A 298 -32.53 -28.63 -13.10
CA ALA A 298 -33.51 -28.33 -12.05
C ALA A 298 -32.93 -28.42 -10.65
N ARG A 299 -32.12 -29.45 -10.38
CA ARG A 299 -31.47 -29.62 -9.09
C ARG A 299 -30.56 -28.43 -8.76
N GLU A 300 -29.77 -27.97 -9.75
CA GLU A 300 -28.86 -26.84 -9.56
C GLU A 300 -29.66 -25.56 -9.34
N ALA A 301 -30.74 -25.34 -10.11
CA ALA A 301 -31.56 -24.14 -9.99
C ALA A 301 -32.32 -24.08 -8.70
N GLU A 302 -32.78 -25.23 -8.18
CA GLU A 302 -33.51 -25.26 -6.91
C GLU A 302 -32.65 -24.85 -5.74
N ALA A 303 -31.37 -25.25 -5.74
CA ALA A 303 -30.43 -24.86 -4.68
C ALA A 303 -30.13 -23.37 -4.73
N ALA A 304 -30.18 -22.76 -5.92
CA ALA A 304 -29.93 -21.33 -6.12
C ALA A 304 -31.15 -20.43 -5.82
N VAL A 305 -32.29 -21.00 -5.39
CA VAL A 305 -33.47 -20.22 -5.04
C VAL A 305 -33.16 -19.41 -3.76
N TYR A 306 -33.52 -18.12 -3.78
CA TYR A 306 -33.26 -17.21 -2.67
C TYR A 306 -34.42 -17.31 -1.67
N HIS A 307 -34.46 -18.40 -0.88
CA HIS A 307 -35.54 -18.65 0.08
C HIS A 307 -35.77 -17.54 1.09
N ARG A 308 -34.71 -16.78 1.46
CA ARG A 308 -34.85 -15.70 2.43
C ARG A 308 -35.93 -14.68 2.03
N GLN A 309 -35.87 -14.18 0.78
CA GLN A 309 -36.89 -13.24 0.32
C GLN A 309 -38.13 -13.97 -0.19
N LEU A 310 -37.96 -15.14 -0.84
CA LEU A 310 -39.08 -15.91 -1.37
C LEU A 310 -40.10 -16.29 -0.30
N PHE A 311 -39.64 -16.90 0.80
CA PHE A 311 -40.55 -17.29 1.87
C PHE A 311 -41.22 -16.10 2.49
N GLU A 312 -40.48 -15.00 2.69
CA GLU A 312 -41.09 -13.79 3.24
C GLU A 312 -42.19 -13.22 2.35
N GLU A 313 -41.95 -13.21 1.04
CA GLU A 313 -42.94 -12.71 0.10
C GLU A 313 -44.14 -13.62 -0.03
N LEU A 314 -43.93 -14.96 -0.02
CA LEU A 314 -45.05 -15.91 -0.09
C LEU A 314 -45.87 -15.82 1.19
N ARG A 315 -45.19 -15.74 2.33
CA ARG A 315 -45.79 -15.60 3.63
C ARG A 315 -46.65 -14.31 3.69
N ARG A 316 -46.09 -13.16 3.28
CA ARG A 316 -46.78 -11.87 3.30
C ARG A 316 -47.97 -11.83 2.35
N ALA A 317 -47.80 -12.40 1.14
CA ALA A 317 -48.84 -12.37 0.11
C ALA A 317 -50.00 -13.32 0.35
N ALA A 318 -49.76 -14.41 1.08
CA ALA A 318 -50.82 -15.39 1.32
C ALA A 318 -51.81 -14.80 2.31
N PRO A 319 -53.11 -14.85 2.00
CA PRO A 319 -54.09 -14.21 2.91
C PRO A 319 -54.26 -14.90 4.22
N LEU A 320 -54.77 -14.18 5.22
CA LEU A 320 -55.08 -14.77 6.53
C LEU A 320 -56.14 -15.86 6.34
N SER A 321 -56.08 -16.91 7.14
CA SER A 321 -57.01 -18.01 6.94
C SER A 321 -57.45 -18.61 8.20
N ARG A 322 -58.72 -19.02 8.24
CA ARG A 322 -59.25 -19.72 9.40
CA ARG A 322 -59.25 -19.72 9.40
C ARG A 322 -59.39 -21.24 9.13
N ASP A 323 -58.82 -21.74 8.02
CA ASP A 323 -58.82 -23.15 7.65
C ASP A 323 -57.64 -23.81 8.36
N PRO A 324 -57.89 -24.81 9.22
CA PRO A 324 -56.77 -25.45 9.96
C PRO A 324 -55.69 -26.09 9.11
N THR A 325 -55.99 -26.57 7.90
CA THR A 325 -54.97 -27.15 7.04
C THR A 325 -53.99 -26.05 6.58
N GLU A 326 -54.56 -24.90 6.17
CA GLU A 326 -53.89 -23.69 5.73
C GLU A 326 -52.96 -23.16 6.88
N VAL A 327 -53.49 -23.09 8.10
CA VAL A 327 -52.77 -22.63 9.29
C VAL A 327 -51.66 -23.61 9.70
N THR A 328 -51.92 -24.91 9.65
CA THR A 328 -50.92 -25.92 10.00
C THR A 328 -49.80 -25.91 8.97
N ALA A 329 -50.12 -25.74 7.68
CA ALA A 329 -49.12 -25.70 6.61
C ALA A 329 -48.08 -24.60 6.80
N ILE A 330 -48.51 -23.36 7.09
CA ILE A 330 -47.56 -22.26 7.27
C ILE A 330 -46.74 -22.46 8.56
N GLY A 331 -47.36 -22.95 9.62
CA GLY A 331 -46.65 -23.27 10.86
C GLY A 331 -45.59 -24.34 10.66
N ALA A 332 -45.90 -25.37 9.85
CA ALA A 332 -44.97 -26.46 9.56
C ALA A 332 -43.80 -25.99 8.69
N VAL A 333 -44.05 -25.12 7.69
CA VAL A 333 -42.98 -24.62 6.83
C VAL A 333 -42.05 -23.70 7.64
N GLU A 334 -42.62 -22.88 8.53
CA GLU A 334 -41.85 -22.02 9.40
C GLU A 334 -40.97 -22.88 10.33
N ALA A 335 -41.54 -23.94 10.94
CA ALA A 335 -40.81 -24.85 11.81
C ALA A 335 -39.69 -25.58 11.05
N ALA A 336 -39.95 -26.02 9.81
CA ALA A 336 -38.94 -26.67 8.98
C ALA A 336 -37.73 -25.75 8.71
N PHE A 337 -37.96 -24.46 8.42
CA PHE A 337 -36.87 -23.52 8.19
C PHE A 337 -36.06 -23.23 9.47
N LYS A 338 -36.74 -23.17 10.62
CA LYS A 338 -36.09 -22.92 11.91
C LYS A 338 -35.03 -23.96 12.29
N CYS A 339 -35.28 -25.23 11.96
CA CYS A 339 -34.36 -26.31 12.33
C CYS A 339 -33.62 -26.93 11.16
N CYS A 340 -33.80 -26.42 9.93
CA CYS A 340 -33.20 -27.01 8.73
C CYS A 340 -33.64 -28.47 8.60
N ALA A 341 -34.96 -28.70 8.79
CA ALA A 341 -35.58 -30.02 8.69
C ALA A 341 -35.28 -30.66 7.36
N ALA A 342 -34.93 -31.94 7.38
CA ALA A 342 -34.62 -32.67 6.14
C ALA A 342 -35.91 -32.90 5.32
N ALA A 343 -37.06 -33.03 6.00
CA ALA A 343 -38.32 -33.29 5.34
C ALA A 343 -39.51 -32.88 6.19
N ILE A 344 -40.66 -32.73 5.53
CA ILE A 344 -41.95 -32.51 6.15
C ILE A 344 -42.74 -33.73 5.68
N ILE A 345 -43.10 -34.62 6.59
CA ILE A 345 -43.88 -35.82 6.24
C ILE A 345 -45.33 -35.49 6.47
N VAL A 346 -46.15 -35.63 5.43
CA VAL A 346 -47.56 -35.28 5.54
C VAL A 346 -48.46 -36.43 5.10
N LEU A 347 -49.55 -36.67 5.85
CA LEU A 347 -50.54 -37.69 5.51
C LEU A 347 -51.60 -36.98 4.73
N THR A 348 -51.89 -37.47 3.53
CA THR A 348 -52.89 -36.85 2.69
C THR A 348 -53.76 -37.89 1.98
N THR A 349 -55.05 -37.56 1.83
CA THR A 349 -55.97 -38.45 1.13
C THR A 349 -56.06 -37.99 -0.33
N THR A 350 -56.34 -36.70 -0.54
CA THR A 350 -56.52 -36.06 -1.86
C THR A 350 -55.29 -35.36 -2.43
N GLY A 351 -54.26 -35.17 -1.59
CA GLY A 351 -53.07 -34.41 -1.96
C GLY A 351 -53.12 -32.96 -1.51
N ARG A 352 -54.29 -32.46 -1.05
CA ARG A 352 -54.46 -31.07 -0.65
C ARG A 352 -53.51 -30.60 0.45
N SER A 353 -53.29 -31.38 1.52
CA SER A 353 -52.40 -30.97 2.60
C SER A 353 -50.95 -30.82 2.10
N ALA A 354 -50.53 -31.66 1.16
CA ALA A 354 -49.19 -31.56 0.59
C ALA A 354 -49.09 -30.31 -0.30
N GLN A 355 -50.17 -30.00 -1.06
CA GLN A 355 -50.21 -28.83 -1.92
C GLN A 355 -50.10 -27.53 -1.09
N LEU A 356 -50.80 -27.44 0.05
CA LEU A 356 -50.72 -26.27 0.90
C LEU A 356 -49.35 -26.09 1.56
N LEU A 357 -48.58 -27.18 1.72
CA LEU A 357 -47.23 -27.08 2.24
C LEU A 357 -46.31 -26.54 1.10
N SER A 358 -46.46 -27.11 -0.10
CA SER A 358 -45.74 -26.79 -1.32
C SER A 358 -45.82 -25.32 -1.73
N ARG A 359 -46.96 -24.67 -1.50
CA ARG A 359 -47.16 -23.27 -1.88
C ARG A 359 -46.20 -22.29 -1.17
N TYR A 360 -45.67 -22.68 0.01
CA TYR A 360 -44.73 -21.85 0.75
C TYR A 360 -43.26 -22.11 0.36
N ARG A 361 -43.03 -22.97 -0.65
CA ARG A 361 -41.73 -23.31 -1.18
C ARG A 361 -40.69 -23.64 -0.12
N PRO A 362 -40.96 -24.65 0.74
CA PRO A 362 -39.95 -25.02 1.73
C PRO A 362 -38.69 -25.60 1.06
N ARG A 363 -37.56 -25.48 1.74
CA ARG A 363 -36.34 -26.12 1.28
C ARG A 363 -36.43 -27.64 1.62
N ALA A 364 -37.10 -28.00 2.73
CA ALA A 364 -37.38 -29.37 3.15
C ALA A 364 -38.31 -30.10 2.16
N ALA A 365 -37.98 -31.34 1.81
CA ALA A 365 -38.81 -32.14 0.91
C ALA A 365 -40.15 -32.42 1.58
N VAL A 366 -41.25 -32.36 0.82
CA VAL A 366 -42.56 -32.67 1.38
C VAL A 366 -42.87 -34.12 0.99
N ILE A 367 -42.67 -35.04 1.93
CA ILE A 367 -42.91 -36.45 1.69
C ILE A 367 -44.38 -36.73 1.97
N ALA A 368 -45.18 -36.95 0.91
CA ALA A 368 -46.61 -37.17 1.07
C ALA A 368 -46.95 -38.66 1.09
N VAL A 369 -47.36 -39.19 2.26
CA VAL A 369 -47.76 -40.59 2.42
C VAL A 369 -49.28 -40.70 2.19
N THR A 370 -49.68 -41.38 1.09
CA THR A 370 -51.09 -41.52 0.75
C THR A 370 -51.43 -42.96 0.36
N ARG A 371 -52.69 -43.35 0.59
CA ARG A 371 -53.22 -44.65 0.16
C ARG A 371 -53.82 -44.54 -1.26
N SER A 372 -54.17 -43.31 -1.72
CA SER A 372 -54.76 -43.09 -3.03
C SER A 372 -53.70 -43.12 -4.12
N ALA A 373 -53.76 -44.09 -5.02
CA ALA A 373 -52.82 -44.18 -6.13
C ALA A 373 -52.96 -42.97 -7.06
N GLN A 374 -54.19 -42.48 -7.26
CA GLN A 374 -54.40 -41.30 -8.11
C GLN A 374 -53.79 -40.03 -7.49
N ALA A 375 -54.01 -39.80 -6.17
CA ALA A 375 -53.42 -38.65 -5.49
C ALA A 375 -51.90 -38.71 -5.54
N ALA A 376 -51.32 -39.90 -5.37
CA ALA A 376 -49.86 -40.08 -5.46
C ALA A 376 -49.33 -39.67 -6.82
N ARG A 377 -50.07 -39.95 -7.90
CA ARG A 377 -49.64 -39.55 -9.24
C ARG A 377 -49.85 -38.06 -9.46
N GLN A 378 -50.99 -37.54 -9.02
CA GLN A 378 -51.32 -36.13 -9.23
C GLN A 378 -50.48 -35.13 -8.41
N VAL A 379 -49.95 -35.52 -7.22
CA VAL A 379 -49.15 -34.57 -6.45
C VAL A 379 -47.80 -34.23 -7.11
N HIS A 380 -47.44 -34.92 -8.21
CA HIS A 380 -46.26 -34.57 -8.99
C HIS A 380 -46.41 -33.16 -9.61
N LEU A 381 -47.65 -32.64 -9.72
CA LEU A 381 -47.89 -31.30 -10.23
C LEU A 381 -47.37 -30.21 -9.27
N CYS A 382 -47.22 -30.52 -7.96
CA CYS A 382 -46.77 -29.55 -6.97
C CYS A 382 -45.29 -29.69 -6.67
N ARG A 383 -44.53 -28.59 -6.83
CA ARG A 383 -43.09 -28.61 -6.59
C ARG A 383 -42.73 -29.05 -5.17
N GLY A 384 -41.77 -29.96 -5.09
CA GLY A 384 -41.25 -30.42 -3.81
C GLY A 384 -42.08 -31.45 -3.08
N VAL A 385 -43.09 -32.03 -3.74
CA VAL A 385 -43.91 -33.08 -3.14
C VAL A 385 -43.46 -34.41 -3.69
N PHE A 386 -43.01 -35.31 -2.80
CA PHE A 386 -42.51 -36.64 -3.13
C PHE A 386 -43.55 -37.65 -2.66
N PRO A 387 -44.35 -38.18 -3.59
CA PRO A 387 -45.42 -39.12 -3.19
C PRO A 387 -44.96 -40.53 -2.84
N LEU A 388 -45.52 -41.07 -1.77
CA LEU A 388 -45.27 -42.44 -1.33
C LEU A 388 -46.61 -43.14 -1.27
N LEU A 389 -46.79 -44.16 -2.12
CA LEU A 389 -48.03 -44.92 -2.11
C LEU A 389 -47.96 -45.99 -1.03
N TYR A 390 -48.80 -45.85 0.00
CA TYR A 390 -48.87 -46.72 1.17
C TYR A 390 -49.63 -48.02 0.85
N ARG A 391 -48.90 -49.13 0.80
CA ARG A 391 -49.49 -50.44 0.53
C ARG A 391 -49.23 -51.46 1.65
N GLU A 392 -49.15 -50.98 2.89
CA GLU A 392 -48.91 -51.84 4.02
CA GLU A 392 -48.92 -51.81 4.06
C GLU A 392 -50.26 -52.14 4.70
N PRO A 393 -50.37 -53.28 5.45
CA PRO A 393 -51.65 -53.62 6.07
C PRO A 393 -52.13 -52.59 7.09
N PRO A 394 -53.45 -52.48 7.27
CA PRO A 394 -53.97 -51.49 8.25
C PRO A 394 -53.70 -51.87 9.71
N GLU A 395 -53.88 -50.90 10.58
CA GLU A 395 -53.79 -51.10 12.00
C GLU A 395 -55.23 -50.96 12.53
N ALA A 396 -55.57 -51.73 13.55
CA ALA A 396 -56.91 -51.69 14.11
C ALA A 396 -57.17 -50.36 14.80
N ILE A 397 -56.18 -49.84 15.55
CA ILE A 397 -56.31 -48.57 16.23
C ILE A 397 -55.83 -47.47 15.28
N TRP A 398 -56.71 -46.48 14.99
CA TRP A 398 -56.41 -45.35 14.09
C TRP A 398 -55.12 -44.61 14.44
N ALA A 399 -54.87 -44.34 15.73
CA ALA A 399 -53.63 -43.73 16.20
C ALA A 399 -52.40 -44.56 15.77
N ASP A 400 -52.48 -45.91 15.88
CA ASP A 400 -51.42 -46.83 15.46
C ASP A 400 -51.28 -46.82 13.93
N ASP A 401 -52.40 -46.68 13.21
CA ASP A 401 -52.36 -46.63 11.76
C ASP A 401 -51.65 -45.36 11.27
N VAL A 402 -51.87 -44.23 11.97
CA VAL A 402 -51.27 -42.94 11.65
C VAL A 402 -49.77 -43.03 11.84
N ASP A 403 -49.30 -43.43 13.05
CA ASP A 403 -47.88 -43.57 13.38
CA ASP A 403 -47.88 -43.55 13.34
C ASP A 403 -47.19 -44.52 12.39
N ARG A 404 -47.91 -45.56 11.93
CA ARG A 404 -47.32 -46.50 10.98
C ARG A 404 -47.08 -45.83 9.62
N ARG A 405 -48.02 -44.97 9.18
CA ARG A 405 -47.82 -44.24 7.92
C ARG A 405 -46.66 -43.20 8.03
N VAL A 406 -46.44 -42.66 9.24
CA VAL A 406 -45.37 -41.73 9.55
C VAL A 406 -44.04 -42.47 9.47
N GLN A 407 -43.97 -43.68 10.08
CA GLN A 407 -42.77 -44.53 10.05
C GLN A 407 -42.46 -45.01 8.64
N PHE A 408 -43.50 -45.27 7.83
CA PHE A 408 -43.30 -45.63 6.44
C PHE A 408 -42.59 -44.48 5.68
N GLY A 409 -43.02 -43.24 5.97
CA GLY A 409 -42.48 -42.03 5.37
C GLY A 409 -41.00 -41.91 5.69
N ILE A 410 -40.63 -42.19 6.97
CA ILE A 410 -39.25 -42.16 7.47
C ILE A 410 -38.37 -43.25 6.85
N GLU A 411 -38.87 -44.49 6.79
CA GLU A 411 -38.11 -45.59 6.22
C GLU A 411 -37.84 -45.39 4.73
N SER A 412 -38.85 -44.91 3.98
CA SER A 412 -38.65 -44.63 2.55
C SER A 412 -37.70 -43.43 2.34
N GLY A 413 -37.71 -42.48 3.27
CA GLY A 413 -36.86 -41.31 3.24
C GLY A 413 -35.41 -41.70 3.49
N LYS A 414 -35.19 -42.63 4.44
CA LYS A 414 -33.84 -43.12 4.75
C LYS A 414 -33.31 -43.92 3.56
N LEU A 415 -34.16 -44.78 2.98
CA LEU A 415 -33.78 -45.60 1.84
C LEU A 415 -33.43 -44.73 0.62
N ARG A 416 -34.23 -43.70 0.35
CA ARG A 416 -34.00 -42.84 -0.82
C ARG A 416 -32.94 -41.75 -0.64
N GLY A 417 -32.42 -41.58 0.58
CA GLY A 417 -31.39 -40.59 0.83
C GLY A 417 -31.85 -39.25 1.38
N PHE A 418 -33.16 -39.06 1.56
CA PHE A 418 -33.70 -37.82 2.11
C PHE A 418 -33.34 -37.63 3.57
N LEU A 419 -33.28 -38.72 4.34
CA LEU A 419 -33.09 -38.64 5.79
C LEU A 419 -31.97 -39.50 6.32
N ARG A 420 -31.40 -39.08 7.44
CA ARG A 420 -30.37 -39.78 8.18
C ARG A 420 -30.70 -39.71 9.67
N VAL A 421 -30.16 -40.63 10.47
CA VAL A 421 -30.35 -40.63 11.93
C VAL A 421 -29.79 -39.32 12.49
N GLY A 422 -30.56 -38.68 13.36
CA GLY A 422 -30.16 -37.39 13.92
C GLY A 422 -30.84 -36.21 13.25
N ASP A 423 -31.41 -36.40 12.06
CA ASP A 423 -32.13 -35.32 11.34
C ASP A 423 -33.41 -34.96 12.08
N LEU A 424 -33.91 -33.75 11.86
CA LEU A 424 -35.20 -33.34 12.39
C LEU A 424 -36.22 -33.35 11.24
N VAL A 425 -37.43 -33.77 11.51
CA VAL A 425 -38.50 -33.75 10.53
C VAL A 425 -39.73 -33.12 11.16
N ILE A 426 -40.57 -32.57 10.32
CA ILE A 426 -41.84 -32.01 10.74
C ILE A 426 -42.88 -32.99 10.24
N VAL A 427 -43.80 -33.42 11.10
CA VAL A 427 -44.84 -34.37 10.71
C VAL A 427 -46.19 -33.69 10.76
N VAL A 428 -46.92 -33.72 9.67
CA VAL A 428 -48.21 -33.07 9.57
C VAL A 428 -49.31 -34.12 9.44
N THR A 429 -50.23 -34.15 10.43
CA THR A 429 -51.35 -35.10 10.48
C THR A 429 -52.67 -34.36 10.87
N GLY A 430 -53.78 -35.10 10.88
CA GLY A 430 -55.09 -34.61 11.29
C GLY A 430 -55.54 -35.24 12.59
N TRP A 431 -56.67 -34.75 13.13
CA TRP A 431 -57.19 -35.24 14.42
C TRP A 431 -58.20 -36.41 14.28
N ARG A 432 -58.72 -36.61 13.07
CA ARG A 432 -59.69 -37.65 12.82
C ARG A 432 -59.58 -38.12 11.36
N PRO A 433 -59.96 -39.38 11.05
CA PRO A 433 -59.81 -39.87 9.67
C PRO A 433 -60.62 -39.11 8.62
N GLY A 434 -60.29 -39.28 7.36
CA GLY A 434 -60.95 -38.58 6.28
C GLY A 434 -60.26 -37.28 5.93
N SER A 435 -60.40 -36.88 4.67
CA SER A 435 -59.83 -35.66 4.13
C SER A 435 -60.46 -34.37 4.74
N GLY A 436 -59.63 -33.32 4.91
CA GLY A 436 -60.06 -32.01 5.39
C GLY A 436 -59.85 -31.70 6.85
N TYR A 437 -59.15 -32.58 7.60
CA TYR A 437 -58.99 -32.38 9.05
C TYR A 437 -57.56 -32.22 9.52
N THR A 438 -56.60 -31.92 8.61
CA THR A 438 -55.20 -31.69 9.02
C THR A 438 -55.15 -30.51 10.00
N ASN A 439 -54.53 -30.69 11.15
CA ASN A 439 -54.49 -29.63 12.17
C ASN A 439 -53.31 -29.79 13.17
N ILE A 440 -52.42 -30.77 12.93
CA ILE A 440 -51.33 -31.07 13.85
C ILE A 440 -49.97 -31.04 13.17
N MET A 441 -49.02 -30.43 13.85
CA MET A 441 -47.64 -30.40 13.39
CA MET A 441 -47.64 -30.34 13.40
C MET A 441 -46.76 -30.89 14.55
N ARG A 442 -45.85 -31.82 14.26
CA ARG A 442 -44.99 -32.40 15.29
C ARG A 442 -43.52 -32.32 14.87
N VAL A 443 -42.63 -32.03 15.83
CA VAL A 443 -41.20 -32.01 15.57
C VAL A 443 -40.66 -33.38 16.01
N LEU A 444 -40.09 -34.14 15.08
CA LEU A 444 -39.61 -35.50 15.34
C LEU A 444 -38.14 -35.65 15.00
N SER A 445 -37.39 -36.29 15.89
CA SER A 445 -35.97 -36.57 15.69
C SER A 445 -35.84 -37.95 15.08
N ILE A 446 -35.13 -38.08 13.97
CA ILE A 446 -34.96 -39.35 13.27
C ILE A 446 -34.06 -40.32 14.03
N SER A 447 -34.65 -41.51 14.32
CA SER A 447 -34.08 -42.68 15.02
C SER A 447 -33.55 -42.32 16.41
N ARG B 12 -55.49 -5.14 0.62
CA ARG B 12 -56.82 -5.68 0.89
C ARG B 12 -56.95 -7.19 0.64
N ALA B 13 -56.48 -7.69 -0.52
CA ALA B 13 -56.55 -9.10 -0.92
C ALA B 13 -56.00 -10.11 0.09
N ASP B 14 -54.98 -9.72 0.89
CA ASP B 14 -54.42 -10.60 1.90
C ASP B 14 -55.27 -10.67 3.20
N VAL B 15 -56.30 -9.82 3.33
CA VAL B 15 -57.19 -9.85 4.50
C VAL B 15 -58.68 -9.85 4.09
N ALA B 16 -59.01 -9.90 2.78
CA ALA B 16 -60.39 -9.80 2.30
C ALA B 16 -61.34 -10.90 2.79
N GLN B 17 -60.93 -12.19 2.67
CA GLN B 17 -61.78 -13.28 3.12
C GLN B 17 -61.95 -13.26 4.63
N LEU B 18 -60.87 -12.95 5.37
CA LEU B 18 -60.97 -12.87 6.83
C LEU B 18 -61.76 -11.66 7.30
N THR B 19 -61.82 -10.58 6.49
CA THR B 19 -62.60 -9.37 6.76
C THR B 19 -64.08 -9.66 6.56
N GLN B 20 -64.41 -10.43 5.52
CA GLN B 20 -65.79 -10.83 5.28
C GLN B 20 -66.25 -11.74 6.42
N GLU B 21 -65.40 -12.68 6.86
CA GLU B 21 -65.71 -13.61 7.96
C GLU B 21 -65.83 -12.96 9.33
N LEU B 22 -64.77 -12.28 9.80
CA LEU B 22 -64.75 -11.67 11.13
C LEU B 22 -65.43 -10.28 11.21
N GLY B 23 -65.62 -9.62 10.07
CA GLY B 23 -66.27 -8.33 10.02
C GLY B 23 -65.32 -7.15 10.03
N THR B 24 -65.76 -6.02 9.42
CA THR B 24 -64.95 -4.81 9.37
C THR B 24 -64.74 -4.24 10.76
N ALA B 25 -65.71 -4.38 11.68
CA ALA B 25 -65.53 -3.87 13.04
C ALA B 25 -64.37 -4.56 13.75
N PHE B 26 -64.16 -5.87 13.49
CA PHE B 26 -63.06 -6.62 14.09
C PHE B 26 -61.72 -6.01 13.67
N PHE B 27 -61.58 -5.70 12.38
CA PHE B 27 -60.35 -5.15 11.82
C PHE B 27 -60.16 -3.64 12.06
N GLN B 28 -61.09 -2.95 12.75
CA GLN B 28 -60.92 -1.55 13.14
C GLN B 28 -60.37 -1.46 14.56
N GLN B 29 -60.63 -2.46 15.42
CA GLN B 29 -60.19 -2.49 16.80
C GLN B 29 -58.70 -2.88 16.90
N GLN B 30 -58.14 -2.76 18.11
CA GLN B 30 -56.78 -3.11 18.52
C GLN B 30 -55.67 -2.70 17.52
N GLN B 31 -55.82 -1.49 16.91
CA GLN B 31 -54.90 -0.90 15.91
C GLN B 31 -54.56 -1.85 14.77
N LEU B 32 -55.53 -2.70 14.36
CA LEU B 32 -55.29 -3.64 13.28
C LEU B 32 -54.99 -2.94 11.94
N PRO B 33 -55.62 -1.81 11.55
CA PRO B 33 -55.19 -1.14 10.31
C PRO B 33 -53.72 -0.70 10.39
N ALA B 34 -53.26 -0.21 11.55
CA ALA B 34 -51.87 0.20 11.72
C ALA B 34 -50.91 -0.99 11.70
N ALA B 35 -51.36 -2.15 12.18
CA ALA B 35 -50.57 -3.37 12.22
C ALA B 35 -50.38 -4.00 10.83
N MET B 36 -51.34 -3.80 9.91
CA MET B 36 -51.27 -4.32 8.54
C MET B 36 -50.47 -3.42 7.57
N ALA B 37 -49.94 -2.28 8.04
CA ALA B 37 -49.19 -1.34 7.20
C ALA B 37 -47.90 -1.92 6.66
N ASP B 38 -47.51 -1.50 5.44
CA ASP B 38 -46.32 -1.99 4.75
C ASP B 38 -45.02 -1.32 5.19
N THR B 39 -45.11 -0.14 5.82
CA THR B 39 -43.94 0.58 6.33
C THR B 39 -44.21 1.06 7.75
N PHE B 40 -43.15 1.33 8.51
CA PHE B 40 -43.28 1.86 9.86
C PHE B 40 -43.90 3.28 9.82
N LEU B 41 -43.57 4.08 8.79
CA LEU B 41 -44.15 5.39 8.63
C LEU B 41 -45.70 5.30 8.46
N GLU B 42 -46.18 4.38 7.61
CA GLU B 42 -47.60 4.15 7.37
C GLU B 42 -48.28 3.66 8.66
N HIS B 43 -47.57 2.79 9.43
CA HIS B 43 -48.05 2.25 10.69
C HIS B 43 -48.31 3.40 11.65
N LEU B 44 -47.37 4.36 11.77
CA LEU B 44 -47.55 5.53 12.65
C LEU B 44 -48.76 6.34 12.19
N CYS B 45 -48.85 6.62 10.87
CA CYS B 45 -49.94 7.40 10.27
C CYS B 45 -51.31 6.78 10.50
N LEU B 46 -51.39 5.46 10.64
CA LEU B 46 -52.65 4.74 10.82
C LEU B 46 -53.06 4.53 12.27
N LEU B 47 -52.27 5.01 13.24
CA LEU B 47 -52.65 4.85 14.65
C LEU B 47 -53.93 5.66 14.91
N ASP B 48 -54.92 5.05 15.56
CA ASP B 48 -56.23 5.66 15.73
C ASP B 48 -56.63 5.70 17.20
N ILE B 49 -56.96 6.90 17.72
CA ILE B 49 -57.44 7.02 19.12
C ILE B 49 -58.82 6.34 19.33
N ASP B 50 -59.59 6.15 18.25
CA ASP B 50 -60.88 5.49 18.30
C ASP B 50 -60.80 3.97 18.18
N SER B 51 -59.61 3.42 17.90
CA SER B 51 -59.40 1.98 17.79
C SER B 51 -59.20 1.45 19.20
N GLU B 52 -60.21 0.79 19.76
CA GLU B 52 -60.13 0.30 21.14
C GLU B 52 -59.35 -0.98 21.33
N PRO B 53 -58.55 -1.07 22.40
CA PRO B 53 -57.84 -2.33 22.67
C PRO B 53 -58.83 -3.44 23.07
N VAL B 54 -58.65 -4.64 22.54
CA VAL B 54 -59.52 -5.79 22.80
C VAL B 54 -58.78 -6.84 23.66
N ALA B 55 -57.50 -7.08 23.38
CA ALA B 55 -56.70 -8.08 24.07
C ALA B 55 -56.48 -7.77 25.54
N ALA B 56 -56.23 -8.82 26.34
CA ALA B 56 -55.92 -8.66 27.75
C ALA B 56 -54.52 -8.02 27.85
N ARG B 57 -54.29 -7.24 28.90
CA ARG B 57 -53.02 -6.56 29.11
C ARG B 57 -51.93 -7.58 29.34
N SER B 58 -50.88 -7.51 28.53
CA SER B 58 -49.81 -8.49 28.54
C SER B 58 -48.52 -8.07 29.26
N THR B 59 -48.29 -6.77 29.48
CA THR B 59 -47.08 -6.33 30.20
C THR B 59 -47.41 -6.36 31.68
N SER B 60 -46.64 -7.09 32.47
CA SER B 60 -46.91 -7.19 33.91
C SER B 60 -46.57 -5.93 34.67
N ILE B 61 -47.31 -5.70 35.75
CA ILE B 61 -47.09 -4.56 36.61
C ILE B 61 -46.48 -5.03 37.90
N ILE B 62 -45.32 -4.48 38.26
CA ILE B 62 -44.65 -4.75 39.52
C ILE B 62 -44.95 -3.56 40.43
N ALA B 63 -45.51 -3.82 41.61
CA ALA B 63 -45.82 -2.74 42.54
C ALA B 63 -44.97 -2.89 43.78
N THR B 64 -44.30 -1.82 44.22
CA THR B 64 -43.49 -1.86 45.43
C THR B 64 -44.40 -1.76 46.64
N ILE B 65 -44.25 -2.69 47.60
CA ILE B 65 -45.07 -2.72 48.81
C ILE B 65 -44.43 -1.86 49.90
N GLY B 66 -45.23 -1.02 50.53
CA GLY B 66 -44.78 -0.15 51.62
C GLY B 66 -45.95 0.30 52.48
N PRO B 67 -45.76 1.34 53.30
CA PRO B 67 -46.85 1.81 54.17
C PRO B 67 -48.16 2.11 53.46
N ALA B 68 -48.08 2.62 52.22
CA ALA B 68 -49.28 2.95 51.45
C ALA B 68 -50.00 1.75 50.82
N SER B 69 -49.35 0.57 50.80
CA SER B 69 -49.92 -0.59 50.12
C SER B 69 -49.68 -1.89 50.90
N ARG B 70 -49.69 -1.83 52.23
CA ARG B 70 -49.41 -2.99 53.06
C ARG B 70 -50.60 -3.76 53.58
N SER B 71 -51.72 -3.07 53.80
CA SER B 71 -52.91 -3.71 54.33
C SER B 71 -53.50 -4.74 53.39
N VAL B 72 -54.12 -5.79 53.93
CA VAL B 72 -54.74 -6.86 53.17
C VAL B 72 -55.85 -6.32 52.26
N GLU B 73 -56.63 -5.36 52.77
CA GLU B 73 -57.71 -4.74 52.02
C GLU B 73 -57.18 -3.90 50.85
N ARG B 74 -56.06 -3.18 51.07
CA ARG B 74 -55.41 -2.35 50.05
C ARG B 74 -54.80 -3.26 48.98
N LEU B 75 -54.16 -4.36 49.38
CA LEU B 75 -53.55 -5.33 48.48
C LEU B 75 -54.58 -6.02 47.58
N LYS B 76 -55.80 -6.27 48.10
CA LYS B 76 -56.87 -6.87 47.30
C LYS B 76 -57.28 -5.91 46.19
N GLU B 77 -57.33 -4.60 46.50
CA GLU B 77 -57.69 -3.59 45.50
C GLU B 77 -56.58 -3.50 44.44
N MET B 78 -55.31 -3.63 44.84
CA MET B 78 -54.19 -3.58 43.91
CA MET B 78 -54.20 -3.57 43.90
C MET B 78 -54.15 -4.80 43.00
N ILE B 79 -54.56 -5.98 43.53
CA ILE B 79 -54.63 -7.21 42.73
C ILE B 79 -55.73 -7.01 41.67
N LYS B 80 -56.88 -6.45 42.07
CA LYS B 80 -57.99 -6.17 41.17
C LYS B 80 -57.62 -5.10 40.11
N ALA B 81 -56.80 -4.11 40.49
CA ALA B 81 -56.33 -3.06 39.59
C ALA B 81 -55.33 -3.57 38.53
N GLY B 82 -54.65 -4.68 38.83
CA GLY B 82 -53.72 -5.29 37.88
C GLY B 82 -52.33 -5.64 38.35
N MET B 83 -52.03 -5.52 39.65
CA MET B 83 -50.71 -5.89 40.15
C MET B 83 -50.43 -7.39 39.93
N ASN B 84 -49.28 -7.73 39.32
CA ASN B 84 -48.91 -9.13 39.05
C ASN B 84 -47.74 -9.58 39.90
N ILE B 85 -46.85 -8.64 40.28
CA ILE B 85 -45.66 -8.91 41.08
C ILE B 85 -45.57 -7.88 42.21
N ALA B 86 -45.35 -8.34 43.44
CA ALA B 86 -45.20 -7.49 44.61
C ALA B 86 -43.72 -7.37 44.92
N ARG B 87 -43.18 -6.14 44.94
CA ARG B 87 -41.76 -5.93 45.21
C ARG B 87 -41.49 -5.48 46.66
N LEU B 88 -40.56 -6.16 47.34
CA LEU B 88 -40.20 -5.80 48.71
C LEU B 88 -38.85 -5.15 48.65
N ASN B 89 -38.76 -3.86 48.99
CA ASN B 89 -37.49 -3.16 48.93
C ASN B 89 -36.72 -3.34 50.22
N PHE B 90 -35.69 -4.19 50.19
CA PHE B 90 -34.90 -4.47 51.38
C PHE B 90 -33.91 -3.35 51.74
N SER B 91 -33.97 -2.21 51.04
CA SER B 91 -33.19 -1.04 51.43
C SER B 91 -33.82 -0.36 52.67
N HIS B 92 -35.11 -0.63 52.95
CA HIS B 92 -35.82 -0.07 54.09
C HIS B 92 -36.57 -1.19 54.83
N GLY B 93 -36.74 -1.03 56.14
CA GLY B 93 -37.48 -1.99 56.94
C GLY B 93 -36.70 -3.21 57.39
N SER B 94 -37.18 -3.82 58.47
CA SER B 94 -36.55 -5.01 59.04
C SER B 94 -37.10 -6.30 58.41
N HIS B 95 -36.50 -7.46 58.75
CA HIS B 95 -36.99 -8.75 58.29
C HIS B 95 -38.42 -9.01 58.79
N GLU B 96 -38.72 -8.55 60.01
CA GLU B 96 -40.05 -8.70 60.61
C GLU B 96 -41.09 -7.93 59.79
N TYR B 97 -40.73 -6.71 59.36
CA TYR B 97 -41.58 -5.86 58.55
C TYR B 97 -41.90 -6.54 57.20
N HIS B 98 -40.85 -7.02 56.51
CA HIS B 98 -41.02 -7.69 55.22
C HIS B 98 -41.76 -9.01 55.32
N ALA B 99 -41.59 -9.77 56.42
CA ALA B 99 -42.32 -11.02 56.62
C ALA B 99 -43.82 -10.75 56.75
N GLU B 100 -44.19 -9.65 57.42
CA GLU B 100 -45.59 -9.26 57.57
C GLU B 100 -46.16 -8.83 56.22
N SER B 101 -45.35 -8.12 55.40
CA SER B 101 -45.74 -7.70 54.05
C SER B 101 -46.03 -8.94 53.19
N ILE B 102 -45.13 -9.95 53.22
CA ILE B 102 -45.29 -11.21 52.49
C ILE B 102 -46.58 -11.92 52.90
N ALA B 103 -46.82 -12.01 54.22
CA ALA B 103 -48.01 -12.66 54.75
C ALA B 103 -49.30 -11.96 54.30
N ASN B 104 -49.28 -10.61 54.26
CA ASN B 104 -50.43 -9.82 53.82
C ASN B 104 -50.70 -10.00 52.34
N VAL B 105 -49.63 -10.07 51.54
CA VAL B 105 -49.77 -10.31 50.09
C VAL B 105 -50.40 -11.68 49.86
N ARG B 106 -49.86 -12.74 50.50
CA ARG B 106 -50.40 -14.09 50.36
C ARG B 106 -51.84 -14.22 50.82
N GLU B 107 -52.21 -13.49 51.88
CA GLU B 107 -53.59 -13.50 52.37
C GLU B 107 -54.53 -12.85 51.34
N ALA B 108 -54.13 -11.70 50.77
CA ALA B 108 -54.92 -11.02 49.76
C ALA B 108 -55.05 -11.86 48.48
N VAL B 109 -53.96 -12.52 48.06
CA VAL B 109 -53.96 -13.38 46.86
C VAL B 109 -54.86 -14.60 47.04
N GLU B 110 -54.77 -15.26 48.21
CA GLU B 110 -55.56 -16.45 48.45
C GLU B 110 -57.03 -16.18 48.71
N SER B 111 -57.41 -14.93 49.00
CA SER B 111 -58.82 -14.59 49.18
C SER B 111 -59.65 -14.78 47.87
N PHE B 112 -58.98 -14.95 46.71
CA PHE B 112 -59.65 -15.18 45.42
C PHE B 112 -59.53 -16.66 44.93
N ALA B 113 -58.86 -17.54 45.73
CA ALA B 113 -58.63 -18.96 45.39
C ALA B 113 -59.88 -19.84 45.36
N GLY B 114 -60.98 -19.32 45.89
CA GLY B 114 -62.26 -20.03 45.90
C GLY B 114 -62.79 -20.31 44.51
N SER B 115 -62.36 -19.50 43.52
CA SER B 115 -62.76 -19.68 42.13
C SER B 115 -61.51 -20.00 41.32
N PRO B 116 -61.18 -21.29 41.16
CA PRO B 116 -59.94 -21.66 40.43
C PRO B 116 -59.86 -21.25 38.95
N LEU B 117 -61.00 -21.14 38.26
CA LEU B 117 -61.00 -20.73 36.85
C LEU B 117 -60.71 -19.23 36.66
N SER B 118 -60.80 -18.41 37.75
CA SER B 118 -60.53 -16.97 37.66
C SER B 118 -59.39 -16.47 38.59
N TYR B 119 -58.84 -17.36 39.43
CA TYR B 119 -57.76 -17.06 40.38
C TYR B 119 -56.53 -16.44 39.71
N ARG B 120 -55.99 -15.38 40.31
CA ARG B 120 -54.81 -14.73 39.76
C ARG B 120 -53.58 -14.85 40.65
N PRO B 121 -52.57 -15.61 40.19
CA PRO B 121 -51.33 -15.72 40.98
C PRO B 121 -50.55 -14.39 41.04
N VAL B 122 -49.84 -14.13 42.15
CA VAL B 122 -49.04 -12.91 42.29
C VAL B 122 -47.63 -13.30 42.74
N ALA B 123 -46.60 -12.91 42.00
CA ALA B 123 -45.23 -13.24 42.38
C ALA B 123 -44.71 -12.33 43.50
N ILE B 124 -43.77 -12.82 44.30
CA ILE B 124 -43.15 -12.02 45.35
C ILE B 124 -41.68 -11.86 45.03
N ALA B 125 -41.23 -10.61 44.88
CA ALA B 125 -39.85 -10.32 44.53
C ALA B 125 -39.11 -9.56 45.64
N LEU B 126 -37.88 -9.96 45.89
CA LEU B 126 -37.07 -9.32 46.92
C LEU B 126 -36.04 -8.45 46.24
N ASP B 127 -36.07 -7.14 46.50
CA ASP B 127 -35.09 -6.23 45.92
C ASP B 127 -33.99 -6.01 46.97
N THR B 128 -32.75 -6.44 46.69
CA THR B 128 -31.66 -6.31 47.66
C THR B 128 -31.18 -4.89 47.87
N LYS B 129 -30.56 -4.63 49.04
CA LYS B 129 -30.02 -3.32 49.39
C LYS B 129 -28.83 -2.96 48.50
N GLY B 130 -27.98 -3.93 48.20
CA GLY B 130 -26.83 -3.71 47.35
C GLY B 130 -25.48 -3.75 48.04
N PRO B 131 -24.39 -3.62 47.26
CA PRO B 131 -23.04 -3.69 47.82
C PRO B 131 -22.56 -2.44 48.56
N GLY B 132 -23.12 -1.29 48.22
CA GLY B 132 -22.74 -0.01 48.79
C GLY B 132 -21.31 0.33 48.42
N SER B 133 -20.50 0.69 49.41
CA SER B 133 -19.08 1.00 49.20
C SER B 133 -18.23 -0.26 48.86
N GLY B 134 -18.73 -1.45 49.25
CA GLY B 134 -18.06 -2.73 49.06
C GLY B 134 -17.88 -3.19 47.63
N PRO B 135 -16.96 -4.15 47.42
CA PRO B 135 -16.70 -4.65 46.05
C PRO B 135 -17.69 -5.68 45.52
N GLY B 136 -18.18 -6.55 46.39
CA GLY B 136 -19.10 -7.62 46.01
C GLY B 136 -20.29 -7.73 46.94
N LEU B 137 -20.76 -8.97 47.17
CA LEU B 137 -21.93 -9.24 48.00
C LEU B 137 -21.74 -8.84 49.46
N SER B 138 -22.58 -7.92 49.93
CA SER B 138 -22.52 -7.44 51.32
C SER B 138 -23.04 -8.49 52.31
N GLU B 139 -22.72 -8.34 53.61
CA GLU B 139 -23.19 -9.25 54.63
C GLU B 139 -24.70 -9.14 54.87
N GLN B 140 -25.25 -7.93 54.73
CA GLN B 140 -26.69 -7.74 54.86
C GLN B 140 -27.42 -8.42 53.69
N ASP B 141 -26.83 -8.37 52.48
CA ASP B 141 -27.42 -9.04 51.32
C ASP B 141 -27.45 -10.55 51.52
N VAL B 142 -26.40 -11.13 52.11
CA VAL B 142 -26.37 -12.57 52.38
C VAL B 142 -27.50 -12.97 53.34
N ARG B 143 -27.74 -12.15 54.38
CA ARG B 143 -28.81 -12.43 55.33
C ARG B 143 -30.21 -12.25 54.71
N ASP B 144 -30.37 -11.22 53.87
CA ASP B 144 -31.64 -10.92 53.21
C ASP B 144 -31.97 -11.99 52.16
N LEU B 145 -30.95 -12.48 51.45
CA LEU B 145 -31.15 -13.54 50.47
C LEU B 145 -31.57 -14.84 51.16
N ARG B 146 -30.98 -15.14 52.34
CA ARG B 146 -31.37 -16.31 53.13
C ARG B 146 -32.80 -16.17 53.64
N PHE B 147 -33.22 -14.95 53.99
CA PHE B 147 -34.58 -14.66 54.42
C PHE B 147 -35.55 -14.96 53.27
N GLY B 148 -35.19 -14.55 52.05
CA GLY B 148 -35.99 -14.77 50.86
C GLY B 148 -36.24 -16.23 50.55
N VAL B 149 -35.20 -17.05 50.68
CA VAL B 149 -35.32 -18.49 50.47
C VAL B 149 -36.25 -19.10 51.52
N GLU B 150 -36.05 -18.71 52.79
CA GLU B 150 -36.87 -19.20 53.90
C GLU B 150 -38.34 -18.80 53.79
N HIS B 151 -38.60 -17.63 53.20
CA HIS B 151 -39.96 -17.16 53.04
C HIS B 151 -40.58 -17.47 51.65
N GLY B 152 -39.89 -18.24 50.83
CA GLY B 152 -40.38 -18.68 49.53
C GLY B 152 -40.62 -17.62 48.47
N VAL B 153 -39.70 -16.64 48.37
CA VAL B 153 -39.83 -15.61 47.34
C VAL B 153 -39.61 -16.23 45.96
N ASP B 154 -40.23 -15.67 44.93
CA ASP B 154 -40.12 -16.21 43.57
C ASP B 154 -38.99 -15.58 42.79
N ILE B 155 -38.71 -14.29 43.04
CA ILE B 155 -37.72 -13.54 42.27
C ILE B 155 -36.81 -12.71 43.17
N VAL B 156 -35.57 -12.47 42.73
CA VAL B 156 -34.65 -11.58 43.41
C VAL B 156 -34.26 -10.47 42.41
N PHE B 157 -34.44 -9.20 42.79
CA PHE B 157 -33.98 -8.09 41.97
C PHE B 157 -32.62 -7.74 42.60
N ALA B 158 -31.53 -8.22 42.02
CA ALA B 158 -30.20 -7.99 42.58
C ALA B 158 -29.68 -6.60 42.28
N SER B 159 -29.52 -5.76 43.30
CA SER B 159 -29.04 -4.39 43.12
C SER B 159 -27.58 -4.28 42.70
N PHE B 160 -27.26 -3.24 41.93
CA PHE B 160 -25.94 -2.87 41.43
C PHE B 160 -25.10 -4.04 40.90
N VAL B 161 -25.63 -4.82 39.95
CA VAL B 161 -24.86 -5.92 39.36
C VAL B 161 -23.89 -5.27 38.37
N ARG B 162 -22.58 -5.52 38.56
CA ARG B 162 -21.51 -4.93 37.75
C ARG B 162 -20.72 -5.91 36.89
N LYS B 163 -20.89 -7.22 37.10
CA LYS B 163 -20.20 -8.28 36.37
C LYS B 163 -20.87 -9.63 36.64
N ALA B 164 -20.53 -10.65 35.86
CA ALA B 164 -21.10 -11.99 36.00
C ALA B 164 -20.88 -12.61 37.39
N SER B 165 -19.71 -12.35 37.99
CA SER B 165 -19.39 -12.89 39.32
C SER B 165 -20.33 -12.38 40.43
N ASP B 166 -20.94 -11.20 40.23
CA ASP B 166 -21.91 -10.66 41.19
C ASP B 166 -23.16 -11.52 41.21
N VAL B 167 -23.61 -11.99 40.04
CA VAL B 167 -24.83 -12.80 39.99
C VAL B 167 -24.51 -14.22 40.51
N ALA B 168 -23.28 -14.75 40.25
CA ALA B 168 -22.87 -16.04 40.80
C ALA B 168 -22.88 -16.01 42.33
N ALA B 169 -22.44 -14.88 42.92
CA ALA B 169 -22.45 -14.68 44.37
C ALA B 169 -23.88 -14.69 44.91
N VAL B 170 -24.83 -14.04 44.20
CA VAL B 170 -26.23 -14.03 44.61
C VAL B 170 -26.81 -15.44 44.57
N ARG B 171 -26.47 -16.18 43.50
CA ARG B 171 -26.93 -17.56 43.32
CA ARG B 171 -26.93 -17.56 43.32
C ARG B 171 -26.40 -18.46 44.45
N ALA B 172 -25.12 -18.27 44.83
CA ALA B 172 -24.49 -19.03 45.92
C ALA B 172 -25.14 -18.69 47.25
N ALA B 173 -25.45 -17.42 47.50
CA ALA B 173 -26.11 -17.00 48.75
C ALA B 173 -27.55 -17.51 48.87
N LEU B 174 -28.19 -17.88 47.76
CA LEU B 174 -29.53 -18.48 47.80
C LEU B 174 -29.48 -19.98 48.23
N GLY B 175 -28.30 -20.59 48.17
CA GLY B 175 -28.08 -21.97 48.57
C GLY B 175 -28.73 -23.02 47.70
N PRO B 176 -28.72 -24.27 48.17
CA PRO B 176 -29.32 -25.35 47.39
C PRO B 176 -30.85 -25.29 47.32
N GLU B 177 -31.50 -24.70 48.34
CA GLU B 177 -32.95 -24.60 48.37
C GLU B 177 -33.54 -23.48 47.51
N GLY B 178 -32.71 -22.53 47.08
CA GLY B 178 -33.19 -21.43 46.27
C GLY B 178 -32.79 -21.53 44.81
N HIS B 179 -32.66 -22.75 44.30
CA HIS B 179 -32.26 -22.98 42.92
C HIS B 179 -33.32 -22.53 41.90
N GLY B 180 -34.59 -22.59 42.29
CA GLY B 180 -35.70 -22.21 41.42
C GLY B 180 -36.03 -20.73 41.37
N ILE B 181 -35.45 -19.93 42.28
CA ILE B 181 -35.70 -18.49 42.33
C ILE B 181 -35.07 -17.80 41.12
N LYS B 182 -35.81 -16.90 40.46
CA LYS B 182 -35.29 -16.17 39.30
C LYS B 182 -34.43 -14.99 39.74
N ILE B 183 -33.25 -14.81 39.15
CA ILE B 183 -32.40 -13.67 39.45
C ILE B 183 -32.48 -12.64 38.32
N ILE B 184 -33.07 -11.48 38.62
CA ILE B 184 -33.18 -10.37 37.69
C ILE B 184 -32.11 -9.38 38.10
N SER B 185 -31.07 -9.20 37.28
CA SER B 185 -29.97 -8.29 37.62
C SER B 185 -30.30 -6.82 37.34
N LYS B 186 -30.10 -5.95 38.33
CA LYS B 186 -30.35 -4.53 38.15
C LYS B 186 -29.13 -3.82 37.57
N ILE B 187 -29.28 -3.18 36.41
CA ILE B 187 -28.18 -2.45 35.79
C ILE B 187 -28.37 -1.00 36.22
N GLU B 188 -27.46 -0.52 37.09
CA GLU B 188 -27.57 0.80 37.70
C GLU B 188 -26.36 1.68 37.51
N ASN B 189 -25.33 1.24 36.76
CA ASN B 189 -24.12 2.06 36.58
C ASN B 189 -23.42 1.79 35.25
N HIS B 190 -22.38 2.57 34.95
CA HIS B 190 -21.62 2.43 33.71
C HIS B 190 -21.02 1.05 33.51
N GLU B 191 -20.47 0.45 34.57
CA GLU B 191 -19.84 -0.86 34.47
C GLU B 191 -20.86 -1.95 34.11
N GLY B 192 -22.04 -1.88 34.72
CA GLY B 192 -23.12 -2.82 34.42
C GLY B 192 -23.55 -2.74 32.96
N VAL B 193 -23.61 -1.50 32.42
CA VAL B 193 -23.99 -1.30 31.03
C VAL B 193 -22.90 -1.87 30.11
N LYS B 194 -21.65 -1.60 30.42
CA LYS B 194 -20.53 -2.06 29.60
C LYS B 194 -20.31 -3.58 29.64
N ARG B 195 -20.58 -4.21 30.78
CA ARG B 195 -20.46 -5.66 30.91
C ARG B 195 -21.81 -6.36 30.78
N PHE B 196 -22.81 -5.69 30.16
CA PHE B 196 -24.17 -6.19 30.01
C PHE B 196 -24.27 -7.62 29.46
N ASP B 197 -23.56 -7.94 28.37
CA ASP B 197 -23.64 -9.27 27.76
C ASP B 197 -23.26 -10.40 28.69
N GLU B 198 -22.19 -10.21 29.49
CA GLU B 198 -21.77 -11.24 30.44
C GLU B 198 -22.76 -11.37 31.60
N ILE B 199 -23.42 -10.28 31.98
CA ILE B 199 -24.41 -10.27 33.04
C ILE B 199 -25.70 -10.96 32.59
N LEU B 200 -26.18 -10.62 31.40
CA LEU B 200 -27.40 -11.20 30.84
C LEU B 200 -27.25 -12.71 30.65
N GLU B 201 -26.06 -13.17 30.21
CA GLU B 201 -25.78 -14.58 29.99
C GLU B 201 -26.02 -15.43 31.24
N VAL B 202 -25.64 -14.92 32.41
CA VAL B 202 -25.81 -15.66 33.66
C VAL B 202 -27.07 -15.30 34.46
N SER B 203 -27.82 -14.28 34.03
CA SER B 203 -29.03 -13.87 34.75
C SER B 203 -30.28 -14.46 34.11
N ASP B 204 -31.38 -14.49 34.85
CA ASP B 204 -32.66 -14.91 34.27
C ASP B 204 -33.34 -13.76 33.51
N GLY B 205 -32.99 -12.51 33.86
CA GLY B 205 -33.53 -11.30 33.28
C GLY B 205 -32.82 -10.06 33.77
N ILE B 206 -33.28 -8.90 33.34
CA ILE B 206 -32.64 -7.63 33.67
C ILE B 206 -33.65 -6.60 34.11
N MET B 207 -33.22 -5.66 34.96
CA MET B 207 -34.03 -4.53 35.33
C MET B 207 -33.23 -3.29 34.95
N VAL B 208 -33.84 -2.37 34.19
CA VAL B 208 -33.23 -1.09 33.87
C VAL B 208 -33.61 -0.19 35.06
N ALA B 209 -32.70 -0.10 36.03
CA ALA B 209 -32.90 0.65 37.27
C ALA B 209 -32.50 2.11 37.00
N ARG B 210 -33.42 2.88 36.40
CA ARG B 210 -33.17 4.25 35.94
C ARG B 210 -32.83 5.30 37.02
N GLY B 211 -33.26 5.09 38.26
CA GLY B 211 -32.94 6.00 39.36
C GLY B 211 -31.45 6.18 39.56
N ASP B 212 -30.73 5.08 39.90
CA ASP B 212 -29.29 5.15 40.09
C ASP B 212 -28.58 5.31 38.79
N LEU B 213 -29.07 4.67 37.71
CA LEU B 213 -28.44 4.78 36.39
C LEU B 213 -28.37 6.23 35.94
N GLY B 214 -29.43 7.00 36.21
CA GLY B 214 -29.53 8.43 35.89
C GLY B 214 -28.61 9.34 36.68
N ILE B 215 -28.00 8.82 37.76
CA ILE B 215 -27.03 9.54 38.59
C ILE B 215 -25.60 9.08 38.20
N GLU B 216 -25.43 7.77 37.90
CA GLU B 216 -24.14 7.19 37.54
C GLU B 216 -23.68 7.57 36.15
N ILE B 217 -24.61 7.68 35.20
CA ILE B 217 -24.31 8.12 33.83
C ILE B 217 -25.11 9.42 33.56
N PRO B 218 -24.74 10.23 32.53
CA PRO B 218 -25.52 11.47 32.28
C PRO B 218 -26.99 11.18 32.08
N ALA B 219 -27.87 11.98 32.68
CA ALA B 219 -29.31 11.75 32.60
C ALA B 219 -29.82 11.63 31.14
N GLU B 220 -29.25 12.40 30.23
CA GLU B 220 -29.66 12.39 28.83
C GLU B 220 -29.24 11.14 28.06
N LYS B 221 -28.50 10.21 28.68
CA LYS B 221 -28.07 8.97 28.04
C LYS B 221 -28.83 7.75 28.54
N VAL B 222 -29.67 7.89 29.60
CA VAL B 222 -30.42 6.77 30.15
C VAL B 222 -31.34 6.12 29.11
N PHE B 223 -31.99 6.92 28.25
CA PHE B 223 -32.87 6.34 27.23
C PHE B 223 -32.12 5.44 26.26
N LEU B 224 -30.83 5.73 25.98
CA LEU B 224 -30.03 4.88 25.09
C LEU B 224 -29.77 3.54 25.79
N ALA B 225 -29.44 3.57 27.09
CA ALA B 225 -29.18 2.36 27.86
C ALA B 225 -30.45 1.53 27.97
N GLN B 226 -31.60 2.19 28.22
CA GLN B 226 -32.87 1.48 28.32
C GLN B 226 -33.21 0.76 26.99
N LYS B 227 -33.17 1.48 25.87
CA LYS B 227 -33.51 0.92 24.57
C LYS B 227 -32.56 -0.20 24.16
N MET B 228 -31.26 -0.06 24.46
CA MET B 228 -30.26 -1.07 24.16
C MET B 228 -30.50 -2.36 24.97
N MET B 229 -30.71 -2.23 26.29
CA MET B 229 -30.93 -3.37 27.15
C MET B 229 -32.21 -4.10 26.84
N ILE B 230 -33.29 -3.35 26.53
CA ILE B 230 -34.56 -3.98 26.16
C ILE B 230 -34.41 -4.76 24.87
N GLY B 231 -33.72 -4.19 23.88
CA GLY B 231 -33.46 -4.84 22.60
C GLY B 231 -32.66 -6.12 22.78
N ARG B 232 -31.60 -6.07 23.56
CA ARG B 232 -30.76 -7.25 23.81
C ARG B 232 -31.49 -8.34 24.58
N CYS B 233 -32.37 -7.96 25.52
CA CYS B 233 -33.17 -8.93 26.27
C CYS B 233 -34.20 -9.56 25.36
N ASN B 234 -34.83 -8.77 24.49
CA ASN B 234 -35.80 -9.29 23.51
C ASN B 234 -35.10 -10.26 22.56
N LEU B 235 -33.87 -9.96 22.16
CA LEU B 235 -33.07 -10.81 21.28
C LEU B 235 -32.73 -12.13 21.98
N ALA B 236 -32.36 -12.07 23.25
CA ALA B 236 -32.04 -13.24 24.08
C ALA B 236 -33.26 -14.03 24.54
N GLY B 237 -34.44 -13.45 24.45
CA GLY B 237 -35.66 -14.09 24.93
C GLY B 237 -35.72 -14.13 26.46
N LYS B 238 -35.12 -13.15 27.13
CA LYS B 238 -35.13 -13.09 28.59
C LYS B 238 -35.90 -11.87 29.08
N PRO B 239 -36.61 -11.99 30.21
CA PRO B 239 -37.41 -10.84 30.70
C PRO B 239 -36.64 -9.57 31.02
N VAL B 240 -37.25 -8.42 30.72
CA VAL B 240 -36.65 -7.12 31.01
C VAL B 240 -37.70 -6.24 31.66
N VAL B 241 -37.32 -5.59 32.75
CA VAL B 241 -38.21 -4.71 33.51
C VAL B 241 -37.76 -3.26 33.31
N CYS B 242 -38.70 -2.35 33.04
CA CYS B 242 -38.37 -0.93 33.02
C CYS B 242 -38.82 -0.38 34.36
N ALA B 243 -37.93 0.34 35.05
CA ALA B 243 -38.24 0.82 36.40
C ALA B 243 -37.89 2.28 36.67
N THR B 244 -38.54 2.89 37.69
CA THR B 244 -38.31 4.17 38.38
C THR B 244 -38.80 5.45 37.68
N GLN B 245 -39.60 6.21 38.44
CA GLN B 245 -40.21 7.50 38.08
C GLN B 245 -41.13 7.44 36.90
N MET B 246 -41.69 6.26 36.58
CA MET B 246 -42.60 6.13 35.45
C MET B 246 -43.84 7.00 35.59
N LEU B 247 -44.42 7.07 36.81
CA LEU B 247 -45.61 7.89 37.12
C LEU B 247 -45.35 8.70 38.39
N GLU B 248 -44.12 9.19 38.57
CA GLU B 248 -43.65 9.90 39.76
C GLU B 248 -44.62 10.91 40.35
N SER B 249 -45.20 11.79 39.54
CA SER B 249 -46.12 12.82 40.02
C SER B 249 -47.38 12.24 40.70
N MET B 250 -47.72 10.98 40.42
CA MET B 250 -48.86 10.33 41.05
C MET B 250 -48.61 9.97 42.54
N ILE B 251 -47.41 10.26 43.07
CA ILE B 251 -47.14 10.10 44.50
C ILE B 251 -48.01 11.11 45.27
N THR B 252 -48.21 12.34 44.72
CA THR B 252 -49.03 13.35 45.36
C THR B 252 -50.27 13.75 44.55
N LYS B 253 -50.29 13.52 43.23
CA LYS B 253 -51.42 13.92 42.39
C LYS B 253 -52.24 12.75 41.85
N PRO B 254 -53.57 12.91 41.64
CA PRO B 254 -54.39 11.79 41.17
C PRO B 254 -54.20 11.42 39.70
N ARG B 255 -53.65 12.33 38.89
CA ARG B 255 -53.43 12.11 37.45
C ARG B 255 -51.95 12.35 37.12
N PRO B 256 -51.36 11.57 36.19
CA PRO B 256 -49.96 11.80 35.84
C PRO B 256 -49.75 12.94 34.81
N THR B 257 -48.49 13.30 34.57
CA THR B 257 -48.14 14.31 33.58
C THR B 257 -48.16 13.68 32.17
N ARG B 258 -48.10 14.52 31.12
CA ARG B 258 -48.04 14.04 29.74
C ARG B 258 -46.76 13.27 29.47
N ALA B 259 -45.66 13.60 30.15
CA ALA B 259 -44.39 12.91 29.99
C ALA B 259 -44.42 11.52 30.62
N GLU B 260 -45.15 11.37 31.74
CA GLU B 260 -45.27 10.11 32.45
C GLU B 260 -46.09 9.08 31.69
N THR B 261 -47.23 9.48 31.09
CA THR B 261 -48.00 8.52 30.29
C THR B 261 -47.21 8.11 29.05
N SER B 262 -46.48 9.07 28.46
CA SER B 262 -45.63 8.85 27.31
C SER B 262 -44.52 7.83 27.67
N ASP B 263 -43.90 7.99 28.85
CA ASP B 263 -42.84 7.12 29.33
C ASP B 263 -43.30 5.66 29.47
N VAL B 264 -44.49 5.45 30.03
CA VAL B 264 -45.03 4.12 30.21
C VAL B 264 -45.31 3.50 28.83
N ALA B 265 -45.95 4.26 27.95
CA ALA B 265 -46.27 3.77 26.62
C ALA B 265 -45.02 3.42 25.83
N ASN B 266 -43.97 4.26 25.94
CA ASN B 266 -42.72 4.02 25.24
C ASN B 266 -41.95 2.87 25.80
N ALA B 267 -42.04 2.58 27.11
CA ALA B 267 -41.35 1.42 27.68
C ALA B 267 -41.99 0.13 27.12
N VAL B 268 -43.32 0.11 26.99
CA VAL B 268 -44.03 -1.03 26.46
C VAL B 268 -43.69 -1.14 24.95
N LEU B 269 -43.70 -0.03 24.21
CA LEU B 269 -43.34 -0.06 22.79
C LEU B 269 -41.88 -0.52 22.59
N ASP B 270 -40.96 -0.13 23.47
CA ASP B 270 -39.55 -0.53 23.41
C ASP B 270 -39.40 -2.05 23.46
N GLY B 271 -40.27 -2.71 24.24
CA GLY B 271 -40.25 -4.16 24.37
C GLY B 271 -40.14 -4.66 25.79
N ALA B 272 -40.41 -3.81 26.79
CA ALA B 272 -40.31 -4.24 28.20
C ALA B 272 -41.36 -5.29 28.53
N ASP B 273 -40.93 -6.37 29.19
CA ASP B 273 -41.85 -7.42 29.64
C ASP B 273 -42.65 -6.95 30.86
N CYS B 274 -42.02 -6.16 31.73
CA CYS B 274 -42.63 -5.64 32.95
C CYS B 274 -42.38 -4.16 33.09
N ILE B 275 -43.33 -3.48 33.73
CA ILE B 275 -43.19 -2.07 34.10
C ILE B 275 -43.35 -2.00 35.64
N MET B 276 -42.65 -1.07 36.28
CA MET B 276 -42.62 -1.01 37.73
C MET B 276 -43.09 0.32 38.34
N LEU B 277 -43.62 0.24 39.56
CA LEU B 277 -44.03 1.39 40.38
C LEU B 277 -43.22 1.28 41.68
N SER B 278 -42.56 2.37 42.10
CA SER B 278 -41.78 2.38 43.33
C SER B 278 -42.50 3.22 44.42
N GLY B 279 -42.12 4.49 44.60
CA GLY B 279 -42.77 5.40 45.53
C GLY B 279 -44.24 5.60 45.25
N GLU B 280 -44.65 5.46 43.98
CA GLU B 280 -46.05 5.60 43.55
C GLU B 280 -46.95 4.64 44.32
N THR B 281 -46.44 3.44 44.68
CA THR B 281 -47.25 2.47 45.41
C THR B 281 -46.79 2.32 46.85
N ALA B 282 -45.49 2.35 47.07
CA ALA B 282 -44.92 2.16 48.39
C ALA B 282 -45.28 3.24 49.40
N LYS B 283 -45.24 4.51 48.99
CA LYS B 283 -45.51 5.61 49.91
C LYS B 283 -46.42 6.70 49.41
N GLY B 284 -46.89 6.60 48.19
CA GLY B 284 -47.73 7.65 47.62
C GLY B 284 -49.15 7.64 48.13
N ASN B 285 -49.89 8.71 47.79
CA ASN B 285 -51.29 8.88 48.16
C ASN B 285 -52.24 8.11 47.24
N PHE B 286 -51.77 7.69 46.05
CA PHE B 286 -52.65 7.01 45.08
C PHE B 286 -52.06 5.69 44.53
N PRO B 287 -51.78 4.68 45.38
CA PRO B 287 -51.18 3.44 44.87
C PRO B 287 -52.05 2.63 43.90
N VAL B 288 -53.36 2.54 44.17
CA VAL B 288 -54.29 1.79 43.33
C VAL B 288 -54.46 2.48 41.99
N GLU B 289 -54.57 3.82 42.00
CA GLU B 289 -54.74 4.64 40.80
C GLU B 289 -53.49 4.57 39.91
N ALA B 290 -52.31 4.46 40.50
CA ALA B 290 -51.07 4.33 39.77
C ALA B 290 -51.05 2.98 39.02
N VAL B 291 -51.53 1.90 39.66
CA VAL B 291 -51.62 0.57 39.04
C VAL B 291 -52.65 0.60 37.90
N LYS B 292 -53.80 1.25 38.13
CA LYS B 292 -54.84 1.37 37.11
C LYS B 292 -54.35 2.15 35.88
N MET B 293 -53.54 3.18 36.11
CA MET B 293 -53.01 4.00 35.03
C MET B 293 -52.01 3.20 34.18
N GLN B 294 -51.12 2.46 34.83
CA GLN B 294 -50.17 1.62 34.10
C GLN B 294 -50.90 0.54 33.29
N HIS B 295 -51.97 -0.02 33.85
CA HIS B 295 -52.78 -1.03 33.18
C HIS B 295 -53.39 -0.44 31.90
N ALA B 296 -54.00 0.74 32.02
CA ALA B 296 -54.65 1.41 30.91
C ALA B 296 -53.67 1.76 29.78
N ILE B 297 -52.48 2.32 30.13
CA ILE B 297 -51.48 2.69 29.14
C ILE B 297 -50.88 1.47 28.44
N ALA B 298 -50.51 0.43 29.22
CA ALA B 298 -49.93 -0.81 28.65
C ALA B 298 -50.84 -1.45 27.63
N ARG B 299 -52.16 -1.49 27.89
CA ARG B 299 -53.11 -2.07 26.93
C ARG B 299 -53.10 -1.30 25.62
N GLU B 300 -53.09 0.03 25.70
CA GLU B 300 -53.10 0.85 24.50
C GLU B 300 -51.80 0.66 23.73
N ALA B 301 -50.66 0.63 24.43
CA ALA B 301 -49.37 0.51 23.79
C ALA B 301 -49.13 -0.86 23.16
N GLU B 302 -49.65 -1.93 23.78
CA GLU B 302 -49.51 -3.27 23.23
C GLU B 302 -50.20 -3.40 21.89
N ALA B 303 -51.39 -2.80 21.75
CA ALA B 303 -52.13 -2.84 20.49
C ALA B 303 -51.40 -2.06 19.40
N ALA B 304 -50.62 -1.02 19.76
CA ALA B 304 -49.88 -0.18 18.82
C ALA B 304 -48.53 -0.77 18.40
N VAL B 305 -48.15 -1.97 18.91
CA VAL B 305 -46.90 -2.62 18.52
C VAL B 305 -46.98 -3.00 17.03
N TYR B 306 -45.92 -2.74 16.27
CA TYR B 306 -45.88 -3.03 14.84
C TYR B 306 -45.42 -4.47 14.63
N HIS B 307 -46.30 -5.43 14.89
CA HIS B 307 -45.97 -6.86 14.79
C HIS B 307 -45.43 -7.31 13.45
N ARG B 308 -45.85 -6.69 12.34
CA ARG B 308 -45.37 -7.07 11.02
C ARG B 308 -43.85 -7.03 10.90
N GLN B 309 -43.19 -5.92 11.32
CA GLN B 309 -41.73 -5.88 11.27
C GLN B 309 -41.12 -6.54 12.50
N LEU B 310 -41.75 -6.41 13.67
CA LEU B 310 -41.23 -7.01 14.90
C LEU B 310 -41.06 -8.53 14.77
N PHE B 311 -42.10 -9.25 14.33
CA PHE B 311 -42.03 -10.70 14.18
C PHE B 311 -40.97 -11.10 13.15
N GLU B 312 -40.89 -10.39 12.02
CA GLU B 312 -39.88 -10.66 10.99
C GLU B 312 -38.47 -10.47 11.52
N GLU B 313 -38.25 -9.45 12.36
CA GLU B 313 -36.93 -9.19 12.92
C GLU B 313 -36.56 -10.18 14.01
N LEU B 314 -37.53 -10.60 14.84
CA LEU B 314 -37.28 -11.60 15.88
C LEU B 314 -36.94 -12.93 15.20
N ARG B 315 -37.65 -13.30 14.12
CA ARG B 315 -37.37 -14.50 13.35
C ARG B 315 -36.00 -14.47 12.71
N ARG B 316 -35.66 -13.38 12.03
CA ARG B 316 -34.39 -13.22 11.33
C ARG B 316 -33.20 -13.22 12.32
N ALA B 317 -33.36 -12.56 13.47
CA ALA B 317 -32.28 -12.44 14.45
C ALA B 317 -32.07 -13.71 15.26
N ALA B 318 -33.14 -14.49 15.49
CA ALA B 318 -33.03 -15.71 16.29
C ALA B 318 -32.26 -16.76 15.48
N PRO B 319 -31.27 -17.40 16.11
CA PRO B 319 -30.49 -18.41 15.38
C PRO B 319 -31.28 -19.68 15.14
N LEU B 320 -30.82 -20.50 14.19
CA LEU B 320 -31.46 -21.78 13.91
C LEU B 320 -31.39 -22.67 15.14
N SER B 321 -32.41 -23.52 15.32
CA SER B 321 -32.43 -24.34 16.51
C SER B 321 -32.84 -25.73 16.25
N ARG B 322 -32.18 -26.66 16.94
CA ARG B 322 -32.56 -28.07 16.85
C ARG B 322 -33.32 -28.51 18.12
N ASP B 323 -33.73 -27.56 19.00
CA ASP B 323 -34.50 -27.83 20.20
C ASP B 323 -35.97 -27.86 19.81
N PRO B 324 -36.66 -28.99 20.00
CA PRO B 324 -38.07 -29.07 19.59
C PRO B 324 -39.01 -28.05 20.26
N THR B 325 -38.73 -27.59 21.49
CA THR B 325 -39.57 -26.59 22.14
C THR B 325 -39.46 -25.28 21.38
N GLU B 326 -38.22 -24.89 21.03
CA GLU B 326 -37.84 -23.70 20.27
C GLU B 326 -38.53 -23.73 18.87
N VAL B 327 -38.45 -24.88 18.17
CA VAL B 327 -39.05 -25.08 16.86
C VAL B 327 -40.59 -25.04 16.90
N THR B 328 -41.19 -25.67 17.91
CA THR B 328 -42.65 -25.68 18.07
C THR B 328 -43.15 -24.28 18.38
N ALA B 329 -42.43 -23.53 19.22
CA ALA B 329 -42.82 -22.18 19.59
C ALA B 329 -42.92 -21.23 18.37
N ILE B 330 -41.93 -21.23 17.47
CA ILE B 330 -42.00 -20.37 16.29
C ILE B 330 -43.12 -20.82 15.33
N GLY B 331 -43.31 -22.11 15.18
CA GLY B 331 -44.39 -22.64 14.34
C GLY B 331 -45.76 -22.25 14.88
N ALA B 332 -45.92 -22.29 16.23
CA ALA B 332 -47.18 -21.93 16.88
C ALA B 332 -47.48 -20.43 16.76
N VAL B 333 -46.45 -19.57 16.89
CA VAL B 333 -46.64 -18.13 16.78
C VAL B 333 -46.98 -17.77 15.33
N GLU B 334 -46.35 -18.42 14.36
CA GLU B 334 -46.64 -18.23 12.95
C GLU B 334 -48.09 -18.63 12.65
N ALA B 335 -48.53 -19.78 13.19
CA ALA B 335 -49.90 -20.27 13.02
C ALA B 335 -50.90 -19.31 13.66
N ALA B 336 -50.62 -18.81 14.86
CA ALA B 336 -51.48 -17.85 15.54
C ALA B 336 -51.69 -16.55 14.72
N PHE B 337 -50.61 -16.03 14.07
CA PHE B 337 -50.74 -14.82 13.27
C PHE B 337 -51.57 -15.08 12.01
N LYS B 338 -51.44 -16.26 11.40
CA LYS B 338 -52.12 -16.63 10.17
C LYS B 338 -53.64 -16.63 10.30
N CYS B 339 -54.16 -17.06 11.47
CA CYS B 339 -55.60 -17.14 11.68
C CYS B 339 -56.16 -16.12 12.67
N CYS B 340 -55.32 -15.22 13.20
CA CYS B 340 -55.73 -14.24 14.22
C CYS B 340 -56.23 -14.98 15.44
N ALA B 341 -55.51 -16.04 15.87
CA ALA B 341 -55.87 -16.88 17.01
C ALA B 341 -56.09 -16.05 18.24
N ALA B 342 -57.14 -16.36 18.99
CA ALA B 342 -57.45 -15.63 20.21
C ALA B 342 -56.41 -15.93 21.30
N ALA B 343 -55.87 -17.17 21.30
CA ALA B 343 -54.91 -17.56 22.32
C ALA B 343 -54.03 -18.73 21.85
N ILE B 344 -52.92 -18.95 22.55
CA ILE B 344 -52.05 -20.08 22.39
C ILE B 344 -52.09 -20.72 23.77
N ILE B 345 -52.67 -21.92 23.90
CA ILE B 345 -52.73 -22.61 25.18
C ILE B 345 -51.53 -23.53 25.26
N VAL B 346 -50.70 -23.38 26.29
CA VAL B 346 -49.49 -24.18 26.42
C VAL B 346 -49.42 -24.87 27.78
N LEU B 347 -48.99 -26.14 27.78
CA LEU B 347 -48.84 -26.90 29.01
C LEU B 347 -47.40 -26.75 29.39
N THR B 348 -47.13 -26.31 30.63
CA THR B 348 -45.74 -26.09 31.06
C THR B 348 -45.52 -26.48 32.51
N THR B 349 -44.32 -26.98 32.83
CA THR B 349 -43.98 -27.39 34.19
C THR B 349 -43.15 -26.30 34.84
N THR B 350 -42.11 -25.82 34.13
CA THR B 350 -41.20 -24.79 34.61
C THR B 350 -41.51 -23.38 34.09
N GLY B 351 -42.41 -23.27 33.12
CA GLY B 351 -42.72 -22.01 32.46
C GLY B 351 -41.92 -21.81 31.18
N ARG B 352 -40.89 -22.64 30.92
CA ARG B 352 -40.03 -22.51 29.73
C ARG B 352 -40.76 -22.51 28.39
N SER B 353 -41.74 -23.40 28.18
CA SER B 353 -42.45 -23.45 26.90
C SER B 353 -43.24 -22.18 26.65
N ALA B 354 -43.78 -21.57 27.71
CA ALA B 354 -44.53 -20.33 27.59
C ALA B 354 -43.54 -19.18 27.28
N GLN B 355 -42.34 -19.20 27.91
CA GLN B 355 -41.31 -18.20 27.68
C GLN B 355 -40.84 -18.21 26.22
N LEU B 356 -40.63 -19.40 25.62
CA LEU B 356 -40.22 -19.49 24.22
C LEU B 356 -41.31 -19.03 23.26
N LEU B 357 -42.58 -19.09 23.65
CA LEU B 357 -43.66 -18.57 22.81
C LEU B 357 -43.63 -17.03 22.90
N SER B 358 -43.52 -16.50 24.13
CA SER B 358 -43.47 -15.10 24.49
C SER B 358 -42.36 -14.32 23.79
N ARG B 359 -41.19 -14.94 23.55
CA ARG B 359 -40.05 -14.26 22.91
C ARG B 359 -40.36 -13.82 21.45
N TYR B 360 -41.32 -14.46 20.77
CA TYR B 360 -41.69 -14.07 19.41
C TYR B 360 -42.79 -13.00 19.37
N ARG B 361 -43.20 -12.50 20.55
CA ARG B 361 -44.17 -11.45 20.73
C ARG B 361 -45.45 -11.68 19.95
N PRO B 362 -46.15 -12.80 20.18
CA PRO B 362 -47.42 -13.00 19.48
C PRO B 362 -48.46 -11.99 19.97
N ARG B 363 -49.42 -11.69 19.11
CA ARG B 363 -50.54 -10.86 19.47
C ARG B 363 -51.51 -11.72 20.34
N ALA B 364 -51.61 -13.04 20.06
CA ALA B 364 -52.44 -13.99 20.80
C ALA B 364 -51.94 -14.15 22.23
N ALA B 365 -52.87 -14.21 23.18
CA ALA B 365 -52.51 -14.41 24.60
C ALA B 365 -51.91 -15.81 24.77
N VAL B 366 -50.86 -15.95 25.58
CA VAL B 366 -50.26 -17.25 25.83
C VAL B 366 -50.83 -17.72 27.15
N ILE B 367 -51.83 -18.60 27.11
CA ILE B 367 -52.44 -19.14 28.33
C ILE B 367 -51.63 -20.35 28.79
N ALA B 368 -50.88 -20.18 29.89
CA ALA B 368 -50.00 -21.24 30.38
C ALA B 368 -50.64 -22.04 31.50
N VAL B 369 -50.91 -23.32 31.25
CA VAL B 369 -51.51 -24.20 32.26
C VAL B 369 -50.43 -24.99 32.96
N THR B 370 -50.31 -24.80 34.28
CA THR B 370 -49.27 -25.45 35.06
C THR B 370 -49.76 -25.95 36.41
N ARG B 371 -49.10 -26.99 36.93
CA ARG B 371 -49.38 -27.50 38.27
C ARG B 371 -48.46 -26.83 39.31
N SER B 372 -47.33 -26.24 38.86
CA SER B 372 -46.38 -25.58 39.72
C SER B 372 -46.85 -24.17 40.10
N ALA B 373 -47.14 -23.95 41.40
CA ALA B 373 -47.57 -22.64 41.88
C ALA B 373 -46.44 -21.61 41.68
N GLN B 374 -45.18 -22.02 41.87
CA GLN B 374 -44.04 -21.13 41.67
C GLN B 374 -43.90 -20.71 40.20
N ALA B 375 -44.02 -21.66 39.25
CA ALA B 375 -43.94 -21.36 37.82
C ALA B 375 -45.08 -20.42 37.43
N ALA B 376 -46.29 -20.64 37.96
CA ALA B 376 -47.43 -19.76 37.68
C ALA B 376 -47.15 -18.31 38.13
N ARG B 377 -46.44 -18.11 39.25
CA ARG B 377 -46.09 -16.77 39.71
C ARG B 377 -44.96 -16.18 38.88
N GLN B 378 -43.94 -16.99 38.59
CA GLN B 378 -42.77 -16.54 37.85
C GLN B 378 -43.03 -16.22 36.36
N VAL B 379 -44.04 -16.85 35.69
CA VAL B 379 -44.28 -16.56 34.28
C VAL B 379 -44.82 -15.14 34.05
N HIS B 380 -45.17 -14.42 35.13
CA HIS B 380 -45.56 -13.01 35.03
C HIS B 380 -44.38 -12.16 34.50
N LEU B 381 -43.13 -12.65 34.60
CA LEU B 381 -41.98 -11.94 34.08
C LEU B 381 -41.98 -11.89 32.53
N CYS B 382 -42.71 -12.79 31.85
CA CYS B 382 -42.74 -12.89 30.38
C CYS B 382 -43.96 -12.25 29.83
N ARG B 383 -43.77 -11.28 28.91
CA ARG B 383 -44.90 -10.57 28.33
C ARG B 383 -45.89 -11.49 27.63
N GLY B 384 -47.16 -11.31 27.92
CA GLY B 384 -48.24 -12.03 27.26
C GLY B 384 -48.51 -13.42 27.77
N VAL B 385 -47.92 -13.81 28.90
CA VAL B 385 -48.19 -15.11 29.49
C VAL B 385 -49.19 -14.97 30.63
N PHE B 386 -50.33 -15.65 30.51
CA PHE B 386 -51.41 -15.64 31.49
C PHE B 386 -51.43 -16.99 32.21
N PRO B 387 -50.89 -17.03 33.45
CA PRO B 387 -50.81 -18.31 34.17
C PRO B 387 -52.10 -18.85 34.76
N LEU B 388 -52.31 -20.16 34.60
CA LEU B 388 -53.44 -20.84 35.19
C LEU B 388 -52.91 -21.96 36.06
N LEU B 389 -53.16 -21.87 37.37
CA LEU B 389 -52.71 -22.92 38.27
C LEU B 389 -53.76 -24.03 38.31
N TYR B 390 -53.38 -25.22 37.83
CA TYR B 390 -54.24 -26.41 37.78
C TYR B 390 -54.06 -27.15 39.11
N ARG B 391 -55.16 -27.35 39.84
CA ARG B 391 -55.11 -27.99 41.15
C ARG B 391 -55.62 -29.44 41.17
N GLU B 392 -56.23 -29.92 40.08
CA GLU B 392 -56.79 -31.27 40.01
C GLU B 392 -55.77 -32.42 40.11
N PRO B 393 -56.16 -33.54 40.75
CA PRO B 393 -55.25 -34.70 40.82
C PRO B 393 -55.15 -35.41 39.47
N PRO B 394 -54.00 -36.04 39.18
CA PRO B 394 -53.81 -36.66 37.87
C PRO B 394 -54.77 -37.77 37.49
N GLU B 395 -55.07 -37.87 36.19
CA GLU B 395 -55.85 -38.95 35.60
C GLU B 395 -54.91 -40.16 35.43
N ALA B 396 -55.46 -41.38 35.40
CA ALA B 396 -54.66 -42.59 35.26
C ALA B 396 -53.97 -42.63 33.89
N ILE B 397 -54.71 -42.24 32.83
CA ILE B 397 -54.15 -42.19 31.49
C ILE B 397 -53.58 -40.79 31.22
N TRP B 398 -52.25 -40.70 31.00
CA TRP B 398 -51.55 -39.44 30.73
C TRP B 398 -52.19 -38.59 29.62
N ALA B 399 -52.55 -39.18 28.48
CA ALA B 399 -53.19 -38.44 27.39
C ALA B 399 -54.50 -37.79 27.83
N ASP B 400 -55.25 -38.43 28.74
CA ASP B 400 -56.51 -37.87 29.26
C ASP B 400 -56.22 -36.72 30.22
N ASP B 401 -55.14 -36.83 31.01
CA ASP B 401 -54.72 -35.79 31.94
C ASP B 401 -54.29 -34.53 31.17
N VAL B 402 -53.62 -34.72 30.02
CA VAL B 402 -53.21 -33.65 29.13
C VAL B 402 -54.45 -32.96 28.59
N ASP B 403 -55.41 -33.74 28.04
CA ASP B 403 -56.66 -33.20 27.50
C ASP B 403 -57.47 -32.43 28.53
N ARG B 404 -57.49 -32.90 29.78
CA ARG B 404 -58.22 -32.19 30.83
C ARG B 404 -57.59 -30.83 31.11
N ARG B 405 -56.25 -30.77 31.07
CA ARG B 405 -55.51 -29.55 31.29
C ARG B 405 -55.76 -28.54 30.18
N VAL B 406 -55.87 -29.00 28.93
CA VAL B 406 -56.15 -28.17 27.77
C VAL B 406 -57.58 -27.61 27.88
N GLN B 407 -58.53 -28.46 28.27
CA GLN B 407 -59.92 -28.05 28.45
C GLN B 407 -60.05 -27.05 29.59
N PHE B 408 -59.26 -27.20 30.67
CA PHE B 408 -59.23 -26.23 31.77
C PHE B 408 -58.78 -24.85 31.26
N GLY B 409 -57.82 -24.84 30.34
CA GLY B 409 -57.34 -23.62 29.70
C GLY B 409 -58.41 -22.96 28.86
N ILE B 410 -59.21 -23.75 28.11
CA ILE B 410 -60.30 -23.25 27.28
C ILE B 410 -61.44 -22.71 28.15
N GLU B 411 -61.82 -23.44 29.22
CA GLU B 411 -62.89 -23.01 30.12
C GLU B 411 -62.50 -21.75 30.87
N SER B 412 -61.24 -21.64 31.36
CA SER B 412 -60.79 -20.40 32.01
C SER B 412 -60.72 -19.26 30.99
N GLY B 413 -60.34 -19.58 29.74
CA GLY B 413 -60.26 -18.64 28.65
C GLY B 413 -61.60 -18.07 28.25
N LYS B 414 -62.65 -18.89 28.29
CA LYS B 414 -64.02 -18.46 28.01
C LYS B 414 -64.56 -17.63 29.18
N LEU B 415 -64.26 -18.09 30.42
CA LEU B 415 -64.67 -17.40 31.64
C LEU B 415 -64.02 -16.05 31.72
N ARG B 416 -62.74 -15.89 31.40
CA ARG B 416 -62.09 -14.58 31.53
C ARG B 416 -62.30 -13.64 30.33
N GLY B 417 -62.94 -14.11 29.27
CA GLY B 417 -63.20 -13.30 28.09
C GLY B 417 -62.18 -13.40 26.96
N PHE B 418 -61.14 -14.22 27.12
CA PHE B 418 -60.13 -14.42 26.08
C PHE B 418 -60.70 -15.16 24.88
N LEU B 419 -61.63 -16.10 25.11
CA LEU B 419 -62.14 -16.94 24.04
C LEU B 419 -63.65 -16.93 23.93
N ARG B 420 -64.11 -17.11 22.70
CA ARG B 420 -65.51 -17.18 22.33
C ARG B 420 -65.71 -18.37 21.38
N VAL B 421 -66.94 -18.89 21.30
CA VAL B 421 -67.26 -19.99 20.40
C VAL B 421 -67.01 -19.51 18.94
N GLY B 422 -66.33 -20.32 18.15
CA GLY B 422 -65.97 -19.95 16.79
C GLY B 422 -64.52 -19.48 16.66
N ASP B 423 -63.87 -19.13 17.79
CA ASP B 423 -62.48 -18.71 17.78
C ASP B 423 -61.54 -19.86 17.43
N LEU B 424 -60.36 -19.54 16.92
CA LEU B 424 -59.32 -20.53 16.67
C LEU B 424 -58.28 -20.37 17.76
N VAL B 425 -57.76 -21.50 18.18
CA VAL B 425 -56.80 -21.54 19.25
C VAL B 425 -55.62 -22.46 18.85
N ILE B 426 -54.42 -22.12 19.30
CA ILE B 426 -53.25 -22.94 19.00
C ILE B 426 -52.91 -23.63 20.30
N VAL B 427 -52.77 -24.97 20.30
CA VAL B 427 -52.48 -25.71 21.54
C VAL B 427 -51.09 -26.30 21.44
N VAL B 428 -50.23 -26.00 22.41
CA VAL B 428 -48.86 -26.47 22.43
C VAL B 428 -48.67 -27.44 23.58
N THR B 429 -48.31 -28.69 23.26
CA THR B 429 -48.11 -29.78 24.23
C THR B 429 -46.82 -30.58 23.86
N GLY B 430 -46.47 -31.56 24.69
CA GLY B 430 -45.34 -32.45 24.47
C GLY B 430 -45.79 -33.88 24.20
N TRP B 431 -44.84 -34.76 23.88
CA TRP B 431 -45.16 -36.14 23.53
C TRP B 431 -45.05 -37.15 24.72
N ARG B 432 -44.40 -36.73 25.79
CA ARG B 432 -44.23 -37.54 27.00
C ARG B 432 -44.23 -36.64 28.24
N PRO B 433 -44.51 -37.17 29.44
CA PRO B 433 -44.50 -36.31 30.64
C PRO B 433 -43.13 -35.76 31.01
N GLY B 434 -43.13 -34.76 31.87
CA GLY B 434 -41.90 -34.13 32.30
C GLY B 434 -41.52 -32.92 31.47
N SER B 435 -40.68 -32.08 32.03
CA SER B 435 -40.19 -30.86 31.42
C SER B 435 -39.21 -31.15 30.26
N GLY B 436 -39.24 -30.31 29.23
CA GLY B 436 -38.32 -30.40 28.10
C GLY B 436 -38.74 -31.19 26.88
N TYR B 437 -40.01 -31.61 26.79
CA TYR B 437 -40.45 -32.44 25.66
C TYR B 437 -41.53 -31.83 24.79
N THR B 438 -41.78 -30.52 24.89
CA THR B 438 -42.77 -29.84 24.02
C THR B 438 -42.40 -30.02 22.56
N ASN B 439 -43.32 -30.51 21.73
CA ASN B 439 -43.02 -30.76 20.32
C ASN B 439 -44.27 -30.79 19.42
N ILE B 440 -45.44 -30.48 19.97
CA ILE B 440 -46.68 -30.56 19.22
C ILE B 440 -47.45 -29.24 19.22
N MET B 441 -47.96 -28.88 18.07
CA MET B 441 -48.79 -27.71 17.91
CA MET B 441 -48.77 -27.70 17.86
C MET B 441 -50.08 -28.15 17.20
N ARG B 442 -51.24 -27.77 17.78
CA ARG B 442 -52.54 -28.16 17.22
C ARG B 442 -53.42 -26.94 16.98
N VAL B 443 -54.17 -26.93 15.88
CA VAL B 443 -55.11 -25.86 15.59
C VAL B 443 -56.49 -26.37 16.00
N LEU B 444 -57.13 -25.71 16.97
CA LEU B 444 -58.45 -26.14 17.45
CA LEU B 444 -58.44 -26.15 17.46
C LEU B 444 -59.51 -25.06 17.31
N SER B 445 -60.73 -25.46 16.91
CA SER B 445 -61.84 -24.52 16.78
C SER B 445 -62.65 -24.57 18.08
N ILE B 446 -62.89 -23.42 18.71
CA ILE B 446 -63.62 -23.36 19.98
C ILE B 446 -65.12 -23.64 19.81
N SER B 447 -65.61 -24.65 20.52
CA SER B 447 -67.04 -24.99 20.48
C SER B 447 -67.72 -24.71 21.84
N GLU C 21 -50.99 15.73 -15.75
CA GLU C 21 -49.66 16.21 -16.11
C GLU C 21 -48.99 15.32 -17.18
N LEU C 22 -48.94 13.99 -16.92
CA LEU C 22 -48.37 13.04 -17.88
C LEU C 22 -49.45 12.12 -18.51
N GLY C 23 -50.55 11.92 -17.80
CA GLY C 23 -51.66 11.11 -18.27
C GLY C 23 -51.62 9.67 -17.79
N THR C 24 -52.80 9.04 -17.72
CA THR C 24 -52.92 7.64 -17.30
C THR C 24 -52.23 6.70 -18.30
N ALA C 25 -52.27 7.05 -19.61
CA ALA C 25 -51.63 6.28 -20.67
C ALA C 25 -50.13 6.19 -20.47
N PHE C 26 -49.50 7.27 -19.96
CA PHE C 26 -48.06 7.29 -19.70
C PHE C 26 -47.69 6.21 -18.67
N PHE C 27 -48.49 6.12 -17.60
CA PHE C 27 -48.23 5.17 -16.51
C PHE C 27 -48.67 3.72 -16.82
N GLN C 28 -49.24 3.45 -18.00
CA GLN C 28 -49.59 2.09 -18.40
C GLN C 28 -48.47 1.47 -19.29
N GLN C 29 -47.68 2.32 -19.99
CA GLN C 29 -46.58 1.91 -20.85
C GLN C 29 -45.33 1.54 -20.02
N GLN C 30 -44.31 0.97 -20.70
CA GLN C 30 -42.99 0.56 -20.20
C GLN C 30 -43.01 -0.13 -18.82
N GLN C 31 -44.00 -1.02 -18.61
CA GLN C 31 -44.22 -1.80 -17.37
C GLN C 31 -44.21 -0.95 -16.11
N LEU C 32 -44.70 0.31 -16.19
CA LEU C 32 -44.72 1.19 -15.03
C LEU C 32 -45.59 0.64 -13.86
N PRO C 33 -46.77 0.02 -14.08
CA PRO C 33 -47.48 -0.60 -12.95
C PRO C 33 -46.64 -1.69 -12.25
N ALA C 34 -45.89 -2.52 -13.02
CA ALA C 34 -45.03 -3.56 -12.45
C ALA C 34 -43.81 -2.97 -11.70
N ALA C 35 -43.34 -1.80 -12.16
CA ALA C 35 -42.21 -1.12 -11.55
C ALA C 35 -42.57 -0.48 -10.21
N MET C 36 -43.85 -0.09 -10.02
CA MET C 36 -44.33 0.53 -8.78
C MET C 36 -44.68 -0.48 -7.69
N ALA C 37 -44.59 -1.80 -7.97
CA ALA C 37 -44.96 -2.84 -7.00
C ALA C 37 -44.11 -2.85 -5.74
N ASP C 38 -44.71 -3.22 -4.61
CA ASP C 38 -44.03 -3.25 -3.31
C ASP C 38 -43.21 -4.52 -3.06
N THR C 39 -43.48 -5.59 -3.81
CA THR C 39 -42.73 -6.84 -3.69
C THR C 39 -42.35 -7.34 -5.08
N PHE C 40 -41.32 -8.19 -5.16
CA PHE C 40 -40.90 -8.78 -6.41
C PHE C 40 -42.01 -9.70 -6.97
N LEU C 41 -42.71 -10.41 -6.08
CA LEU C 41 -43.83 -11.27 -6.49
C LEU C 41 -44.94 -10.47 -7.17
N GLU C 42 -45.32 -9.32 -6.59
CA GLU C 42 -46.33 -8.41 -7.14
C GLU C 42 -45.86 -7.84 -8.49
N HIS C 43 -44.54 -7.52 -8.58
CA HIS C 43 -43.91 -7.00 -9.78
C HIS C 43 -44.08 -8.00 -10.92
N LEU C 44 -43.79 -9.31 -10.65
CA LEU C 44 -43.96 -10.36 -11.65
C LEU C 44 -45.42 -10.45 -12.08
N CYS C 45 -46.35 -10.44 -11.11
CA CYS C 45 -47.80 -10.54 -11.35
C CYS C 45 -48.34 -9.39 -12.21
N LEU C 46 -47.71 -8.21 -12.13
CA LEU C 46 -48.15 -7.03 -12.87
C LEU C 46 -47.52 -6.86 -14.25
N LEU C 47 -46.64 -7.78 -14.68
CA LEU C 47 -46.03 -7.67 -16.01
C LEU C 47 -47.13 -7.84 -17.06
N ASP C 48 -47.18 -6.94 -18.03
CA ASP C 48 -48.25 -6.88 -19.01
C ASP C 48 -47.72 -6.95 -20.43
N ILE C 49 -48.15 -7.94 -21.23
CA ILE C 49 -47.74 -8.03 -22.63
C ILE C 49 -48.26 -6.85 -23.48
N ASP C 50 -49.31 -6.16 -23.02
CA ASP C 50 -49.87 -5.01 -23.72
C ASP C 50 -49.19 -3.70 -23.33
N SER C 51 -48.29 -3.70 -22.34
CA SER C 51 -47.57 -2.53 -21.92
C SER C 51 -46.36 -2.39 -22.85
N GLU C 52 -46.42 -1.42 -23.78
CA GLU C 52 -45.37 -1.25 -24.77
C GLU C 52 -44.14 -0.51 -24.28
N PRO C 53 -42.94 -0.97 -24.68
CA PRO C 53 -41.72 -0.25 -24.29
C PRO C 53 -41.65 1.12 -25.00
N VAL C 54 -41.23 2.16 -24.26
CA VAL C 54 -41.13 3.49 -24.85
C VAL C 54 -39.69 3.97 -24.94
N ALA C 55 -38.87 3.64 -23.93
CA ALA C 55 -37.48 4.05 -23.89
C ALA C 55 -36.63 3.40 -25.00
N ALA C 56 -35.51 4.06 -25.34
CA ALA C 56 -34.57 3.53 -26.33
C ALA C 56 -33.87 2.30 -25.71
N ARG C 57 -33.51 1.32 -26.56
CA ARG C 57 -32.85 0.10 -26.13
C ARG C 57 -31.48 0.42 -25.55
N SER C 58 -31.26 0.00 -24.31
CA SER C 58 -30.08 0.34 -23.59
C SER C 58 -28.99 -0.75 -23.51
N THR C 59 -29.30 -2.04 -23.77
CA THR C 59 -28.28 -3.10 -23.74
C THR C 59 -27.65 -3.15 -25.12
N SER C 60 -26.33 -2.97 -25.21
CA SER C 60 -25.66 -2.97 -26.51
C SER C 60 -25.61 -4.34 -27.16
N ILE C 61 -25.63 -4.34 -28.49
CA ILE C 61 -25.54 -5.58 -29.24
C ILE C 61 -24.17 -5.65 -29.89
N ILE C 62 -23.44 -6.75 -29.61
CA ILE C 62 -22.14 -6.99 -30.22
C ILE C 62 -22.39 -8.02 -31.31
N ALA C 63 -22.02 -7.70 -32.56
CA ALA C 63 -22.21 -8.65 -33.65
C ALA C 63 -20.87 -9.10 -34.17
N THR C 64 -20.68 -10.41 -34.33
CA THR C 64 -19.42 -10.93 -34.87
C THR C 64 -19.41 -10.79 -36.38
N ILE C 65 -18.35 -10.17 -36.93
CA ILE C 65 -18.22 -9.95 -38.36
C ILE C 65 -17.57 -11.19 -39.02
N GLY C 66 -18.16 -11.65 -40.11
CA GLY C 66 -17.66 -12.79 -40.88
C GLY C 66 -18.16 -12.75 -42.31
N PRO C 67 -18.08 -13.89 -43.03
CA PRO C 67 -18.55 -13.90 -44.42
C PRO C 67 -19.99 -13.40 -44.61
N ALA C 68 -20.89 -13.71 -43.67
CA ALA C 68 -22.29 -13.31 -43.77
C ALA C 68 -22.56 -11.83 -43.43
N SER C 69 -21.58 -11.11 -42.89
CA SER C 69 -21.79 -9.74 -42.46
C SER C 69 -20.59 -8.84 -42.75
N ARG C 70 -19.90 -9.08 -43.84
CA ARG C 70 -18.68 -8.33 -44.16
C ARG C 70 -18.86 -7.19 -45.14
N SER C 71 -19.82 -7.33 -46.05
CA SER C 71 -20.02 -6.29 -47.06
C SER C 71 -20.49 -4.97 -46.45
N VAL C 72 -20.11 -3.85 -47.09
CA VAL C 72 -20.48 -2.51 -46.64
C VAL C 72 -22.00 -2.35 -46.60
N GLU C 73 -22.69 -2.91 -47.61
CA GLU C 73 -24.15 -2.84 -47.68
C GLU C 73 -24.81 -3.64 -46.56
N ARG C 74 -24.26 -4.81 -46.24
CA ARG C 74 -24.78 -5.67 -45.18
C ARG C 74 -24.54 -5.01 -43.80
N LEU C 75 -23.36 -4.41 -43.61
CA LEU C 75 -23.00 -3.70 -42.39
C LEU C 75 -23.89 -2.48 -42.12
N LYS C 76 -24.32 -1.77 -43.18
CA LYS C 76 -25.23 -0.64 -43.04
C LYS C 76 -26.59 -1.12 -42.52
N GLU C 77 -27.04 -2.28 -42.98
CA GLU C 77 -28.30 -2.86 -42.53
C GLU C 77 -28.19 -3.29 -41.07
N MET C 78 -27.01 -3.83 -40.67
CA MET C 78 -26.80 -4.25 -39.28
CA MET C 78 -26.80 -4.25 -39.29
C MET C 78 -26.69 -3.07 -38.33
N ILE C 79 -26.15 -1.93 -38.81
CA ILE C 79 -26.07 -0.71 -38.01
C ILE C 79 -27.50 -0.21 -37.78
N LYS C 80 -28.34 -0.23 -38.84
CA LYS C 80 -29.74 0.18 -38.77
C LYS C 80 -30.57 -0.75 -37.89
N ALA C 81 -30.24 -2.04 -37.87
CA ALA C 81 -30.92 -3.02 -37.04
C ALA C 81 -30.58 -2.86 -35.53
N GLY C 82 -29.43 -2.26 -35.22
CA GLY C 82 -29.03 -2.04 -33.84
C GLY C 82 -27.64 -2.46 -33.40
N MET C 83 -26.77 -2.92 -34.31
CA MET C 83 -25.40 -3.30 -33.93
C MET C 83 -24.62 -2.09 -33.39
N ASN C 84 -24.03 -2.24 -32.19
CA ASN C 84 -23.27 -1.13 -31.55
C ASN C 84 -21.76 -1.39 -31.53
N ILE C 85 -21.38 -2.70 -31.47
CA ILE C 85 -20.01 -3.13 -31.41
C ILE C 85 -19.81 -4.23 -32.45
N ALA C 86 -18.75 -4.10 -33.25
CA ALA C 86 -18.39 -5.09 -34.26
C ALA C 86 -17.26 -5.94 -33.69
N ARG C 87 -17.47 -7.26 -33.58
CA ARG C 87 -16.46 -8.17 -33.05
C ARG C 87 -15.68 -8.87 -34.16
N LEU C 88 -14.35 -8.80 -34.11
CA LEU C 88 -13.49 -9.49 -35.06
C LEU C 88 -12.90 -10.70 -34.36
N ASN C 89 -13.26 -11.91 -34.80
CA ASN C 89 -12.77 -13.13 -34.17
C ASN C 89 -11.43 -13.50 -34.74
N PHE C 90 -10.35 -13.25 -34.00
CA PHE C 90 -9.01 -13.55 -34.48
C PHE C 90 -8.66 -15.05 -34.42
N SER C 91 -9.61 -15.92 -34.06
CA SER C 91 -9.43 -17.36 -34.16
C SER C 91 -9.48 -17.83 -35.63
N HIS C 92 -10.03 -17.00 -36.54
CA HIS C 92 -10.14 -17.31 -37.97
C HIS C 92 -9.70 -16.08 -38.78
N GLY C 93 -9.16 -16.32 -39.97
CA GLY C 93 -8.77 -15.24 -40.86
C GLY C 93 -7.43 -14.60 -40.58
N SER C 94 -6.87 -13.98 -41.62
CA SER C 94 -5.56 -13.34 -41.53
C SER C 94 -5.70 -11.87 -41.10
N HIS C 95 -4.56 -11.19 -40.86
CA HIS C 95 -4.55 -9.77 -40.55
C HIS C 95 -5.13 -8.96 -41.71
N GLU C 96 -4.87 -9.39 -42.95
CA GLU C 96 -5.36 -8.73 -44.16
C GLU C 96 -6.89 -8.80 -44.22
N TYR C 97 -7.46 -9.96 -43.85
CA TYR C 97 -8.89 -10.19 -43.82
C TYR C 97 -9.54 -9.27 -42.78
N HIS C 98 -9.00 -9.24 -41.54
CA HIS C 98 -9.53 -8.40 -40.48
C HIS C 98 -9.37 -6.91 -40.76
N ALA C 99 -8.28 -6.49 -41.43
CA ALA C 99 -8.10 -5.08 -41.78
C ALA C 99 -9.18 -4.64 -42.77
N GLU C 100 -9.57 -5.53 -43.71
CA GLU C 100 -10.62 -5.24 -44.67
C GLU C 100 -11.98 -5.18 -43.96
N SER C 101 -12.22 -6.06 -42.97
CA SER C 101 -13.43 -6.05 -42.17
C SER C 101 -13.53 -4.69 -41.41
N ILE C 102 -12.43 -4.23 -40.78
CA ILE C 102 -12.38 -2.95 -40.06
C ILE C 102 -12.69 -1.80 -41.00
N ALA C 103 -12.07 -1.79 -42.19
CA ALA C 103 -12.29 -0.75 -43.19
C ALA C 103 -13.76 -0.73 -43.67
N ASN C 104 -14.39 -1.91 -43.84
CA ASN C 104 -15.78 -2.00 -44.26
C ASN C 104 -16.73 -1.50 -43.17
N VAL C 105 -16.41 -1.79 -41.89
CA VAL C 105 -17.20 -1.32 -40.75
C VAL C 105 -17.14 0.20 -40.73
N ARG C 106 -15.92 0.77 -40.77
CA ARG C 106 -15.73 2.23 -40.76
C ARG C 106 -16.40 2.92 -41.96
N GLU C 107 -16.40 2.29 -43.14
CA GLU C 107 -17.07 2.84 -44.32
C GLU C 107 -18.59 2.86 -44.12
N ALA C 108 -19.17 1.77 -43.59
CA ALA C 108 -20.59 1.69 -43.34
C ALA C 108 -21.01 2.68 -42.24
N VAL C 109 -20.19 2.85 -41.18
CA VAL C 109 -20.47 3.80 -40.10
C VAL C 109 -20.44 5.24 -40.62
N GLU C 110 -19.41 5.58 -41.42
CA GLU C 110 -19.26 6.95 -41.92
C GLU C 110 -20.23 7.32 -43.03
N SER C 111 -20.92 6.34 -43.62
CA SER C 111 -21.94 6.64 -44.63
C SER C 111 -23.17 7.37 -44.05
N PHE C 112 -23.31 7.40 -42.72
CA PHE C 112 -24.41 8.10 -42.05
C PHE C 112 -23.94 9.41 -41.40
N ALA C 113 -22.72 9.90 -41.70
CA ALA C 113 -22.23 11.14 -41.09
C ALA C 113 -23.02 12.39 -41.50
N GLY C 114 -23.73 12.33 -42.62
CA GLY C 114 -24.50 13.47 -43.11
C GLY C 114 -25.81 13.71 -42.37
N SER C 115 -26.42 12.63 -41.87
CA SER C 115 -27.68 12.72 -41.13
C SER C 115 -27.45 12.56 -39.61
N PRO C 116 -27.66 13.64 -38.83
CA PRO C 116 -27.47 13.55 -37.36
C PRO C 116 -28.39 12.53 -36.69
N LEU C 117 -29.57 12.27 -37.29
CA LEU C 117 -30.59 11.33 -36.83
C LEU C 117 -30.16 9.86 -37.02
N SER C 118 -29.36 9.59 -38.06
CA SER C 118 -28.89 8.24 -38.37
C SER C 118 -27.45 7.93 -37.92
N TYR C 119 -26.59 8.96 -37.77
CA TYR C 119 -25.21 8.71 -37.36
C TYR C 119 -25.09 8.10 -35.97
N ARG C 120 -24.37 7.00 -35.88
CA ARG C 120 -24.11 6.34 -34.61
C ARG C 120 -22.68 5.77 -34.59
N PRO C 121 -21.88 6.10 -33.56
CA PRO C 121 -20.54 5.49 -33.47
C PRO C 121 -20.65 3.99 -33.25
N VAL C 122 -19.71 3.20 -33.81
CA VAL C 122 -19.72 1.74 -33.65
C VAL C 122 -18.33 1.35 -33.17
N ALA C 123 -18.23 0.66 -32.03
CA ALA C 123 -16.94 0.25 -31.51
C ALA C 123 -16.39 -0.96 -32.26
N ILE C 124 -15.06 -1.08 -32.30
CA ILE C 124 -14.42 -2.23 -32.93
C ILE C 124 -13.68 -3.04 -31.89
N ALA C 125 -14.07 -4.30 -31.71
CA ALA C 125 -13.47 -5.14 -30.70
C ALA C 125 -12.70 -6.31 -31.32
N LEU C 126 -11.52 -6.60 -30.78
CA LEU C 126 -10.68 -7.67 -31.26
C LEU C 126 -10.80 -8.84 -30.28
N ASP C 127 -11.29 -10.00 -30.72
CA ASP C 127 -11.39 -11.17 -29.85
C ASP C 127 -10.14 -12.03 -30.13
N THR C 128 -9.27 -12.20 -29.13
CA THR C 128 -8.04 -12.97 -29.33
C THR C 128 -8.26 -14.49 -29.49
N LYS C 129 -7.31 -15.17 -30.16
CA LYS C 129 -7.33 -16.62 -30.37
C LYS C 129 -7.17 -17.37 -29.04
N GLY C 130 -6.31 -16.87 -28.16
CA GLY C 130 -6.11 -17.49 -26.86
C GLY C 130 -4.77 -18.18 -26.68
N PRO C 131 -4.53 -18.68 -25.45
CA PRO C 131 -3.24 -19.33 -25.17
C PRO C 131 -3.10 -20.74 -25.75
N GLY C 134 -0.78 -23.59 -24.20
CA GLY C 134 0.28 -22.81 -23.58
C GLY C 134 -0.12 -22.23 -22.23
N PRO C 135 0.89 -21.80 -21.44
CA PRO C 135 0.61 -21.27 -20.10
C PRO C 135 0.12 -19.82 -20.01
N GLY C 136 0.70 -18.96 -20.86
CA GLY C 136 0.39 -17.53 -20.86
C GLY C 136 0.07 -16.99 -22.25
N LEU C 137 0.46 -15.72 -22.49
CA LEU C 137 0.20 -15.06 -23.76
C LEU C 137 0.94 -15.69 -24.94
N SER C 138 0.20 -16.16 -25.93
CA SER C 138 0.78 -16.80 -27.11
C SER C 138 1.45 -15.78 -28.04
N GLU C 139 2.30 -16.27 -28.94
CA GLU C 139 3.01 -15.45 -29.91
C GLU C 139 2.04 -14.79 -30.88
N GLN C 140 1.02 -15.54 -31.31
CA GLN C 140 0.02 -15.03 -32.22
C GLN C 140 -0.81 -13.94 -31.54
N ASP C 141 -1.13 -14.11 -30.25
CA ASP C 141 -1.86 -13.10 -29.50
C ASP C 141 -1.07 -11.79 -29.42
N VAL C 142 0.26 -11.85 -29.20
CA VAL C 142 1.09 -10.65 -29.15
C VAL C 142 1.04 -9.91 -30.48
N ARG C 143 1.08 -10.65 -31.60
CA ARG C 143 1.03 -10.03 -32.93
C ARG C 143 -0.35 -9.46 -33.23
N ASP C 144 -1.42 -10.17 -32.82
CA ASP C 144 -2.79 -9.72 -33.05
C ASP C 144 -3.12 -8.49 -32.21
N LEU C 145 -2.64 -8.46 -30.95
CA LEU C 145 -2.81 -7.30 -30.07
C LEU C 145 -2.11 -6.09 -30.64
N ARG C 146 -0.92 -6.27 -31.22
CA ARG C 146 -0.15 -5.20 -31.86
C ARG C 146 -0.92 -4.69 -33.08
N PHE C 147 -1.53 -5.61 -33.86
CA PHE C 147 -2.35 -5.26 -35.02
C PHE C 147 -3.53 -4.36 -34.58
N GLY C 148 -4.15 -4.71 -33.45
CA GLY C 148 -5.25 -3.94 -32.88
C GLY C 148 -4.86 -2.52 -32.54
N VAL C 149 -3.69 -2.31 -31.92
CA VAL C 149 -3.20 -0.99 -31.60
C VAL C 149 -2.96 -0.19 -32.88
N GLU C 150 -2.33 -0.82 -33.87
CA GLU C 150 -2.03 -0.17 -35.15
C GLU C 150 -3.29 0.19 -35.93
N HIS C 151 -4.34 -0.61 -35.79
CA HIS C 151 -5.59 -0.33 -36.50
C HIS C 151 -6.63 0.45 -35.66
N GLY C 152 -6.24 0.91 -34.48
CA GLY C 152 -7.09 1.72 -33.60
C GLY C 152 -8.32 1.05 -33.04
N VAL C 153 -8.23 -0.24 -32.65
CA VAL C 153 -9.38 -0.93 -32.06
C VAL C 153 -9.69 -0.30 -30.70
N ASP C 154 -10.95 -0.39 -30.30
CA ASP C 154 -11.40 0.20 -29.05
C ASP C 154 -11.37 -0.78 -27.91
N ILE C 155 -11.62 -2.06 -28.18
CA ILE C 155 -11.77 -3.07 -27.15
C ILE C 155 -11.04 -4.35 -27.49
N VAL C 156 -10.59 -5.10 -26.47
CA VAL C 156 -10.00 -6.41 -26.64
C VAL C 156 -10.82 -7.41 -25.82
N PHE C 157 -11.32 -8.47 -26.44
CA PHE C 157 -11.98 -9.53 -25.70
C PHE C 157 -10.86 -10.57 -25.53
N ALA C 158 -10.21 -10.60 -24.36
CA ALA C 158 -9.09 -11.49 -24.12
C ALA C 158 -9.56 -12.90 -23.80
N SER C 159 -9.27 -13.87 -24.70
CA SER C 159 -9.67 -15.26 -24.51
C SER C 159 -8.96 -15.98 -23.38
N PHE C 160 -9.67 -16.91 -22.73
CA PHE C 160 -9.21 -17.79 -21.66
C PHE C 160 -8.39 -17.10 -20.57
N VAL C 161 -8.94 -16.04 -19.94
CA VAL C 161 -8.25 -15.38 -18.85
C VAL C 161 -8.44 -16.23 -17.61
N ARG C 162 -7.36 -16.62 -16.95
CA ARG C 162 -7.43 -17.52 -15.81
C ARG C 162 -6.99 -16.91 -14.50
N LYS C 163 -6.20 -15.82 -14.56
CA LYS C 163 -5.66 -15.13 -13.40
C LYS C 163 -5.34 -13.67 -13.76
N ALA C 164 -5.05 -12.82 -12.75
CA ALA C 164 -4.71 -11.42 -12.94
C ALA C 164 -3.49 -11.20 -13.83
N SER C 165 -2.49 -12.11 -13.75
CA SER C 165 -1.27 -11.97 -14.56
C SER C 165 -1.53 -12.12 -16.05
N ASP C 166 -2.61 -12.83 -16.44
CA ASP C 166 -3.00 -12.95 -17.86
C ASP C 166 -3.45 -11.58 -18.39
N VAL C 167 -4.17 -10.80 -17.56
CA VAL C 167 -4.64 -9.47 -17.91
C VAL C 167 -3.46 -8.53 -18.02
N ALA C 168 -2.49 -8.64 -17.08
CA ALA C 168 -1.30 -7.80 -17.10
C ALA C 168 -0.49 -8.06 -18.37
N ALA C 169 -0.42 -9.30 -18.83
CA ALA C 169 0.29 -9.66 -20.05
C ALA C 169 -0.39 -9.01 -21.28
N VAL C 170 -1.74 -9.04 -21.35
CA VAL C 170 -2.46 -8.40 -22.44
C VAL C 170 -2.25 -6.88 -22.40
N ARG C 171 -2.29 -6.30 -21.21
CA ARG C 171 -2.10 -4.89 -20.95
C ARG C 171 -0.71 -4.45 -21.41
N ALA C 172 0.33 -5.26 -21.10
CA ALA C 172 1.71 -5.00 -21.50
C ALA C 172 1.86 -5.11 -23.03
N ALA C 173 1.14 -6.07 -23.63
CA ALA C 173 1.15 -6.26 -25.08
C ALA C 173 0.46 -5.10 -25.83
N LEU C 174 -0.42 -4.34 -25.14
CA LEU C 174 -1.08 -3.19 -25.79
C LEU C 174 -0.10 -1.98 -26.00
N GLY C 175 1.21 -2.27 -25.86
CA GLY C 175 2.36 -1.45 -26.18
C GLY C 175 2.26 -0.09 -25.63
N PRO C 176 3.11 0.82 -26.14
CA PRO C 176 3.09 2.19 -25.61
C PRO C 176 1.87 3.01 -26.06
N GLU C 177 1.36 2.76 -27.27
CA GLU C 177 0.25 3.51 -27.83
C GLU C 177 -1.18 3.00 -27.48
N GLY C 178 -1.34 1.84 -26.84
CA GLY C 178 -2.67 1.28 -26.64
C GLY C 178 -3.22 1.15 -25.25
N HIS C 179 -2.76 1.95 -24.28
CA HIS C 179 -3.28 1.87 -22.91
C HIS C 179 -4.73 2.36 -22.76
N GLY C 180 -5.28 3.03 -23.76
CA GLY C 180 -6.69 3.45 -23.72
C GLY C 180 -7.69 2.38 -24.17
N ILE C 181 -7.19 1.27 -24.74
CA ILE C 181 -8.03 0.17 -25.18
C ILE C 181 -8.61 -0.55 -23.99
N LYS C 182 -9.92 -0.85 -24.00
CA LYS C 182 -10.57 -1.55 -22.89
C LYS C 182 -10.31 -3.06 -22.97
N ILE C 183 -9.97 -3.70 -21.87
CA ILE C 183 -9.73 -5.14 -21.85
C ILE C 183 -10.89 -5.81 -21.14
N ILE C 184 -11.66 -6.56 -21.89
CA ILE C 184 -12.79 -7.32 -21.39
C ILE C 184 -12.28 -8.78 -21.30
N SER C 185 -12.09 -9.31 -20.08
CA SER C 185 -11.58 -10.66 -19.89
C SER C 185 -12.65 -11.71 -20.09
N LYS C 186 -12.37 -12.69 -20.94
CA LYS C 186 -13.31 -13.78 -21.17
C LYS C 186 -13.11 -14.88 -20.13
N ILE C 187 -14.16 -15.20 -19.34
CA ILE C 187 -14.08 -16.25 -18.36
C ILE C 187 -14.63 -17.49 -19.04
N GLU C 188 -13.74 -18.46 -19.34
CA GLU C 188 -14.09 -19.65 -20.09
C GLU C 188 -13.78 -20.97 -19.40
N ASN C 189 -13.30 -20.96 -18.15
CA ASN C 189 -12.97 -22.21 -17.48
C ASN C 189 -13.10 -22.12 -15.96
N HIS C 190 -12.94 -23.25 -15.25
CA HIS C 190 -13.05 -23.32 -13.80
C HIS C 190 -12.11 -22.37 -13.08
N GLU C 191 -10.85 -22.27 -13.53
CA GLU C 191 -9.87 -21.39 -12.89
C GLU C 191 -10.27 -19.91 -12.99
N GLY C 192 -10.77 -19.50 -14.15
CA GLY C 192 -11.25 -18.14 -14.35
C GLY C 192 -12.40 -17.79 -13.43
N VAL C 193 -13.33 -18.76 -13.23
CA VAL C 193 -14.46 -18.57 -12.32
C VAL C 193 -13.97 -18.46 -10.87
N LYS C 194 -13.04 -19.33 -10.48
CA LYS C 194 -12.51 -19.34 -9.12
C LYS C 194 -11.65 -18.14 -8.80
N ARG C 195 -10.91 -17.64 -9.78
CA ARG C 195 -10.07 -16.45 -9.58
C ARG C 195 -10.75 -15.16 -10.09
N PHE C 196 -12.08 -15.18 -10.25
CA PHE C 196 -12.88 -14.08 -10.77
C PHE C 196 -12.58 -12.72 -10.14
N ASP C 197 -12.56 -12.63 -8.81
CA ASP C 197 -12.35 -11.35 -8.12
C ASP C 197 -11.03 -10.68 -8.48
N GLU C 198 -9.94 -11.46 -8.57
CA GLU C 198 -8.64 -10.89 -8.92
C GLU C 198 -8.59 -10.49 -10.40
N ILE C 199 -9.34 -11.18 -11.27
CA ILE C 199 -9.41 -10.88 -12.69
C ILE C 199 -10.22 -9.59 -12.91
N LEU C 200 -11.39 -9.48 -12.27
CA LEU C 200 -12.24 -8.31 -12.40
C LEU C 200 -11.55 -7.05 -11.91
N GLU C 201 -10.79 -7.17 -10.81
CA GLU C 201 -10.06 -6.04 -10.23
C GLU C 201 -9.11 -5.37 -11.24
N VAL C 202 -8.45 -6.17 -12.09
CA VAL C 202 -7.50 -5.62 -13.05
C VAL C 202 -8.08 -5.45 -14.47
N SER C 203 -9.30 -5.95 -14.73
CA SER C 203 -9.90 -5.84 -16.06
C SER C 203 -10.84 -4.63 -16.14
N ASP C 204 -11.18 -4.21 -17.36
CA ASP C 204 -12.17 -3.15 -17.56
C ASP C 204 -13.59 -3.73 -17.52
N GLY C 205 -13.73 -5.02 -17.81
CA GLY C 205 -15.00 -5.70 -17.81
C GLY C 205 -14.83 -7.20 -18.03
N ILE C 206 -15.93 -7.92 -18.13
CA ILE C 206 -15.93 -9.38 -18.25
C ILE C 206 -16.86 -9.84 -19.35
N MET C 207 -16.51 -10.97 -19.98
CA MET C 207 -17.38 -11.62 -20.91
C MET C 207 -17.63 -13.04 -20.36
N VAL C 208 -18.90 -13.42 -20.21
CA VAL C 208 -19.25 -14.78 -19.80
C VAL C 208 -19.26 -15.56 -21.10
N ALA C 209 -18.13 -16.20 -21.42
CA ALA C 209 -17.92 -16.95 -22.65
C ALA C 209 -18.48 -18.36 -22.46
N ARG C 210 -19.81 -18.50 -22.59
CA ARG C 210 -20.54 -19.73 -22.31
C ARG C 210 -20.18 -20.95 -23.16
N GLY C 211 -19.70 -20.76 -24.38
CA GLY C 211 -19.28 -21.87 -25.23
C GLY C 211 -18.22 -22.75 -24.60
N ASP C 212 -17.04 -22.20 -24.33
CA ASP C 212 -15.97 -22.95 -23.69
C ASP C 212 -16.28 -23.24 -22.24
N LEU C 213 -16.92 -22.30 -21.54
CA LEU C 213 -17.28 -22.51 -20.13
C LEU C 213 -18.18 -23.75 -19.95
N GLY C 214 -19.11 -23.95 -20.89
CA GLY C 214 -20.01 -25.09 -20.92
C GLY C 214 -19.36 -26.43 -21.21
N ILE C 215 -18.10 -26.41 -21.67
CA ILE C 215 -17.28 -27.62 -21.93
C ILE C 215 -16.32 -27.84 -20.74
N GLU C 216 -15.77 -26.75 -20.18
CA GLU C 216 -14.83 -26.79 -19.07
C GLU C 216 -15.46 -27.14 -17.74
N ILE C 217 -16.70 -26.70 -17.53
CA ILE C 217 -17.47 -27.02 -16.31
C ILE C 217 -18.77 -27.73 -16.74
N PRO C 218 -19.46 -28.45 -15.83
CA PRO C 218 -20.74 -29.09 -16.23
C PRO C 218 -21.73 -28.08 -16.85
N ALA C 219 -22.36 -28.44 -17.95
CA ALA C 219 -23.29 -27.58 -18.65
C ALA C 219 -24.39 -27.00 -17.76
N GLU C 220 -24.88 -27.80 -16.81
CA GLU C 220 -25.94 -27.39 -15.89
C GLU C 220 -25.49 -26.39 -14.83
N LYS C 221 -24.19 -26.02 -14.78
CA LYS C 221 -23.66 -25.05 -13.81
C LYS C 221 -23.34 -23.69 -14.45
N VAL C 222 -23.38 -23.58 -15.78
CA VAL C 222 -23.07 -22.35 -16.48
C VAL C 222 -23.97 -21.18 -16.03
N PHE C 223 -25.28 -21.43 -15.83
CA PHE C 223 -26.20 -20.38 -15.39
C PHE C 223 -25.79 -19.79 -14.02
N LEU C 224 -25.19 -20.60 -13.13
CA LEU C 224 -24.75 -20.11 -11.82
C LEU C 224 -23.58 -19.18 -12.02
N ALA C 225 -22.64 -19.54 -12.91
CA ALA C 225 -21.45 -18.74 -13.20
C ALA C 225 -21.87 -17.44 -13.88
N GLN C 226 -22.82 -17.51 -14.82
CA GLN C 226 -23.32 -16.30 -15.50
C GLN C 226 -23.97 -15.31 -14.50
N LYS C 227 -24.89 -15.80 -13.68
CA LYS C 227 -25.60 -14.95 -12.73
C LYS C 227 -24.65 -14.37 -11.69
N MET C 228 -23.65 -15.14 -11.26
CA MET C 228 -22.68 -14.68 -10.28
C MET C 228 -21.79 -13.57 -10.85
N MET C 229 -21.25 -13.79 -12.05
CA MET C 229 -20.37 -12.82 -12.68
C MET C 229 -21.08 -11.54 -13.03
N ILE C 230 -22.34 -11.62 -13.50
CA ILE C 230 -23.13 -10.44 -13.79
C ILE C 230 -23.40 -9.63 -12.50
N GLY C 231 -23.76 -10.32 -11.43
CA GLY C 231 -23.98 -9.67 -10.14
C GLY C 231 -22.73 -8.95 -9.62
N ARG C 232 -21.57 -9.62 -9.68
CA ARG C 232 -20.32 -9.05 -9.22
C ARG C 232 -19.86 -7.88 -10.08
N CYS C 233 -20.11 -7.92 -11.39
CA CYS C 233 -19.77 -6.83 -12.29
C CYS C 233 -20.67 -5.65 -12.03
N ASN C 234 -21.97 -5.88 -11.81
CA ASN C 234 -22.92 -4.83 -11.47
C ASN C 234 -22.51 -4.17 -10.15
N LEU C 235 -22.05 -4.96 -9.18
CA LEU C 235 -21.59 -4.46 -7.88
C LEU C 235 -20.33 -3.61 -8.06
N ALA C 236 -19.39 -4.05 -8.91
CA ALA C 236 -18.15 -3.31 -9.19
C ALA C 236 -18.33 -2.12 -10.13
N GLY C 237 -19.47 -2.04 -10.82
CA GLY C 237 -19.72 -0.98 -11.79
C GLY C 237 -18.90 -1.14 -13.05
N LYS C 238 -18.62 -2.40 -13.44
CA LYS C 238 -17.85 -2.68 -14.64
C LYS C 238 -18.68 -3.45 -15.66
N PRO C 239 -18.49 -3.17 -16.97
CA PRO C 239 -19.30 -3.85 -17.99
C PRO C 239 -19.19 -5.37 -18.01
N VAL C 240 -20.32 -6.02 -18.30
CA VAL C 240 -20.37 -7.46 -18.40
C VAL C 240 -21.13 -7.84 -19.67
N VAL C 241 -20.56 -8.75 -20.45
CA VAL C 241 -21.15 -9.20 -21.70
C VAL C 241 -21.64 -10.63 -21.53
N CYS C 242 -22.86 -10.93 -22.00
CA CYS C 242 -23.31 -12.32 -22.03
C CYS C 242 -23.10 -12.79 -23.46
N ALA C 243 -22.44 -13.93 -23.63
CA ALA C 243 -22.11 -14.41 -24.97
C ALA C 243 -22.40 -15.88 -25.22
N THR C 244 -22.55 -16.23 -26.52
CA THR C 244 -22.60 -17.57 -27.15
C THR C 244 -23.93 -18.31 -27.07
N GLN C 245 -24.43 -18.70 -28.26
CA GLN C 245 -25.62 -19.51 -28.51
C GLN C 245 -26.92 -18.86 -28.05
N MET C 246 -26.92 -17.51 -27.93
CA MET C 246 -28.12 -16.78 -27.48
C MET C 246 -29.31 -16.98 -28.45
N LEU C 247 -29.05 -16.94 -29.77
CA LEU C 247 -30.06 -17.15 -30.81
C LEU C 247 -29.54 -18.18 -31.84
N GLU C 248 -28.81 -19.22 -31.38
CA GLU C 248 -28.15 -20.22 -32.20
C GLU C 248 -28.95 -20.75 -33.40
N SER C 249 -30.21 -21.15 -33.20
CA SER C 249 -31.06 -21.67 -34.27
C SER C 249 -31.28 -20.67 -35.42
N MET C 250 -31.09 -19.36 -35.17
CA MET C 250 -31.21 -18.35 -36.22
C MET C 250 -30.04 -18.38 -37.23
N ILE C 251 -29.06 -19.28 -37.05
CA ILE C 251 -28.00 -19.45 -38.05
C ILE C 251 -28.65 -20.01 -39.35
N THR C 252 -29.65 -20.91 -39.22
CA THR C 252 -30.35 -21.49 -40.36
C THR C 252 -31.83 -21.16 -40.44
N LYS C 253 -32.47 -20.75 -39.33
CA LYS C 253 -33.92 -20.46 -39.31
C LYS C 253 -34.24 -18.97 -39.12
N PRO C 254 -35.32 -18.45 -39.73
CA PRO C 254 -35.62 -17.01 -39.60
C PRO C 254 -36.16 -16.55 -38.25
N ARG C 255 -36.65 -17.48 -37.43
CA ARG C 255 -37.19 -17.19 -36.10
C ARG C 255 -36.47 -18.05 -35.06
N PRO C 256 -36.22 -17.51 -33.86
CA PRO C 256 -35.55 -18.32 -32.83
C PRO C 256 -36.52 -19.22 -32.06
N THR C 257 -35.96 -20.10 -31.21
CA THR C 257 -36.78 -20.97 -30.39
C THR C 257 -37.28 -20.19 -29.14
N ARG C 258 -38.24 -20.79 -28.40
CA ARG C 258 -38.76 -20.20 -27.18
C ARG C 258 -37.67 -20.11 -26.10
N ALA C 259 -36.69 -21.03 -26.09
CA ALA C 259 -35.59 -21.01 -25.14
C ALA C 259 -34.60 -19.90 -25.43
N GLU C 260 -34.39 -19.61 -26.72
CA GLU C 260 -33.48 -18.56 -27.16
C GLU C 260 -33.97 -17.15 -26.83
N THR C 261 -35.26 -16.86 -27.07
CA THR C 261 -35.78 -15.53 -26.70
C THR C 261 -35.75 -15.37 -25.17
N SER C 262 -36.05 -16.45 -24.44
CA SER C 262 -36.02 -16.48 -23.00
C SER C 262 -34.58 -16.19 -22.50
N ASP C 263 -33.57 -16.79 -23.16
CA ASP C 263 -32.17 -16.62 -22.81
C ASP C 263 -31.73 -15.16 -22.94
N VAL C 264 -32.10 -14.51 -24.05
CA VAL C 264 -31.76 -13.10 -24.27
C VAL C 264 -32.42 -12.23 -23.21
N ALA C 265 -33.70 -12.47 -22.96
CA ALA C 265 -34.45 -11.68 -21.98
C ALA C 265 -33.88 -11.84 -20.59
N ASN C 266 -33.50 -13.09 -20.22
CA ASN C 266 -32.95 -13.36 -18.92
C ASN C 266 -31.55 -12.81 -18.74
N ALA C 267 -30.74 -12.73 -19.81
CA ALA C 267 -29.41 -12.13 -19.70
C ALA C 267 -29.56 -10.62 -19.39
N VAL C 268 -30.53 -9.96 -20.06
CA VAL C 268 -30.80 -8.54 -19.82
C VAL C 268 -31.35 -8.36 -18.40
N LEU C 269 -32.31 -9.20 -17.99
CA LEU C 269 -32.84 -9.14 -16.63
C LEU C 269 -31.77 -9.39 -15.55
N ASP C 270 -30.82 -10.31 -15.81
CA ASP C 270 -29.70 -10.62 -14.91
C ASP C 270 -28.85 -9.39 -14.63
N GLY C 271 -28.70 -8.51 -15.64
CA GLY C 271 -27.93 -7.30 -15.51
C GLY C 271 -26.80 -7.15 -16.51
N ALA C 272 -26.83 -7.89 -17.62
CA ALA C 272 -25.78 -7.77 -18.63
C ALA C 272 -25.80 -6.42 -19.33
N ASP C 273 -24.62 -5.78 -19.47
CA ASP C 273 -24.51 -4.52 -20.19
C ASP C 273 -24.59 -4.75 -21.70
N CYS C 274 -24.04 -5.86 -22.17
CA CYS C 274 -24.02 -6.19 -23.59
C CYS C 274 -24.48 -7.62 -23.81
N ILE C 275 -25.07 -7.86 -24.96
CA ILE C 275 -25.43 -9.19 -25.41
C ILE C 275 -24.71 -9.41 -26.76
N MET C 276 -24.31 -10.66 -27.04
CA MET C 276 -23.52 -10.92 -28.22
C MET C 276 -24.13 -11.94 -29.19
N LEU C 277 -23.78 -11.80 -30.47
CA LEU C 277 -24.12 -12.73 -31.54
C LEU C 277 -22.81 -13.22 -32.15
N SER C 278 -22.63 -14.54 -32.30
CA SER C 278 -21.42 -15.10 -32.87
C SER C 278 -21.69 -15.65 -34.31
N GLY C 279 -21.94 -16.96 -34.43
CA GLY C 279 -22.27 -17.61 -35.70
C GLY C 279 -23.54 -17.04 -36.33
N GLU C 280 -24.47 -16.53 -35.49
CA GLU C 280 -25.71 -15.91 -35.94
C GLU C 280 -25.47 -14.76 -36.91
N THR C 281 -24.40 -13.99 -36.73
CA THR C 281 -24.08 -12.87 -37.60
C THR C 281 -22.86 -13.15 -38.50
N ALA C 282 -21.88 -13.90 -37.97
CA ALA C 282 -20.66 -14.21 -38.72
C ALA C 282 -20.86 -15.14 -39.91
N LYS C 283 -21.69 -16.17 -39.77
CA LYS C 283 -21.85 -17.17 -40.84
C LYS C 283 -23.28 -17.59 -41.15
N GLY C 284 -24.25 -17.19 -40.36
CA GLY C 284 -25.64 -17.57 -40.56
C GLY C 284 -26.35 -16.94 -41.75
N ASN C 285 -27.54 -17.42 -42.06
CA ASN C 285 -28.35 -16.94 -43.16
C ASN C 285 -29.22 -15.74 -42.81
N PHE C 286 -29.35 -15.39 -41.50
CA PHE C 286 -30.17 -14.27 -41.09
C PHE C 286 -29.44 -13.34 -40.10
N PRO C 287 -28.28 -12.75 -40.48
CA PRO C 287 -27.55 -11.88 -39.54
C PRO C 287 -28.30 -10.62 -39.10
N VAL C 288 -28.99 -9.95 -40.03
CA VAL C 288 -29.73 -8.73 -39.73
C VAL C 288 -30.93 -9.04 -38.84
N GLU C 289 -31.63 -10.14 -39.13
CA GLU C 289 -32.79 -10.60 -38.37
C GLU C 289 -32.41 -10.99 -36.94
N ALA C 290 -31.20 -11.56 -36.75
CA ALA C 290 -30.69 -11.92 -35.43
C ALA C 290 -30.46 -10.64 -34.60
N VAL C 291 -29.93 -9.58 -35.23
CA VAL C 291 -29.71 -8.29 -34.56
C VAL C 291 -31.08 -7.65 -34.20
N LYS C 292 -32.05 -7.72 -35.11
CA LYS C 292 -33.39 -7.18 -34.89
C LYS C 292 -34.08 -7.88 -33.74
N MET C 293 -33.89 -9.21 -33.65
CA MET C 293 -34.50 -10.00 -32.59
C MET C 293 -33.91 -9.65 -31.22
N GLN C 294 -32.58 -9.50 -31.14
CA GLN C 294 -31.94 -9.11 -29.88
C GLN C 294 -32.39 -7.71 -29.46
N HIS C 295 -32.53 -6.80 -30.44
CA HIS C 295 -32.98 -5.45 -30.18
C HIS C 295 -34.38 -5.46 -29.56
N ALA C 296 -35.30 -6.21 -30.19
CA ALA C 296 -36.68 -6.31 -29.74
C ALA C 296 -36.81 -6.91 -28.34
N ILE C 297 -36.09 -8.01 -28.07
CA ILE C 297 -36.14 -8.66 -26.75
C ILE C 297 -35.54 -7.76 -25.64
N ALA C 298 -34.35 -7.15 -25.90
CA ALA C 298 -33.69 -6.29 -24.93
C ALA C 298 -34.58 -5.14 -24.50
N ARG C 299 -35.29 -4.49 -25.46
CA ARG C 299 -36.19 -3.40 -25.15
C ARG C 299 -37.30 -3.84 -24.19
N GLU C 300 -37.89 -5.02 -24.45
CA GLU C 300 -38.96 -5.56 -23.61
C GLU C 300 -38.44 -5.88 -22.23
N ALA C 301 -37.25 -6.52 -22.16
CA ALA C 301 -36.66 -6.92 -20.88
C ALA C 301 -36.21 -5.73 -20.04
N GLU C 302 -35.73 -4.65 -20.67
CA GLU C 302 -35.32 -3.46 -19.93
C GLU C 302 -36.49 -2.79 -19.22
N ALA C 303 -37.66 -2.73 -19.87
CA ALA C 303 -38.85 -2.16 -19.24
C ALA C 303 -39.33 -3.02 -18.06
N ALA C 304 -39.08 -4.34 -18.10
CA ALA C 304 -39.48 -5.27 -17.04
C ALA C 304 -38.50 -5.31 -15.84
N VAL C 305 -37.42 -4.53 -15.87
CA VAL C 305 -36.47 -4.50 -14.76
C VAL C 305 -37.18 -3.89 -13.51
N TYR C 306 -37.00 -4.52 -12.34
CA TYR C 306 -37.61 -4.07 -11.10
C TYR C 306 -36.72 -3.01 -10.44
N HIS C 307 -36.72 -1.79 -10.98
CA HIS C 307 -35.89 -0.70 -10.49
C HIS C 307 -36.05 -0.37 -9.03
N ARG C 308 -37.25 -0.55 -8.47
CA ARG C 308 -37.50 -0.23 -7.06
C ARG C 308 -36.54 -0.94 -6.11
N GLN C 309 -36.38 -2.27 -6.26
CA GLN C 309 -35.45 -3.00 -5.40
C GLN C 309 -34.02 -2.92 -5.95
N LEU C 310 -33.85 -2.94 -7.28
CA LEU C 310 -32.53 -2.87 -7.91
C LEU C 310 -31.76 -1.63 -7.46
N PHE C 311 -32.37 -0.44 -7.57
CA PHE C 311 -31.70 0.79 -7.19
C PHE C 311 -31.37 0.81 -5.69
N GLU C 312 -32.29 0.34 -4.85
CA GLU C 312 -32.07 0.28 -3.40
C GLU C 312 -30.89 -0.64 -3.06
N GLU C 313 -30.79 -1.78 -3.75
CA GLU C 313 -29.72 -2.72 -3.51
C GLU C 313 -28.38 -2.25 -4.05
N LEU C 314 -28.37 -1.58 -5.22
CA LEU C 314 -27.13 -1.02 -5.79
C LEU C 314 -26.62 0.06 -4.84
N ARG C 315 -27.55 0.89 -4.32
CA ARG C 315 -27.29 1.94 -3.35
C ARG C 315 -26.67 1.36 -2.08
N ARG C 316 -27.34 0.40 -1.46
CA ARG C 316 -26.92 -0.22 -0.21
C ARG C 316 -25.59 -0.97 -0.34
N ALA C 317 -25.38 -1.67 -1.47
CA ALA C 317 -24.17 -2.45 -1.67
C ALA C 317 -22.96 -1.59 -2.00
N ALA C 318 -23.18 -0.44 -2.70
CA ALA C 318 -22.06 0.41 -3.10
C ALA C 318 -21.50 1.08 -1.86
N PRO C 319 -20.17 1.02 -1.67
CA PRO C 319 -19.59 1.63 -0.47
C PRO C 319 -19.68 3.14 -0.52
N LEU C 320 -19.56 3.80 0.65
CA LEU C 320 -19.52 5.24 0.71
C LEU C 320 -18.33 5.76 -0.08
N SER C 321 -18.49 6.93 -0.69
CA SER C 321 -17.43 7.45 -1.52
C SER C 321 -17.20 8.89 -1.29
N ARG C 322 -15.95 9.29 -1.31
CA ARG C 322 -15.60 10.70 -1.25
C ARG C 322 -15.18 11.22 -2.63
N ASP C 323 -15.45 10.46 -3.72
CA ASP C 323 -15.15 10.89 -5.08
C ASP C 323 -16.36 11.67 -5.58
N PRO C 324 -16.17 12.94 -5.93
CA PRO C 324 -17.32 13.74 -6.37
C PRO C 324 -18.06 13.22 -7.60
N THR C 325 -17.40 12.49 -8.52
CA THR C 325 -18.09 11.94 -9.69
C THR C 325 -19.06 10.87 -9.23
N GLU C 326 -18.60 9.99 -8.33
CA GLU C 326 -19.42 8.91 -7.79
CA GLU C 326 -19.41 8.92 -7.78
C GLU C 326 -20.62 9.47 -6.99
N VAL C 327 -20.39 10.52 -6.16
CA VAL C 327 -21.43 11.17 -5.36
C VAL C 327 -22.46 11.89 -6.26
N THR C 328 -21.98 12.59 -7.33
CA THR C 328 -22.86 13.29 -8.27
C THR C 328 -23.70 12.29 -9.02
N ALA C 329 -23.11 11.15 -9.44
CA ALA C 329 -23.81 10.13 -10.19
C ALA C 329 -25.02 9.56 -9.44
N ILE C 330 -24.86 9.22 -8.14
CA ILE C 330 -25.99 8.67 -7.38
C ILE C 330 -27.07 9.73 -7.15
N GLY C 331 -26.67 10.97 -6.89
CA GLY C 331 -27.62 12.07 -6.75
C GLY C 331 -28.39 12.30 -8.03
N ALA C 332 -27.73 12.22 -9.20
CA ALA C 332 -28.39 12.44 -10.50
C ALA C 332 -29.35 11.33 -10.85
N VAL C 333 -28.99 10.06 -10.54
CA VAL C 333 -29.88 8.92 -10.80
C VAL C 333 -31.12 9.00 -9.88
N GLU C 334 -30.93 9.41 -8.62
CA GLU C 334 -32.02 9.61 -7.66
CA GLU C 334 -32.02 9.61 -7.66
C GLU C 334 -32.95 10.70 -8.19
N ALA C 335 -32.40 11.82 -8.66
CA ALA C 335 -33.16 12.93 -9.22
C ALA C 335 -33.93 12.51 -10.46
N ALA C 336 -33.31 11.72 -11.35
CA ALA C 336 -33.97 11.23 -12.56
C ALA C 336 -35.20 10.35 -12.24
N PHE C 337 -35.10 9.50 -11.22
CA PHE C 337 -36.22 8.65 -10.83
C PHE C 337 -37.37 9.46 -10.22
N LYS C 338 -37.04 10.49 -9.44
CA LYS C 338 -38.01 11.34 -8.77
C LYS C 338 -38.95 12.06 -9.74
N CYS C 339 -38.44 12.49 -10.90
CA CYS C 339 -39.27 13.22 -11.87
C CYS C 339 -39.57 12.47 -13.15
N CYS C 340 -39.15 11.18 -13.27
CA CYS C 340 -39.30 10.39 -14.49
C CYS C 340 -38.63 11.11 -15.66
N ALA C 341 -37.39 11.64 -15.42
CA ALA C 341 -36.60 12.38 -16.40
C ALA C 341 -36.46 11.58 -17.69
N ALA C 342 -36.61 12.28 -18.80
CA ALA C 342 -36.51 11.71 -20.13
C ALA C 342 -35.07 11.32 -20.48
N ALA C 343 -34.07 11.93 -19.83
CA ALA C 343 -32.66 11.63 -20.06
C ALA C 343 -31.79 12.27 -18.95
N ILE C 344 -30.54 11.80 -18.84
CA ILE C 344 -29.49 12.37 -18.02
C ILE C 344 -28.43 12.74 -19.05
N ILE C 345 -28.17 14.01 -19.25
CA ILE C 345 -27.16 14.46 -20.20
C ILE C 345 -25.87 14.66 -19.42
N VAL C 346 -24.81 13.95 -19.81
CA VAL C 346 -23.53 14.05 -19.11
C VAL C 346 -22.39 14.42 -20.04
N LEU C 347 -21.51 15.30 -19.62
CA LEU C 347 -20.33 15.69 -20.39
C LEU C 347 -19.21 14.81 -19.88
N THR C 348 -18.55 14.09 -20.80
CA THR C 348 -17.50 13.16 -20.44
C THR C 348 -16.42 13.11 -21.49
N THR C 349 -15.17 13.10 -21.08
CA THR C 349 -14.04 13.03 -22.02
C THR C 349 -13.53 11.60 -22.16
N THR C 350 -13.49 10.86 -21.04
CA THR C 350 -13.04 9.48 -21.05
C THR C 350 -14.19 8.48 -21.04
N GLY C 351 -15.42 8.92 -20.73
CA GLY C 351 -16.56 8.03 -20.60
C GLY C 351 -16.85 7.67 -19.16
N ARG C 352 -15.93 8.00 -18.23
CA ARG C 352 -16.07 7.64 -16.82
C ARG C 352 -17.34 8.18 -16.14
N SER C 353 -17.67 9.46 -16.35
CA SER C 353 -18.87 10.04 -15.76
C SER C 353 -20.15 9.31 -16.20
N ALA C 354 -20.21 8.88 -17.48
CA ALA C 354 -21.36 8.15 -18.01
C ALA C 354 -21.40 6.73 -17.42
N GLN C 355 -20.23 6.12 -17.22
CA GLN C 355 -20.14 4.78 -16.63
C GLN C 355 -20.64 4.77 -15.17
N LEU C 356 -20.25 5.78 -14.37
CA LEU C 356 -20.71 5.87 -12.99
C LEU C 356 -22.21 6.14 -12.89
N LEU C 357 -22.82 6.75 -13.92
CA LEU C 357 -24.27 6.95 -13.92
C LEU C 357 -24.93 5.61 -14.22
N SER C 358 -24.43 4.92 -15.24
CA SER C 358 -24.87 3.63 -15.73
C SER C 358 -24.87 2.53 -14.64
N ARG C 359 -23.91 2.54 -13.71
CA ARG C 359 -23.82 1.52 -12.65
C ARG C 359 -25.05 1.50 -11.72
N TYR C 360 -25.78 2.63 -11.60
CA TYR C 360 -27.00 2.70 -10.78
C TYR C 360 -28.26 2.31 -11.52
N ARG C 361 -28.13 1.90 -12.79
CA ARG C 361 -29.19 1.43 -13.63
C ARG C 361 -30.39 2.35 -13.68
N PRO C 362 -30.20 3.61 -14.09
CA PRO C 362 -31.36 4.51 -14.23
C PRO C 362 -32.28 4.06 -15.36
N ARG C 363 -33.54 4.39 -15.25
CA ARG C 363 -34.49 4.13 -16.32
C ARG C 363 -34.27 5.23 -17.41
N ALA C 364 -33.83 6.45 -17.05
CA ALA C 364 -33.56 7.52 -18.00
C ALA C 364 -32.33 7.20 -18.85
N ALA C 365 -32.39 7.51 -20.15
CA ALA C 365 -31.24 7.34 -21.05
C ALA C 365 -30.11 8.23 -20.62
N VAL C 366 -28.87 7.75 -20.67
CA VAL C 366 -27.71 8.56 -20.31
C VAL C 366 -27.13 9.04 -21.62
N ILE C 367 -27.38 10.31 -21.99
CA ILE C 367 -26.87 10.88 -23.23
C ILE C 367 -25.48 11.46 -22.93
N ALA C 368 -24.43 10.80 -23.42
CA ALA C 368 -23.05 11.21 -23.13
C ALA C 368 -22.47 12.03 -24.23
N VAL C 369 -22.19 13.29 -23.93
CA VAL C 369 -21.63 14.20 -24.92
C VAL C 369 -20.13 14.24 -24.72
N THR C 370 -19.40 13.88 -25.80
CA THR C 370 -17.95 13.86 -25.72
C THR C 370 -17.26 14.40 -26.96
N ARG C 371 -16.02 14.91 -26.80
CA ARG C 371 -15.14 15.28 -27.91
C ARG C 371 -14.25 14.10 -28.33
N SER C 372 -14.18 13.02 -27.54
CA SER C 372 -13.36 11.88 -27.86
C SER C 372 -14.09 10.85 -28.71
N ALA C 373 -13.61 10.61 -29.94
CA ALA C 373 -14.25 9.59 -30.80
C ALA C 373 -14.11 8.19 -30.19
N GLN C 374 -12.98 7.91 -29.52
CA GLN C 374 -12.75 6.61 -28.89
C GLN C 374 -13.69 6.38 -27.72
N ALA C 375 -13.85 7.41 -26.84
CA ALA C 375 -14.77 7.32 -25.71
C ALA C 375 -16.21 7.13 -26.21
N ALA C 376 -16.60 7.83 -27.28
CA ALA C 376 -17.94 7.66 -27.86
C ALA C 376 -18.18 6.20 -28.32
N ARG C 377 -17.16 5.54 -28.87
CA ARG C 377 -17.32 4.13 -29.26
C ARG C 377 -17.30 3.21 -28.05
N GLN C 378 -16.38 3.47 -27.09
CA GLN C 378 -16.23 2.60 -25.93
C GLN C 378 -17.38 2.66 -24.94
N VAL C 379 -18.13 3.77 -24.86
CA VAL C 379 -19.23 3.84 -23.88
C VAL C 379 -20.40 2.90 -24.24
N HIS C 380 -20.38 2.29 -25.44
CA HIS C 380 -21.35 1.27 -25.80
C HIS C 380 -21.24 0.04 -24.86
N LEU C 381 -20.11 -0.14 -24.14
CA LEU C 381 -19.96 -1.22 -23.18
C LEU C 381 -20.86 -1.05 -21.93
N CYS C 382 -21.30 0.20 -21.65
CA CYS C 382 -22.11 0.50 -20.48
C CYS C 382 -23.58 0.62 -20.82
N ARG C 383 -24.42 -0.17 -20.11
CA ARG C 383 -25.85 -0.16 -20.37
C ARG C 383 -26.48 1.22 -20.21
N GLY C 384 -27.25 1.63 -21.21
CA GLY C 384 -28.01 2.85 -21.19
C GLY C 384 -27.26 4.11 -21.53
N VAL C 385 -26.03 3.98 -22.06
CA VAL C 385 -25.25 5.15 -22.47
C VAL C 385 -25.36 5.35 -23.97
N PHE C 386 -25.85 6.52 -24.40
CA PHE C 386 -26.06 6.88 -25.80
C PHE C 386 -25.05 7.96 -26.17
N PRO C 387 -23.96 7.58 -26.86
CA PRO C 387 -22.90 8.56 -27.14
C PRO C 387 -23.17 9.57 -28.24
N LEU C 388 -22.74 10.80 -28.01
CA LEU C 388 -22.83 11.87 -28.99
C LEU C 388 -21.43 12.45 -29.13
N LEU C 389 -20.86 12.33 -30.30
CA LEU C 389 -19.55 12.89 -30.58
C LEU C 389 -19.70 14.36 -31.02
N TYR C 390 -19.07 15.27 -30.28
CA TYR C 390 -19.11 16.70 -30.49
C TYR C 390 -17.81 17.18 -31.10
N ARG C 391 -17.91 17.96 -32.17
CA ARG C 391 -16.74 18.36 -32.95
C ARG C 391 -16.66 19.84 -33.22
N GLU C 392 -17.44 20.65 -32.52
CA GLU C 392 -17.43 22.08 -32.70
C GLU C 392 -16.14 22.61 -32.17
N PRO C 393 -15.63 23.68 -32.78
CA PRO C 393 -14.42 24.31 -32.22
C PRO C 393 -14.70 24.88 -30.82
N PRO C 394 -13.73 24.73 -29.90
CA PRO C 394 -13.95 25.18 -28.52
C PRO C 394 -14.16 26.66 -28.37
N GLU C 395 -15.06 27.06 -27.46
CA GLU C 395 -15.37 28.47 -27.16
C GLU C 395 -14.27 29.03 -26.22
N ALA C 396 -13.96 30.34 -26.35
CA ALA C 396 -12.95 30.99 -25.49
C ALA C 396 -13.38 30.95 -24.05
N ILE C 397 -14.69 31.17 -23.77
CA ILE C 397 -15.20 31.08 -22.42
C ILE C 397 -15.65 29.63 -22.13
N TRP C 398 -15.00 28.95 -21.17
CA TRP C 398 -15.28 27.56 -20.83
C TRP C 398 -16.76 27.31 -20.52
N ALA C 399 -17.38 28.14 -19.70
CA ALA C 399 -18.79 28.00 -19.35
C ALA C 399 -19.71 28.09 -20.57
N ASP C 400 -19.29 28.80 -21.62
CA ASP C 400 -20.08 28.85 -22.86
C ASP C 400 -19.94 27.55 -23.61
N ASP C 401 -18.70 26.96 -23.63
CA ASP C 401 -18.45 25.68 -24.27
C ASP C 401 -19.30 24.60 -23.60
N VAL C 402 -19.40 24.64 -22.25
CA VAL C 402 -20.24 23.67 -21.53
C VAL C 402 -21.70 23.77 -21.97
N ASP C 403 -22.27 24.99 -21.94
CA ASP C 403 -23.64 25.25 -22.36
C ASP C 403 -23.89 24.81 -23.79
N ARG C 404 -22.94 25.06 -24.68
CA ARG C 404 -23.09 24.61 -26.07
C ARG C 404 -23.19 23.08 -26.16
N ARG C 405 -22.44 22.33 -25.32
CA ARG C 405 -22.50 20.87 -25.34
C ARG C 405 -23.75 20.35 -24.70
N VAL C 406 -24.24 21.02 -23.68
CA VAL C 406 -25.52 20.67 -23.05
C VAL C 406 -26.66 20.84 -24.08
N GLN C 407 -26.71 21.98 -24.80
CA GLN C 407 -27.74 22.20 -25.83
C GLN C 407 -27.61 21.30 -27.02
N PHE C 408 -26.38 20.90 -27.34
CA PHE C 408 -26.16 19.90 -28.40
C PHE C 408 -26.82 18.56 -28.00
N GLY C 409 -26.71 18.21 -26.73
CA GLY C 409 -27.29 16.97 -26.24
C GLY C 409 -28.80 17.04 -26.25
N ILE C 410 -29.37 18.20 -25.87
CA ILE C 410 -30.81 18.43 -25.86
C ILE C 410 -31.36 18.42 -27.30
N GLU C 411 -30.71 19.11 -28.23
CA GLU C 411 -31.20 19.18 -29.60
C GLU C 411 -31.09 17.86 -30.32
N SER C 412 -30.05 17.05 -30.04
CA SER C 412 -29.92 15.70 -30.60
C SER C 412 -30.99 14.79 -30.01
N GLY C 413 -31.22 14.93 -28.71
CA GLY C 413 -32.24 14.19 -27.99
C GLY C 413 -33.62 14.46 -28.52
N LYS C 414 -33.91 15.70 -28.95
CA LYS C 414 -35.20 16.07 -29.55
C LYS C 414 -35.29 15.45 -30.95
N LEU C 415 -34.21 15.51 -31.71
CA LEU C 415 -34.14 14.98 -33.07
C LEU C 415 -34.36 13.47 -33.11
N ARG C 416 -33.81 12.73 -32.16
CA ARG C 416 -33.93 11.28 -32.11
C ARG C 416 -35.18 10.75 -31.37
N GLY C 417 -35.96 11.63 -30.75
CA GLY C 417 -37.19 11.22 -30.08
C GLY C 417 -37.10 10.96 -28.58
N PHE C 418 -35.91 11.15 -27.99
CA PHE C 418 -35.71 10.98 -26.56
C PHE C 418 -36.45 12.11 -25.79
N LEU C 419 -36.48 13.35 -26.35
CA LEU C 419 -36.97 14.53 -25.65
C LEU C 419 -38.01 15.39 -26.41
N ARG C 420 -38.82 16.12 -25.65
CA ARG C 420 -39.82 17.05 -26.18
C ARG C 420 -39.84 18.30 -25.27
N VAL C 421 -40.32 19.44 -25.77
CA VAL C 421 -40.47 20.65 -24.98
C VAL C 421 -41.40 20.36 -23.79
N GLY C 422 -41.02 20.78 -22.59
CA GLY C 422 -41.77 20.47 -21.39
C GLY C 422 -41.21 19.31 -20.58
N ASP C 423 -40.37 18.46 -21.20
CA ASP C 423 -39.73 17.35 -20.49
C ASP C 423 -38.70 17.85 -19.45
N LEU C 424 -38.38 17.00 -18.46
CA LEU C 424 -37.34 17.31 -17.51
C LEU C 424 -36.14 16.42 -17.84
N VAL C 425 -34.94 17.03 -17.81
CA VAL C 425 -33.68 16.31 -17.94
C VAL C 425 -32.78 16.63 -16.78
N ILE C 426 -31.90 15.69 -16.43
CA ILE C 426 -30.87 15.90 -15.42
C ILE C 426 -29.59 16.17 -16.19
N VAL C 427 -28.83 17.19 -15.80
CA VAL C 427 -27.57 17.50 -16.49
C VAL C 427 -26.40 17.34 -15.53
N VAL C 428 -25.43 16.51 -15.92
CA VAL C 428 -24.25 16.27 -15.11
C VAL C 428 -23.00 16.87 -15.75
N THR C 429 -22.31 17.74 -15.02
CA THR C 429 -21.09 18.41 -15.46
C THR C 429 -20.10 18.53 -14.26
N GLY C 430 -18.96 19.16 -14.47
CA GLY C 430 -17.98 19.45 -13.44
C GLY C 430 -17.75 20.93 -13.31
N TRP C 431 -16.90 21.31 -12.39
CA TRP C 431 -16.64 22.72 -12.07
C TRP C 431 -15.50 23.38 -12.83
N ARG C 432 -14.69 22.57 -13.52
CA ARG C 432 -13.56 23.03 -14.30
C ARG C 432 -13.25 22.03 -15.43
N PRO C 433 -12.55 22.49 -16.49
CA PRO C 433 -12.27 21.60 -17.62
C PRO C 433 -11.29 20.49 -17.27
N GLY C 434 -11.32 19.45 -18.08
CA GLY C 434 -10.45 18.32 -17.88
C GLY C 434 -11.17 17.21 -17.16
N SER C 435 -10.85 16.02 -17.51
CA SER C 435 -11.38 14.81 -16.95
C SER C 435 -11.20 14.71 -15.43
N GLY C 436 -12.14 14.08 -14.75
CA GLY C 436 -12.08 13.82 -13.32
C GLY C 436 -12.63 14.81 -12.32
N TYR C 437 -13.28 15.90 -12.76
CA TYR C 437 -13.85 16.93 -11.87
C TYR C 437 -15.38 17.02 -11.86
N THR C 438 -16.14 15.99 -12.30
CA THR C 438 -17.60 16.06 -12.30
C THR C 438 -18.09 16.22 -10.88
N ASN C 439 -18.91 17.23 -10.63
CA ASN C 439 -19.43 17.49 -9.28
C ASN C 439 -20.77 18.23 -9.30
N ILE C 440 -21.40 18.40 -10.48
CA ILE C 440 -22.62 19.17 -10.58
C ILE C 440 -23.73 18.39 -11.18
N MET C 441 -24.93 18.54 -10.63
CA MET C 441 -26.14 17.93 -11.14
C MET C 441 -27.19 19.06 -11.19
N ARG C 442 -27.75 19.34 -12.37
CA ARG C 442 -28.79 20.36 -12.52
C ARG C 442 -30.07 19.72 -13.05
N VAL C 443 -31.24 20.24 -12.65
CA VAL C 443 -32.54 19.82 -13.16
C VAL C 443 -32.93 20.88 -14.19
N LEU C 444 -33.08 20.48 -15.46
CA LEU C 444 -33.44 21.43 -16.51
C LEU C 444 -34.77 21.07 -17.17
N SER C 445 -35.57 22.09 -17.43
CA SER C 445 -36.84 21.92 -18.14
CA SER C 445 -36.83 21.92 -18.13
C SER C 445 -36.56 22.20 -19.62
N ILE C 446 -36.94 21.27 -20.51
CA ILE C 446 -36.68 21.40 -21.94
C ILE C 446 -37.51 22.50 -22.60
N SER C 447 -36.85 23.48 -23.22
CA SER C 447 -37.53 24.56 -23.90
C SER C 447 -37.24 24.52 -25.42
N GLY D 23 -11.12 7.85 9.48
CA GLY D 23 -10.60 7.28 10.72
C GLY D 23 -11.58 6.39 11.45
N THR D 24 -11.06 5.43 12.22
CA THR D 24 -11.91 4.50 12.99
C THR D 24 -12.72 5.23 14.07
N ALA D 25 -12.11 6.26 14.68
CA ALA D 25 -12.74 7.07 15.71
C ALA D 25 -13.99 7.75 15.17
N PHE D 26 -13.97 8.19 13.89
CA PHE D 26 -15.12 8.85 13.27
C PHE D 26 -16.32 7.91 13.25
N PHE D 27 -16.10 6.63 12.89
CA PHE D 27 -17.17 5.65 12.79
C PHE D 27 -17.63 5.06 14.15
N GLN D 28 -17.01 5.46 15.26
CA GLN D 28 -17.44 5.02 16.60
C GLN D 28 -18.39 6.06 17.25
N GLN D 29 -18.26 7.35 16.86
CA GLN D 29 -19.07 8.46 17.35
C GLN D 29 -20.46 8.46 16.68
N GLN D 30 -21.36 9.35 17.19
CA GLN D 30 -22.72 9.62 16.72
C GLN D 30 -23.55 8.38 16.33
N GLN D 31 -23.41 7.29 17.14
CA GLN D 31 -24.10 6.02 16.97
C GLN D 31 -23.97 5.43 15.55
N LEU D 32 -22.81 5.65 14.90
CA LEU D 32 -22.61 5.14 13.53
C LEU D 32 -22.65 3.60 13.46
N PRO D 33 -22.11 2.82 14.42
CA PRO D 33 -22.32 1.35 14.38
C PRO D 33 -23.81 0.97 14.40
N ALA D 34 -24.62 1.65 15.22
CA ALA D 34 -26.06 1.39 15.31
C ALA D 34 -26.80 1.82 14.03
N ALA D 35 -26.29 2.85 13.34
CA ALA D 35 -26.88 3.36 12.10
C ALA D 35 -26.64 2.43 10.91
N MET D 36 -25.53 1.66 10.94
CA MET D 36 -25.18 0.70 9.88
C MET D 36 -25.90 -0.65 10.01
N ALA D 37 -26.69 -0.87 11.07
CA ALA D 37 -27.37 -2.14 11.31
C ALA D 37 -28.40 -2.50 10.22
N ASP D 38 -28.55 -3.81 9.98
CA ASP D 38 -29.46 -4.33 8.95
C ASP D 38 -30.92 -4.46 9.40
N THR D 39 -31.15 -4.48 10.72
CA THR D 39 -32.50 -4.52 11.28
C THR D 39 -32.64 -3.46 12.38
N PHE D 40 -33.87 -3.08 12.68
CA PHE D 40 -34.14 -2.13 13.75
C PHE D 40 -33.75 -2.77 15.11
N LEU D 41 -33.94 -4.08 15.28
CA LEU D 41 -33.58 -4.77 16.51
C LEU D 41 -32.07 -4.69 16.74
N GLU D 42 -31.26 -4.94 15.70
CA GLU D 42 -29.80 -4.86 15.76
C GLU D 42 -29.35 -3.42 16.05
N HIS D 43 -30.07 -2.43 15.46
CA HIS D 43 -29.83 -1.01 15.66
C HIS D 43 -29.97 -0.68 17.15
N LEU D 44 -31.05 -1.13 17.79
CA LEU D 44 -31.26 -0.90 19.22
C LEU D 44 -30.14 -1.55 20.03
N CYS D 45 -29.78 -2.81 19.71
CA CYS D 45 -28.75 -3.56 20.41
C CYS D 45 -27.37 -2.89 20.31
N LEU D 46 -27.12 -2.14 19.23
CA LEU D 46 -25.83 -1.48 19.02
C LEU D 46 -25.74 -0.06 19.60
N LEU D 47 -26.81 0.47 20.22
CA LEU D 47 -26.77 1.82 20.80
C LEU D 47 -25.76 1.83 21.95
N ASP D 48 -24.88 2.83 21.94
CA ASP D 48 -23.78 2.90 22.88
C ASP D 48 -23.80 4.23 23.66
N ILE D 49 -23.84 4.18 24.99
CA ILE D 49 -23.79 5.39 25.82
C ILE D 49 -22.42 6.08 25.73
N ASP D 50 -21.37 5.39 25.31
CA ASP D 50 -20.05 5.98 25.14
C ASP D 50 -19.86 6.60 23.75
N SER D 51 -20.82 6.43 22.82
CA SER D 51 -20.74 7.00 21.49
C SER D 51 -21.24 8.42 21.59
N GLU D 52 -20.32 9.40 21.54
CA GLU D 52 -20.69 10.80 21.71
C GLU D 52 -21.30 11.45 20.47
N PRO D 53 -22.34 12.28 20.67
CA PRO D 53 -22.92 12.98 19.52
C PRO D 53 -21.92 14.01 18.95
N VAL D 54 -21.80 14.10 17.63
CA VAL D 54 -20.89 15.04 16.98
C VAL D 54 -21.68 16.14 16.26
N ALA D 55 -22.80 15.77 15.62
CA ALA D 55 -23.61 16.72 14.87
C ALA D 55 -24.25 17.80 15.75
N ALA D 56 -24.53 18.96 15.16
CA ALA D 56 -25.22 20.02 15.84
C ALA D 56 -26.66 19.57 16.09
N ARG D 57 -27.26 20.04 17.18
CA ARG D 57 -28.60 19.70 17.57
C ARG D 57 -29.57 20.23 16.55
N SER D 58 -30.37 19.36 15.97
CA SER D 58 -31.24 19.72 14.87
C SER D 58 -32.73 19.96 15.23
N THR D 59 -33.22 19.45 16.38
CA THR D 59 -34.60 19.71 16.79
C THR D 59 -34.64 21.06 17.50
N SER D 60 -35.46 22.00 17.01
CA SER D 60 -35.57 23.32 17.61
CA SER D 60 -35.56 23.34 17.60
C SER D 60 -36.23 23.33 18.96
N ILE D 61 -35.84 24.28 19.80
CA ILE D 61 -36.41 24.41 21.11
C ILE D 61 -37.24 25.68 21.13
N ILE D 62 -38.52 25.57 21.46
CA ILE D 62 -39.41 26.70 21.63
C ILE D 62 -39.51 26.96 23.13
N ALA D 63 -39.16 28.17 23.60
CA ALA D 63 -39.29 28.51 25.03
C ALA D 63 -40.41 29.53 25.20
N THR D 64 -41.37 29.26 26.09
CA THR D 64 -42.43 30.24 26.37
C THR D 64 -41.87 31.37 27.24
N ILE D 65 -42.15 32.61 26.86
CA ILE D 65 -41.69 33.80 27.55
C ILE D 65 -42.63 34.18 28.68
N GLY D 66 -42.07 34.53 29.82
CA GLY D 66 -42.85 34.96 30.96
C GLY D 66 -42.01 35.68 31.99
N PRO D 67 -42.54 35.84 33.21
CA PRO D 67 -41.76 36.51 34.27
C PRO D 67 -40.36 35.94 34.53
N ALA D 68 -40.18 34.63 34.38
CA ALA D 68 -38.87 34.00 34.58
C ALA D 68 -37.89 34.16 33.40
N SER D 69 -38.35 34.71 32.26
CA SER D 69 -37.50 34.77 31.07
C SER D 69 -37.73 36.02 30.25
N ARG D 70 -37.99 37.13 30.92
CA ARG D 70 -38.21 38.39 30.21
C ARG D 70 -37.03 39.33 30.26
N SER D 71 -36.16 39.18 31.26
CA SER D 71 -34.99 40.02 31.41
C SER D 71 -34.09 39.85 30.18
N VAL D 72 -33.65 40.95 29.56
CA VAL D 72 -32.75 40.94 28.40
C VAL D 72 -31.49 40.09 28.68
N GLU D 73 -30.96 40.18 29.90
CA GLU D 73 -29.80 39.39 30.31
C GLU D 73 -30.12 37.89 30.41
N ARG D 74 -31.32 37.56 30.88
CA ARG D 74 -31.77 36.16 30.98
C ARG D 74 -32.00 35.59 29.56
N LEU D 75 -32.61 36.38 28.67
CA LEU D 75 -32.87 35.99 27.27
C LEU D 75 -31.56 35.73 26.50
N LYS D 76 -30.49 36.46 26.78
CA LYS D 76 -29.19 36.24 26.17
C LYS D 76 -28.65 34.88 26.57
N GLU D 77 -28.82 34.51 27.85
CA GLU D 77 -28.37 33.22 28.35
C GLU D 77 -29.18 32.10 27.71
N MET D 78 -30.48 32.31 27.50
CA MET D 78 -31.35 31.30 26.86
CA MET D 78 -31.35 31.30 26.87
C MET D 78 -31.03 31.12 25.39
N ILE D 79 -30.62 32.19 24.71
CA ILE D 79 -30.22 32.12 23.30
C ILE D 79 -28.93 31.27 23.23
N LYS D 80 -27.97 31.53 24.14
CA LYS D 80 -26.73 30.76 24.23
C LYS D 80 -26.97 29.28 24.58
N ALA D 81 -27.97 28.99 25.44
CA ALA D 81 -28.36 27.62 25.84
C ALA D 81 -29.00 26.84 24.71
N GLY D 82 -29.57 27.53 23.73
CA GLY D 82 -30.18 26.86 22.59
C GLY D 82 -31.61 27.23 22.21
N MET D 83 -32.24 28.26 22.84
CA MET D 83 -33.58 28.66 22.45
C MET D 83 -33.60 29.16 20.99
N ASN D 84 -34.52 28.64 20.19
CA ASN D 84 -34.63 29.03 18.78
C ASN D 84 -35.87 29.82 18.48
N ILE D 85 -36.96 29.55 19.21
CA ILE D 85 -38.23 30.23 19.04
C ILE D 85 -38.72 30.68 20.42
N ALA D 86 -39.15 31.94 20.52
CA ALA D 86 -39.73 32.52 21.71
C ALA D 86 -41.25 32.51 21.52
N ARG D 87 -41.97 31.83 22.42
CA ARG D 87 -43.42 31.76 22.36
C ARG D 87 -44.08 32.79 23.31
N LEU D 88 -45.01 33.57 22.76
CA LEU D 88 -45.77 34.53 23.54
C LEU D 88 -47.15 33.96 23.76
N ASN D 89 -47.50 33.60 24.99
CA ASN D 89 -48.80 32.99 25.26
C ASN D 89 -49.83 34.08 25.46
N PHE D 90 -50.68 34.32 24.45
CA PHE D 90 -51.69 35.37 24.53
C PHE D 90 -52.88 35.02 25.44
N SER D 91 -52.85 33.86 26.13
CA SER D 91 -53.84 33.52 27.14
C SER D 91 -53.60 34.33 28.44
N HIS D 92 -52.39 34.89 28.63
CA HIS D 92 -52.01 35.70 29.78
C HIS D 92 -51.37 37.00 29.33
N GLY D 93 -51.60 38.07 30.07
CA GLY D 93 -51.00 39.36 29.76
C GLY D 93 -51.69 40.19 28.70
N SER D 94 -51.43 41.48 28.74
CA SER D 94 -52.01 42.44 27.82
C SER D 94 -51.12 42.62 26.58
N HIS D 95 -51.60 43.40 25.58
CA HIS D 95 -50.80 43.72 24.41
C HIS D 95 -49.53 44.48 24.80
N GLU D 96 -49.60 45.32 25.83
CA GLU D 96 -48.46 46.10 26.32
C GLU D 96 -47.39 45.17 26.88
N TYR D 97 -47.82 44.12 27.60
CA TYR D 97 -46.93 43.14 28.17
C TYR D 97 -46.19 42.38 27.04
N HIS D 98 -46.94 41.90 26.05
CA HIS D 98 -46.37 41.17 24.92
C HIS D 98 -45.48 42.02 24.03
N ALA D 99 -45.79 43.32 23.86
CA ALA D 99 -44.93 44.22 23.09
C ALA D 99 -43.57 44.41 23.80
N GLU D 100 -43.57 44.47 25.15
CA GLU D 100 -42.32 44.57 25.92
C GLU D 100 -41.54 43.26 25.81
N SER D 101 -42.23 42.12 25.79
CA SER D 101 -41.59 40.79 25.63
C SER D 101 -40.87 40.74 24.28
N ILE D 102 -41.57 41.17 23.21
CA ILE D 102 -41.04 41.20 21.85
C ILE D 102 -39.79 42.08 21.80
N ALA D 103 -39.87 43.29 22.40
CA ALA D 103 -38.75 44.21 22.43
C ALA D 103 -37.55 43.64 23.19
N ASN D 104 -37.80 42.91 24.31
CA ASN D 104 -36.70 42.32 25.08
C ASN D 104 -36.03 41.18 24.32
N VAL D 105 -36.84 40.37 23.62
CA VAL D 105 -36.32 39.29 22.79
C VAL D 105 -35.45 39.89 21.69
N ARG D 106 -35.97 40.86 20.94
CA ARG D 106 -35.21 41.48 19.86
C ARG D 106 -33.93 42.18 20.34
N GLU D 107 -33.95 42.79 21.54
CA GLU D 107 -32.77 43.42 22.10
C GLU D 107 -31.72 42.35 22.43
N ALA D 108 -32.12 41.24 23.05
CA ALA D 108 -31.18 40.16 23.37
C ALA D 108 -30.63 39.50 22.09
N VAL D 109 -31.48 39.27 21.10
CA VAL D 109 -31.07 38.68 19.83
C VAL D 109 -30.08 39.58 19.09
N GLU D 110 -30.38 40.88 19.01
CA GLU D 110 -29.52 41.82 18.27
C GLU D 110 -28.23 42.17 19.00
N SER D 111 -28.10 41.85 20.28
CA SER D 111 -26.85 42.10 21.00
C SER D 111 -25.71 41.21 20.49
N PHE D 112 -26.01 40.17 19.69
CA PHE D 112 -25.01 39.30 19.09
C PHE D 112 -24.83 39.59 17.58
N ALA D 113 -25.51 40.60 17.03
CA ALA D 113 -25.41 40.92 15.61
C ALA D 113 -24.07 41.53 15.18
N GLY D 114 -23.25 41.97 16.14
CA GLY D 114 -21.92 42.49 15.85
C GLY D 114 -20.97 41.43 15.29
N SER D 115 -21.27 40.15 15.49
CA SER D 115 -20.48 39.05 14.94
C SER D 115 -21.40 38.26 13.97
N PRO D 116 -21.44 38.66 12.69
CA PRO D 116 -22.39 38.02 11.75
C PRO D 116 -22.18 36.53 11.50
N LEU D 117 -20.94 36.04 11.64
CA LEU D 117 -20.66 34.63 11.42
C LEU D 117 -21.18 33.73 12.55
N SER D 118 -21.51 34.30 13.72
CA SER D 118 -22.02 33.50 14.83
C SER D 118 -23.45 33.88 15.28
N TYR D 119 -24.02 34.94 14.72
CA TYR D 119 -25.35 35.46 15.02
C TYR D 119 -26.44 34.40 14.89
N ARG D 120 -27.31 34.30 15.92
CA ARG D 120 -28.38 33.33 15.88
C ARG D 120 -29.74 33.99 15.82
N PRO D 121 -30.48 33.80 14.73
CA PRO D 121 -31.83 34.37 14.65
C PRO D 121 -32.77 33.64 15.61
N VAL D 122 -33.76 34.34 16.16
CA VAL D 122 -34.72 33.74 17.06
C VAL D 122 -36.11 34.12 16.58
N ALA D 123 -36.97 33.14 16.29
CA ALA D 123 -38.32 33.42 15.84
C ALA D 123 -39.21 33.85 16.97
N ILE D 124 -40.24 34.64 16.67
CA ILE D 124 -41.23 35.01 17.65
C ILE D 124 -42.55 34.43 17.22
N ALA D 125 -43.15 33.61 18.06
CA ALA D 125 -44.42 32.98 17.78
C ALA D 125 -45.51 33.48 18.73
N LEU D 126 -46.70 33.74 18.18
CA LEU D 126 -47.84 34.22 18.96
C LEU D 126 -48.78 33.03 19.19
N ASP D 127 -48.99 32.62 20.43
CA ASP D 127 -49.91 31.51 20.72
C ASP D 127 -51.26 32.16 21.09
N THR D 128 -52.31 31.93 20.30
CA THR D 128 -53.61 32.57 20.54
C THR D 128 -54.34 32.01 21.75
N LYS D 129 -55.24 32.82 22.33
CA LYS D 129 -56.06 32.45 23.48
C LYS D 129 -57.04 31.34 23.10
N GLY D 130 -57.62 31.42 21.92
CA GLY D 130 -58.54 30.40 21.45
C GLY D 130 -60.00 30.82 21.38
N PRO D 131 -60.84 29.91 20.87
CA PRO D 131 -62.27 30.23 20.71
C PRO D 131 -63.11 30.18 21.96
N GLY D 132 -62.67 29.41 22.97
CA GLY D 132 -63.39 29.20 24.22
C GLY D 132 -64.70 28.47 23.97
N SER D 133 -65.80 29.02 24.51
CA SER D 133 -67.13 28.44 24.27
C SER D 133 -67.67 28.71 22.84
N GLY D 134 -67.07 29.66 22.12
CA GLY D 134 -67.49 30.02 20.77
C GLY D 134 -67.22 28.99 19.70
N PRO D 135 -67.89 29.17 18.54
CA PRO D 135 -67.76 28.21 17.44
C PRO D 135 -66.51 28.37 16.58
N GLY D 136 -66.10 29.62 16.34
CA GLY D 136 -64.96 29.94 15.50
C GLY D 136 -64.05 30.98 16.11
N LEU D 137 -63.50 31.87 15.27
CA LEU D 137 -62.56 32.89 15.70
C LEU D 137 -63.18 33.92 16.63
N SER D 138 -62.64 34.01 17.86
CA SER D 138 -63.12 34.97 18.85
C SER D 138 -62.70 36.41 18.48
N GLU D 139 -63.36 37.41 19.10
CA GLU D 139 -63.01 38.80 18.83
C GLU D 139 -61.68 39.18 19.43
N GLN D 140 -61.29 38.57 20.57
CA GLN D 140 -59.98 38.82 21.17
C GLN D 140 -58.89 38.24 20.25
N ASP D 141 -59.15 37.07 19.61
CA ASP D 141 -58.19 36.47 18.69
C ASP D 141 -57.98 37.39 17.49
N VAL D 142 -59.05 38.01 16.97
CA VAL D 142 -58.91 38.94 15.84
C VAL D 142 -58.01 40.13 16.21
N ARG D 143 -58.17 40.67 17.43
CA ARG D 143 -57.34 41.78 17.88
C ARG D 143 -55.88 41.37 18.13
N ASP D 144 -55.68 40.17 18.70
CA ASP D 144 -54.34 39.64 18.97
C ASP D 144 -53.61 39.31 17.67
N LEU D 145 -54.33 38.77 16.68
CA LEU D 145 -53.75 38.46 15.38
C LEU D 145 -53.30 39.73 14.69
N ARG D 146 -54.11 40.83 14.78
CA ARG D 146 -53.69 42.08 14.15
CA ARG D 146 -53.72 42.10 14.16
C ARG D 146 -52.49 42.66 14.88
N PHE D 147 -52.42 42.51 16.23
CA PHE D 147 -51.27 42.95 17.01
C PHE D 147 -49.99 42.22 16.49
N GLY D 148 -50.11 40.93 16.23
CA GLY D 148 -49.00 40.13 15.73
C GLY D 148 -48.48 40.61 14.39
N VAL D 149 -49.38 40.93 13.46
CA VAL D 149 -48.97 41.46 12.15
C VAL D 149 -48.28 42.81 12.34
N GLU D 150 -48.84 43.70 13.18
CA GLU D 150 -48.25 45.00 13.44
C GLU D 150 -46.89 44.95 14.12
N HIS D 151 -46.67 43.92 14.95
CA HIS D 151 -45.40 43.76 15.63
C HIS D 151 -44.42 42.81 14.93
N GLY D 152 -44.76 42.35 13.73
CA GLY D 152 -43.89 41.50 12.94
C GLY D 152 -43.61 40.10 13.48
N VAL D 153 -44.63 39.42 14.03
CA VAL D 153 -44.41 38.05 14.50
C VAL D 153 -44.18 37.13 13.31
N ASP D 154 -43.44 36.04 13.52
CA ASP D 154 -43.12 35.13 12.43
C ASP D 154 -44.09 33.98 12.32
N ILE D 155 -44.62 33.52 13.44
CA ILE D 155 -45.46 32.33 13.49
C ILE D 155 -46.69 32.58 14.36
N VAL D 156 -47.79 31.87 14.07
CA VAL D 156 -48.97 31.89 14.89
C VAL D 156 -49.24 30.44 15.32
N PHE D 157 -49.34 30.16 16.62
CA PHE D 157 -49.74 28.85 17.10
C PHE D 157 -51.24 29.04 17.35
N ALA D 158 -52.08 28.63 16.40
CA ALA D 158 -53.53 28.83 16.51
C ALA D 158 -54.16 27.80 17.44
N SER D 159 -54.66 28.24 18.60
CA SER D 159 -55.31 27.36 19.57
C SER D 159 -56.62 26.75 19.11
N PHE D 160 -56.89 25.52 19.58
CA PHE D 160 -58.08 24.71 19.37
C PHE D 160 -58.58 24.70 17.91
N VAL D 161 -57.72 24.33 16.96
CA VAL D 161 -58.14 24.21 15.57
C VAL D 161 -58.94 22.92 15.44
N ARG D 162 -60.20 23.03 14.99
CA ARG D 162 -61.12 21.90 14.86
C ARG D 162 -61.45 21.51 13.42
N LYS D 163 -61.20 22.40 12.44
CA LYS D 163 -61.50 22.15 11.03
C LYS D 163 -60.72 23.13 10.14
N ALA D 164 -60.69 22.89 8.82
CA ALA D 164 -59.97 23.74 7.86
C ALA D 164 -60.44 25.20 7.88
N SER D 165 -61.74 25.44 8.10
CA SER D 165 -62.30 26.80 8.11
C SER D 165 -61.74 27.64 9.27
N ASP D 166 -61.29 26.99 10.37
CA ASP D 166 -60.66 27.70 11.50
C ASP D 166 -59.32 28.30 11.04
N VAL D 167 -58.57 27.56 10.22
CA VAL D 167 -57.30 28.01 9.69
C VAL D 167 -57.51 29.16 8.70
N ALA D 168 -58.56 29.06 7.86
CA ALA D 168 -58.87 30.11 6.89
C ALA D 168 -59.24 31.41 7.61
N ALA D 169 -59.96 31.30 8.74
CA ALA D 169 -60.35 32.46 9.55
C ALA D 169 -59.10 33.13 10.14
N VAL D 170 -58.11 32.35 10.62
CA VAL D 170 -56.87 32.90 11.15
C VAL D 170 -56.11 33.62 10.05
N ARG D 171 -56.05 33.01 8.87
CA ARG D 171 -55.38 33.58 7.71
C ARG D 171 -56.03 34.92 7.30
N ALA D 172 -57.38 34.98 7.31
CA ALA D 172 -58.12 36.19 6.98
C ALA D 172 -57.87 37.28 8.01
N ALA D 173 -57.84 36.91 9.31
CA ALA D 173 -57.57 37.88 10.37
C ALA D 173 -56.17 38.45 10.33
N LEU D 174 -55.22 37.75 9.69
CA LEU D 174 -53.86 38.29 9.54
C LEU D 174 -53.79 39.36 8.42
N GLY D 175 -54.81 39.41 7.56
CA GLY D 175 -54.91 40.40 6.49
C GLY D 175 -53.89 40.23 5.39
N PRO D 176 -53.84 41.23 4.49
CA PRO D 176 -52.89 41.16 3.37
C PRO D 176 -51.43 41.34 3.80
N GLU D 177 -51.18 42.02 4.92
CA GLU D 177 -49.83 42.23 5.41
C GLU D 177 -49.21 41.03 6.14
N GLY D 178 -50.03 40.06 6.54
CA GLY D 178 -49.55 38.89 7.26
C GLY D 178 -49.55 37.63 6.42
N HIS D 179 -49.33 37.77 5.09
CA HIS D 179 -49.31 36.62 4.20
CA HIS D 179 -49.31 36.62 4.19
C HIS D 179 -48.11 35.69 4.47
N GLY D 180 -47.00 36.26 4.90
CA GLY D 180 -45.78 35.51 5.16
C GLY D 180 -45.71 34.82 6.51
N ILE D 181 -46.66 35.10 7.43
CA ILE D 181 -46.64 34.48 8.75
C ILE D 181 -47.04 33.02 8.64
N LYS D 182 -46.32 32.13 9.32
CA LYS D 182 -46.64 30.69 9.30
C LYS D 182 -47.74 30.36 10.30
N ILE D 183 -48.74 29.58 9.90
CA ILE D 183 -49.80 29.18 10.79
C ILE D 183 -49.61 27.71 11.21
N ILE D 184 -49.31 27.49 12.48
CA ILE D 184 -49.12 26.16 13.04
C ILE D 184 -50.40 25.89 13.82
N SER D 185 -51.21 24.93 13.36
CA SER D 185 -52.47 24.63 14.02
C SER D 185 -52.30 23.73 15.24
N LYS D 186 -52.86 24.14 16.38
CA LYS D 186 -52.79 23.33 17.58
C LYS D 186 -53.93 22.32 17.61
N ILE D 187 -53.61 21.02 17.69
CA ILE D 187 -54.60 19.98 17.79
C ILE D 187 -54.76 19.68 19.27
N GLU D 188 -55.91 20.06 19.84
CA GLU D 188 -56.15 19.95 21.28
C GLU D 188 -57.38 19.17 21.67
N ASN D 189 -58.12 18.61 20.72
CA ASN D 189 -59.34 17.86 21.05
C ASN D 189 -59.65 16.74 20.04
N HIS D 190 -60.66 15.91 20.33
CA HIS D 190 -61.05 14.80 19.47
C HIS D 190 -61.39 15.22 18.04
N GLU D 191 -62.11 16.35 17.87
CA GLU D 191 -62.48 16.80 16.53
C GLU D 191 -61.27 17.17 15.70
N GLY D 192 -60.28 17.84 16.31
CA GLY D 192 -59.03 18.20 15.63
C GLY D 192 -58.27 16.97 15.17
N VAL D 193 -58.23 15.90 16.02
CA VAL D 193 -57.57 14.64 15.66
C VAL D 193 -58.30 13.97 14.50
N LYS D 194 -59.66 13.94 14.56
CA LYS D 194 -60.46 13.33 13.51
C LYS D 194 -60.44 14.08 12.18
N ARG D 195 -60.38 15.40 12.23
CA ARG D 195 -60.30 16.22 11.02
C ARG D 195 -58.87 16.63 10.67
N PHE D 196 -57.86 15.93 11.22
CA PHE D 196 -56.44 16.21 11.04
C PHE D 196 -56.01 16.43 9.60
N ASP D 197 -56.38 15.53 8.68
CA ASP D 197 -55.95 15.65 7.29
C ASP D 197 -56.37 16.96 6.62
N GLU D 198 -57.61 17.40 6.86
CA GLU D 198 -58.09 18.64 6.27
C GLU D 198 -57.41 19.88 6.90
N ILE D 199 -57.05 19.78 8.19
CA ILE D 199 -56.38 20.85 8.91
C ILE D 199 -54.92 20.97 8.43
N LEU D 200 -54.21 19.84 8.32
CA LEU D 200 -52.82 19.82 7.87
C LEU D 200 -52.69 20.33 6.45
N GLU D 201 -53.64 20.00 5.58
CA GLU D 201 -53.64 20.44 4.19
C GLU D 201 -53.59 21.96 4.05
N VAL D 202 -54.32 22.68 4.91
CA VAL D 202 -54.35 24.15 4.83
C VAL D 202 -53.39 24.86 5.81
N SER D 203 -52.77 24.13 6.73
CA SER D 203 -51.84 24.72 7.70
C SER D 203 -50.40 24.63 7.22
N ASP D 204 -49.53 25.44 7.78
CA ASP D 204 -48.10 25.34 7.51
C ASP D 204 -47.45 24.23 8.35
N GLY D 205 -48.07 23.86 9.47
CA GLY D 205 -47.58 22.85 10.37
C GLY D 205 -48.56 22.58 11.50
N ILE D 206 -48.16 21.71 12.44
CA ILE D 206 -49.04 21.28 13.52
C ILE D 206 -48.34 21.33 14.87
N MET D 207 -49.10 21.57 15.93
CA MET D 207 -48.58 21.45 17.28
C MET D 207 -49.44 20.38 17.99
N VAL D 208 -48.82 19.37 18.59
CA VAL D 208 -49.50 18.38 19.39
C VAL D 208 -49.58 19.02 20.79
N ALA D 209 -50.70 19.70 21.08
CA ALA D 209 -50.94 20.43 22.32
C ALA D 209 -51.45 19.46 23.37
N ARG D 210 -50.52 18.69 23.99
CA ARG D 210 -50.85 17.58 24.90
C ARG D 210 -51.58 17.95 26.19
N GLY D 211 -51.45 19.18 26.67
CA GLY D 211 -52.16 19.62 27.86
C GLY D 211 -53.67 19.51 27.72
N ASP D 212 -54.26 20.22 26.75
CA ASP D 212 -55.69 20.15 26.50
C ASP D 212 -56.09 18.83 25.90
N LEU D 213 -55.28 18.29 25.00
CA LEU D 213 -55.57 16.99 24.37
C LEU D 213 -55.73 15.88 25.42
N GLY D 214 -54.90 15.91 26.45
CA GLY D 214 -54.94 14.95 27.55
C GLY D 214 -56.15 15.06 28.48
N ILE D 215 -56.93 16.14 28.34
CA ILE D 215 -58.16 16.40 29.09
C ILE D 215 -59.36 16.08 28.16
N GLU D 216 -59.25 16.40 26.87
CA GLU D 216 -60.31 16.19 25.88
C GLU D 216 -60.48 14.73 25.48
N ILE D 217 -59.38 13.97 25.44
CA ILE D 217 -59.39 12.54 25.14
C ILE D 217 -58.76 11.80 26.34
N PRO D 218 -58.97 10.47 26.49
CA PRO D 218 -58.33 9.76 27.62
C PRO D 218 -56.81 9.95 27.62
N ALA D 219 -56.22 10.22 28.80
CA ALA D 219 -54.79 10.45 28.93
C ALA D 219 -53.93 9.35 28.31
N GLU D 220 -54.35 8.10 28.44
CA GLU D 220 -53.62 6.94 27.91
C GLU D 220 -53.68 6.81 26.38
N LYS D 221 -54.40 7.71 25.69
CA LYS D 221 -54.46 7.69 24.23
C LYS D 221 -53.66 8.83 23.58
N VAL D 222 -53.15 9.79 24.37
CA VAL D 222 -52.40 10.93 23.84
C VAL D 222 -51.17 10.49 23.04
N PHE D 223 -50.44 9.47 23.52
CA PHE D 223 -49.26 8.98 22.80
C PHE D 223 -49.61 8.47 21.38
N LEU D 224 -50.80 7.90 21.19
CA LEU D 224 -51.22 7.42 19.87
C LEU D 224 -51.46 8.63 18.96
N ALA D 225 -52.11 9.69 19.48
CA ALA D 225 -52.37 10.90 18.72
C ALA D 225 -51.07 11.61 18.37
N GLN D 226 -50.13 11.68 19.32
CA GLN D 226 -48.83 12.30 19.09
C GLN D 226 -48.06 11.57 17.97
N LYS D 227 -47.93 10.23 18.09
CA LYS D 227 -47.20 9.45 17.10
C LYS D 227 -47.83 9.51 15.72
N MET D 228 -49.18 9.51 15.67
CA MET D 228 -49.90 9.59 14.40
C MET D 228 -49.66 10.94 13.70
N MET D 229 -49.82 12.05 14.46
CA MET D 229 -49.66 13.38 13.90
C MET D 229 -48.24 13.65 13.47
N ILE D 230 -47.26 13.19 14.24
CA ILE D 230 -45.85 13.34 13.85
C ILE D 230 -45.57 12.57 12.54
N GLY D 231 -46.06 11.34 12.45
CA GLY D 231 -45.89 10.53 11.23
C GLY D 231 -46.51 11.19 10.01
N ARG D 232 -47.74 11.70 10.13
CA ARG D 232 -48.42 12.35 9.02
C ARG D 232 -47.77 13.66 8.60
N CYS D 233 -47.22 14.41 9.57
CA CYS D 233 -46.50 15.65 9.27
C CYS D 233 -45.20 15.34 8.59
N ASN D 234 -44.49 14.30 9.03
CA ASN D 234 -43.24 13.87 8.39
C ASN D 234 -43.51 13.43 6.95
N LEU D 235 -44.63 12.75 6.72
CA LEU D 235 -45.02 12.30 5.40
C LEU D 235 -45.33 13.52 4.49
N ALA D 236 -46.03 14.52 5.04
CA ALA D 236 -46.38 15.75 4.31
C ALA D 236 -45.22 16.72 4.15
N GLY D 237 -44.14 16.53 4.91
CA GLY D 237 -42.99 17.45 4.88
C GLY D 237 -43.31 18.77 5.55
N LYS D 238 -44.20 18.76 6.56
CA LYS D 238 -44.59 19.97 7.26
C LYS D 238 -44.19 19.91 8.72
N PRO D 239 -43.75 21.06 9.30
CA PRO D 239 -43.27 21.02 10.69
C PRO D 239 -44.28 20.55 11.73
N VAL D 240 -43.79 19.80 12.72
CA VAL D 240 -44.61 19.32 13.82
C VAL D 240 -43.91 19.62 15.14
N VAL D 241 -44.66 20.20 16.07
CA VAL D 241 -44.13 20.55 17.39
C VAL D 241 -44.71 19.62 18.44
N CYS D 242 -43.88 19.07 19.32
CA CYS D 242 -44.39 18.32 20.47
C CYS D 242 -44.39 19.29 21.65
N ALA D 243 -45.51 19.43 22.34
CA ALA D 243 -45.63 20.39 23.42
C ALA D 243 -46.24 19.86 24.71
N THR D 244 -45.94 20.53 25.84
CA THR D 244 -46.51 20.47 27.18
C THR D 244 -46.03 19.34 28.09
N GLN D 245 -45.54 19.76 29.29
CA GLN D 245 -45.09 18.94 30.41
C GLN D 245 -43.90 18.06 30.08
N MET D 246 -43.11 18.43 29.06
CA MET D 246 -41.95 17.63 28.67
C MET D 246 -40.92 17.53 29.80
N LEU D 247 -40.65 18.64 30.52
CA LEU D 247 -39.70 18.67 31.65
C LEU D 247 -40.40 19.38 32.85
N GLU D 248 -41.69 19.14 33.06
CA GLU D 248 -42.53 19.78 34.06
C GLU D 248 -41.89 19.95 35.46
N SER D 249 -41.27 18.91 36.01
CA SER D 249 -40.65 18.96 37.33
C SER D 249 -39.52 19.99 37.43
N MET D 250 -38.92 20.38 36.28
CA MET D 250 -37.88 21.39 36.28
C MET D 250 -38.41 22.84 36.53
N ILE D 251 -39.72 23.00 36.73
CA ILE D 251 -40.27 24.28 37.13
C ILE D 251 -39.72 24.62 38.56
N THR D 252 -39.60 23.60 39.43
CA THR D 252 -39.08 23.80 40.79
C THR D 252 -37.80 23.04 41.10
N LYS D 253 -37.48 21.96 40.34
CA LYS D 253 -36.28 21.16 40.63
C LYS D 253 -35.18 21.34 39.56
N PRO D 254 -33.89 21.27 39.95
CA PRO D 254 -32.82 21.50 38.98
C PRO D 254 -32.60 20.39 37.94
N ARG D 255 -33.09 19.17 38.23
CA ARG D 255 -32.92 18.03 37.35
C ARG D 255 -34.31 17.42 37.08
N PRO D 256 -34.53 16.92 35.84
CA PRO D 256 -35.85 16.32 35.54
C PRO D 256 -35.95 14.86 36.01
N THR D 257 -37.15 14.28 35.89
CA THR D 257 -37.38 12.91 36.25
C THR D 257 -36.93 11.99 35.09
N ARG D 258 -36.87 10.67 35.33
CA ARG D 258 -36.51 9.71 34.31
C ARG D 258 -37.58 9.64 33.22
N ALA D 259 -38.85 9.90 33.55
CA ALA D 259 -39.93 9.89 32.58
C ALA D 259 -39.85 11.10 31.66
N GLU D 260 -39.42 12.26 32.20
CA GLU D 260 -39.29 13.50 31.45
C GLU D 260 -38.19 13.47 30.42
N THR D 261 -37.00 12.95 30.79
CA THR D 261 -35.92 12.84 29.80
C THR D 261 -36.31 11.84 28.70
N SER D 262 -36.98 10.75 29.09
CA SER D 262 -37.48 9.73 28.18
C SER D 262 -38.48 10.36 27.18
N ASP D 263 -39.40 11.20 27.69
CA ASP D 263 -40.41 11.87 26.88
C ASP D 263 -39.78 12.77 25.79
N VAL D 264 -38.78 13.56 26.17
CA VAL D 264 -38.08 14.42 25.22
C VAL D 264 -37.38 13.57 24.16
N ALA D 265 -36.67 12.53 24.59
CA ALA D 265 -35.96 11.67 23.66
C ALA D 265 -36.91 10.97 22.69
N ASN D 266 -38.04 10.50 23.20
CA ASN D 266 -39.03 9.83 22.37
C ASN D 266 -39.74 10.77 21.43
N ALA D 267 -39.96 12.04 21.79
CA ALA D 267 -40.57 13.01 20.86
C ALA D 267 -39.63 13.24 19.67
N VAL D 268 -38.32 13.35 19.93
CA VAL D 268 -37.31 13.51 18.90
C VAL D 268 -37.24 12.23 18.04
N LEU D 269 -37.22 11.04 18.68
CA LEU D 269 -37.20 9.79 17.93
C LEU D 269 -38.47 9.61 17.09
N ASP D 270 -39.64 10.06 17.57
CA ASP D 270 -40.91 9.99 16.85
C ASP D 270 -40.83 10.75 15.52
N GLY D 271 -40.09 11.86 15.50
CA GLY D 271 -39.92 12.68 14.31
C GLY D 271 -40.32 14.13 14.47
N ALA D 272 -40.46 14.61 15.73
CA ALA D 272 -40.82 16.02 15.95
C ALA D 272 -39.76 16.97 15.45
N ASP D 273 -40.19 18.02 14.74
CA ASP D 273 -39.27 19.06 14.29
C ASP D 273 -38.87 19.98 15.43
N CYS D 274 -39.82 20.27 16.34
CA CYS D 274 -39.61 21.15 17.46
C CYS D 274 -40.09 20.51 18.74
N ILE D 275 -39.46 20.88 19.85
CA ILE D 275 -39.88 20.50 21.18
C ILE D 275 -40.12 21.81 21.95
N MET D 276 -41.08 21.81 22.88
CA MET D 276 -41.47 23.04 23.56
C MET D 276 -41.34 22.99 25.08
N LEU D 277 -41.10 24.16 25.68
CA LEU D 277 -41.08 24.38 27.11
C LEU D 277 -42.16 25.45 27.40
N SER D 278 -43.02 25.21 28.41
CA SER D 278 -44.08 26.15 28.77
C SER D 278 -43.75 26.80 30.13
N GLY D 279 -44.27 26.27 31.24
CA GLY D 279 -44.00 26.75 32.59
C GLY D 279 -42.54 26.65 32.93
N GLU D 280 -41.82 25.68 32.35
CA GLU D 280 -40.39 25.46 32.60
C GLU D 280 -39.57 26.71 32.28
N THR D 281 -39.98 27.49 31.23
CA THR D 281 -39.27 28.73 30.87
C THR D 281 -40.06 29.98 31.23
N ALA D 282 -41.40 29.92 31.24
CA ALA D 282 -42.23 31.09 31.51
C ALA D 282 -42.26 31.49 32.99
N LYS D 283 -42.34 30.52 33.92
CA LYS D 283 -42.47 30.84 35.33
C LYS D 283 -41.58 30.05 36.30
N GLY D 284 -40.85 29.08 35.80
CA GLY D 284 -40.02 28.23 36.64
C GLY D 284 -38.79 28.90 37.20
N ASN D 285 -38.04 28.16 38.03
CA ASN D 285 -36.77 28.61 38.62
C ASN D 285 -35.53 28.22 37.80
N PHE D 286 -35.71 27.41 36.73
CA PHE D 286 -34.60 26.89 35.95
C PHE D 286 -34.82 27.06 34.44
N PRO D 287 -35.15 28.27 33.91
CA PRO D 287 -35.43 28.38 32.48
C PRO D 287 -34.21 28.10 31.59
N VAL D 288 -33.00 28.47 32.03
CA VAL D 288 -31.81 28.25 31.22
C VAL D 288 -31.45 26.78 31.26
N GLU D 289 -31.52 26.14 32.43
CA GLU D 289 -31.21 24.73 32.59
C GLU D 289 -32.23 23.87 31.86
N ALA D 290 -33.50 24.27 31.84
CA ALA D 290 -34.53 23.49 31.11
C ALA D 290 -34.20 23.51 29.59
N VAL D 291 -33.71 24.63 29.06
CA VAL D 291 -33.31 24.73 27.67
C VAL D 291 -32.04 23.88 27.44
N LYS D 292 -31.07 23.94 28.38
CA LYS D 292 -29.86 23.14 28.26
C LYS D 292 -30.17 21.64 28.29
N MET D 293 -31.15 21.22 29.09
CA MET D 293 -31.53 19.83 29.22
C MET D 293 -32.17 19.34 27.93
N GLN D 294 -33.09 20.11 27.34
CA GLN D 294 -33.70 19.73 26.06
C GLN D 294 -32.65 19.68 24.96
N HIS D 295 -31.68 20.60 24.97
CA HIS D 295 -30.59 20.61 24.01
C HIS D 295 -29.78 19.31 24.10
N ALA D 296 -29.37 18.93 25.32
CA ALA D 296 -28.60 17.74 25.57
C ALA D 296 -29.33 16.46 25.17
N ILE D 297 -30.60 16.32 25.52
CA ILE D 297 -31.38 15.11 25.16
C ILE D 297 -31.59 15.00 23.65
N ALA D 298 -32.01 16.11 23.01
CA ALA D 298 -32.25 16.12 21.56
C ALA D 298 -31.03 15.69 20.77
N ARG D 299 -29.83 16.16 21.13
CA ARG D 299 -28.59 15.77 20.47
C ARG D 299 -28.35 14.26 20.57
N GLU D 300 -28.56 13.67 21.76
CA GLU D 300 -28.38 12.25 21.94
C GLU D 300 -29.37 11.45 21.11
N ALA D 301 -30.66 11.89 21.11
CA ALA D 301 -31.72 11.19 20.40
C ALA D 301 -31.56 11.29 18.88
N GLU D 302 -31.05 12.42 18.37
CA GLU D 302 -30.85 12.59 16.93
C GLU D 302 -29.79 11.63 16.39
N ALA D 303 -28.72 11.38 17.17
CA ALA D 303 -27.70 10.44 16.75
C ALA D 303 -28.24 9.01 16.73
N ALA D 304 -29.23 8.69 17.58
CA ALA D 304 -29.84 7.39 17.67
C ALA D 304 -30.94 7.15 16.60
N VAL D 305 -31.20 8.11 15.71
CA VAL D 305 -32.17 7.93 14.65
C VAL D 305 -31.65 6.88 13.65
N TYR D 306 -32.50 5.92 13.27
CA TYR D 306 -32.13 4.85 12.35
C TYR D 306 -32.33 5.34 10.90
N HIS D 307 -31.42 6.19 10.41
CA HIS D 307 -31.52 6.76 9.06
C HIS D 307 -31.62 5.75 7.92
N ARG D 308 -31.04 4.54 8.09
CA ARG D 308 -31.09 3.51 7.05
C ARG D 308 -32.53 3.21 6.62
N GLN D 309 -33.43 2.93 7.59
CA GLN D 309 -34.81 2.66 7.22
C GLN D 309 -35.60 3.97 7.04
N LEU D 310 -35.31 4.99 7.86
CA LEU D 310 -36.03 6.27 7.79
C LEU D 310 -35.93 6.91 6.40
N PHE D 311 -34.71 7.05 5.85
CA PHE D 311 -34.53 7.64 4.54
C PHE D 311 -35.22 6.83 3.47
N GLU D 312 -35.12 5.49 3.52
CA GLU D 312 -35.74 4.61 2.55
C GLU D 312 -37.25 4.78 2.55
N GLU D 313 -37.86 4.89 3.73
CA GLU D 313 -39.30 5.06 3.84
C GLU D 313 -39.78 6.44 3.43
N LEU D 314 -39.00 7.49 3.74
CA LEU D 314 -39.37 8.85 3.34
C LEU D 314 -39.31 8.97 1.84
N ARG D 315 -38.25 8.40 1.22
CA ARG D 315 -38.02 8.35 -0.22
C ARG D 315 -39.17 7.65 -0.92
N ARG D 316 -39.53 6.43 -0.44
CA ARG D 316 -40.59 5.60 -1.01
C ARG D 316 -41.96 6.27 -0.88
N ALA D 317 -42.25 6.88 0.27
CA ALA D 317 -43.55 7.51 0.52
C ALA D 317 -43.75 8.81 -0.23
N ALA D 318 -42.68 9.54 -0.51
CA ALA D 318 -42.80 10.83 -1.18
C ALA D 318 -43.19 10.61 -2.63
N PRO D 319 -44.21 11.35 -3.11
CA PRO D 319 -44.66 11.16 -4.49
C PRO D 319 -43.68 11.71 -5.52
N LEU D 320 -43.80 11.25 -6.77
CA LEU D 320 -42.99 11.75 -7.87
C LEU D 320 -43.30 13.22 -8.08
N SER D 321 -42.31 13.97 -8.54
CA SER D 321 -42.49 15.40 -8.69
C SER D 321 -41.84 15.94 -9.93
N ARG D 322 -42.47 16.90 -10.55
CA ARG D 322 -41.89 17.63 -11.66
C ARG D 322 -41.38 19.03 -11.23
N ASP D 323 -41.33 19.31 -9.90
CA ASP D 323 -40.83 20.58 -9.39
C ASP D 323 -39.33 20.45 -9.21
N PRO D 324 -38.53 21.31 -9.87
CA PRO D 324 -37.06 21.20 -9.76
C PRO D 324 -36.50 21.36 -8.36
N THR D 325 -37.17 22.11 -7.45
CA THR D 325 -36.68 22.25 -6.08
C THR D 325 -36.80 20.89 -5.38
N GLU D 326 -37.95 20.23 -5.54
CA GLU D 326 -38.31 18.95 -4.99
C GLU D 326 -37.31 17.85 -5.50
N VAL D 327 -37.02 17.85 -6.82
CA VAL D 327 -36.10 16.92 -7.47
C VAL D 327 -34.64 17.16 -7.01
N THR D 328 -34.22 18.42 -6.91
CA THR D 328 -32.87 18.75 -6.45
C THR D 328 -32.69 18.37 -4.99
N ALA D 329 -33.71 18.58 -4.15
CA ALA D 329 -33.65 18.25 -2.73
C ALA D 329 -33.37 16.76 -2.48
N ILE D 330 -34.10 15.85 -3.16
CA ILE D 330 -33.89 14.44 -2.95
C ILE D 330 -32.51 14.00 -3.49
N GLY D 331 -32.09 14.55 -4.64
CA GLY D 331 -30.76 14.28 -5.19
C GLY D 331 -29.67 14.72 -4.23
N ALA D 332 -29.80 15.92 -3.60
CA ALA D 332 -28.82 16.45 -2.68
C ALA D 332 -28.76 15.64 -1.38
N VAL D 333 -29.91 15.16 -0.86
CA VAL D 333 -29.92 14.34 0.35
C VAL D 333 -29.27 12.98 0.09
N GLU D 334 -29.55 12.41 -1.07
CA GLU D 334 -28.95 11.16 -1.49
CA GLU D 334 -28.95 11.15 -1.50
C GLU D 334 -27.42 11.31 -1.63
N ALA D 335 -26.98 12.41 -2.26
CA ALA D 335 -25.56 12.72 -2.43
C ALA D 335 -24.89 12.92 -1.05
N ALA D 336 -25.55 13.62 -0.12
CA ALA D 336 -25.01 13.84 1.22
C ALA D 336 -24.78 12.53 1.98
N PHE D 337 -25.69 11.56 1.87
CA PHE D 337 -25.54 10.27 2.53
C PHE D 337 -24.41 9.45 1.90
N LYS D 338 -24.25 9.53 0.57
CA LYS D 338 -23.21 8.79 -0.14
C LYS D 338 -21.79 9.13 0.30
N CYS D 339 -21.54 10.38 0.66
CA CYS D 339 -20.19 10.80 1.06
C CYS D 339 -20.08 11.19 2.53
N CYS D 340 -21.14 11.04 3.35
CA CYS D 340 -21.12 11.48 4.74
C CYS D 340 -20.81 12.96 4.83
N ALA D 341 -21.49 13.76 3.98
CA ALA D 341 -21.29 15.21 3.92
C ALA D 341 -21.53 15.83 5.30
N ALA D 342 -20.67 16.75 5.74
CA ALA D 342 -20.82 17.44 7.02
C ALA D 342 -22.03 18.38 6.99
N ALA D 343 -22.35 18.96 5.80
CA ALA D 343 -23.45 19.89 5.65
C ALA D 343 -23.97 19.97 4.22
N ILE D 344 -25.20 20.45 4.06
CA ILE D 344 -25.81 20.81 2.80
C ILE D 344 -26.03 22.31 2.93
N ILE D 345 -25.31 23.12 2.16
CA ILE D 345 -25.46 24.57 2.21
C ILE D 345 -26.47 24.95 1.13
N VAL D 346 -27.56 25.60 1.52
CA VAL D 346 -28.62 25.97 0.59
C VAL D 346 -28.89 27.45 0.61
N LEU D 347 -29.04 28.08 -0.57
CA LEU D 347 -29.42 29.50 -0.62
C LEU D 347 -30.93 29.50 -0.72
N THR D 348 -31.60 30.28 0.12
CA THR D 348 -33.06 30.31 0.13
C THR D 348 -33.61 31.71 0.39
N THR D 349 -34.75 32.07 -0.23
CA THR D 349 -35.36 33.39 -0.03
C THR D 349 -36.50 33.25 0.96
N THR D 350 -37.37 32.26 0.75
CA THR D 350 -38.52 32.03 1.61
C THR D 350 -38.32 30.91 2.66
N GLY D 351 -37.22 30.14 2.54
CA GLY D 351 -36.97 28.98 3.38
C GLY D 351 -37.47 27.68 2.77
N ARG D 352 -38.24 27.75 1.67
CA ARG D 352 -38.79 26.55 1.03
C ARG D 352 -37.74 25.51 0.60
N SER D 353 -36.61 25.93 0.00
CA SER D 353 -35.60 24.98 -0.44
C SER D 353 -34.99 24.23 0.72
N ALA D 354 -34.84 24.90 1.87
CA ALA D 354 -34.30 24.26 3.06
C ALA D 354 -35.33 23.28 3.64
N GLN D 355 -36.62 23.63 3.58
CA GLN D 355 -37.69 22.77 4.06
C GLN D 355 -37.76 21.47 3.24
N LEU D 356 -37.64 21.56 1.91
CA LEU D 356 -37.68 20.37 1.06
C LEU D 356 -36.46 19.48 1.27
N LEU D 357 -35.33 20.02 1.73
CA LEU D 357 -34.17 19.20 2.06
C LEU D 357 -34.45 18.48 3.40
N SER D 358 -34.95 19.24 4.39
CA SER D 358 -35.28 18.82 5.75
C SER D 358 -36.28 17.66 5.80
N ARG D 359 -37.26 17.62 4.87
CA ARG D 359 -38.29 16.58 4.87
C ARG D 359 -37.71 15.15 4.66
N TYR D 360 -36.51 15.03 4.04
CA TYR D 360 -35.86 13.73 3.83
C TYR D 360 -34.96 13.33 5.00
N ARG D 361 -34.92 14.15 6.07
CA ARG D 361 -34.19 13.90 7.30
C ARG D 361 -32.74 13.52 7.06
N PRO D 362 -31.97 14.38 6.38
CA PRO D 362 -30.54 14.07 6.20
C PRO D 362 -29.80 14.09 7.55
N ARG D 363 -28.72 13.33 7.64
CA ARG D 363 -27.84 13.37 8.80
C ARG D 363 -27.03 14.67 8.74
N ALA D 364 -26.66 15.13 7.51
CA ALA D 364 -25.93 16.37 7.29
C ALA D 364 -26.75 17.59 7.70
N ALA D 365 -26.13 18.56 8.40
CA ALA D 365 -26.80 19.80 8.79
C ALA D 365 -27.20 20.58 7.52
N VAL D 366 -28.39 21.18 7.49
CA VAL D 366 -28.82 21.98 6.36
C VAL D 366 -28.55 23.44 6.73
N ILE D 367 -27.44 24.00 6.25
CA ILE D 367 -27.08 25.37 6.53
C ILE D 367 -27.79 26.27 5.50
N ALA D 368 -28.80 27.02 5.95
CA ALA D 368 -29.58 27.85 5.04
C ALA D 368 -29.13 29.29 5.06
N VAL D 369 -28.62 29.78 3.93
CA VAL D 369 -28.15 31.16 3.84
C VAL D 369 -29.23 31.99 3.19
N THR D 370 -29.68 33.01 3.89
CA THR D 370 -30.75 33.86 3.40
C THR D 370 -30.52 35.33 3.73
N ARG D 371 -31.10 36.21 2.95
CA ARG D 371 -31.10 37.65 3.24
C ARG D 371 -32.40 38.03 3.98
N SER D 372 -33.45 37.20 3.93
CA SER D 372 -34.70 37.49 4.57
C SER D 372 -34.59 37.15 6.06
N ALA D 373 -34.67 38.18 6.92
CA ALA D 373 -34.62 37.99 8.35
C ALA D 373 -35.81 37.15 8.82
N GLN D 374 -37.00 37.32 8.19
CA GLN D 374 -38.15 36.52 8.54
C GLN D 374 -37.97 35.03 8.20
N ALA D 375 -37.46 34.71 7.00
CA ALA D 375 -37.21 33.33 6.62
C ALA D 375 -36.17 32.70 7.55
N ALA D 376 -35.14 33.45 7.93
CA ALA D 376 -34.11 32.95 8.85
C ALA D 376 -34.73 32.56 10.20
N ARG D 377 -35.73 33.31 10.67
CA ARG D 377 -36.39 32.98 11.91
C ARG D 377 -37.34 31.79 11.73
N GLN D 378 -38.12 31.80 10.64
CA GLN D 378 -39.11 30.75 10.40
C GLN D 378 -38.53 29.37 10.06
N VAL D 379 -37.31 29.26 9.49
CA VAL D 379 -36.77 27.94 9.17
C VAL D 379 -36.42 27.12 10.42
N HIS D 380 -36.44 27.73 11.62
CA HIS D 380 -36.26 27.00 12.85
C HIS D 380 -37.39 25.96 13.04
N LEU D 381 -38.55 26.11 12.34
CA LEU D 381 -39.62 25.13 12.43
C LEU D 381 -39.23 23.78 11.80
N CYS D 382 -38.24 23.76 10.89
CA CYS D 382 -37.84 22.54 10.17
C CYS D 382 -36.62 21.92 10.78
N ARG D 383 -36.70 20.62 11.13
CA ARG D 383 -35.59 19.93 11.75
C ARG D 383 -34.33 19.93 10.91
N GLY D 384 -33.22 20.27 11.54
CA GLY D 384 -31.92 20.23 10.91
C GLY D 384 -31.59 21.41 10.03
N VAL D 385 -32.39 22.50 10.10
CA VAL D 385 -32.08 23.69 9.31
C VAL D 385 -31.47 24.72 10.22
N PHE D 386 -30.24 25.17 9.91
CA PHE D 386 -29.48 26.14 10.66
C PHE D 386 -29.42 27.42 9.85
N PRO D 387 -30.21 28.42 10.23
CA PRO D 387 -30.26 29.67 9.43
C PRO D 387 -29.10 30.63 9.63
N LEU D 388 -28.64 31.21 8.52
CA LEU D 388 -27.61 32.21 8.55
C LEU D 388 -28.16 33.43 7.83
N LEU D 389 -28.26 34.55 8.54
CA LEU D 389 -28.74 35.79 7.95
C LEU D 389 -27.56 36.54 7.31
N TYR D 390 -27.59 36.67 5.99
CA TYR D 390 -26.57 37.38 5.23
C TYR D 390 -26.96 38.85 5.16
N ARG D 391 -26.07 39.76 5.56
CA ARG D 391 -26.40 41.18 5.61
C ARG D 391 -25.77 42.04 4.56
N GLU D 392 -24.77 41.52 3.83
CA GLU D 392 -24.07 42.28 2.80
C GLU D 392 -24.95 42.71 1.62
N PRO D 393 -24.74 43.93 1.11
CA PRO D 393 -25.50 44.37 -0.08
C PRO D 393 -25.05 43.59 -1.32
N PRO D 394 -25.94 43.41 -2.29
CA PRO D 394 -25.62 42.58 -3.45
C PRO D 394 -24.40 42.98 -4.26
N GLU D 395 -23.69 41.99 -4.80
CA GLU D 395 -22.61 42.17 -5.76
C GLU D 395 -23.29 42.46 -7.11
N ALA D 396 -22.62 43.19 -8.00
CA ALA D 396 -23.19 43.53 -9.31
C ALA D 396 -23.35 42.28 -10.16
N ILE D 397 -22.40 41.33 -10.09
CA ILE D 397 -22.49 40.08 -10.83
C ILE D 397 -23.17 39.03 -9.95
N TRP D 398 -24.35 38.55 -10.37
CA TRP D 398 -25.14 37.60 -9.62
C TRP D 398 -24.38 36.33 -9.25
N ALA D 399 -23.63 35.71 -10.16
CA ALA D 399 -22.84 34.53 -9.84
C ALA D 399 -21.83 34.80 -8.71
N ASP D 400 -21.27 36.01 -8.62
CA ASP D 400 -20.35 36.35 -7.54
C ASP D 400 -21.08 36.53 -6.21
N ASP D 401 -22.32 37.08 -6.27
CA ASP D 401 -23.19 37.26 -5.11
C ASP D 401 -23.60 35.89 -4.53
N VAL D 402 -23.80 34.90 -5.41
CA VAL D 402 -24.13 33.54 -5.04
C VAL D 402 -22.93 32.94 -4.34
N ASP D 403 -21.73 33.04 -4.95
CA ASP D 403 -20.49 32.53 -4.38
C ASP D 403 -20.14 33.14 -3.04
N ARG D 404 -20.34 34.44 -2.87
CA ARG D 404 -20.06 35.11 -1.59
C ARG D 404 -20.95 34.57 -0.48
N ARG D 405 -22.23 34.33 -0.77
CA ARG D 405 -23.13 33.75 0.20
C ARG D 405 -22.73 32.33 0.60
N VAL D 406 -22.33 31.50 -0.39
CA VAL D 406 -21.88 30.13 -0.16
C VAL D 406 -20.66 30.14 0.73
N GLN D 407 -19.71 31.06 0.47
CA GLN D 407 -18.51 31.21 1.29
C GLN D 407 -18.84 31.66 2.69
N PHE D 408 -19.82 32.54 2.85
CA PHE D 408 -20.31 32.96 4.14
C PHE D 408 -20.84 31.74 4.94
N GLY D 409 -21.54 30.83 4.24
CA GLY D 409 -22.05 29.59 4.79
C GLY D 409 -20.92 28.71 5.31
N ILE D 410 -19.84 28.58 4.53
CA ILE D 410 -18.66 27.79 4.89
C ILE D 410 -17.88 28.41 6.07
N GLU D 411 -17.65 29.72 6.04
CA GLU D 411 -16.95 30.42 7.12
C GLU D 411 -17.72 30.34 8.42
N SER D 412 -19.06 30.49 8.38
CA SER D 412 -19.89 30.36 9.57
C SER D 412 -19.84 28.93 10.09
N GLY D 413 -19.88 27.96 9.18
CA GLY D 413 -19.84 26.55 9.52
C GLY D 413 -18.54 26.17 10.18
N LYS D 414 -17.42 26.72 9.70
CA LYS D 414 -16.11 26.45 10.30
C LYS D 414 -16.04 27.10 11.69
N LEU D 415 -16.50 28.35 11.82
CA LEU D 415 -16.51 29.03 13.10
C LEU D 415 -17.37 28.31 14.13
N ARG D 416 -18.57 27.85 13.74
CA ARG D 416 -19.47 27.17 14.67
C ARG D 416 -19.17 25.69 14.92
N GLY D 417 -18.21 25.11 14.21
CA GLY D 417 -17.85 23.71 14.41
C GLY D 417 -18.51 22.68 13.52
N PHE D 418 -19.37 23.12 12.59
CA PHE D 418 -20.03 22.21 11.64
C PHE D 418 -19.06 21.64 10.63
N LEU D 419 -18.06 22.44 10.22
CA LEU D 419 -17.17 22.04 9.15
C LEU D 419 -15.72 22.18 9.50
N ARG D 420 -14.89 21.38 8.84
CA ARG D 420 -13.44 21.43 8.94
C ARG D 420 -12.86 21.27 7.55
N VAL D 421 -11.60 21.68 7.35
CA VAL D 421 -10.89 21.50 6.08
C VAL D 421 -10.83 20.00 5.76
N GLY D 422 -11.16 19.63 4.53
CA GLY D 422 -11.20 18.24 4.14
C GLY D 422 -12.60 17.65 4.10
N ASP D 423 -13.57 18.31 4.76
CA ASP D 423 -14.95 17.84 4.73
C ASP D 423 -15.58 17.98 3.32
N LEU D 424 -16.59 17.19 3.04
CA LEU D 424 -17.35 17.32 1.81
C LEU D 424 -18.67 17.99 2.16
N VAL D 425 -19.12 18.89 1.33
CA VAL D 425 -20.35 19.62 1.52
C VAL D 425 -21.16 19.56 0.19
N ILE D 426 -22.49 19.51 0.26
CA ILE D 426 -23.37 19.57 -0.89
C ILE D 426 -23.90 21.01 -0.93
N VAL D 427 -23.78 21.70 -2.08
CA VAL D 427 -24.24 23.09 -2.22
C VAL D 427 -25.45 23.14 -3.14
N VAL D 428 -26.60 23.63 -2.64
CA VAL D 428 -27.86 23.71 -3.38
C VAL D 428 -28.17 25.15 -3.72
N THR D 429 -28.29 25.47 -5.04
CA THR D 429 -28.56 26.82 -5.54
C THR D 429 -29.56 26.77 -6.74
N GLY D 430 -29.86 27.92 -7.35
CA GLY D 430 -30.75 28.03 -8.51
C GLY D 430 -30.11 28.68 -9.73
N TRP D 431 -30.82 28.65 -10.84
CA TRP D 431 -30.30 29.17 -12.11
C TRP D 431 -30.55 30.67 -12.37
N ARG D 432 -31.45 31.28 -11.58
CA ARG D 432 -31.78 32.69 -11.67
C ARG D 432 -32.14 33.22 -10.27
N PRO D 433 -32.02 34.55 -10.04
CA PRO D 433 -32.45 35.10 -8.74
C PRO D 433 -33.97 35.01 -8.52
N GLY D 434 -34.41 35.23 -7.29
CA GLY D 434 -35.80 35.11 -6.92
C GLY D 434 -36.13 33.73 -6.41
N SER D 435 -37.23 33.63 -5.66
CA SER D 435 -37.72 32.41 -5.05
CA SER D 435 -37.70 32.38 -5.06
C SER D 435 -38.28 31.46 -6.11
N GLY D 436 -38.15 30.16 -5.87
CA GLY D 436 -38.74 29.12 -6.69
C GLY D 436 -37.91 28.52 -7.79
N TYR D 437 -36.62 28.85 -7.90
CA TYR D 437 -35.80 28.38 -9.02
C TYR D 437 -34.59 27.54 -8.65
N THR D 438 -34.54 26.97 -7.42
CA THR D 438 -33.51 26.04 -7.01
C THR D 438 -33.50 24.86 -7.99
N ASN D 439 -32.33 24.50 -8.51
CA ASN D 439 -32.25 23.39 -9.45
C ASN D 439 -30.83 22.80 -9.56
N ILE D 440 -29.84 23.28 -8.77
CA ILE D 440 -28.46 22.83 -8.88
C ILE D 440 -27.99 22.26 -7.55
N MET D 441 -27.34 21.11 -7.61
CA MET D 441 -26.71 20.42 -6.51
C MET D 441 -25.20 20.29 -6.89
N ARG D 442 -24.30 20.72 -6.03
CA ARG D 442 -22.86 20.67 -6.30
C ARG D 442 -22.03 20.02 -5.14
N VAL D 443 -21.11 19.09 -5.45
CA VAL D 443 -20.25 18.44 -4.44
C VAL D 443 -19.02 19.30 -4.22
N LEU D 444 -18.80 19.79 -3.01
CA LEU D 444 -17.71 20.72 -2.73
C LEU D 444 -16.79 20.22 -1.62
N SER D 445 -15.48 20.39 -1.79
CA SER D 445 -14.51 20.01 -0.77
C SER D 445 -14.12 21.24 0.01
N ILE D 446 -14.17 21.18 1.35
CA ILE D 446 -13.84 22.32 2.18
C ILE D 446 -12.33 22.58 2.23
N SER D 447 -11.93 23.78 1.83
CA SER D 447 -10.51 24.18 1.85
C SER D 447 -10.26 25.30 2.90
N ALA E 25 20.37 25.49 11.68
CA ALA E 25 21.50 24.81 12.30
C ALA E 25 22.82 25.07 11.56
N PHE E 26 23.96 24.94 12.28
CA PHE E 26 25.30 25.11 11.72
C PHE E 26 25.52 24.09 10.59
N PHE E 27 25.10 22.83 10.81
CA PHE E 27 25.28 21.75 9.85
C PHE E 27 24.27 21.75 8.69
N GLN E 28 23.33 22.70 8.66
CA GLN E 28 22.38 22.83 7.54
C GLN E 28 22.85 23.90 6.53
N GLN E 29 23.65 24.89 6.99
CA GLN E 29 24.21 25.96 6.18
C GLN E 29 25.43 25.46 5.36
N GLN E 30 25.92 26.33 4.44
CA GLN E 30 27.08 26.16 3.57
C GLN E 30 27.23 24.76 2.94
N GLN E 31 26.08 24.18 2.52
CA GLN E 31 25.98 22.86 1.88
C GLN E 31 26.67 21.74 2.67
N LEU E 32 26.66 21.83 4.01
CA LEU E 32 27.31 20.81 4.84
C LEU E 32 26.68 19.42 4.67
N PRO E 33 25.35 19.24 4.54
CA PRO E 33 24.82 17.89 4.25
C PRO E 33 25.38 17.33 2.92
N ALA E 34 25.51 18.15 1.87
CA ALA E 34 26.07 17.71 0.59
C ALA E 34 27.58 17.41 0.69
N ALA E 35 28.29 18.11 1.58
CA ALA E 35 29.73 17.92 1.79
C ALA E 35 30.03 16.61 2.54
N MET E 36 29.09 16.13 3.38
CA MET E 36 29.23 14.88 4.15
C MET E 36 28.87 13.60 3.37
N ALA E 37 28.42 13.75 2.10
CA ALA E 37 28.01 12.61 1.29
C ALA E 37 29.14 11.63 0.97
N ASP E 38 28.82 10.34 0.85
CA ASP E 38 29.80 9.29 0.58
C ASP E 38 30.16 9.13 -0.91
N THR E 39 29.31 9.64 -1.80
CA THR E 39 29.59 9.60 -3.24
C THR E 39 29.33 10.99 -3.84
N PHE E 40 29.92 11.25 -5.00
CA PHE E 40 29.70 12.49 -5.72
C PHE E 40 28.23 12.60 -6.17
N LEU E 41 27.61 11.47 -6.56
CA LEU E 41 26.21 11.45 -6.94
C LEU E 41 25.31 11.89 -5.79
N GLU E 42 25.55 11.36 -4.57
CA GLU E 42 24.78 11.72 -3.38
CA GLU E 42 24.76 11.73 -3.40
C GLU E 42 25.00 13.19 -3.01
N HIS E 43 26.25 13.69 -3.22
CA HIS E 43 26.64 15.08 -2.98
C HIS E 43 25.79 15.99 -3.86
N LEU E 44 25.67 15.66 -5.17
CA LEU E 44 24.84 16.46 -6.10
C LEU E 44 23.38 16.44 -5.64
N CYS E 45 22.86 15.25 -5.26
CA CYS E 45 21.48 15.07 -4.82
C CYS E 45 21.14 15.88 -3.57
N LEU E 46 22.14 16.13 -2.71
CA LEU E 46 21.94 16.85 -1.46
C LEU E 46 22.15 18.36 -1.55
N LEU E 47 22.47 18.91 -2.74
CA LEU E 47 22.66 20.35 -2.87
C LEU E 47 21.34 21.05 -2.64
N ASP E 48 21.32 22.07 -1.79
CA ASP E 48 20.11 22.73 -1.35
C ASP E 48 20.15 24.22 -1.63
N ILE E 49 19.16 24.74 -2.39
CA ILE E 49 19.09 26.19 -2.67
C ILE E 49 18.80 27.02 -1.39
N ASP E 50 18.25 26.39 -0.36
CA ASP E 50 17.96 27.04 0.92
C ASP E 50 19.14 27.00 1.90
N SER E 51 20.22 26.29 1.56
CA SER E 51 21.41 26.21 2.42
C SER E 51 22.24 27.44 2.10
N GLU E 52 22.26 28.42 3.02
CA GLU E 52 22.98 29.68 2.76
C GLU E 52 24.47 29.63 2.99
N PRO E 53 25.25 30.30 2.10
CA PRO E 53 26.70 30.33 2.30
C PRO E 53 27.06 31.16 3.53
N VAL E 54 28.01 30.69 4.34
CA VAL E 54 28.43 31.43 5.52
C VAL E 54 29.88 31.93 5.41
N ALA E 55 30.76 31.16 4.78
CA ALA E 55 32.16 31.53 4.62
C ALA E 55 32.37 32.75 3.70
N ALA E 56 33.50 33.44 3.90
CA ALA E 56 33.87 34.57 3.08
C ALA E 56 34.22 34.07 1.68
N ARG E 57 33.93 34.88 0.65
CA ARG E 57 34.19 34.52 -0.74
C ARG E 57 35.71 34.39 -0.94
N SER E 58 36.14 33.21 -1.40
CA SER E 58 37.54 32.89 -1.51
C SER E 58 38.14 32.99 -2.93
N THR E 59 37.31 33.00 -3.99
CA THR E 59 37.83 33.12 -5.35
C THR E 59 37.93 34.61 -5.65
N SER E 60 39.14 35.10 -5.97
CA SER E 60 39.32 36.52 -6.24
C SER E 60 38.70 36.98 -7.54
N ILE E 61 38.28 38.25 -7.57
CA ILE E 61 37.70 38.85 -8.75
C ILE E 61 38.69 39.84 -9.35
N ILE E 62 39.02 39.66 -10.62
CA ILE E 62 39.89 40.57 -11.34
C ILE E 62 38.98 41.43 -12.21
N ALA E 63 39.05 42.76 -12.08
CA ALA E 63 38.22 43.64 -12.90
C ALA E 63 39.09 44.47 -13.82
N THR E 64 38.75 44.50 -15.11
CA THR E 64 39.52 45.30 -16.07
C THR E 64 39.11 46.77 -15.96
N ILE E 65 40.10 47.66 -15.80
CA ILE E 65 39.85 49.09 -15.66
C ILE E 65 39.78 49.76 -17.05
N GLY E 66 38.77 50.58 -17.26
CA GLY E 66 38.55 51.32 -18.50
C GLY E 66 37.67 52.53 -18.28
N PRO E 67 37.12 53.11 -19.36
CA PRO E 67 36.26 54.29 -19.20
C PRO E 67 35.11 54.17 -18.21
N ALA E 68 34.50 52.96 -18.14
CA ALA E 68 33.36 52.70 -17.23
C ALA E 68 33.75 52.49 -15.77
N SER E 69 35.04 52.31 -15.48
CA SER E 69 35.48 52.01 -14.12
C SER E 69 36.76 52.74 -13.74
N ARG E 70 36.96 53.95 -14.26
CA ARG E 70 38.20 54.69 -14.02
C ARG E 70 38.13 55.71 -12.90
N SER E 71 36.95 56.28 -12.65
CA SER E 71 36.81 57.30 -11.61
C SER E 71 37.07 56.75 -10.23
N VAL E 72 37.61 57.59 -9.34
CA VAL E 72 37.92 57.22 -7.95
C VAL E 72 36.65 56.79 -7.21
N GLU E 73 35.53 57.48 -7.45
CA GLU E 73 34.26 57.16 -6.81
C GLU E 73 33.71 55.81 -7.30
N ARG E 74 33.88 55.52 -8.61
CA ARG E 74 33.44 54.25 -9.20
C ARG E 74 34.30 53.11 -8.67
N LEU E 75 35.62 53.32 -8.57
CA LEU E 75 36.57 52.34 -8.06
C LEU E 75 36.32 51.98 -6.60
N LYS E 76 35.88 52.95 -5.79
CA LYS E 76 35.54 52.68 -4.38
C LYS E 76 34.34 51.75 -4.30
N GLU E 77 33.36 51.94 -5.19
CA GLU E 77 32.18 51.07 -5.23
C GLU E 77 32.56 49.67 -5.68
N MET E 78 33.52 49.55 -6.62
CA MET E 78 33.98 48.25 -7.10
CA MET E 78 33.97 48.24 -7.10
C MET E 78 34.79 47.50 -6.05
N ILE E 79 35.54 48.24 -5.21
CA ILE E 79 36.30 47.64 -4.12
C ILE E 79 35.30 47.08 -3.10
N LYS E 80 34.24 47.85 -2.79
CA LYS E 80 33.19 47.41 -1.87
C LYS E 80 32.39 46.21 -2.42
N ALA E 81 32.18 46.17 -3.75
CA ALA E 81 31.48 45.08 -4.41
C ALA E 81 32.30 43.76 -4.40
N GLY E 82 33.62 43.86 -4.30
CA GLY E 82 34.46 42.68 -4.22
C GLY E 82 35.68 42.60 -5.12
N MET E 83 36.02 43.66 -5.86
CA MET E 83 37.20 43.64 -6.73
C MET E 83 38.48 43.46 -5.88
N ASN E 84 39.33 42.48 -6.24
CA ASN E 84 40.58 42.20 -5.51
C ASN E 84 41.81 42.56 -6.32
N ILE E 85 41.70 42.48 -7.66
CA ILE E 85 42.78 42.75 -8.59
C ILE E 85 42.25 43.67 -9.69
N ALA E 86 42.99 44.75 -9.99
CA ALA E 86 42.64 45.69 -11.05
C ALA E 86 43.51 45.37 -12.26
N ARG E 87 42.91 45.07 -13.40
CA ARG E 87 43.66 44.72 -14.60
C ARG E 87 43.76 45.91 -15.57
N LEU E 88 44.98 46.22 -16.03
CA LEU E 88 45.20 47.29 -17.00
C LEU E 88 45.51 46.65 -18.32
N ASN E 89 44.63 46.82 -19.31
CA ASN E 89 44.84 46.20 -20.61
C ASN E 89 45.70 47.09 -21.47
N PHE E 90 46.97 46.72 -21.64
CA PHE E 90 47.91 47.52 -22.44
C PHE E 90 47.72 47.37 -23.95
N SER E 91 46.69 46.66 -24.39
CA SER E 91 46.33 46.60 -25.80
C SER E 91 45.66 47.93 -26.24
N HIS E 92 45.14 48.72 -25.29
CA HIS E 92 44.49 50.00 -25.55
C HIS E 92 45.03 51.07 -24.59
N GLY E 93 45.04 52.31 -25.04
CA GLY E 93 45.50 53.43 -24.22
C GLY E 93 46.99 53.62 -24.14
N SER E 94 47.38 54.84 -23.80
CA SER E 94 48.79 55.23 -23.69
C SER E 94 49.30 54.97 -22.26
N HIS E 95 50.62 55.14 -22.06
CA HIS E 95 51.24 55.02 -20.74
C HIS E 95 50.65 56.09 -19.79
N GLU E 96 50.34 57.28 -20.31
CA GLU E 96 49.76 58.37 -19.52
C GLU E 96 48.36 57.97 -19.01
N TYR E 97 47.58 57.32 -19.86
CA TYR E 97 46.25 56.84 -19.54
C TYR E 97 46.32 55.79 -18.42
N HIS E 98 47.20 54.79 -18.57
CA HIS E 98 47.38 53.74 -17.57
C HIS E 98 47.95 54.25 -16.26
N ALA E 99 48.84 55.25 -16.30
CA ALA E 99 49.39 55.83 -15.06
C ALA E 99 48.29 56.53 -14.27
N GLU E 100 47.34 57.18 -14.96
CA GLU E 100 46.22 57.84 -14.29
C GLU E 100 45.27 56.79 -13.70
N SER E 101 45.06 55.67 -14.41
CA SER E 101 44.25 54.54 -13.94
C SER E 101 44.87 53.99 -12.65
N ILE E 102 46.20 53.75 -12.63
CA ILE E 102 46.93 53.26 -11.47
C ILE E 102 46.76 54.21 -10.28
N ALA E 103 46.94 55.52 -10.53
CA ALA E 103 46.79 56.52 -9.49
C ALA E 103 45.38 56.56 -8.91
N ASN E 104 44.35 56.39 -9.77
CA ASN E 104 42.95 56.38 -9.32
C ASN E 104 42.65 55.14 -8.48
N VAL E 105 43.20 53.98 -8.89
CA VAL E 105 43.03 52.73 -8.13
C VAL E 105 43.65 52.90 -6.75
N ARG E 106 44.91 53.36 -6.69
CA ARG E 106 45.61 53.58 -5.41
C ARG E 106 44.91 54.59 -4.51
N GLU E 107 44.30 55.63 -5.09
CA GLU E 107 43.58 56.62 -4.32
C GLU E 107 42.32 56.01 -3.70
N ALA E 108 41.57 55.22 -4.51
CA ALA E 108 40.37 54.54 -4.01
C ALA E 108 40.72 53.49 -2.94
N VAL E 109 41.82 52.73 -3.13
CA VAL E 109 42.25 51.72 -2.17
C VAL E 109 42.69 52.34 -0.86
N GLU E 110 43.48 53.43 -0.93
CA GLU E 110 43.99 54.08 0.28
C GLU E 110 42.94 54.89 1.03
N SER E 111 41.79 55.18 0.42
CA SER E 111 40.71 55.87 1.12
C SER E 111 40.11 55.02 2.28
N PHE E 112 40.43 53.72 2.34
CA PHE E 112 39.97 52.82 3.40
C PHE E 112 41.12 52.46 4.39
N ALA E 113 42.36 53.00 4.19
CA ALA E 113 43.53 52.71 5.03
C ALA E 113 43.48 53.25 6.46
N GLY E 114 42.52 54.17 6.71
CA GLY E 114 42.30 54.75 8.02
C GLY E 114 41.90 53.72 9.06
N SER E 115 41.32 52.60 8.61
CA SER E 115 40.92 51.51 9.50
C SER E 115 41.77 50.27 9.13
N PRO E 116 42.94 50.10 9.77
CA PRO E 116 43.83 48.97 9.42
C PRO E 116 43.27 47.55 9.60
N LEU E 117 42.36 47.36 10.56
CA LEU E 117 41.76 46.06 10.82
C LEU E 117 40.74 45.66 9.73
N SER E 118 40.26 46.61 8.90
CA SER E 118 39.30 46.30 7.84
C SER E 118 39.81 46.64 6.40
N TYR E 119 41.01 47.24 6.28
CA TYR E 119 41.64 47.63 5.01
C TYR E 119 41.80 46.46 4.05
N ARG E 120 41.41 46.66 2.79
CA ARG E 120 41.55 45.61 1.79
C ARG E 120 42.55 45.96 0.72
N PRO E 121 43.67 45.21 0.66
CA PRO E 121 44.65 45.44 -0.40
C PRO E 121 44.10 45.09 -1.79
N VAL E 122 44.50 45.82 -2.83
CA VAL E 122 44.06 45.53 -4.20
C VAL E 122 45.29 45.42 -5.08
N ALA E 123 45.49 44.30 -5.76
CA ALA E 123 46.63 44.12 -6.63
C ALA E 123 46.46 44.87 -7.96
N ILE E 124 47.57 45.25 -8.59
CA ILE E 124 47.53 45.91 -9.89
C ILE E 124 48.24 45.01 -10.90
N ALA E 125 47.52 44.59 -11.94
CA ALA E 125 48.07 43.69 -12.92
C ALA E 125 48.15 44.34 -14.29
N LEU E 126 49.27 44.13 -14.98
CA LEU E 126 49.48 44.70 -16.30
C LEU E 126 49.29 43.59 -17.33
N ASP E 127 48.31 43.73 -18.21
CA ASP E 127 48.09 42.74 -19.26
C ASP E 127 48.79 43.25 -20.52
N THR E 128 49.82 42.53 -21.00
CA THR E 128 50.58 42.97 -22.17
C THR E 128 49.82 42.87 -23.48
N LYS E 129 50.21 43.68 -24.47
CA LYS E 129 49.62 43.70 -25.81
C LYS E 129 49.89 42.38 -26.55
N GLY E 130 51.09 41.85 -26.40
CA GLY E 130 51.47 40.58 -27.02
C GLY E 130 52.45 40.70 -28.18
N PRO E 131 52.84 39.56 -28.73
CA PRO E 131 53.82 39.57 -29.84
C PRO E 131 53.28 40.09 -31.19
N GLY E 136 58.60 36.53 -30.89
CA GLY E 136 58.90 36.65 -29.47
C GLY E 136 58.44 37.96 -28.87
N LEU E 137 59.15 38.44 -27.83
CA LEU E 137 58.81 39.69 -27.13
C LEU E 137 58.91 40.92 -28.03
N SER E 138 57.78 41.62 -28.20
CA SER E 138 57.72 42.82 -29.03
C SER E 138 58.41 44.02 -28.36
N GLU E 139 58.73 45.06 -29.14
CA GLU E 139 59.37 46.27 -28.62
C GLU E 139 58.42 47.06 -27.72
N GLN E 140 57.11 47.06 -28.05
CA GLN E 140 56.11 47.74 -27.23
C GLN E 140 55.98 47.02 -25.89
N ASP E 141 56.06 45.67 -25.89
CA ASP E 141 55.98 44.90 -24.66
C ASP E 141 57.15 45.22 -23.75
N VAL E 142 58.36 45.38 -24.31
CA VAL E 142 59.54 45.74 -23.51
C VAL E 142 59.34 47.11 -22.82
N ARG E 143 58.76 48.08 -23.54
CA ARG E 143 58.49 49.40 -22.97
C ARG E 143 57.40 49.37 -21.93
N ASP E 144 56.33 48.57 -22.16
CA ASP E 144 55.21 48.44 -21.24
C ASP E 144 55.62 47.72 -19.98
N LEU E 145 56.46 46.68 -20.11
CA LEU E 145 56.98 45.95 -18.96
C LEU E 145 57.84 46.85 -18.09
N ARG E 146 58.65 47.72 -18.73
CA ARG E 146 59.47 48.69 -18.02
C ARG E 146 58.58 49.68 -17.25
N PHE E 147 57.49 50.12 -17.89
CA PHE E 147 56.51 51.02 -17.28
C PHE E 147 55.92 50.38 -16.03
N GLY E 148 55.61 49.09 -16.10
CA GLY E 148 55.06 48.33 -14.99
C GLY E 148 55.99 48.28 -13.79
N VAL E 149 57.29 48.05 -14.03
CA VAL E 149 58.28 48.04 -12.96
C VAL E 149 58.37 49.41 -12.32
N GLU E 150 58.43 50.46 -13.14
CA GLU E 150 58.52 51.84 -12.66
C GLU E 150 57.29 52.29 -11.89
N HIS E 151 56.12 51.75 -12.23
CA HIS E 151 54.89 52.11 -11.53
C HIS E 151 54.49 51.11 -10.42
N GLY E 152 55.35 50.15 -10.12
CA GLY E 152 55.13 49.19 -9.04
C GLY E 152 53.96 48.23 -9.20
N VAL E 153 53.76 47.69 -10.42
CA VAL E 153 52.70 46.71 -10.61
C VAL E 153 53.06 45.41 -9.89
N ASP E 154 52.04 44.66 -9.46
CA ASP E 154 52.26 43.43 -8.72
C ASP E 154 52.33 42.20 -9.60
N ILE E 155 51.56 42.21 -10.69
CA ILE E 155 51.42 41.06 -11.57
C ILE E 155 51.51 41.45 -13.03
N VAL E 156 52.01 40.53 -13.87
CA VAL E 156 52.02 40.70 -15.31
C VAL E 156 51.20 39.54 -15.91
N PHE E 157 50.19 39.85 -16.72
CA PHE E 157 49.45 38.83 -17.45
C PHE E 157 50.13 38.86 -18.82
N ALA E 158 51.06 37.93 -19.06
CA ALA E 158 51.81 37.90 -20.31
C ALA E 158 51.00 37.30 -21.44
N SER E 159 50.63 38.11 -22.45
CA SER E 159 49.85 37.64 -23.59
C SER E 159 50.58 36.67 -24.52
N PHE E 160 49.80 35.76 -25.12
CA PHE E 160 50.23 34.75 -26.08
C PHE E 160 51.54 34.02 -25.75
N VAL E 161 51.64 33.43 -24.53
CA VAL E 161 52.83 32.67 -24.16
C VAL E 161 52.74 31.31 -24.88
N ARG E 162 53.77 30.97 -25.66
CA ARG E 162 53.77 29.74 -26.43
C ARG E 162 54.82 28.72 -26.00
N LYS E 163 55.84 29.15 -25.23
CA LYS E 163 56.92 28.29 -24.77
C LYS E 163 57.60 28.90 -23.54
N ALA E 164 58.44 28.13 -22.85
CA ALA E 164 59.15 28.60 -21.65
C ALA E 164 60.05 29.82 -21.92
N SER E 165 60.67 29.90 -23.11
CA SER E 165 61.54 31.03 -23.46
C SER E 165 60.78 32.36 -23.52
N ASP E 166 59.46 32.34 -23.80
CA ASP E 166 58.64 33.55 -23.80
C ASP E 166 58.55 34.13 -22.38
N VAL E 167 58.44 33.24 -21.36
CA VAL E 167 58.37 33.62 -19.96
C VAL E 167 59.71 34.20 -19.52
N ALA E 168 60.81 33.57 -19.95
CA ALA E 168 62.16 34.04 -19.62
C ALA E 168 62.40 35.43 -20.19
N ALA E 169 61.88 35.70 -21.41
CA ALA E 169 62.00 37.02 -22.04
C ALA E 169 61.25 38.08 -21.24
N VAL E 170 60.03 37.76 -20.74
CA VAL E 170 59.25 38.69 -19.93
C VAL E 170 59.98 38.97 -18.62
N ARG E 171 60.56 37.93 -18.01
CA ARG E 171 61.30 38.05 -16.78
C ARG E 171 62.52 38.96 -16.96
N ALA E 172 63.25 38.80 -18.10
CA ALA E 172 64.41 39.61 -18.43
C ALA E 172 64.02 41.07 -18.66
N ALA E 173 62.90 41.31 -19.36
CA ALA E 173 62.41 42.67 -19.61
C ALA E 173 61.96 43.40 -18.33
N LEU E 174 61.64 42.66 -17.27
CA LEU E 174 61.30 43.28 -15.99
C LEU E 174 62.56 43.78 -15.22
N GLY E 175 63.74 43.30 -15.62
CA GLY E 175 65.00 43.69 -15.03
C GLY E 175 65.24 43.23 -13.62
N PRO E 176 66.31 43.72 -12.99
CA PRO E 176 66.60 43.32 -11.59
C PRO E 176 65.61 43.89 -10.57
N GLU E 177 64.99 45.04 -10.88
CA GLU E 177 64.04 45.68 -9.97
C GLU E 177 62.64 45.03 -9.96
N GLY E 178 62.32 44.24 -10.99
CA GLY E 178 61.02 43.59 -11.09
C GLY E 178 61.05 42.10 -10.79
N HIS E 179 61.98 41.69 -9.94
CA HIS E 179 62.13 40.27 -9.59
C HIS E 179 60.93 39.73 -8.79
N GLY E 180 60.28 40.60 -8.02
CA GLY E 180 59.15 40.23 -7.18
C GLY E 180 57.81 40.18 -7.88
N ILE E 181 57.72 40.70 -9.11
CA ILE E 181 56.47 40.72 -9.87
C ILE E 181 56.10 39.29 -10.31
N LYS E 182 54.83 38.91 -10.13
CA LYS E 182 54.37 37.58 -10.52
C LYS E 182 54.05 37.54 -12.01
N ILE E 183 54.51 36.51 -12.71
CA ILE E 183 54.21 36.36 -14.13
C ILE E 183 53.17 35.27 -14.32
N ILE E 184 51.99 35.68 -14.76
CA ILE E 184 50.87 34.79 -15.03
C ILE E 184 50.83 34.66 -16.55
N SER E 185 51.17 33.49 -17.09
CA SER E 185 51.20 33.28 -18.53
C SER E 185 49.81 33.05 -19.12
N LYS E 186 49.45 33.82 -20.15
CA LYS E 186 48.18 33.63 -20.82
C LYS E 186 48.29 32.56 -21.89
N ILE E 187 47.48 31.50 -21.78
CA ILE E 187 47.47 30.44 -22.79
C ILE E 187 46.34 30.80 -23.75
N GLU E 188 46.68 31.19 -24.98
CA GLU E 188 45.70 31.67 -25.95
C GLU E 188 45.72 30.95 -27.28
N ASN E 189 46.53 29.90 -27.44
CA ASN E 189 46.59 29.18 -28.72
C ASN E 189 46.97 27.71 -28.56
N HIS E 190 46.93 26.94 -29.67
CA HIS E 190 47.26 25.53 -29.66
C HIS E 190 48.67 25.22 -29.13
N GLU E 191 49.67 26.02 -29.51
CA GLU E 191 51.04 25.81 -29.05
C GLU E 191 51.17 25.98 -27.55
N GLY E 192 50.52 26.98 -27.00
CA GLY E 192 50.54 27.22 -25.55
C GLY E 192 49.93 26.06 -24.78
N VAL E 193 48.83 25.49 -25.33
CA VAL E 193 48.16 24.33 -24.71
C VAL E 193 49.08 23.12 -24.77
N LYS E 194 49.71 22.88 -25.92
CA LYS E 194 50.59 21.73 -26.10
C LYS E 194 51.90 21.82 -25.29
N ARG E 195 52.43 23.03 -25.14
CA ARG E 195 53.64 23.22 -24.34
C ARG E 195 53.34 23.68 -22.92
N PHE E 196 52.09 23.47 -22.43
CA PHE E 196 51.61 23.88 -21.11
C PHE E 196 52.54 23.52 -19.95
N ASP E 197 52.99 22.27 -19.86
CA ASP E 197 53.84 21.83 -18.75
C ASP E 197 55.13 22.62 -18.63
N GLU E 198 55.80 22.90 -19.76
CA GLU E 198 57.04 23.68 -19.73
C GLU E 198 56.78 25.15 -19.37
N ILE E 199 55.62 25.70 -19.76
CA ILE E 199 55.23 27.06 -19.45
C ILE E 199 54.88 27.21 -17.98
N LEU E 200 54.10 26.27 -17.43
CA LEU E 200 53.69 26.29 -16.03
C LEU E 200 54.91 26.17 -15.10
N GLU E 201 55.88 25.34 -15.48
CA GLU E 201 57.10 25.13 -14.71
C GLU E 201 57.86 26.43 -14.45
N VAL E 202 57.92 27.31 -15.44
CA VAL E 202 58.65 28.58 -15.29
C VAL E 202 57.77 29.78 -14.94
N SER E 203 56.43 29.62 -14.94
CA SER E 203 55.52 30.72 -14.62
C SER E 203 55.09 30.67 -13.17
N ASP E 204 54.58 31.79 -12.67
CA ASP E 204 54.02 31.84 -11.31
C ASP E 204 52.56 31.31 -11.29
N GLY E 205 51.90 31.39 -12.43
CA GLY E 205 50.52 30.96 -12.62
C GLY E 205 50.09 31.05 -14.08
N ILE E 206 48.82 30.74 -14.33
CA ILE E 206 48.29 30.68 -15.68
C ILE E 206 46.96 31.42 -15.79
N MET E 207 46.69 31.96 -16.99
CA MET E 207 45.39 32.52 -17.28
C MET E 207 44.85 31.75 -18.49
N VAL E 208 43.63 31.22 -18.37
CA VAL E 208 42.96 30.55 -19.48
C VAL E 208 42.27 31.69 -20.23
N ALA E 209 42.95 32.22 -21.25
CA ALA E 209 42.48 33.35 -22.04
C ALA E 209 41.55 32.85 -23.14
N ARG E 210 40.28 32.59 -22.77
CA ARG E 210 39.29 31.97 -23.63
C ARG E 210 38.90 32.73 -24.91
N GLY E 211 39.04 34.05 -24.92
CA GLY E 211 38.73 34.85 -26.11
C GLY E 211 39.54 34.45 -27.33
N ASP E 212 40.88 34.57 -27.24
CA ASP E 212 41.75 34.18 -28.34
C ASP E 212 41.81 32.67 -28.48
N LEU E 213 41.81 31.93 -27.36
CA LEU E 213 41.85 30.47 -27.40
C LEU E 213 40.68 29.90 -28.20
N GLY E 214 39.50 30.50 -28.05
CA GLY E 214 38.28 30.13 -28.76
C GLY E 214 38.29 30.41 -30.25
N ILE E 215 39.26 31.20 -30.72
CA ILE E 215 39.46 31.52 -32.14
C ILE E 215 40.59 30.63 -32.70
N GLU E 216 41.64 30.39 -31.88
CA GLU E 216 42.81 29.61 -32.27
C GLU E 216 42.54 28.12 -32.35
N ILE E 217 41.70 27.60 -31.45
CA ILE E 217 41.27 26.19 -31.45
C ILE E 217 39.73 26.16 -31.61
N PRO E 218 39.12 25.03 -32.02
CA PRO E 218 37.66 25.00 -32.16
C PRO E 218 36.96 25.42 -30.87
N ALA E 219 35.92 26.26 -30.99
CA ALA E 219 35.20 26.79 -29.83
C ALA E 219 34.69 25.67 -28.89
N GLU E 220 34.26 24.54 -29.44
CA GLU E 220 33.76 23.41 -28.66
C GLU E 220 34.84 22.64 -27.89
N LYS E 221 36.11 23.02 -28.03
CA LYS E 221 37.20 22.36 -27.32
C LYS E 221 37.76 23.21 -26.17
N VAL E 222 37.38 24.49 -26.08
CA VAL E 222 37.88 25.38 -25.05
C VAL E 222 37.62 24.85 -23.63
N PHE E 223 36.44 24.28 -23.37
CA PHE E 223 36.13 23.74 -22.05
C PHE E 223 37.11 22.61 -21.64
N LEU E 224 37.61 21.82 -22.62
CA LEU E 224 38.58 20.76 -22.31
C LEU E 224 39.90 21.38 -21.91
N ALA E 225 40.34 22.43 -22.63
CA ALA E 225 41.58 23.14 -22.31
C ALA E 225 41.47 23.83 -20.96
N GLN E 226 40.32 24.46 -20.66
CA GLN E 226 40.10 25.11 -19.37
C GLN E 226 40.18 24.10 -18.20
N LYS E 227 39.44 23.01 -18.28
CA LYS E 227 39.40 22.00 -17.23
C LYS E 227 40.76 21.35 -17.03
N MET E 228 41.50 21.10 -18.13
CA MET E 228 42.83 20.52 -18.07
C MET E 228 43.83 21.46 -17.37
N MET E 229 43.85 22.74 -17.79
CA MET E 229 44.79 23.71 -17.22
C MET E 229 44.48 23.99 -15.76
N ILE E 230 43.20 24.09 -15.40
CA ILE E 230 42.84 24.29 -14.00
C ILE E 230 43.28 23.10 -13.14
N GLY E 231 43.05 21.87 -13.63
CA GLY E 231 43.47 20.66 -12.94
C GLY E 231 44.97 20.60 -12.74
N ARG E 232 45.75 20.88 -13.80
CA ARG E 232 47.21 20.87 -13.70
C ARG E 232 47.76 21.95 -12.78
N CYS E 233 47.12 23.14 -12.75
CA CYS E 233 47.54 24.21 -11.86
C CYS E 233 47.22 23.86 -10.44
N ASN E 234 46.05 23.25 -10.18
CA ASN E 234 45.67 22.81 -8.85
C ASN E 234 46.66 21.74 -8.34
N LEU E 235 47.09 20.84 -9.24
CA LEU E 235 48.05 19.79 -8.94
C LEU E 235 49.42 20.41 -8.58
N ALA E 236 49.86 21.43 -9.37
CA ALA E 236 51.12 22.15 -9.13
C ALA E 236 51.08 23.12 -7.94
N GLY E 237 49.89 23.46 -7.47
CA GLY E 237 49.74 24.43 -6.38
C GLY E 237 50.03 25.84 -6.86
N LYS E 238 49.76 26.15 -8.15
CA LYS E 238 49.99 27.48 -8.72
C LYS E 238 48.69 28.13 -9.15
N PRO E 239 48.56 29.46 -8.97
CA PRO E 239 47.30 30.12 -9.33
C PRO E 239 46.85 30.00 -10.76
N VAL E 240 45.54 29.87 -10.96
CA VAL E 240 44.95 29.79 -12.29
C VAL E 240 43.74 30.75 -12.36
N VAL E 241 43.69 31.54 -13.43
CA VAL E 241 42.63 32.51 -13.65
C VAL E 241 41.76 32.03 -14.80
N CYS E 242 40.42 32.11 -14.63
CA CYS E 242 39.53 31.83 -15.74
C CYS E 242 39.10 33.19 -16.27
N ALA E 243 39.24 33.40 -17.60
CA ALA E 243 38.95 34.71 -18.15
C ALA E 243 38.10 34.69 -19.42
N THR E 244 37.43 35.84 -19.70
CA THR E 244 36.74 36.27 -20.92
C THR E 244 35.32 35.73 -21.12
N GLN E 245 34.39 36.70 -21.30
CA GLN E 245 32.97 36.50 -21.61
C GLN E 245 32.20 35.77 -20.54
N MET E 246 32.68 35.80 -19.29
CA MET E 246 32.01 35.14 -18.18
C MET E 246 30.61 35.69 -17.93
N LEU E 247 30.44 37.04 -18.00
CA LEU E 247 29.15 37.71 -17.83
C LEU E 247 28.94 38.72 -18.98
N GLU E 248 29.36 38.35 -20.19
CA GLU E 248 29.36 39.20 -21.38
C GLU E 248 28.09 40.05 -21.59
N SER E 249 26.89 39.45 -21.48
CA SER E 249 25.64 40.16 -21.69
C SER E 249 25.43 41.32 -20.70
N MET E 250 26.12 41.30 -19.53
CA MET E 250 26.02 42.39 -18.57
C MET E 250 26.72 43.68 -19.04
N ILE E 251 27.35 43.69 -20.24
CA ILE E 251 27.91 44.90 -20.82
C ILE E 251 26.73 45.86 -21.13
N THR E 252 25.60 45.33 -21.60
CA THR E 252 24.43 46.14 -21.90
C THR E 252 23.19 45.85 -21.03
N LYS E 253 23.12 44.67 -20.39
CA LYS E 253 21.94 44.27 -19.59
C LYS E 253 22.23 44.19 -18.10
N PRO E 254 21.26 44.53 -17.23
CA PRO E 254 21.55 44.52 -15.78
C PRO E 254 21.67 43.15 -15.13
N ARG E 255 21.15 42.11 -15.79
CA ARG E 255 21.20 40.75 -15.26
C ARG E 255 21.84 39.85 -16.32
N PRO E 256 22.61 38.84 -15.89
CA PRO E 256 23.24 37.95 -16.87
C PRO E 256 22.31 36.85 -17.37
N THR E 257 22.75 36.09 -18.38
CA THR E 257 21.98 34.97 -18.88
C THR E 257 22.19 33.74 -17.95
N ARG E 258 21.36 32.70 -18.13
CA ARG E 258 21.49 31.46 -17.37
C ARG E 258 22.82 30.76 -17.69
N ALA E 259 23.35 30.92 -18.91
CA ALA E 259 24.63 30.31 -19.28
C ALA E 259 25.80 31.00 -18.60
N GLU E 260 25.70 32.33 -18.42
CA GLU E 260 26.73 33.13 -17.79
C GLU E 260 26.90 32.85 -16.30
N THR E 261 25.78 32.75 -15.56
CA THR E 261 25.89 32.41 -14.13
C THR E 261 26.44 30.98 -13.96
N SER E 262 26.04 30.07 -14.85
CA SER E 262 26.48 28.69 -14.90
C SER E 262 27.99 28.64 -15.14
N ASP E 263 28.48 29.45 -16.09
CA ASP E 263 29.89 29.55 -16.45
C ASP E 263 30.76 29.99 -15.26
N VAL E 264 30.32 30.99 -14.52
CA VAL E 264 31.06 31.47 -13.35
C VAL E 264 31.09 30.40 -12.30
N ALA E 265 29.95 29.80 -12.00
CA ALA E 265 29.86 28.75 -11.00
C ALA E 265 30.73 27.56 -11.35
N ASN E 266 30.73 27.16 -12.63
CA ASN E 266 31.53 26.04 -13.08
C ASN E 266 33.01 26.33 -13.09
N ALA E 267 33.44 27.60 -13.32
CA ALA E 267 34.86 27.92 -13.26
C ALA E 267 35.35 27.77 -11.80
N VAL E 268 34.53 28.20 -10.83
CA VAL E 268 34.86 28.07 -9.42
C VAL E 268 34.87 26.58 -9.06
N LEU E 269 33.85 25.82 -9.48
CA LEU E 269 33.81 24.38 -9.21
C LEU E 269 34.98 23.64 -9.82
N ASP E 270 35.44 24.03 -11.02
CA ASP E 270 36.61 23.46 -11.72
C ASP E 270 37.87 23.58 -10.87
N GLY E 271 38.00 24.68 -10.14
CA GLY E 271 39.15 24.93 -9.28
C GLY E 271 39.89 26.21 -9.55
N ALA E 272 39.28 27.17 -10.28
CA ALA E 272 39.93 28.44 -10.59
C ALA E 272 40.18 29.26 -9.33
N ASP E 273 41.39 29.78 -9.19
CA ASP E 273 41.73 30.64 -8.05
C ASP E 273 41.12 32.03 -8.24
N CYS E 274 41.06 32.51 -9.49
CA CYS E 274 40.53 33.83 -9.83
C CYS E 274 39.55 33.73 -10.98
N ILE E 275 38.58 34.63 -10.99
CA ILE E 275 37.65 34.81 -12.11
C ILE E 275 37.81 36.27 -12.58
N MET E 276 37.63 36.51 -13.88
CA MET E 276 37.88 37.83 -14.45
C MET E 276 36.71 38.46 -15.17
N LEU E 277 36.68 39.80 -15.20
CA LEU E 277 35.72 40.62 -15.93
C LEU E 277 36.53 41.50 -16.88
N SER E 278 36.17 41.53 -18.18
CA SER E 278 36.89 42.36 -19.16
C SER E 278 36.00 43.57 -19.56
N GLY E 279 35.28 43.48 -20.69
CA GLY E 279 34.38 44.52 -21.14
C GLY E 279 33.27 44.83 -20.15
N GLU E 280 32.88 43.84 -19.33
CA GLU E 280 31.83 43.99 -18.32
C GLU E 280 32.16 45.12 -17.34
N THR E 281 33.46 45.34 -17.04
CA THR E 281 33.87 46.41 -16.13
C THR E 281 34.57 47.55 -16.86
N ALA E 282 35.33 47.24 -17.90
CA ALA E 282 36.08 48.24 -18.66
C ALA E 282 35.20 49.21 -19.44
N LYS E 283 34.16 48.71 -20.13
CA LYS E 283 33.33 49.56 -20.97
C LYS E 283 31.82 49.40 -20.80
N GLY E 284 31.39 48.49 -19.94
CA GLY E 284 29.98 48.19 -19.79
C GLY E 284 29.17 49.19 -18.99
N ASN E 285 27.86 49.06 -19.06
CA ASN E 285 26.95 49.95 -18.35
C ASN E 285 26.66 49.52 -16.90
N PHE E 286 27.09 48.30 -16.51
CA PHE E 286 26.86 47.83 -15.14
C PHE E 286 28.15 47.23 -14.54
N PRO E 287 29.27 47.98 -14.45
CA PRO E 287 30.51 47.40 -13.91
C PRO E 287 30.44 46.92 -12.45
N VAL E 288 29.78 47.69 -11.58
CA VAL E 288 29.65 47.33 -10.18
C VAL E 288 28.75 46.11 -10.02
N GLU E 289 27.66 46.06 -10.79
CA GLU E 289 26.70 44.95 -10.77
C GLU E 289 27.35 43.65 -11.28
N ALA E 290 28.27 43.75 -12.25
CA ALA E 290 28.99 42.59 -12.75
C ALA E 290 29.91 42.01 -11.64
N VAL E 291 30.55 42.89 -10.85
CA VAL E 291 31.40 42.46 -9.74
C VAL E 291 30.55 41.82 -8.65
N LYS E 292 29.37 42.43 -8.35
CA LYS E 292 28.47 41.90 -7.34
C LYS E 292 27.95 40.51 -7.72
N MET E 293 27.66 40.30 -9.00
CA MET E 293 27.17 39.04 -9.51
C MET E 293 28.24 37.96 -9.38
N GLN E 294 29.50 38.26 -9.75
CA GLN E 294 30.59 37.29 -9.61
C GLN E 294 30.80 36.94 -8.16
N HIS E 295 30.71 37.93 -7.27
CA HIS E 295 30.87 37.71 -5.84
C HIS E 295 29.80 36.73 -5.32
N ALA E 296 28.53 37.00 -5.68
CA ALA E 296 27.40 36.19 -5.25
C ALA E 296 27.48 34.74 -5.75
N ILE E 297 27.83 34.53 -7.04
CA ILE E 297 27.96 33.19 -7.61
C ILE E 297 29.13 32.43 -6.98
N ALA E 298 30.32 33.08 -6.85
CA ALA E 298 31.50 32.42 -6.30
C ALA E 298 31.26 31.89 -4.89
N ARG E 299 30.58 32.67 -4.05
CA ARG E 299 30.26 32.26 -2.69
C ARG E 299 29.39 30.99 -2.70
N GLU E 300 28.38 30.94 -3.58
CA GLU E 300 27.48 29.79 -3.67
C GLU E 300 28.24 28.55 -4.18
N ALA E 301 29.11 28.74 -5.19
CA ALA E 301 29.86 27.64 -5.77
C ALA E 301 30.93 27.10 -4.82
N GLU E 302 31.55 27.97 -4.00
CA GLU E 302 32.56 27.52 -3.02
C GLU E 302 31.95 26.62 -1.95
N ALA E 303 30.74 26.93 -1.49
CA ALA E 303 30.06 26.08 -0.51
C ALA E 303 29.68 24.72 -1.10
N ALA E 304 29.43 24.65 -2.42
CA ALA E 304 29.07 23.42 -3.13
C ALA E 304 30.27 22.55 -3.52
N VAL E 305 31.50 22.96 -3.17
CA VAL E 305 32.69 22.16 -3.47
C VAL E 305 32.64 20.86 -2.64
N TYR E 306 32.92 19.72 -3.27
CA TYR E 306 32.88 18.42 -2.60
C TYR E 306 34.23 18.16 -1.92
N HIS E 307 34.50 18.82 -0.78
CA HIS E 307 35.77 18.71 -0.07
C HIS E 307 36.18 17.30 0.31
N ARG E 308 35.22 16.40 0.56
CA ARG E 308 35.54 15.03 0.95
C ARG E 308 36.43 14.32 -0.06
N GLN E 309 36.07 14.36 -1.35
CA GLN E 309 36.90 13.74 -2.37
C GLN E 309 38.04 14.68 -2.80
N LEU E 310 37.77 15.99 -2.88
CA LEU E 310 38.78 16.97 -3.28
C LEU E 310 40.03 16.93 -2.39
N PHE E 311 39.85 17.00 -1.06
CA PHE E 311 40.98 16.96 -0.13
C PHE E 311 41.74 15.65 -0.25
N GLU E 312 41.03 14.53 -0.35
CA GLU E 312 41.66 13.23 -0.54
C GLU E 312 42.50 13.13 -1.79
N GLU E 313 42.00 13.68 -2.89
CA GLU E 313 42.74 13.67 -4.15
C GLU E 313 43.91 14.63 -4.16
N LEU E 314 43.77 15.81 -3.53
CA LEU E 314 44.87 16.78 -3.46
C LEU E 314 45.98 16.23 -2.58
N ARG E 315 45.61 15.67 -1.43
CA ARG E 315 46.48 15.00 -0.49
C ARG E 315 47.28 13.86 -1.22
N ARG E 316 46.58 12.92 -1.91
CA ARG E 316 47.17 11.79 -2.62
C ARG E 316 48.10 12.24 -3.75
N ALA E 317 47.69 13.26 -4.50
CA ALA E 317 48.48 13.72 -5.64
C ALA E 317 49.72 14.54 -5.27
N ALA E 318 49.70 15.25 -4.13
CA ALA E 318 50.82 16.09 -3.69
C ALA E 318 51.94 15.19 -3.26
N PRO E 319 53.16 15.38 -3.79
CA PRO E 319 54.25 14.46 -3.47
C PRO E 319 54.72 14.54 -2.04
N LEU E 320 55.42 13.49 -1.58
CA LEU E 320 56.02 13.48 -0.25
C LEU E 320 57.08 14.58 -0.21
N SER E 321 57.24 15.22 0.94
CA SER E 321 58.13 16.36 1.02
C SER E 321 58.88 16.37 2.30
N ARG E 322 60.14 16.80 2.23
CA ARG E 322 60.93 17.02 3.43
C ARG E 322 61.05 18.52 3.77
N ASP E 323 60.25 19.39 3.13
CA ASP E 323 60.22 20.82 3.38
C ASP E 323 59.26 21.07 4.53
N PRO E 324 59.75 21.65 5.62
CA PRO E 324 58.86 21.85 6.80
C PRO E 324 57.64 22.74 6.55
N THR E 325 57.70 23.68 5.59
CA THR E 325 56.52 24.53 5.30
C THR E 325 55.44 23.65 4.66
N GLU E 326 55.83 22.81 3.71
CA GLU E 326 55.01 21.85 2.97
C GLU E 326 54.34 20.86 3.98
N VAL E 327 55.14 20.32 4.93
CA VAL E 327 54.70 19.40 5.96
C VAL E 327 53.72 20.05 6.96
N THR E 328 54.03 21.27 7.39
CA THR E 328 53.17 22.00 8.31
C THR E 328 51.85 22.36 7.66
N ALA E 329 51.87 22.76 6.37
CA ALA E 329 50.67 23.12 5.62
C ALA E 329 49.64 21.97 5.55
N ILE E 330 50.07 20.74 5.22
CA ILE E 330 49.14 19.63 5.15
C ILE E 330 48.62 19.25 6.55
N GLY E 331 49.48 19.30 7.56
CA GLY E 331 49.07 19.05 8.94
C GLY E 331 48.04 20.06 9.42
N ALA E 332 48.21 21.36 9.06
CA ALA E 332 47.30 22.42 9.45
C ALA E 332 45.95 22.29 8.74
N VAL E 333 45.94 21.91 7.46
CA VAL E 333 44.69 21.77 6.72
C VAL E 333 43.91 20.55 7.26
N GLU E 334 44.63 19.46 7.59
CA GLU E 334 44.03 18.28 8.18
C GLU E 334 43.40 18.65 9.55
N ALA E 335 44.13 19.41 10.38
CA ALA E 335 43.67 19.85 11.70
C ALA E 335 42.43 20.75 11.56
N ALA E 336 42.43 21.66 10.57
CA ALA E 336 41.30 22.55 10.33
C ALA E 336 40.02 21.78 9.97
N PHE E 337 40.13 20.71 9.16
CA PHE E 337 38.97 19.91 8.79
C PHE E 337 38.44 19.09 9.97
N LYS E 338 39.33 18.61 10.84
CA LYS E 338 38.98 17.80 12.00
C LYS E 338 38.10 18.55 13.01
N CYS E 339 38.31 19.87 13.17
CA CYS E 339 37.55 20.65 14.14
C CYS E 339 36.61 21.67 13.52
N CYS E 340 36.52 21.72 12.17
CA CYS E 340 35.71 22.74 11.50
C CYS E 340 36.18 24.14 11.88
N ALA E 341 37.53 24.33 11.88
CA ALA E 341 38.17 25.60 12.23
C ALA E 341 37.63 26.72 11.37
N ALA E 342 37.35 27.87 11.99
CA ALA E 342 36.83 29.02 11.26
C ALA E 342 37.89 29.60 10.33
N ALA E 343 39.18 29.52 10.75
CA ALA E 343 40.27 30.08 9.96
C ALA E 343 41.61 29.42 10.30
N ILE E 344 42.59 29.59 9.40
CA ILE E 344 43.97 29.22 9.58
C ILE E 344 44.69 30.55 9.51
N ILE E 345 45.29 31.00 10.61
CA ILE E 345 46.02 32.26 10.62
C ILE E 345 47.48 31.95 10.37
N VAL E 346 48.07 32.52 9.31
CA VAL E 346 49.45 32.22 8.95
C VAL E 346 50.28 33.51 8.84
N LEU E 347 51.51 33.47 9.36
CA LEU E 347 52.42 34.59 9.25
C LEU E 347 53.26 34.29 8.00
N THR E 348 53.33 35.26 7.07
CA THR E 348 54.09 35.06 5.84
C THR E 348 54.83 36.32 5.41
N THR E 349 56.00 36.15 4.80
CA THR E 349 56.80 37.29 4.33
C THR E 349 56.58 37.46 2.82
N THR E 350 56.69 36.35 2.07
CA THR E 350 56.53 36.33 0.61
C THR E 350 55.16 35.87 0.13
N GLY E 351 54.33 35.33 1.03
CA GLY E 351 53.05 34.74 0.69
C GLY E 351 53.13 33.23 0.49
N ARG E 352 54.35 32.65 0.44
CA ARG E 352 54.55 31.21 0.19
C ARG E 352 53.84 30.28 1.20
N SER E 353 53.90 30.56 2.50
CA SER E 353 53.24 29.71 3.49
C SER E 353 51.73 29.70 3.31
N ALA E 354 51.14 30.83 2.91
CA ALA E 354 49.71 30.92 2.68
C ALA E 354 49.36 30.14 1.39
N GLN E 355 50.22 30.22 0.36
CA GLN E 355 50.01 29.52 -0.89
C GLN E 355 50.03 27.99 -0.68
N LEU E 356 50.96 27.47 0.15
CA LEU E 356 51.02 26.03 0.44
C LEU E 356 49.81 25.54 1.24
N LEU E 357 49.15 26.43 2.00
CA LEU E 357 47.94 26.07 2.73
C LEU E 357 46.78 26.01 1.71
N SER E 358 46.68 27.04 0.85
CA SER E 358 45.64 27.19 -0.16
CA SER E 358 45.63 27.17 -0.15
C SER E 358 45.60 26.04 -1.18
N ARG E 359 46.74 25.44 -1.50
CA ARG E 359 46.79 24.35 -2.48
C ARG E 359 45.97 23.11 -2.04
N TYR E 360 45.76 22.93 -0.73
CA TYR E 360 44.95 21.81 -0.21
C TYR E 360 43.47 22.12 -0.12
N ARG E 361 43.05 23.32 -0.61
CA ARG E 361 41.69 23.78 -0.65
C ARG E 361 40.94 23.59 0.66
N PRO E 362 41.44 24.16 1.77
CA PRO E 362 40.69 24.05 3.02
C PRO E 362 39.37 24.82 2.95
N ARG E 363 38.39 24.39 3.73
CA ARG E 363 37.14 25.12 3.86
C ARG E 363 37.40 26.37 4.76
N ALA E 364 38.31 26.26 5.74
CA ALA E 364 38.70 27.37 6.63
C ALA E 364 39.41 28.47 5.84
N ALA E 365 39.07 29.73 6.14
CA ALA E 365 39.74 30.88 5.50
C ALA E 365 41.21 30.91 5.91
N VAL E 366 42.11 31.22 4.98
CA VAL E 366 43.53 31.34 5.31
C VAL E 366 43.82 32.82 5.50
N ILE E 367 43.88 33.28 6.75
CA ILE E 367 44.14 34.68 7.06
C ILE E 367 45.65 34.89 7.09
N ALA E 368 46.19 35.55 6.07
CA ALA E 368 47.64 35.74 5.97
C ALA E 368 48.08 37.11 6.50
N VAL E 369 48.84 37.11 7.58
CA VAL E 369 49.35 38.34 8.16
C VAL E 369 50.76 38.62 7.66
N THR E 370 50.94 39.72 6.94
CA THR E 370 52.24 40.05 6.37
C THR E 370 52.57 41.53 6.53
N ARG E 371 53.88 41.84 6.55
CA ARG E 371 54.37 43.22 6.57
C ARG E 371 54.62 43.72 5.13
N SER E 372 54.79 42.81 4.17
CA SER E 372 55.03 43.15 2.78
C SER E 372 53.74 43.57 2.09
N ALA E 373 53.64 44.85 1.70
CA ALA E 373 52.47 45.36 0.99
C ALA E 373 52.30 44.64 -0.35
N GLN E 374 53.40 44.34 -1.02
CA GLN E 374 53.35 43.64 -2.29
C GLN E 374 52.83 42.20 -2.12
N ALA E 375 53.33 41.45 -1.11
CA ALA E 375 52.86 40.08 -0.84
C ALA E 375 51.36 40.10 -0.51
N ALA E 376 50.91 41.10 0.27
CA ALA E 376 49.49 41.22 0.61
C ALA E 376 48.62 41.39 -0.65
N ARG E 377 49.12 42.12 -1.66
CA ARG E 377 48.36 42.29 -2.90
C ARG E 377 48.42 41.03 -3.75
N GLN E 378 49.61 40.42 -3.84
CA GLN E 378 49.83 39.24 -4.67
C GLN E 378 49.15 37.95 -4.16
N VAL E 379 48.91 37.79 -2.84
CA VAL E 379 48.26 36.58 -2.35
C VAL E 379 46.77 36.48 -2.78
N HIS E 380 46.21 37.55 -3.38
CA HIS E 380 44.87 37.49 -3.94
C HIS E 380 44.81 36.48 -5.10
N LEU E 381 45.96 36.11 -5.70
CA LEU E 381 46.01 35.13 -6.75
C LEU E 381 45.68 33.70 -6.22
N CYS E 382 45.83 33.45 -4.89
CA CYS E 382 45.60 32.15 -4.28
C CYS E 382 44.23 32.06 -3.65
N ARG E 383 43.43 31.06 -4.05
CA ARG E 383 42.09 30.90 -3.50
C ARG E 383 42.06 30.71 -1.98
N GLY E 384 41.19 31.47 -1.32
CA GLY E 384 41.00 31.34 0.11
C GLY E 384 42.01 32.04 0.98
N VAL E 385 42.88 32.88 0.40
CA VAL E 385 43.86 33.63 1.18
C VAL E 385 43.36 35.05 1.35
N PHE E 386 43.18 35.48 2.60
CA PHE E 386 42.69 36.80 2.97
C PHE E 386 43.86 37.59 3.57
N PRO E 387 44.45 38.50 2.78
CA PRO E 387 45.63 39.24 3.28
C PRO E 387 45.36 40.34 4.27
N LEU E 388 46.21 40.41 5.30
CA LEU E 388 46.15 41.48 6.28
C LEU E 388 47.51 42.15 6.29
N LEU E 389 47.55 43.43 5.92
CA LEU E 389 48.81 44.17 5.94
C LEU E 389 49.05 44.73 7.33
N TYR E 390 50.10 44.24 7.99
CA TYR E 390 50.50 44.65 9.33
C TYR E 390 51.45 45.85 9.19
N ARG E 391 51.12 46.98 9.80
CA ARG E 391 51.91 48.20 9.65
C ARG E 391 52.76 48.55 10.88
N GLU E 392 52.55 47.88 12.03
CA GLU E 392 53.27 48.18 13.26
C GLU E 392 54.77 47.92 13.22
N PRO E 393 55.57 48.76 13.89
CA PRO E 393 57.02 48.51 13.93
C PRO E 393 57.35 47.33 14.85
N PRO E 394 58.44 46.61 14.57
CA PRO E 394 58.75 45.42 15.35
C PRO E 394 58.93 45.59 16.84
N GLU E 395 58.56 44.56 17.61
CA GLU E 395 58.80 44.46 19.04
C GLU E 395 60.27 44.03 19.22
N ALA E 396 60.88 44.35 20.37
CA ALA E 396 62.27 43.99 20.63
C ALA E 396 62.42 42.48 20.74
N ILE E 397 61.45 41.81 21.39
CA ILE E 397 61.48 40.36 21.50
C ILE E 397 60.68 39.74 20.35
N TRP E 398 61.36 38.97 19.48
CA TRP E 398 60.74 38.35 18.31
C TRP E 398 59.48 37.53 18.62
N ALA E 399 59.51 36.70 19.68
CA ALA E 399 58.34 35.92 20.08
C ALA E 399 57.12 36.81 20.38
N ASP E 400 57.34 38.00 20.96
CA ASP E 400 56.25 38.93 21.24
C ASP E 400 55.73 39.57 19.96
N ASP E 401 56.62 39.83 19.00
CA ASP E 401 56.25 40.40 17.70
C ASP E 401 55.38 39.40 16.91
N VAL E 402 55.71 38.10 17.02
CA VAL E 402 54.97 37.02 16.39
C VAL E 402 53.56 36.97 17.01
N ASP E 403 53.48 36.97 18.36
CA ASP E 403 52.20 36.96 19.08
C ASP E 403 51.32 38.14 18.74
N ARG E 404 51.93 39.32 18.56
CA ARG E 404 51.16 40.53 18.21
C ARG E 404 50.55 40.38 16.83
N ARG E 405 51.29 39.79 15.88
CA ARG E 405 50.82 39.58 14.52
C ARG E 405 49.69 38.55 14.47
N VAL E 406 49.72 37.55 15.36
CA VAL E 406 48.68 36.53 15.46
C VAL E 406 47.41 37.17 16.01
N GLN E 407 47.56 38.00 17.06
CA GLN E 407 46.44 38.72 17.67
C GLN E 407 45.81 39.69 16.69
N PHE E 408 46.62 40.33 15.85
CA PHE E 408 46.11 41.24 14.81
C PHE E 408 45.21 40.46 13.82
N GLY E 409 45.60 39.22 13.51
CA GLY E 409 44.84 38.33 12.67
C GLY E 409 43.51 37.96 13.28
N ILE E 410 43.48 37.69 14.59
CA ILE E 410 42.25 37.35 15.31
C ILE E 410 41.30 38.56 15.42
N GLU E 411 41.86 39.74 15.75
CA GLU E 411 41.05 40.95 15.87
C GLU E 411 40.46 41.36 14.53
N SER E 412 41.23 41.26 13.44
CA SER E 412 40.70 41.57 12.11
C SER E 412 39.63 40.55 11.71
N GLY E 413 39.83 39.28 12.04
CA GLY E 413 38.88 38.23 11.74
C GLY E 413 37.56 38.47 12.44
N LYS E 414 37.63 38.82 13.74
CA LYS E 414 36.42 39.12 14.52
C LYS E 414 35.70 40.32 13.94
N LEU E 415 36.43 41.37 13.58
CA LEU E 415 35.86 42.57 13.00
C LEU E 415 35.18 42.28 11.67
N ARG E 416 35.84 41.49 10.80
CA ARG E 416 35.29 41.18 9.48
C ARG E 416 34.24 40.06 9.44
N GLY E 417 34.00 39.39 10.57
CA GLY E 417 33.00 38.34 10.64
C GLY E 417 33.47 36.92 10.43
N PHE E 418 34.78 36.72 10.20
CA PHE E 418 35.35 35.38 10.03
C PHE E 418 35.32 34.58 11.34
N LEU E 419 35.50 35.26 12.48
CA LEU E 419 35.62 34.57 13.75
C LEU E 419 34.69 35.11 14.81
N ARG E 420 34.33 34.24 15.74
CA ARG E 420 33.54 34.59 16.90
C ARG E 420 34.11 33.85 18.12
N VAL E 421 33.83 34.32 19.33
CA VAL E 421 34.32 33.70 20.57
C VAL E 421 33.81 32.25 20.64
N GLY E 422 34.70 31.33 20.97
CA GLY E 422 34.36 29.91 21.00
C GLY E 422 34.84 29.15 19.78
N ASP E 423 35.16 29.85 18.69
CA ASP E 423 35.67 29.23 17.46
C ASP E 423 37.06 28.66 17.67
N LEU E 424 37.43 27.65 16.87
CA LEU E 424 38.78 27.11 16.90
C LEU E 424 39.52 27.63 15.69
N VAL E 425 40.80 27.98 15.86
CA VAL E 425 41.63 28.42 14.75
C VAL E 425 42.94 27.64 14.77
N ILE E 426 43.51 27.48 13.58
CA ILE E 426 44.80 26.85 13.45
C ILE E 426 45.78 28.00 13.19
N VAL E 427 46.87 28.09 13.96
CA VAL E 427 47.85 29.16 13.77
C VAL E 427 49.15 28.57 13.24
N VAL E 428 49.61 29.07 12.09
CA VAL E 428 50.82 28.56 11.44
C VAL E 428 51.92 29.62 11.49
N THR E 429 53.04 29.30 12.19
CA THR E 429 54.18 30.20 12.36
C THR E 429 55.53 29.44 12.11
N GLY E 430 56.65 30.14 12.19
CA GLY E 430 57.98 29.56 12.04
C GLY E 430 58.79 29.60 13.33
N TRP E 431 60.00 29.01 13.32
CA TRP E 431 60.83 28.94 14.52
C TRP E 431 61.88 30.08 14.66
N ARG E 432 62.17 30.74 13.55
CA ARG E 432 63.12 31.84 13.50
C ARG E 432 62.65 32.87 12.46
N PRO E 433 63.11 34.13 12.54
CA PRO E 433 62.66 35.14 11.56
C PRO E 433 63.15 34.88 10.14
N GLY E 434 62.54 35.56 9.18
CA GLY E 434 62.88 35.40 7.78
C GLY E 434 61.98 34.38 7.09
N SER E 435 61.94 34.45 5.79
CA SER E 435 61.17 33.59 4.93
C SER E 435 61.76 32.17 4.84
N GLY E 436 60.89 31.17 4.73
CA GLY E 436 61.29 29.78 4.55
C GLY E 436 61.43 28.90 5.78
N TYR E 437 60.98 29.37 6.96
CA TYR E 437 61.15 28.61 8.20
C TYR E 437 59.87 28.23 8.90
N THR E 438 58.70 28.30 8.23
CA THR E 438 57.43 27.88 8.82
C THR E 438 57.53 26.40 9.21
N ASN E 439 57.17 26.07 10.46
CA ASN E 439 57.29 24.69 10.94
C ASN E 439 56.39 24.37 12.15
N ILE E 440 55.52 25.32 12.55
CA ILE E 440 54.69 25.16 13.73
C ILE E 440 53.20 25.35 13.43
N MET E 441 52.39 24.48 14.00
CA MET E 441 50.95 24.57 13.89
CA MET E 441 50.93 24.50 13.87
C MET E 441 50.35 24.48 15.29
N ARG E 442 49.46 25.42 15.63
CA ARG E 442 48.85 25.49 16.95
C ARG E 442 47.34 25.51 16.88
N VAL E 443 46.66 24.79 17.77
CA VAL E 443 45.19 24.84 17.80
C VAL E 443 44.82 25.79 18.94
N LEU E 444 44.14 26.87 18.60
CA LEU E 444 43.80 27.94 19.54
C LEU E 444 42.31 28.19 19.62
N SER E 445 41.80 28.36 20.84
CA SER E 445 40.38 28.67 21.03
CA SER E 445 40.38 28.66 21.04
C SER E 445 40.20 30.18 21.09
N ILE E 446 39.26 30.73 20.31
CA ILE E 446 39.02 32.17 20.28
C ILE E 446 38.34 32.66 21.55
N SER E 447 38.99 33.58 22.27
CA SER E 447 38.42 34.17 23.48
C SER E 447 38.00 35.64 23.27
N ALA F 13 55.67 10.30 -9.50
CA ALA F 13 55.75 11.76 -9.37
C ALA F 13 55.50 12.22 -7.91
N ASP F 14 54.65 11.49 -7.18
CA ASP F 14 54.40 11.82 -5.77
C ASP F 14 55.53 11.30 -4.84
N VAL F 15 56.50 10.51 -5.35
CA VAL F 15 57.62 10.03 -4.55
C VAL F 15 58.97 10.28 -5.24
N ALA F 16 59.02 10.92 -6.43
CA ALA F 16 60.24 11.11 -7.22
C ALA F 16 61.34 11.96 -6.55
N GLN F 17 61.01 13.14 -6.01
CA GLN F 17 61.99 13.98 -5.32
C GLN F 17 62.47 13.30 -4.03
N LEU F 18 61.55 12.66 -3.30
CA LEU F 18 61.94 11.95 -2.09
C LEU F 18 62.75 10.70 -2.39
N THR F 19 62.60 10.09 -3.57
CA THR F 19 63.35 8.92 -4.00
C THR F 19 64.77 9.33 -4.38
N GLN F 20 64.92 10.49 -5.03
CA GLN F 20 66.24 11.01 -5.38
C GLN F 20 67.01 11.36 -4.08
N GLU F 21 66.30 11.96 -3.10
CA GLU F 21 66.89 12.34 -1.83
C GLU F 21 67.23 11.17 -0.93
N LEU F 22 66.23 10.32 -0.60
CA LEU F 22 66.42 9.20 0.33
C LEU F 22 67.01 7.94 -0.30
N GLY F 23 66.96 7.85 -1.63
CA GLY F 23 67.52 6.73 -2.36
C GLY F 23 66.52 5.63 -2.65
N THR F 24 66.79 4.86 -3.71
CA THR F 24 65.91 3.77 -4.10
C THR F 24 65.92 2.68 -3.04
N ALA F 25 67.05 2.43 -2.37
CA ALA F 25 67.12 1.40 -1.33
C ALA F 25 66.18 1.71 -0.20
N PHE F 26 65.98 3.00 0.16
CA PHE F 26 65.07 3.39 1.24
C PHE F 26 63.64 2.94 0.90
N PHE F 27 63.21 3.18 -0.36
CA PHE F 27 61.87 2.87 -0.82
C PHE F 27 61.65 1.38 -1.18
N GLN F 28 62.68 0.52 -1.06
CA GLN F 28 62.53 -0.92 -1.26
C GLN F 28 62.29 -1.61 0.10
N GLN F 29 62.76 -1.03 1.22
CA GLN F 29 62.61 -1.60 2.56
C GLN F 29 61.21 -1.37 3.12
N GLN F 30 60.91 -2.00 4.27
CA GLN F 30 59.68 -1.92 5.08
C GLN F 30 58.37 -1.94 4.26
N GLN F 31 58.34 -2.77 3.20
CA GLN F 31 57.20 -2.94 2.30
C GLN F 31 56.68 -1.62 1.74
N LEU F 32 57.58 -0.65 1.50
CA LEU F 32 57.17 0.65 0.96
C LEU F 32 56.55 0.53 -0.43
N PRO F 33 57.02 -0.32 -1.37
CA PRO F 33 56.30 -0.46 -2.64
C PRO F 33 54.86 -0.96 -2.43
N ALA F 34 54.64 -1.91 -1.50
CA ALA F 34 53.30 -2.41 -1.23
C ALA F 34 52.41 -1.37 -0.53
N ALA F 35 53.02 -0.48 0.27
CA ALA F 35 52.31 0.58 0.99
C ALA F 35 51.85 1.70 0.04
N MET F 36 52.57 1.94 -1.07
CA MET F 36 52.23 2.97 -2.05
C MET F 36 51.19 2.51 -3.08
N ALA F 37 50.71 1.24 -3.02
CA ALA F 37 49.78 0.71 -3.99
C ALA F 37 48.41 1.42 -3.97
N ASP F 38 47.76 1.50 -5.13
CA ASP F 38 46.48 2.17 -5.29
C ASP F 38 45.28 1.31 -4.91
N THR F 39 45.45 -0.03 -4.87
CA THR F 39 44.39 -0.95 -4.48
C THR F 39 44.95 -1.96 -3.47
N PHE F 40 44.06 -2.56 -2.69
CA PHE F 40 44.46 -3.60 -1.74
C PHE F 40 45.02 -4.84 -2.49
N LEU F 41 44.44 -5.16 -3.67
CA LEU F 41 44.91 -6.27 -4.46
C LEU F 41 46.38 -6.06 -4.89
N GLU F 42 46.70 -4.86 -5.39
CA GLU F 42 48.04 -4.48 -5.82
C GLU F 42 49.00 -4.51 -4.61
N HIS F 43 48.52 -4.07 -3.43
CA HIS F 43 49.26 -4.06 -2.17
C HIS F 43 49.68 -5.49 -1.84
N LEU F 44 48.75 -6.46 -1.92
CA LEU F 44 49.07 -7.86 -1.66
C LEU F 44 50.11 -8.37 -2.65
N CYS F 45 49.92 -8.07 -3.96
CA CYS F 45 50.82 -8.48 -5.04
C CYS F 45 52.23 -7.93 -4.88
N LEU F 46 52.37 -6.76 -4.26
CA LEU F 46 53.67 -6.12 -4.07
C LEU F 46 54.40 -6.49 -2.79
N LEU F 47 53.83 -7.36 -1.94
CA LEU F 47 54.52 -7.78 -0.71
C LEU F 47 55.77 -8.56 -1.09
N ASP F 48 56.91 -8.20 -0.51
CA ASP F 48 58.20 -8.77 -0.88
C ASP F 48 58.91 -9.39 0.30
N ILE F 49 59.29 -10.68 0.21
CA ILE F 49 60.03 -11.32 1.29
C ILE F 49 61.45 -10.72 1.49
N ASP F 50 61.99 -10.08 0.44
CA ASP F 50 63.31 -9.43 0.49
C ASP F 50 63.25 -7.98 1.01
N SER F 51 62.05 -7.44 1.23
CA SER F 51 61.89 -6.10 1.76
C SER F 51 62.00 -6.20 3.27
N GLU F 52 63.15 -5.79 3.83
CA GLU F 52 63.38 -5.93 5.26
C GLU F 52 62.72 -4.88 6.14
N PRO F 53 62.14 -5.30 7.27
CA PRO F 53 61.55 -4.30 8.18
C PRO F 53 62.64 -3.42 8.78
N VAL F 54 62.38 -2.10 8.89
CA VAL F 54 63.36 -1.15 9.40
C VAL F 54 62.90 -0.61 10.77
N ALA F 55 61.60 -0.31 10.90
CA ALA F 55 61.04 0.27 12.12
C ALA F 55 61.12 -0.66 13.34
N ALA F 56 61.12 -0.08 14.55
CA ALA F 56 61.08 -0.83 15.79
C ALA F 56 59.70 -1.49 15.90
N ARG F 57 59.65 -2.65 16.52
CA ARG F 57 58.43 -3.40 16.71
C ARG F 57 57.45 -2.64 17.58
N SER F 58 56.28 -2.40 17.05
CA SER F 58 55.27 -1.59 17.70
C SER F 58 54.14 -2.34 18.45
N THR F 59 53.89 -3.63 18.15
CA THR F 59 52.86 -4.39 18.85
C THR F 59 53.49 -4.96 20.10
N SER F 60 52.92 -4.67 21.27
CA SER F 60 53.49 -5.15 22.53
C SER F 60 53.31 -6.62 22.75
N ILE F 61 54.25 -7.22 23.45
CA ILE F 61 54.21 -8.64 23.76
C ILE F 61 53.92 -8.80 25.23
N ILE F 62 52.84 -9.52 25.56
CA ILE F 62 52.49 -9.82 26.93
C ILE F 62 52.95 -11.26 27.19
N ALA F 63 53.79 -11.47 28.21
CA ALA F 63 54.26 -12.82 28.52
C ALA F 63 53.73 -13.26 29.87
N THR F 64 53.15 -14.45 29.94
CA THR F 64 52.64 -14.96 31.19
C THR F 64 53.79 -15.48 32.02
N ILE F 65 53.87 -15.05 33.30
CA ILE F 65 54.95 -15.47 34.20
C ILE F 65 54.56 -16.75 34.91
N GLY F 66 55.47 -17.72 34.94
CA GLY F 66 55.27 -19.00 35.63
C GLY F 66 56.59 -19.66 35.97
N PRO F 67 56.59 -20.97 36.27
CA PRO F 67 57.85 -21.65 36.60
C PRO F 67 58.96 -21.51 35.59
N ALA F 68 58.63 -21.47 34.29
CA ALA F 68 59.63 -21.35 33.23
C ALA F 68 60.19 -19.96 33.03
N SER F 69 59.56 -18.94 33.63
CA SER F 69 59.98 -17.56 33.41
C SER F 69 59.93 -16.73 34.70
N ARG F 70 60.24 -17.33 35.84
CA ARG F 70 60.15 -16.65 37.13
C ARG F 70 61.45 -16.11 37.67
N SER F 71 62.58 -16.77 37.35
CA SER F 71 63.87 -16.32 37.84
C SER F 71 64.25 -14.94 37.30
N VAL F 72 65.01 -14.17 38.09
CA VAL F 72 65.47 -12.84 37.73
C VAL F 72 66.34 -12.88 36.46
N GLU F 73 67.20 -13.92 36.36
CA GLU F 73 68.04 -14.09 35.20
C GLU F 73 67.25 -14.40 33.93
N ARG F 74 66.19 -15.21 34.06
CA ARG F 74 65.32 -15.58 32.94
C ARG F 74 64.48 -14.37 32.50
N LEU F 75 63.99 -13.60 33.46
CA LEU F 75 63.23 -12.39 33.19
C LEU F 75 64.05 -11.32 32.45
N LYS F 76 65.35 -11.21 32.76
CA LYS F 76 66.24 -10.27 32.08
C LYS F 76 66.37 -10.64 30.61
N GLU F 77 66.46 -11.95 30.33
CA GLU F 77 66.54 -12.48 28.96
CA GLU F 77 66.55 -12.41 28.95
C GLU F 77 65.24 -12.17 28.20
N MET F 78 64.08 -12.30 28.88
CA MET F 78 62.79 -12.04 28.27
CA MET F 78 62.79 -12.04 28.26
C MET F 78 62.56 -10.57 27.99
N ILE F 79 63.10 -9.69 28.86
CA ILE F 79 63.00 -8.25 28.67
C ILE F 79 63.82 -7.88 27.42
N LYS F 80 65.04 -8.47 27.29
CA LYS F 80 65.91 -8.26 26.14
C LYS F 80 65.31 -8.82 24.84
N ALA F 81 64.56 -9.95 24.93
CA ALA F 81 63.89 -10.57 23.78
C ALA F 81 62.67 -9.74 23.29
N GLY F 82 62.11 -8.89 24.16
CA GLY F 82 61.00 -8.04 23.77
C GLY F 82 59.75 -8.02 24.64
N MET F 83 59.74 -8.70 25.79
CA MET F 83 58.57 -8.67 26.68
C MET F 83 58.28 -7.23 27.17
N ASN F 84 57.04 -6.75 27.01
CA ASN F 84 56.66 -5.40 27.44
C ASN F 84 55.73 -5.42 28.63
N ILE F 85 54.91 -6.48 28.76
CA ILE F 85 53.93 -6.64 29.84
C ILE F 85 54.07 -8.04 30.42
N ALA F 86 54.13 -8.15 31.75
CA ALA F 86 54.23 -9.42 32.46
C ALA F 86 52.85 -9.74 32.99
N ARG F 87 52.30 -10.90 32.62
CA ARG F 87 50.97 -11.29 33.07
C ARG F 87 51.03 -12.30 34.21
N LEU F 88 50.30 -12.01 35.28
CA LEU F 88 50.22 -12.92 36.43
C LEU F 88 48.85 -13.58 36.40
N ASN F 89 48.80 -14.88 36.18
CA ASN F 89 47.52 -15.58 36.11
C ASN F 89 47.07 -15.99 37.50
N PHE F 90 46.08 -15.27 38.04
CA PHE F 90 45.57 -15.54 39.38
C PHE F 90 44.65 -16.78 39.46
N SER F 91 44.49 -17.52 38.36
CA SER F 91 43.78 -18.80 38.38
C SER F 91 44.66 -19.88 39.07
N HIS F 92 45.98 -19.68 39.15
CA HIS F 92 46.92 -20.60 39.77
C HIS F 92 47.86 -19.85 40.73
N GLY F 93 48.36 -20.52 41.75
CA GLY F 93 49.29 -19.93 42.69
C GLY F 93 48.68 -19.06 43.77
N SER F 94 49.39 -18.92 44.88
CA SER F 94 48.94 -18.13 46.01
C SER F 94 49.37 -16.66 45.87
N HIS F 95 48.90 -15.79 46.79
CA HIS F 95 49.32 -14.39 46.81
C HIS F 95 50.83 -14.29 47.04
N GLU F 96 51.38 -15.19 47.85
CA GLU F 96 52.81 -15.23 48.17
C GLU F 96 53.63 -15.53 46.90
N TYR F 97 53.14 -16.47 46.09
CA TYR F 97 53.76 -16.85 44.83
C TYR F 97 53.79 -15.66 43.87
N HIS F 98 52.64 -14.99 43.69
CA HIS F 98 52.54 -13.83 42.79
C HIS F 98 53.33 -12.62 43.28
N ALA F 99 53.43 -12.42 44.60
CA ALA F 99 54.23 -11.32 45.15
C ALA F 99 55.71 -11.53 44.82
N GLU F 100 56.18 -12.78 44.88
CA GLU F 100 57.57 -13.09 44.55
C GLU F 100 57.81 -12.90 43.05
N SER F 101 56.82 -13.26 42.20
CA SER F 101 56.87 -13.06 40.76
C SER F 101 57.02 -11.56 40.45
N ILE F 102 56.18 -10.72 41.10
CA ILE F 102 56.21 -9.26 40.94
C ILE F 102 57.58 -8.72 41.34
N ALA F 103 58.11 -9.16 42.48
CA ALA F 103 59.40 -8.70 42.96
C ALA F 103 60.53 -9.07 42.00
N ASN F 104 60.47 -10.28 41.42
CA ASN F 104 61.48 -10.74 40.45
C ASN F 104 61.40 -9.94 39.15
N VAL F 105 60.19 -9.61 38.69
CA VAL F 105 60.00 -8.80 37.48
C VAL F 105 60.61 -7.41 37.73
N ARG F 106 60.24 -6.75 38.84
CA ARG F 106 60.78 -5.44 39.20
C ARG F 106 62.30 -5.43 39.36
N GLU F 107 62.88 -6.50 39.90
CA GLU F 107 64.32 -6.60 40.05
C GLU F 107 65.00 -6.70 38.67
N ALA F 108 64.44 -7.54 37.76
CA ALA F 108 64.99 -7.68 36.41
C ALA F 108 64.85 -6.37 35.62
N VAL F 109 63.72 -5.67 35.78
CA VAL F 109 63.46 -4.38 35.14
C VAL F 109 64.44 -3.30 35.62
N GLU F 110 64.68 -3.21 36.95
CA GLU F 110 65.55 -2.17 37.47
C GLU F 110 67.03 -2.46 37.27
N SER F 111 67.40 -3.69 36.89
CA SER F 111 68.80 -3.97 36.52
C SER F 111 69.19 -3.17 35.22
N PHE F 112 68.20 -2.66 34.46
CA PHE F 112 68.48 -1.87 33.28
C PHE F 112 68.26 -0.37 33.51
N ALA F 113 68.05 0.07 34.78
CA ALA F 113 67.86 1.48 35.13
C ALA F 113 69.10 2.36 35.12
N GLY F 114 70.27 1.78 34.82
CA GLY F 114 71.50 2.56 34.77
C GLY F 114 71.45 3.69 33.76
N SER F 115 71.12 3.36 32.51
CA SER F 115 71.05 4.36 31.46
C SER F 115 69.62 4.70 31.16
N PRO F 116 69.17 5.88 31.59
CA PRO F 116 67.80 6.31 31.23
C PRO F 116 67.55 6.38 29.71
N LEU F 117 68.60 6.23 28.92
CA LEU F 117 68.50 6.17 27.47
C LEU F 117 68.68 4.67 27.02
N SER F 118 68.11 3.69 27.77
CA SER F 118 68.14 2.22 27.47
C SER F 118 67.56 1.27 28.63
N TYR F 119 66.59 1.79 29.37
CA TYR F 119 65.87 1.08 30.41
C TYR F 119 64.53 0.65 29.76
N ARG F 120 64.00 -0.52 30.13
CA ARG F 120 62.74 -0.97 29.57
C ARG F 120 61.62 -1.03 30.61
N PRO F 121 60.67 -0.06 30.56
CA PRO F 121 59.54 -0.12 31.50
C PRO F 121 58.68 -1.34 31.14
N VAL F 122 58.41 -2.18 32.14
CA VAL F 122 57.61 -3.37 31.91
C VAL F 122 56.36 -3.28 32.75
N ALA F 123 55.18 -3.33 32.14
CA ALA F 123 53.93 -3.27 32.89
C ALA F 123 53.63 -4.59 33.60
N ILE F 124 52.93 -4.53 34.73
CA ILE F 124 52.53 -5.74 35.46
C ILE F 124 51.01 -5.84 35.40
N ALA F 125 50.53 -6.94 34.83
CA ALA F 125 49.08 -7.13 34.68
C ALA F 125 48.58 -8.32 35.50
N LEU F 126 47.46 -8.14 36.17
CA LEU F 126 46.87 -9.18 37.00
C LEU F 126 45.69 -9.78 36.24
N ASP F 127 45.74 -11.07 35.91
CA ASP F 127 44.63 -11.71 35.21
C ASP F 127 43.76 -12.42 36.29
N THR F 128 42.51 -11.98 36.47
CA THR F 128 41.66 -12.55 37.51
C THR F 128 41.19 -13.98 37.22
N LYS F 129 40.83 -14.72 38.28
CA LYS F 129 40.34 -16.09 38.20
C LYS F 129 38.95 -16.12 37.53
N GLY F 130 38.11 -15.16 37.84
CA GLY F 130 36.79 -15.07 37.24
C GLY F 130 35.62 -15.40 38.16
N PRO F 131 34.39 -15.25 37.63
CA PRO F 131 33.20 -15.53 38.45
C PRO F 131 32.91 -17.02 38.65
N PRO F 135 27.30 -15.33 39.19
CA PRO F 135 26.63 -14.22 38.51
C PRO F 135 27.49 -12.96 38.34
N GLY F 136 28.27 -12.61 39.37
CA GLY F 136 29.10 -11.43 39.33
C GLY F 136 30.47 -11.64 39.93
N LEU F 137 31.01 -10.58 40.56
CA LEU F 137 32.34 -10.62 41.17
C LEU F 137 32.47 -11.60 42.32
N SER F 138 33.36 -12.58 42.17
CA SER F 138 33.60 -13.58 43.21
C SER F 138 34.36 -13.01 44.41
N GLU F 139 34.32 -13.71 45.56
CA GLU F 139 35.03 -13.27 46.77
C GLU F 139 36.55 -13.36 46.59
N GLN F 140 37.02 -14.38 45.85
CA GLN F 140 38.45 -14.52 45.58
C GLN F 140 38.93 -13.37 44.67
N ASP F 141 38.10 -12.95 43.70
CA ASP F 141 38.43 -11.84 42.84
C ASP F 141 38.56 -10.55 43.63
N VAL F 142 37.68 -10.32 44.61
CA VAL F 142 37.76 -9.12 45.46
C VAL F 142 39.10 -9.09 46.23
N ARG F 143 39.53 -10.25 46.76
CA ARG F 143 40.79 -10.34 47.48
C ARG F 143 42.01 -10.16 46.56
N ASP F 144 41.95 -10.74 45.36
CA ASP F 144 43.03 -10.66 44.38
C ASP F 144 43.14 -9.23 43.82
N LEU F 145 42.02 -8.56 43.60
CA LEU F 145 42.02 -7.18 43.13
C LEU F 145 42.62 -6.26 44.19
N ARG F 146 42.32 -6.51 45.48
CA ARG F 146 42.88 -5.78 46.61
C ARG F 146 44.42 -5.98 46.64
N PHE F 147 44.87 -7.24 46.42
CA PHE F 147 46.28 -7.58 46.37
C PHE F 147 46.98 -6.78 45.26
N GLY F 148 46.34 -6.68 44.10
CA GLY F 148 46.85 -5.92 42.97
C GLY F 148 47.08 -4.46 43.27
N VAL F 149 46.12 -3.82 43.94
CA VAL F 149 46.25 -2.42 44.31
C VAL F 149 47.40 -2.26 45.31
N GLU F 150 47.47 -3.16 46.31
CA GLU F 150 48.53 -3.10 47.32
C GLU F 150 49.92 -3.34 46.74
N HIS F 151 50.00 -4.16 45.68
CA HIS F 151 51.29 -4.42 45.04
C HIS F 151 51.58 -3.54 43.82
N GLY F 152 50.75 -2.53 43.57
CA GLY F 152 50.96 -1.57 42.49
C GLY F 152 50.91 -2.10 41.07
N VAL F 153 49.97 -3.02 40.77
CA VAL F 153 49.84 -3.51 39.40
C VAL F 153 49.35 -2.36 38.50
N ASP F 154 49.70 -2.43 37.22
CA ASP F 154 49.32 -1.38 36.28
C ASP F 154 48.03 -1.69 35.56
N ILE F 155 47.76 -2.98 35.32
CA ILE F 155 46.61 -3.41 34.52
C ILE F 155 45.90 -4.59 35.16
N VAL F 156 44.59 -4.70 34.93
CA VAL F 156 43.80 -5.85 35.35
C VAL F 156 43.18 -6.45 34.09
N PHE F 157 43.39 -7.75 33.84
CA PHE F 157 42.71 -8.45 32.75
C PHE F 157 41.54 -9.11 33.45
N ALA F 158 40.35 -8.48 33.40
CA ALA F 158 39.16 -8.99 34.10
C ALA F 158 38.52 -10.16 33.34
N SER F 159 38.57 -11.36 33.92
CA SER F 159 38.00 -12.56 33.31
C SER F 159 36.47 -12.56 33.21
N PHE F 160 35.96 -13.21 32.15
CA PHE F 160 34.55 -13.42 31.85
C PHE F 160 33.65 -12.20 32.04
N VAL F 161 34.00 -11.07 31.40
CA VAL F 161 33.16 -9.88 31.48
C VAL F 161 31.97 -10.10 30.54
N ARG F 162 30.74 -9.98 31.07
CA ARG F 162 29.52 -10.21 30.28
C ARG F 162 28.65 -8.98 30.08
N LYS F 163 28.85 -7.93 30.89
CA LYS F 163 28.07 -6.71 30.81
C LYS F 163 28.84 -5.56 31.48
N ALA F 164 28.37 -4.32 31.28
CA ALA F 164 29.00 -3.12 31.85
C ALA F 164 29.09 -3.15 33.40
N SER F 165 28.08 -3.73 34.08
CA SER F 165 28.09 -3.81 35.54
C SER F 165 29.22 -4.68 36.08
N ASP F 166 29.74 -5.63 35.27
CA ASP F 166 30.87 -6.45 35.69
C ASP F 166 32.14 -5.58 35.79
N VAL F 167 32.30 -4.64 34.86
CA VAL F 167 33.43 -3.72 34.82
C VAL F 167 33.34 -2.77 36.02
N ALA F 168 32.12 -2.27 36.31
CA ALA F 168 31.90 -1.37 37.45
C ALA F 168 32.24 -2.07 38.77
N ALA F 169 31.93 -3.38 38.89
CA ALA F 169 32.24 -4.15 40.07
C ALA F 169 33.75 -4.28 40.25
N VAL F 170 34.50 -4.51 39.16
CA VAL F 170 35.97 -4.61 39.23
C VAL F 170 36.55 -3.25 39.65
N ARG F 171 36.01 -2.16 39.07
CA ARG F 171 36.47 -0.81 39.38
CA ARG F 171 36.46 -0.81 39.39
C ARG F 171 36.22 -0.50 40.86
N ALA F 172 35.05 -0.91 41.41
CA ALA F 172 34.71 -0.70 42.82
C ALA F 172 35.63 -1.52 43.72
N ALA F 173 35.94 -2.77 43.34
CA ALA F 173 36.84 -3.61 44.13
C ALA F 173 38.30 -3.09 44.17
N LEU F 174 38.68 -2.25 43.19
CA LEU F 174 40.01 -1.64 43.20
C LEU F 174 40.09 -0.44 44.20
N GLY F 175 38.94 0.08 44.62
CA GLY F 175 38.83 1.16 45.59
C GLY F 175 39.33 2.51 45.11
N PRO F 176 39.46 3.45 46.05
CA PRO F 176 39.94 4.79 45.69
C PRO F 176 41.43 4.84 45.32
N GLU F 177 42.24 3.89 45.85
CA GLU F 177 43.67 3.85 45.55
C GLU F 177 44.02 3.22 44.20
N GLY F 178 43.09 2.50 43.59
CA GLY F 178 43.33 1.85 42.30
C GLY F 178 42.63 2.53 41.14
N HIS F 179 42.44 3.84 41.23
CA HIS F 179 41.76 4.60 40.19
C HIS F 179 42.57 4.68 38.88
N GLY F 180 43.89 4.63 38.98
CA GLY F 180 44.76 4.70 37.82
C GLY F 180 45.01 3.40 37.08
N ILE F 181 44.64 2.26 37.69
CA ILE F 181 44.82 0.94 37.08
C ILE F 181 43.91 0.79 35.85
N LYS F 182 44.46 0.27 34.74
CA LYS F 182 43.68 0.06 33.50
C LYS F 182 42.91 -1.25 33.57
N ILE F 183 41.63 -1.23 33.20
CA ILE F 183 40.83 -2.45 33.19
C ILE F 183 40.63 -2.91 31.74
N ILE F 184 41.21 -4.05 31.40
CA ILE F 184 41.08 -4.65 30.09
C ILE F 184 40.09 -5.79 30.27
N SER F 185 38.88 -5.66 29.70
CA SER F 185 37.86 -6.69 29.86
C SER F 185 38.07 -7.88 28.93
N LYS F 186 38.07 -9.09 29.49
CA LYS F 186 38.22 -10.31 28.69
C LYS F 186 36.87 -10.78 28.15
N ILE F 187 36.74 -10.86 26.80
CA ILE F 187 35.50 -11.33 26.19
C ILE F 187 35.71 -12.81 25.95
N GLU F 188 35.00 -13.66 26.72
CA GLU F 188 35.19 -15.09 26.67
C GLU F 188 33.93 -15.91 26.40
N ASN F 189 32.79 -15.27 26.14
CA ASN F 189 31.55 -16.01 25.89
C ASN F 189 30.58 -15.27 24.96
N HIS F 190 29.46 -15.91 24.58
CA HIS F 190 28.47 -15.31 23.71
C HIS F 190 27.90 -14.00 24.23
N GLU F 191 27.62 -13.92 25.54
CA GLU F 191 27.05 -12.71 26.11
C GLU F 191 28.00 -11.53 26.02
N GLY F 192 29.28 -11.77 26.28
CA GLY F 192 30.31 -10.74 26.18
C GLY F 192 30.41 -10.19 24.76
N VAL F 193 30.31 -11.09 23.75
CA VAL F 193 30.36 -10.68 22.34
C VAL F 193 29.12 -9.85 22.00
N LYS F 194 27.95 -10.31 22.43
CA LYS F 194 26.70 -9.60 22.16
C LYS F 194 26.57 -8.25 22.86
N ARG F 195 27.08 -8.14 24.09
CA ARG F 195 27.03 -6.89 24.82
C ARG F 195 28.33 -6.09 24.69
N PHE F 196 29.18 -6.40 23.70
CA PHE F 196 30.48 -5.78 23.49
C PHE F 196 30.50 -4.26 23.57
N ASP F 197 29.58 -3.57 22.89
CA ASP F 197 29.57 -2.12 22.87
C ASP F 197 29.45 -1.47 24.26
N GLU F 198 28.57 -2.03 25.12
CA GLU F 198 28.41 -1.49 26.45
C GLU F 198 29.63 -1.79 27.33
N ILE F 199 30.32 -2.92 27.09
CA ILE F 199 31.52 -3.30 27.82
C ILE F 199 32.69 -2.41 27.42
N LEU F 200 32.89 -2.19 26.12
CA LEU F 200 33.97 -1.36 25.61
C LEU F 200 33.84 0.09 26.09
N GLU F 201 32.61 0.61 26.13
CA GLU F 201 32.33 1.97 26.58
C GLU F 201 32.87 2.24 27.98
N VAL F 202 32.75 1.27 28.90
CA VAL F 202 33.21 1.46 30.27
C VAL F 202 34.59 0.86 30.56
N SER F 203 35.18 0.12 29.62
CA SER F 203 36.50 -0.47 29.82
C SER F 203 37.62 0.40 29.25
N ASP F 204 38.86 0.15 29.67
CA ASP F 204 40.01 0.84 29.08
C ASP F 204 40.46 0.15 27.78
N GLY F 205 40.14 -1.13 27.63
CA GLY F 205 40.47 -1.95 26.48
C GLY F 205 39.86 -3.33 26.57
N ILE F 206 40.17 -4.19 25.60
CA ILE F 206 39.57 -5.51 25.51
C ILE F 206 40.62 -6.58 25.24
N MET F 207 40.39 -7.78 25.75
CA MET F 207 41.20 -8.92 25.41
C MET F 207 40.27 -9.94 24.72
N VAL F 208 40.66 -10.42 23.51
CA VAL F 208 39.94 -11.48 22.83
C VAL F 208 40.52 -12.78 23.42
N ALA F 209 39.86 -13.31 24.44
CA ALA F 209 40.29 -14.49 25.17
C ALA F 209 39.80 -15.72 24.42
N ARG F 210 40.55 -16.13 23.38
CA ARG F 210 40.16 -17.19 22.45
C ARG F 210 40.02 -18.59 23.05
N GLY F 211 40.71 -18.88 24.15
CA GLY F 211 40.61 -20.19 24.80
C GLY F 211 39.20 -20.52 25.23
N ASP F 212 38.64 -19.72 26.13
CA ASP F 212 37.27 -19.93 26.61
C ASP F 212 36.26 -19.58 25.52
N LEU F 213 36.51 -18.52 24.75
CA LEU F 213 35.60 -18.12 23.66
C LEU F 213 35.40 -19.27 22.65
N GLY F 214 36.46 -20.00 22.35
CA GLY F 214 36.42 -21.16 21.45
C GLY F 214 35.69 -22.38 21.98
N ILE F 215 35.36 -22.38 23.28
CA ILE F 215 34.59 -23.44 23.94
C ILE F 215 33.13 -22.96 24.08
N GLU F 216 32.91 -21.67 24.40
CA GLU F 216 31.61 -21.06 24.58
C GLU F 216 30.83 -20.87 23.27
N ILE F 217 31.54 -20.56 22.19
CA ILE F 217 30.93 -20.41 20.86
C ILE F 217 31.59 -21.42 19.91
N PRO F 218 30.99 -21.76 18.75
CA PRO F 218 31.65 -22.71 17.83
C PRO F 218 33.06 -22.24 17.46
N ALA F 219 34.03 -23.15 17.47
CA ALA F 219 35.42 -22.83 17.19
C ALA F 219 35.62 -22.09 15.87
N GLU F 220 34.84 -22.46 14.85
CA GLU F 220 34.91 -21.85 13.51
C GLU F 220 34.38 -20.43 13.44
N LYS F 221 33.83 -19.89 14.54
CA LYS F 221 33.30 -18.52 14.59
C LYS F 221 34.21 -17.57 15.37
N VAL F 222 35.24 -18.08 16.07
CA VAL F 222 36.13 -17.24 16.86
C VAL F 222 36.83 -16.17 16.03
N PHE F 223 37.25 -16.49 14.81
CA PHE F 223 37.90 -15.48 13.95
C PHE F 223 36.98 -14.30 13.64
N LEU F 224 35.65 -14.54 13.56
CA LEU F 224 34.70 -13.44 13.29
C LEU F 224 34.65 -12.54 14.51
N ALA F 225 34.62 -13.12 15.71
CA ALA F 225 34.59 -12.36 16.95
C ALA F 225 35.88 -11.56 17.11
N GLN F 226 37.03 -12.19 16.85
CA GLN F 226 38.32 -11.52 16.94
C GLN F 226 38.42 -10.31 15.98
N LYS F 227 38.08 -10.51 14.70
CA LYS F 227 38.16 -9.43 13.72
C LYS F 227 37.19 -8.31 13.99
N MET F 228 35.99 -8.63 14.49
CA MET F 228 34.99 -7.62 14.85
C MET F 228 35.46 -6.77 16.07
N MET F 229 35.95 -7.44 17.13
CA MET F 229 36.38 -6.74 18.34
C MET F 229 37.58 -5.88 18.08
N ILE F 230 38.53 -6.37 17.27
CA ILE F 230 39.71 -5.57 16.93
C ILE F 230 39.30 -4.34 16.14
N GLY F 231 38.41 -4.50 15.16
CA GLY F 231 37.91 -3.37 14.38
C GLY F 231 37.22 -2.33 15.24
N ARG F 232 36.33 -2.76 16.16
CA ARG F 232 35.61 -1.85 17.05
C ARG F 232 36.52 -1.14 18.03
N CYS F 233 37.56 -1.82 18.51
CA CYS F 233 38.53 -1.20 19.40
C CYS F 233 39.37 -0.20 18.66
N ASN F 234 39.77 -0.51 17.42
CA ASN F 234 40.52 0.41 16.57
C ASN F 234 39.68 1.67 16.29
N LEU F 235 38.38 1.49 16.07
CA LEU F 235 37.45 2.59 15.80
C LEU F 235 37.31 3.47 17.07
N ALA F 236 37.22 2.85 18.26
CA ALA F 236 37.13 3.54 19.53
C ALA F 236 38.44 4.16 20.00
N GLY F 237 39.56 3.73 19.44
CA GLY F 237 40.88 4.20 19.85
C GLY F 237 41.28 3.61 21.18
N LYS F 238 40.80 2.39 21.51
CA LYS F 238 41.12 1.70 22.77
C LYS F 238 41.92 0.44 22.53
N PRO F 239 42.88 0.12 23.43
CA PRO F 239 43.71 -1.08 23.22
C PRO F 239 42.97 -2.42 23.13
N VAL F 240 43.47 -3.30 22.27
CA VAL F 240 42.90 -4.62 22.10
C VAL F 240 44.04 -5.64 22.09
N VAL F 241 43.87 -6.72 22.85
CA VAL F 241 44.85 -7.78 22.97
C VAL F 241 44.33 -9.03 22.28
N CYS F 242 45.17 -9.69 21.48
CA CYS F 242 44.79 -10.99 20.95
C CYS F 242 45.50 -12.01 21.81
N ALA F 243 44.75 -13.02 22.31
CA ALA F 243 45.34 -13.98 23.22
C ALA F 243 45.00 -15.45 22.91
N THR F 244 45.86 -16.38 23.42
CA THR F 244 45.74 -17.83 23.55
C THR F 244 46.05 -18.67 22.31
N GLN F 245 47.02 -19.61 22.50
CA GLN F 245 47.50 -20.60 21.57
C GLN F 245 48.14 -20.02 20.32
N MET F 246 48.67 -18.79 20.40
CA MET F 246 49.29 -18.14 19.26
C MET F 246 50.51 -18.91 18.76
N LEU F 247 51.35 -19.42 19.68
CA LEU F 247 52.55 -20.20 19.34
C LEU F 247 52.58 -21.47 20.21
N GLU F 248 51.41 -22.08 20.47
CA GLU F 248 51.22 -23.24 21.32
C GLU F 248 52.29 -24.34 21.20
N SER F 249 52.63 -24.79 19.98
CA SER F 249 53.61 -25.85 19.79
C SER F 249 55.02 -25.50 20.31
N MET F 250 55.32 -24.20 20.50
CA MET F 250 56.60 -23.78 21.05
C MET F 250 56.73 -24.07 22.57
N ILE F 251 55.68 -24.67 23.20
CA ILE F 251 55.79 -25.10 24.58
C ILE F 251 56.84 -26.23 24.66
N THR F 252 56.89 -27.11 23.63
CA THR F 252 57.85 -28.22 23.59
C THR F 252 58.81 -28.18 22.40
N LYS F 253 58.49 -27.42 21.35
CA LYS F 253 59.35 -27.37 20.14
C LYS F 253 60.03 -26.01 19.96
N PRO F 254 61.27 -25.96 19.44
CA PRO F 254 61.96 -24.66 19.31
C PRO F 254 61.44 -23.74 18.19
N ARG F 255 60.69 -24.30 17.23
CA ARG F 255 60.13 -23.55 16.12
C ARG F 255 58.62 -23.79 16.06
N PRO F 256 57.82 -22.78 15.68
CA PRO F 256 56.37 -22.97 15.63
C PRO F 256 55.89 -23.62 14.31
N THR F 257 54.58 -23.91 14.22
CA THR F 257 53.99 -24.45 13.02
C THR F 257 53.69 -23.28 12.03
N ARG F 258 53.37 -23.61 10.78
CA ARG F 258 53.05 -22.62 9.77
C ARG F 258 51.75 -21.88 10.12
N ALA F 259 50.80 -22.54 10.79
CA ALA F 259 49.54 -21.94 11.23
C ALA F 259 49.77 -20.93 12.35
N GLU F 260 50.71 -21.23 13.26
CA GLU F 260 51.04 -20.36 14.38
C GLU F 260 51.68 -19.05 13.95
N THR F 261 52.67 -19.08 13.03
CA THR F 261 53.27 -17.84 12.55
C THR F 261 52.23 -16.99 11.80
N SER F 262 51.38 -17.66 11.04
CA SER F 262 50.30 -17.05 10.29
C SER F 262 49.31 -16.38 11.26
N ASP F 263 48.97 -17.03 12.36
CA ASP F 263 48.07 -16.51 13.38
C ASP F 263 48.57 -15.22 14.01
N VAL F 264 49.87 -15.19 14.38
CA VAL F 264 50.50 -14.01 14.95
C VAL F 264 50.46 -12.88 13.94
N ALA F 265 50.85 -13.16 12.72
CA ALA F 265 50.89 -12.14 11.67
C ALA F 265 49.51 -11.57 11.40
N ASN F 266 48.49 -12.44 11.37
CA ASN F 266 47.14 -12.03 11.09
C ASN F 266 46.53 -11.25 12.24
N ALA F 267 46.91 -11.53 13.49
CA ALA F 267 46.43 -10.74 14.62
C ALA F 267 46.96 -9.30 14.52
N VAL F 268 48.24 -9.15 14.15
CA VAL F 268 48.87 -7.84 13.97
C VAL F 268 48.22 -7.16 12.78
N LEU F 269 48.03 -7.87 11.66
CA LEU F 269 47.38 -7.26 10.49
C LEU F 269 45.93 -6.84 10.78
N ASP F 270 45.20 -7.61 11.61
CA ASP F 270 43.84 -7.29 12.01
C ASP F 270 43.78 -5.93 12.72
N GLY F 271 44.82 -5.59 13.49
CA GLY F 271 44.88 -4.34 14.22
C GLY F 271 45.10 -4.47 15.71
N ALA F 272 45.54 -5.64 16.19
CA ALA F 272 45.76 -5.84 17.63
C ALA F 272 46.89 -4.97 18.15
N ASP F 273 46.66 -4.30 19.27
CA ASP F 273 47.69 -3.48 19.91
C ASP F 273 48.71 -4.37 20.62
N CYS F 274 48.24 -5.49 21.22
CA CYS F 274 49.09 -6.42 21.94
C CYS F 274 48.83 -7.84 21.49
N ILE F 275 49.86 -8.67 21.60
CA ILE F 275 49.76 -10.11 21.35
C ILE F 275 50.27 -10.80 22.63
N MET F 276 49.72 -11.97 22.96
CA MET F 276 50.03 -12.63 24.21
C MET F 276 50.59 -14.02 24.09
N LEU F 277 51.39 -14.43 25.09
CA LEU F 277 51.95 -15.79 25.25
C LEU F 277 51.48 -16.29 26.61
N SER F 278 50.92 -17.49 26.67
CA SER F 278 50.43 -18.07 27.94
C SER F 278 51.37 -19.22 28.39
N GLY F 279 51.03 -20.48 28.09
CA GLY F 279 51.88 -21.63 28.42
C GLY F 279 53.23 -21.58 27.77
N GLU F 280 53.34 -20.88 26.60
CA GLU F 280 54.60 -20.73 25.84
C GLU F 280 55.70 -20.11 26.70
N THR F 281 55.31 -19.14 27.58
CA THR F 281 56.28 -18.52 28.47
C THR F 281 56.14 -19.00 29.94
N ALA F 282 54.92 -19.29 30.39
CA ALA F 282 54.68 -19.71 31.77
C ALA F 282 55.27 -21.08 32.11
N LYS F 283 55.14 -22.05 31.23
CA LYS F 283 55.58 -23.42 31.52
C LYS F 283 56.41 -24.13 30.45
N GLY F 284 56.58 -23.53 29.29
CA GLY F 284 57.30 -24.18 28.19
C GLY F 284 58.80 -24.21 28.28
N ASN F 285 59.41 -25.00 27.40
CA ASN F 285 60.84 -25.18 27.31
C ASN F 285 61.57 -24.08 26.55
N PHE F 286 60.83 -23.22 25.81
CA PHE F 286 61.49 -22.15 25.06
C PHE F 286 60.81 -20.80 25.29
N PRO F 287 60.71 -20.29 26.55
CA PRO F 287 60.02 -19.01 26.76
C PRO F 287 60.64 -17.81 26.04
N VAL F 288 61.97 -17.72 26.04
CA VAL F 288 62.69 -16.62 25.42
C VAL F 288 62.54 -16.69 23.90
N GLU F 289 62.63 -17.89 23.33
CA GLU F 289 62.48 -18.13 21.90
C GLU F 289 61.06 -17.81 21.43
N ALA F 290 60.04 -18.05 22.27
CA ALA F 290 58.65 -17.72 21.94
C ALA F 290 58.49 -16.19 21.86
N VAL F 291 59.13 -15.45 22.77
CA VAL F 291 59.09 -13.99 22.76
C VAL F 291 59.84 -13.47 21.51
N LYS F 292 60.98 -14.07 21.19
CA LYS F 292 61.76 -13.68 20.01
C LYS F 292 60.97 -13.91 18.72
N MET F 293 60.21 -15.01 18.65
CA MET F 293 59.41 -15.35 17.49
C MET F 293 58.25 -14.36 17.31
N GLN F 294 57.56 -14.00 18.39
CA GLN F 294 56.50 -13.00 18.29
C GLN F 294 57.05 -11.66 17.87
N HIS F 295 58.25 -11.30 18.38
CA HIS F 295 58.91 -10.05 18.04
C HIS F 295 59.20 -10.02 16.51
N ALA F 296 59.78 -11.10 15.99
CA ALA F 296 60.13 -11.22 14.59
C ALA F 296 58.91 -11.15 13.66
N ILE F 297 57.81 -11.88 14.01
CA ILE F 297 56.60 -11.87 13.19
C ILE F 297 55.92 -10.50 13.21
N ALA F 298 55.75 -9.90 14.41
CA ALA F 298 55.10 -8.61 14.54
C ALA F 298 55.78 -7.53 13.70
N ARG F 299 57.13 -7.52 13.69
CA ARG F 299 57.88 -6.54 12.89
C ARG F 299 57.57 -6.70 11.39
N GLU F 300 57.52 -7.95 10.89
CA GLU F 300 57.23 -8.23 9.49
C GLU F 300 55.80 -7.83 9.16
N ALA F 301 54.83 -8.14 10.06
CA ALA F 301 53.44 -7.82 9.85
C ALA F 301 53.14 -6.34 9.90
N GLU F 302 53.82 -5.58 10.77
CA GLU F 302 53.62 -4.15 10.87
C GLU F 302 54.02 -3.44 9.57
N ALA F 303 55.12 -3.88 8.94
CA ALA F 303 55.55 -3.28 7.69
C ALA F 303 54.56 -3.56 6.56
N ALA F 304 53.84 -4.70 6.63
CA ALA F 304 52.87 -5.14 5.62
C ALA F 304 51.47 -4.50 5.80
N VAL F 305 51.26 -3.65 6.80
CA VAL F 305 49.98 -2.98 7.02
C VAL F 305 49.74 -2.01 5.84
N TYR F 306 48.52 -1.97 5.30
CA TYR F 306 48.21 -1.12 4.15
C TYR F 306 47.79 0.26 4.68
N HIS F 307 48.75 1.07 5.12
CA HIS F 307 48.47 2.39 5.70
C HIS F 307 47.68 3.33 4.82
N ARG F 308 47.83 3.24 3.48
CA ARG F 308 47.11 4.14 2.57
C ARG F 308 45.60 4.08 2.78
N GLN F 309 45.00 2.88 2.83
CA GLN F 309 43.57 2.79 3.06
C GLN F 309 43.25 2.85 4.55
N LEU F 310 44.10 2.25 5.41
CA LEU F 310 43.89 2.26 6.85
C LEU F 310 43.77 3.68 7.41
N PHE F 311 44.73 4.56 7.10
CA PHE F 311 44.68 5.95 7.58
C PHE F 311 43.46 6.69 7.06
N GLU F 312 43.11 6.52 5.78
CA GLU F 312 41.94 7.15 5.21
C GLU F 312 40.65 6.69 5.91
N GLU F 313 40.56 5.40 6.25
CA GLU F 313 39.37 4.88 6.91
C GLU F 313 39.29 5.32 8.36
N LEU F 314 40.45 5.37 9.06
CA LEU F 314 40.49 5.82 10.46
C LEU F 314 40.09 7.28 10.52
N ARG F 315 40.62 8.10 9.62
CA ARG F 315 40.26 9.52 9.53
C ARG F 315 38.74 9.68 9.25
N ARG F 316 38.23 9.07 8.17
CA ARG F 316 36.82 9.15 7.79
C ARG F 316 35.88 8.69 8.90
N ALA F 317 36.24 7.61 9.62
CA ALA F 317 35.38 7.07 10.67
C ALA F 317 35.40 7.87 11.95
N ALA F 318 36.51 8.56 12.22
CA ALA F 318 36.64 9.34 13.44
C ALA F 318 35.69 10.54 13.40
N PRO F 319 34.94 10.75 14.50
CA PRO F 319 34.03 11.90 14.52
C PRO F 319 34.81 13.21 14.60
N LEU F 320 34.16 14.31 14.16
CA LEU F 320 34.78 15.63 14.28
C LEU F 320 35.00 15.95 15.75
N SER F 321 36.06 16.70 16.06
CA SER F 321 36.37 16.97 17.45
C SER F 321 36.79 18.36 17.68
N ARG F 322 36.36 18.93 18.79
CA ARG F 322 36.83 20.25 19.19
C ARG F 322 37.87 20.18 20.32
N ASP F 323 38.38 18.96 20.63
CA ASP F 323 39.40 18.73 21.64
C ASP F 323 40.75 18.98 20.98
N PRO F 324 41.53 19.93 21.49
CA PRO F 324 42.81 20.24 20.86
C PRO F 324 43.82 19.09 20.81
N THR F 325 43.77 18.14 21.77
CA THR F 325 44.68 16.99 21.75
C THR F 325 44.34 16.11 20.55
N GLU F 326 43.04 15.85 20.34
CA GLU F 326 42.45 15.07 19.27
C GLU F 326 42.82 15.71 17.90
N VAL F 327 42.66 17.03 17.78
CA VAL F 327 42.98 17.81 16.56
C VAL F 327 44.49 17.83 16.27
N THR F 328 45.32 18.00 17.31
CA THR F 328 46.76 18.01 17.13
C THR F 328 47.26 16.64 16.71
N ALA F 329 46.69 15.56 17.29
CA ALA F 329 47.07 14.18 16.98
C ALA F 329 46.89 13.84 15.48
N ILE F 330 45.73 14.16 14.89
CA ILE F 330 45.51 13.88 13.48
C ILE F 330 46.43 14.74 12.59
N GLY F 331 46.64 16.00 12.96
CA GLY F 331 47.56 16.87 12.22
C GLY F 331 48.99 16.34 12.25
N ALA F 332 49.44 15.85 13.43
CA ALA F 332 50.78 15.29 13.59
C ALA F 332 50.98 13.97 12.82
N VAL F 333 49.96 13.11 12.79
CA VAL F 333 50.06 11.85 12.04
C VAL F 333 50.08 12.14 10.54
N GLU F 334 49.28 13.11 10.09
CA GLU F 334 49.23 13.52 8.69
CA GLU F 334 49.23 13.52 8.69
C GLU F 334 50.61 14.07 8.28
N ALA F 335 51.22 14.95 9.14
CA ALA F 335 52.53 15.53 8.91
C ALA F 335 53.60 14.44 8.85
N ALA F 336 53.56 13.46 9.77
CA ALA F 336 54.51 12.34 9.78
C ALA F 336 54.47 11.52 8.48
N PHE F 337 53.28 11.25 7.92
CA PHE F 337 53.17 10.51 6.67
C PHE F 337 53.69 11.33 5.47
N LYS F 338 53.47 12.63 5.48
CA LYS F 338 53.89 13.51 4.38
C LYS F 338 55.41 13.53 4.16
N CYS F 339 56.17 13.45 5.26
CA CYS F 339 57.63 13.50 5.15
C CYS F 339 58.33 12.20 5.47
N CYS F 340 57.59 11.09 5.71
CA CYS F 340 58.14 9.78 6.11
C CYS F 340 58.93 9.97 7.40
N ALA F 341 58.36 10.73 8.35
CA ALA F 341 58.98 11.05 9.63
C ALA F 341 59.41 9.78 10.35
N ALA F 342 60.54 9.85 10.98
CA ALA F 342 61.10 8.69 11.69
C ALA F 342 60.36 8.45 13.00
N ALA F 343 59.92 9.52 13.66
CA ALA F 343 59.24 9.43 14.94
C ALA F 343 58.36 10.66 15.21
N ILE F 344 57.43 10.53 16.14
CA ILE F 344 56.60 11.59 16.65
C ILE F 344 56.94 11.59 18.12
N ILE F 345 57.55 12.67 18.61
CA ILE F 345 57.94 12.76 20.02
C ILE F 345 56.84 13.50 20.72
N VAL F 346 56.24 12.89 21.76
CA VAL F 346 55.12 13.50 22.45
C VAL F 346 55.36 13.58 23.95
N LEU F 347 55.00 14.72 24.55
CA LEU F 347 55.13 14.90 26.00
C LEU F 347 53.78 14.50 26.57
N THR F 348 53.78 13.58 27.54
CA THR F 348 52.51 13.13 28.12
C THR F 348 52.62 12.88 29.61
N THR F 349 51.54 13.16 30.36
CA THR F 349 51.52 12.93 31.79
C THR F 349 50.82 11.60 32.07
N THR F 350 49.63 11.42 31.48
CA THR F 350 48.80 10.23 31.69
C THR F 350 48.92 9.17 30.57
N GLY F 351 49.57 9.53 29.45
CA GLY F 351 49.67 8.66 28.29
C GLY F 351 48.61 8.99 27.24
N ARG F 352 47.60 9.83 27.58
CA ARG F 352 46.51 10.13 26.67
C ARG F 352 46.94 10.73 25.31
N SER F 353 47.87 11.69 25.29
CA SER F 353 48.32 12.29 24.03
C SER F 353 48.98 11.25 23.13
N ALA F 354 49.72 10.30 23.71
CA ALA F 354 50.36 9.25 22.93
C ALA F 354 49.29 8.27 22.40
N GLN F 355 48.24 7.99 23.20
CA GLN F 355 47.14 7.11 22.80
C GLN F 355 46.37 7.71 21.60
N LEU F 356 46.09 9.02 21.61
CA LEU F 356 45.40 9.66 20.51
C LEU F 356 46.25 9.71 19.22
N LEU F 357 47.58 9.66 19.33
CA LEU F 357 48.43 9.60 18.17
C LEU F 357 48.36 8.16 17.60
N SER F 358 48.49 7.17 18.49
CA SER F 358 48.47 5.74 18.23
C SER F 358 47.17 5.27 17.51
N ARG F 359 46.02 5.88 17.80
CA ARG F 359 44.75 5.47 17.19
C ARG F 359 44.72 5.67 15.66
N TYR F 360 45.56 6.60 15.13
CA TYR F 360 45.64 6.82 13.68
C TYR F 360 46.63 5.93 12.98
N ARG F 361 47.25 5.00 13.73
CA ARG F 361 48.19 4.01 13.24
C ARG F 361 49.29 4.60 12.38
N PRO F 362 50.07 5.56 12.90
CA PRO F 362 51.18 6.08 12.10
C PRO F 362 52.24 5.01 11.86
N ARG F 363 53.00 5.12 10.78
CA ARG F 363 54.14 4.23 10.56
C ARG F 363 55.31 4.71 11.48
N ALA F 364 55.40 6.04 11.74
CA ALA F 364 56.40 6.63 12.62
C ALA F 364 56.22 6.22 14.09
N ALA F 365 57.32 5.89 14.77
CA ALA F 365 57.30 5.52 16.19
C ALA F 365 56.81 6.69 17.04
N VAL F 366 55.95 6.43 18.02
CA VAL F 366 55.48 7.49 18.91
C VAL F 366 56.33 7.39 20.16
N ILE F 367 57.33 8.27 20.29
CA ILE F 367 58.21 8.27 21.45
C ILE F 367 57.55 9.14 22.53
N ALA F 368 57.05 8.49 23.59
CA ALA F 368 56.33 9.23 24.63
C ALA F 368 57.26 9.54 25.82
N VAL F 369 57.53 10.84 26.04
CA VAL F 369 58.42 11.30 27.14
C VAL F 369 57.55 11.66 28.37
N THR F 370 57.66 10.88 29.45
CA THR F 370 56.81 11.09 30.63
C THR F 370 57.60 11.02 31.92
N ARG F 371 57.09 11.70 32.94
CA ARG F 371 57.66 11.63 34.29
C ARG F 371 56.95 10.54 35.12
N SER F 372 55.75 10.12 34.71
CA SER F 372 54.97 9.10 35.40
C SER F 372 55.47 7.70 35.08
N ALA F 373 56.01 7.00 36.07
CA ALA F 373 56.47 5.62 35.87
C ALA F 373 55.30 4.69 35.51
N GLN F 374 54.12 4.93 36.10
CA GLN F 374 52.94 4.12 35.80
C GLN F 374 52.47 4.34 34.36
N ALA F 375 52.39 5.60 33.88
CA ALA F 375 52.01 5.90 32.50
C ALA F 375 53.01 5.26 31.54
N ALA F 376 54.32 5.31 31.85
CA ALA F 376 55.34 4.71 31.01
C ALA F 376 55.11 3.18 30.86
N ARG F 377 54.64 2.49 31.92
CA ARG F 377 54.34 1.07 31.84
C ARG F 377 53.03 0.82 31.10
N GLN F 378 52.00 1.62 31.40
CA GLN F 378 50.69 1.44 30.79
C GLN F 378 50.59 1.81 29.30
N VAL F 379 51.45 2.71 28.77
CA VAL F 379 51.38 3.05 27.33
C VAL F 379 51.81 1.88 26.44
N HIS F 380 52.36 0.79 27.01
CA HIS F 380 52.64 -0.42 26.26
C HIS F 380 51.36 -1.04 25.69
N LEU F 381 50.18 -0.70 26.23
CA LEU F 381 48.92 -1.20 25.71
C LEU F 381 48.59 -0.61 24.31
N CYS F 382 49.17 0.54 23.94
CA CYS F 382 48.91 1.23 22.68
C CYS F 382 49.97 0.96 21.65
N ARG F 383 49.56 0.43 20.49
CA ARG F 383 50.51 0.10 19.42
C ARG F 383 51.36 1.28 18.98
N GLY F 384 52.66 1.05 18.91
CA GLY F 384 53.61 2.03 18.42
C GLY F 384 54.04 3.10 19.41
N VAL F 385 53.74 2.93 20.69
CA VAL F 385 54.14 3.91 21.70
C VAL F 385 55.35 3.37 22.45
N PHE F 386 56.47 4.10 22.41
CA PHE F 386 57.73 3.74 23.04
C PHE F 386 57.97 4.69 24.23
N PRO F 387 57.73 4.20 25.45
CA PRO F 387 57.87 5.08 26.63
C PRO F 387 59.30 5.41 27.07
N LEU F 388 59.54 6.67 27.42
CA LEU F 388 60.82 7.12 27.97
C LEU F 388 60.53 7.79 29.29
N LEU F 389 61.03 7.19 30.37
CA LEU F 389 60.84 7.75 31.70
C LEU F 389 61.90 8.83 31.98
N TYR F 390 61.45 10.07 32.11
CA TYR F 390 62.29 11.23 32.39
C TYR F 390 62.40 11.37 33.91
N ARG F 391 63.62 11.38 34.44
CA ARG F 391 63.78 11.46 35.90
C ARG F 391 64.31 12.80 36.43
N GLU F 392 64.75 13.71 35.54
CA GLU F 392 65.31 14.99 35.95
C GLU F 392 64.35 15.93 36.69
N PRO F 393 64.84 16.66 37.71
CA PRO F 393 63.97 17.61 38.43
C PRO F 393 63.61 18.81 37.56
N PRO F 394 62.41 19.38 37.75
CA PRO F 394 61.98 20.47 36.86
C PRO F 394 62.87 21.69 36.82
N GLU F 395 62.97 22.32 35.64
CA GLU F 395 63.67 23.57 35.42
C GLU F 395 62.75 24.68 35.98
N ALA F 396 63.34 25.83 36.37
CA ALA F 396 62.58 26.96 36.90
C ALA F 396 61.65 27.53 35.82
N ILE F 397 62.14 27.63 34.58
CA ILE F 397 61.33 28.12 33.48
C ILE F 397 60.67 26.92 32.77
N TRP F 398 59.32 26.85 32.80
CA TRP F 398 58.57 25.75 32.20
C TRP F 398 58.92 25.49 30.73
N ALA F 399 59.04 26.54 29.90
CA ALA F 399 59.41 26.37 28.49
C ALA F 399 60.78 25.68 28.34
N ASP F 400 61.71 25.93 29.26
CA ASP F 400 63.03 25.27 29.21
C ASP F 400 62.91 23.81 29.63
N ASP F 401 62.02 23.51 30.59
CA ASP F 401 61.78 22.15 31.05
C ASP F 401 61.17 21.31 29.91
N VAL F 402 60.27 21.92 29.11
CA VAL F 402 59.64 21.31 27.96
C VAL F 402 60.71 21.02 26.93
N ASP F 403 61.56 22.01 26.60
CA ASP F 403 62.67 21.84 25.65
C ASP F 403 63.63 20.77 26.06
N ARG F 404 63.92 20.65 27.37
CA ARG F 404 64.84 19.63 27.84
C ARG F 404 64.25 18.23 27.62
N ARG F 405 62.94 18.06 27.83
CA ARG F 405 62.26 16.80 27.63
C ARG F 405 62.21 16.38 26.14
N VAL F 406 61.98 17.35 25.21
CA VAL F 406 61.98 17.11 23.76
C VAL F 406 63.38 16.67 23.33
N GLN F 407 64.43 17.37 23.86
CA GLN F 407 65.83 17.06 23.56
C GLN F 407 66.25 15.71 24.13
N PHE F 408 65.73 15.32 25.30
CA PHE F 408 65.98 14.01 25.91
C PHE F 408 65.44 12.92 24.97
N GLY F 409 64.25 13.16 24.39
CA GLY F 409 63.61 12.27 23.44
C GLY F 409 64.43 12.14 22.18
N ILE F 410 64.90 13.27 21.63
CA ILE F 410 65.70 13.29 20.40
C ILE F 410 67.04 12.59 20.59
N GLU F 411 67.70 12.82 21.73
CA GLU F 411 68.99 12.19 22.01
C GLU F 411 68.86 10.70 22.29
N SER F 412 67.87 10.30 23.09
CA SER F 412 67.65 8.88 23.35
C SER F 412 67.26 8.14 22.04
N GLY F 413 66.49 8.80 21.19
CA GLY F 413 66.08 8.26 19.91
C GLY F 413 67.25 8.07 18.97
N LYS F 414 68.21 9.01 18.95
CA LYS F 414 69.38 8.89 18.09
C LYS F 414 70.31 7.82 18.61
N LEU F 415 70.52 7.79 19.93
CA LEU F 415 71.39 6.79 20.53
C LEU F 415 70.86 5.36 20.44
N ARG F 416 69.55 5.19 20.15
CA ARG F 416 68.91 3.89 20.01
C ARG F 416 68.62 3.49 18.54
N GLY F 417 69.00 4.31 17.57
CA GLY F 417 68.74 4.00 16.17
C GLY F 417 67.36 4.37 15.65
N PHE F 418 66.50 4.92 16.53
CA PHE F 418 65.17 5.38 16.13
C PHE F 418 65.31 6.56 15.18
N LEU F 419 66.25 7.46 15.47
CA LEU F 419 66.48 8.67 14.69
C LEU F 419 67.90 8.67 14.16
N ARG F 420 68.05 9.32 13.03
CA ARG F 420 69.29 9.48 12.31
C ARG F 420 69.41 10.97 11.92
N VAL F 421 70.65 11.50 11.81
CA VAL F 421 70.82 12.89 11.38
C VAL F 421 70.25 13.05 9.96
N GLY F 422 69.49 14.11 9.75
CA GLY F 422 68.81 14.31 8.47
C GLY F 422 67.35 13.93 8.51
N ASP F 423 66.94 13.11 9.50
CA ASP F 423 65.55 12.70 9.65
C ASP F 423 64.66 13.86 10.06
N LEU F 424 63.38 13.76 9.75
CA LEU F 424 62.40 14.74 10.18
C LEU F 424 61.62 14.10 11.29
N VAL F 425 61.36 14.90 12.31
CA VAL F 425 60.63 14.47 13.48
C VAL F 425 59.45 15.40 13.74
N ILE F 426 58.33 14.86 14.26
CA ILE F 426 57.16 15.67 14.56
C ILE F 426 57.14 15.73 16.09
N VAL F 427 57.04 16.94 16.66
CA VAL F 427 57.06 17.09 18.13
C VAL F 427 55.73 17.60 18.60
N VAL F 428 55.08 16.87 19.51
CA VAL F 428 53.77 17.24 20.02
C VAL F 428 53.87 17.64 21.49
N THR F 429 53.51 18.90 21.78
CA THR F 429 53.54 19.47 23.14
C THR F 429 52.24 20.29 23.42
N GLY F 430 52.11 20.84 24.63
CA GLY F 430 50.98 21.68 25.04
C GLY F 430 51.41 23.12 25.31
N TRP F 431 50.44 24.00 25.60
CA TRP F 431 50.68 25.44 25.82
C TRP F 431 50.85 25.81 27.31
N ARG F 432 50.43 24.95 28.22
CA ARG F 432 50.56 25.18 29.65
C ARG F 432 50.80 23.83 30.37
N PRO F 433 51.35 23.82 31.60
CA PRO F 433 51.59 22.54 32.28
C PRO F 433 50.33 21.77 32.66
N GLY F 434 50.48 20.50 33.02
CA GLY F 434 49.36 19.66 33.38
C GLY F 434 48.74 18.91 32.21
N SER F 435 47.99 17.86 32.50
CA SER F 435 47.33 17.04 31.50
C SER F 435 46.18 17.78 30.82
N GLY F 436 45.93 17.44 29.57
CA GLY F 436 44.79 17.95 28.83
C GLY F 436 44.98 19.18 27.97
N TYR F 437 46.22 19.66 27.83
CA TYR F 437 46.45 20.90 27.08
C TYR F 437 47.32 20.78 25.85
N THR F 438 47.55 19.54 25.34
CA THR F 438 48.32 19.34 24.11
C THR F 438 47.65 20.11 22.96
N ASN F 439 48.40 20.94 22.23
CA ASN F 439 47.82 21.74 21.15
C ASN F 439 48.86 22.20 20.11
N ILE F 440 50.11 21.75 20.22
CA ILE F 440 51.17 22.19 19.33
C ILE F 440 51.85 21.03 18.62
N MET F 441 52.08 21.21 17.33
CA MET F 441 52.82 20.24 16.54
CA MET F 441 52.77 20.25 16.49
C MET F 441 53.94 20.99 15.82
N ARG F 442 55.18 20.49 15.94
CA ARG F 442 56.36 21.11 15.35
C ARG F 442 57.09 20.15 14.43
N VAL F 443 57.57 20.63 13.27
CA VAL F 443 58.37 19.81 12.35
C VAL F 443 59.83 20.19 12.62
N LEU F 444 60.65 19.23 13.02
CA LEU F 444 62.05 19.48 13.33
CA LEU F 444 62.05 19.49 13.34
C LEU F 444 62.99 18.60 12.53
N SER F 445 64.12 19.16 12.07
CA SER F 445 65.12 18.38 11.33
C SER F 445 66.19 17.93 12.32
N ILE F 446 66.50 16.62 12.33
CA ILE F 446 67.48 16.10 13.27
CA ILE F 446 67.47 16.09 13.26
C ILE F 446 68.92 16.42 12.85
N SER F 447 69.65 17.11 13.74
CA SER F 447 71.04 17.48 13.45
C SER F 447 72.04 16.66 14.25
N ALA G 25 46.66 4.13 -31.46
CA ALA G 25 45.85 5.24 -31.98
C ALA G 25 44.42 5.20 -31.43
N PHE G 26 43.86 3.98 -31.28
CA PHE G 26 42.52 3.80 -30.75
C PHE G 26 42.43 4.36 -29.32
N PHE G 27 43.44 4.07 -28.49
CA PHE G 27 43.49 4.49 -27.10
C PHE G 27 43.90 5.95 -26.89
N GLN G 28 44.20 6.70 -27.96
CA GLN G 28 44.51 8.12 -27.86
C GLN G 28 43.24 8.98 -28.15
N GLN G 29 42.29 8.45 -28.93
CA GLN G 29 41.03 9.10 -29.28
C GLN G 29 40.00 9.04 -28.13
N GLN G 30 38.87 9.78 -28.27
CA GLN G 30 37.72 9.88 -27.37
C GLN G 30 38.07 9.96 -25.86
N GLN G 31 39.14 10.73 -25.54
CA GLN G 31 39.65 10.95 -24.18
C GLN G 31 39.90 9.68 -23.40
N LEU G 32 40.32 8.60 -24.09
CA LEU G 32 40.55 7.32 -23.42
C LEU G 32 41.68 7.38 -22.37
N PRO G 33 42.81 8.11 -22.57
CA PRO G 33 43.78 8.25 -21.46
C PRO G 33 43.15 8.91 -20.23
N ALA G 34 42.30 9.94 -20.40
CA ALA G 34 41.64 10.61 -19.28
C ALA G 34 40.59 9.71 -18.59
N ALA G 35 39.97 8.82 -19.37
CA ALA G 35 38.97 7.89 -18.85
C ALA G 35 39.60 6.77 -18.00
N MET G 36 40.86 6.40 -18.28
CA MET G 36 41.59 5.37 -17.54
C MET G 36 42.21 5.87 -16.23
N ALA G 37 42.12 7.17 -15.93
CA ALA G 37 42.74 7.75 -14.73
C ALA G 37 42.20 7.21 -13.42
N ASP G 38 43.05 7.12 -12.38
CA ASP G 38 42.67 6.59 -11.07
C ASP G 38 41.99 7.60 -10.15
N THR G 39 42.12 8.89 -10.44
CA THR G 39 41.47 9.94 -9.67
C THR G 39 40.82 10.94 -10.63
N PHE G 40 39.84 11.69 -10.12
CA PHE G 40 39.18 12.72 -10.92
C PHE G 40 40.18 13.84 -11.28
N LEU G 41 41.11 14.16 -10.36
CA LEU G 41 42.14 15.17 -10.62
C LEU G 41 43.01 14.77 -11.80
N GLU G 42 43.48 13.51 -11.83
CA GLU G 42 44.29 12.98 -12.93
CA GLU G 42 44.30 13.02 -12.93
C GLU G 42 43.49 12.95 -14.23
N HIS G 43 42.18 12.65 -14.14
CA HIS G 43 41.27 12.63 -15.29
C HIS G 43 41.23 14.00 -15.92
N LEU G 44 41.07 15.06 -15.10
CA LEU G 44 41.07 16.45 -15.61
C LEU G 44 42.40 16.78 -16.27
N CYS G 45 43.52 16.41 -15.60
CA CYS G 45 44.88 16.68 -16.09
C CYS G 45 45.17 16.00 -17.43
N LEU G 46 44.52 14.86 -17.70
CA LEU G 46 44.73 14.12 -18.93
C LEU G 46 43.82 14.49 -20.09
N LEU G 47 42.89 15.45 -19.91
CA LEU G 47 42.00 15.85 -21.00
C LEU G 47 42.84 16.49 -22.11
N ASP G 48 42.63 16.04 -23.35
CA ASP G 48 43.44 16.44 -24.48
C ASP G 48 42.60 17.06 -25.60
N ILE G 49 42.89 18.30 -26.02
CA ILE G 49 42.17 18.93 -27.14
C ILE G 49 42.44 18.22 -28.49
N ASP G 50 43.54 17.46 -28.58
CA ASP G 50 43.86 16.72 -29.80
C ASP G 50 43.22 15.32 -29.83
N SER G 51 42.57 14.89 -28.74
CA SER G 51 41.89 13.62 -28.67
C SER G 51 40.52 13.82 -29.29
N GLU G 52 40.32 13.31 -30.51
CA GLU G 52 39.08 13.52 -31.23
C GLU G 52 37.96 12.59 -30.81
N PRO G 53 36.72 13.12 -30.72
CA PRO G 53 35.60 12.24 -30.38
C PRO G 53 35.30 11.30 -31.54
N VAL G 54 35.05 10.02 -31.23
CA VAL G 54 34.75 9.04 -32.27
C VAL G 54 33.30 8.57 -32.19
N ALA G 55 32.76 8.45 -30.98
CA ALA G 55 31.40 8.00 -30.77
C ALA G 55 30.35 8.98 -31.31
N ALA G 56 29.17 8.46 -31.65
CA ALA G 56 28.08 9.31 -32.08
C ALA G 56 27.60 10.12 -30.85
N ARG G 57 27.11 11.36 -31.12
CA ARG G 57 26.60 12.27 -30.11
C ARG G 57 25.38 11.65 -29.44
N SER G 58 25.43 11.52 -28.13
CA SER G 58 24.42 10.82 -27.36
C SER G 58 23.40 11.72 -26.62
N THR G 59 23.70 13.00 -26.39
CA THR G 59 22.77 13.90 -25.72
C THR G 59 21.85 14.46 -26.79
N SER G 60 20.53 14.23 -26.67
CA SER G 60 19.58 14.72 -27.67
C SER G 60 19.42 16.22 -27.67
N ILE G 61 19.13 16.77 -28.85
CA ILE G 61 18.94 18.20 -29.01
C ILE G 61 17.47 18.44 -29.25
N ILE G 62 16.85 19.27 -28.40
CA ILE G 62 15.47 19.68 -28.58
C ILE G 62 15.51 21.07 -29.22
N ALA G 63 14.86 21.26 -30.37
CA ALA G 63 14.84 22.58 -31.01
C ALA G 63 13.42 23.13 -31.01
N THR G 64 13.23 24.37 -30.57
CA THR G 64 11.91 24.99 -30.55
C THR G 64 11.56 25.45 -31.97
N ILE G 65 10.38 25.07 -32.46
CA ILE G 65 9.92 25.42 -33.81
C ILE G 65 9.16 26.74 -33.78
N GLY G 66 9.52 27.64 -34.69
CA GLY G 66 8.89 28.94 -34.80
C GLY G 66 9.10 29.54 -36.18
N PRO G 67 8.89 30.86 -36.34
CA PRO G 67 9.05 31.49 -37.67
C PRO G 67 10.40 31.22 -38.35
N ALA G 68 11.49 31.14 -37.56
CA ALA G 68 12.83 30.89 -38.12
C ALA G 68 13.09 29.43 -38.52
N SER G 69 12.25 28.49 -38.09
CA SER G 69 12.49 27.07 -38.33
C SER G 69 11.23 26.31 -38.70
N ARG G 70 10.31 26.93 -39.43
CA ARG G 70 9.04 26.30 -39.75
C ARG G 70 8.95 25.65 -41.12
N SER G 71 9.69 26.18 -42.10
CA SER G 71 9.62 25.65 -43.45
C SER G 71 10.16 24.21 -43.53
N VAL G 72 9.60 23.42 -44.46
CA VAL G 72 10.01 22.04 -44.69
C VAL G 72 11.48 21.96 -45.06
N GLU G 73 11.96 22.90 -45.88
CA GLU G 73 13.37 22.92 -46.28
C GLU G 73 14.31 23.26 -45.13
N ARG G 74 13.89 24.19 -44.26
CA ARG G 74 14.66 24.58 -43.08
C ARG G 74 14.70 23.40 -42.07
N LEU G 75 13.56 22.73 -41.87
CA LEU G 75 13.45 21.57 -40.99
C LEU G 75 14.32 20.40 -41.42
N LYS G 76 14.47 20.17 -42.75
CA LYS G 76 15.36 19.13 -43.29
C LYS G 76 16.80 19.43 -42.92
N GLU G 77 17.21 20.72 -42.97
CA GLU G 77 18.56 21.11 -42.61
C GLU G 77 18.77 20.93 -41.10
N MET G 78 17.75 21.19 -40.28
CA MET G 78 17.85 21.03 -38.84
CA MET G 78 17.87 21.03 -38.84
C MET G 78 17.92 19.56 -38.42
N ILE G 79 17.24 18.68 -39.18
CA ILE G 79 17.28 17.24 -38.94
C ILE G 79 18.71 16.75 -39.25
N LYS G 80 19.29 17.23 -40.37
CA LYS G 80 20.65 16.90 -40.76
C LYS G 80 21.68 17.45 -39.78
N ALA G 81 21.43 18.63 -39.20
CA ALA G 81 22.32 19.25 -38.19
C ALA G 81 22.30 18.50 -36.85
N GLY G 82 21.23 17.76 -36.56
CA GLY G 82 21.15 16.97 -35.34
C GLY G 82 19.92 17.11 -34.46
N MET G 83 18.89 17.84 -34.91
CA MET G 83 17.67 17.98 -34.12
C MET G 83 16.99 16.61 -33.93
N ASN G 84 16.68 16.24 -32.66
CA ASN G 84 16.04 14.95 -32.38
C ASN G 84 14.59 15.12 -31.92
N ILE G 85 14.30 16.25 -31.26
CA ILE G 85 12.97 16.55 -30.73
C ILE G 85 12.60 17.95 -31.16
N ALA G 86 11.39 18.13 -31.70
CA ALA G 86 10.86 19.42 -32.13
C ALA G 86 9.92 19.89 -31.02
N ARG G 87 10.18 21.06 -30.46
CA ARG G 87 9.35 21.61 -29.37
C ARG G 87 8.37 22.66 -29.89
N LEU G 88 7.09 22.51 -29.58
CA LEU G 88 6.09 23.50 -29.97
C LEU G 88 5.73 24.29 -28.71
N ASN G 89 6.04 25.57 -28.68
CA ASN G 89 5.75 26.41 -27.51
C ASN G 89 4.33 26.93 -27.60
N PHE G 90 3.43 26.35 -26.80
CA PHE G 90 2.04 26.75 -26.82
C PHE G 90 1.77 28.08 -26.07
N SER G 91 2.82 28.78 -25.61
CA SER G 91 2.66 30.12 -25.07
C SER G 91 2.39 31.13 -26.21
N HIS G 92 2.71 30.78 -27.46
CA HIS G 92 2.49 31.66 -28.61
C HIS G 92 1.85 30.85 -29.75
N GLY G 93 1.10 31.51 -30.60
CA GLY G 93 0.50 30.87 -31.77
C GLY G 93 -0.78 30.14 -31.50
N SER G 94 -1.58 29.97 -32.56
CA SER G 94 -2.85 29.29 -32.46
C SER G 94 -2.71 27.77 -32.70
N HIS G 95 -3.78 27.01 -32.49
CA HIS G 95 -3.79 25.58 -32.78
C HIS G 95 -3.55 25.34 -34.28
N GLU G 96 -4.07 26.21 -35.14
CA GLU G 96 -3.89 26.09 -36.59
C GLU G 96 -2.40 26.26 -36.95
N TYR G 97 -1.73 27.20 -36.29
CA TYR G 97 -0.31 27.46 -36.50
C TYR G 97 0.51 26.23 -36.10
N HIS G 98 0.28 25.69 -34.89
CA HIS G 98 1.00 24.52 -34.41
C HIS G 98 0.71 23.26 -35.24
N ALA G 99 -0.53 23.10 -35.74
CA ALA G 99 -0.85 21.96 -36.59
C ALA G 99 -0.04 22.00 -37.87
N GLU G 100 0.17 23.20 -38.43
CA GLU G 100 0.96 23.37 -39.65
CA GLU G 100 0.96 23.35 -39.64
C GLU G 100 2.43 23.05 -39.35
N SER G 101 2.92 23.48 -38.18
CA SER G 101 4.29 23.21 -37.74
C SER G 101 4.51 21.67 -37.64
N ILE G 102 3.55 20.94 -37.00
CA ILE G 102 3.59 19.49 -36.87
C ILE G 102 3.63 18.82 -38.25
N ALA G 103 2.75 19.28 -39.16
CA ALA G 103 2.70 18.73 -40.51
C ALA G 103 4.02 18.95 -41.28
N ASN G 104 4.64 20.12 -41.11
CA ASN G 104 5.92 20.43 -41.75
C ASN G 104 7.05 19.58 -41.18
N VAL G 105 7.06 19.35 -39.85
CA VAL G 105 8.07 18.51 -39.22
C VAL G 105 7.94 17.09 -39.78
N ARG G 106 6.72 16.52 -39.77
CA ARG G 106 6.48 15.17 -40.28
C ARG G 106 6.85 15.03 -41.75
N GLU G 107 6.61 16.07 -42.57
CA GLU G 107 6.96 16.05 -43.98
C GLU G 107 8.49 16.04 -44.13
N ALA G 108 9.21 16.87 -43.37
CA ALA G 108 10.67 16.89 -43.44
C ALA G 108 11.28 15.56 -42.95
N VAL G 109 10.72 14.96 -41.88
CA VAL G 109 11.20 13.70 -41.34
C VAL G 109 10.97 12.56 -42.34
N GLU G 110 9.77 12.51 -42.95
CA GLU G 110 9.45 11.43 -43.89
C GLU G 110 10.14 11.56 -45.23
N SER G 111 10.72 12.72 -45.56
CA SER G 111 11.46 12.88 -46.81
C SER G 111 12.75 12.01 -46.84
N PHE G 112 13.18 11.46 -45.69
CA PHE G 112 14.35 10.58 -45.60
C PHE G 112 13.96 9.10 -45.37
N ALA G 113 12.64 8.78 -45.33
CA ALA G 113 12.14 7.41 -45.08
C ALA G 113 12.42 6.40 -46.19
N GLY G 114 12.81 6.90 -47.37
CA GLY G 114 13.17 6.06 -48.51
C GLY G 114 14.39 5.20 -48.25
N SER G 115 15.22 5.58 -47.27
CA SER G 115 16.39 4.82 -46.88
C SER G 115 16.18 4.37 -45.42
N PRO G 116 15.59 3.19 -45.21
CA PRO G 116 15.29 2.74 -43.83
C PRO G 116 16.51 2.52 -42.91
N LEU G 117 17.68 2.17 -43.49
CA LEU G 117 18.90 1.96 -42.69
C LEU G 117 19.50 3.27 -42.18
N SER G 118 19.12 4.44 -42.75
CA SER G 118 19.66 5.73 -42.29
C SER G 118 18.57 6.72 -41.75
N TYR G 119 17.28 6.32 -41.81
CA TYR G 119 16.15 7.15 -41.38
C TYR G 119 16.26 7.60 -39.92
N ARG G 120 16.02 8.89 -39.66
CA ARG G 120 16.07 9.41 -38.30
C ARG G 120 14.71 9.85 -37.77
N PRO G 121 14.18 9.15 -36.76
CA PRO G 121 12.90 9.58 -36.16
C PRO G 121 13.03 10.91 -35.40
N VAL G 122 11.98 11.73 -35.37
CA VAL G 122 12.04 13.02 -34.65
C VAL G 122 10.80 13.12 -33.76
N ALA G 123 10.99 13.29 -32.45
CA ALA G 123 9.86 13.38 -31.54
C ALA G 123 9.18 14.75 -31.62
N ILE G 124 7.89 14.80 -31.30
CA ILE G 124 7.18 16.07 -31.24
C ILE G 124 6.75 16.33 -29.81
N ALA G 125 7.21 17.43 -29.22
CA ALA G 125 6.90 17.75 -27.84
C ALA G 125 6.06 19.04 -27.74
N LEU G 126 5.05 19.02 -26.89
CA LEU G 126 4.17 20.16 -26.70
C LEU G 126 4.55 20.81 -25.37
N ASP G 127 4.98 22.07 -25.40
CA ASP G 127 5.30 22.79 -24.17
C ASP G 127 4.08 23.65 -23.81
N THR G 128 3.47 23.36 -22.64
CA THR G 128 2.25 24.08 -22.26
C THR G 128 2.50 25.54 -21.82
N LYS G 129 1.45 26.38 -21.93
CA LYS G 129 1.50 27.79 -21.54
C LYS G 129 1.68 27.92 -20.01
N GLY G 130 1.01 27.07 -19.25
CA GLY G 130 1.13 27.09 -17.80
C GLY G 130 -0.09 27.60 -17.06
N PRO G 131 -0.03 27.57 -15.71
CA PRO G 131 -1.20 27.98 -14.91
C PRO G 131 -1.48 29.49 -14.83
N GLY G 134 -2.80 31.56 -11.65
CA GLY G 134 -3.93 30.75 -11.25
C GLY G 134 -3.56 29.43 -10.58
N PRO G 135 -4.55 28.71 -10.03
CA PRO G 135 -4.24 27.42 -9.39
C PRO G 135 -4.43 26.21 -10.33
N GLY G 136 -3.49 25.28 -10.24
CA GLY G 136 -3.55 24.06 -11.04
C GLY G 136 -3.69 24.27 -12.54
N LEU G 137 -4.20 23.24 -13.20
CA LEU G 137 -4.34 23.21 -14.66
C LEU G 137 -5.30 24.25 -15.22
N SER G 138 -4.79 25.14 -16.06
CA SER G 138 -5.60 26.16 -16.70
C SER G 138 -6.51 25.60 -17.79
N GLU G 139 -7.52 26.38 -18.20
CA GLU G 139 -8.46 25.98 -19.23
C GLU G 139 -7.80 25.89 -20.61
N GLN G 140 -6.86 26.78 -20.89
CA GLN G 140 -6.13 26.76 -22.15
C GLN G 140 -5.21 25.54 -22.20
N ASP G 141 -4.61 25.16 -21.06
CA ASP G 141 -3.79 23.96 -20.98
C ASP G 141 -4.59 22.71 -21.28
N VAL G 142 -5.83 22.61 -20.77
CA VAL G 142 -6.68 21.47 -21.05
C VAL G 142 -6.95 21.35 -22.54
N ARG G 143 -7.21 22.50 -23.20
CA ARG G 143 -7.49 22.47 -24.64
C ARG G 143 -6.25 22.13 -25.47
N ASP G 144 -5.08 22.64 -25.04
CA ASP G 144 -3.82 22.40 -25.72
C ASP G 144 -3.36 20.94 -25.57
N LEU G 145 -3.47 20.37 -24.37
CA LEU G 145 -3.15 18.97 -24.15
C LEU G 145 -4.07 18.06 -24.96
N ARG G 146 -5.35 18.44 -25.14
CA ARG G 146 -6.32 17.69 -25.97
C ARG G 146 -5.87 17.76 -27.45
N PHE G 147 -5.40 18.94 -27.89
CA PHE G 147 -4.88 19.15 -29.23
C PHE G 147 -3.69 18.20 -29.47
N GLY G 148 -2.80 18.09 -28.47
CA GLY G 148 -1.64 17.21 -28.51
C GLY G 148 -1.99 15.76 -28.71
N VAL G 149 -2.99 15.27 -27.99
CA VAL G 149 -3.47 13.90 -28.13
C VAL G 149 -4.04 13.69 -29.54
N GLU G 150 -4.85 14.64 -30.01
CA GLU G 150 -5.45 14.53 -31.34
C GLU G 150 -4.43 14.59 -32.45
N HIS G 151 -3.32 15.30 -32.24
CA HIS G 151 -2.27 15.40 -33.25
C HIS G 151 -1.11 14.42 -33.05
N GLY G 152 -1.24 13.49 -32.11
CA GLY G 152 -0.25 12.45 -31.86
C GLY G 152 1.11 12.89 -31.36
N VAL G 153 1.16 13.86 -30.44
CA VAL G 153 2.45 14.30 -29.89
C VAL G 153 3.01 13.17 -29.03
N ASP G 154 4.35 13.16 -28.89
CA ASP G 154 5.02 12.12 -28.14
C ASP G 154 5.29 12.53 -26.71
N ILE G 155 5.55 13.82 -26.47
CA ILE G 155 5.95 14.32 -25.17
C ILE G 155 5.20 15.60 -24.80
N VAL G 156 5.01 15.82 -23.49
CA VAL G 156 4.45 17.06 -22.98
C VAL G 156 5.46 17.66 -22.02
N PHE G 157 5.86 18.92 -22.25
CA PHE G 157 6.71 19.63 -21.29
C PHE G 157 5.70 20.45 -20.47
N ALA G 158 5.35 19.96 -19.29
CA ALA G 158 4.32 20.61 -18.46
C ALA G 158 4.88 21.78 -17.71
N SER G 159 4.44 23.01 -18.04
CA SER G 159 4.94 24.22 -17.37
C SER G 159 4.52 24.37 -15.92
N PHE G 160 5.41 25.01 -15.12
CA PHE G 160 5.24 25.33 -13.71
C PHE G 160 4.64 24.22 -12.85
N VAL G 161 5.26 23.03 -12.86
CA VAL G 161 4.79 21.96 -11.99
C VAL G 161 5.30 22.27 -10.56
N ARG G 162 4.40 22.32 -9.56
CA ARG G 162 4.82 22.63 -8.17
C ARG G 162 4.63 21.47 -7.21
N LYS G 163 3.79 20.50 -7.55
CA LYS G 163 3.49 19.35 -6.68
C LYS G 163 3.02 18.16 -7.51
N ALA G 164 2.93 16.96 -6.91
CA ALA G 164 2.50 15.75 -7.59
C ALA G 164 1.12 15.85 -8.20
N SER G 165 0.19 16.56 -7.53
CA SER G 165 -1.18 16.71 -8.02
C SER G 165 -1.25 17.46 -9.36
N ASP G 166 -0.24 18.32 -9.65
CA ASP G 166 -0.18 19.02 -10.94
C ASP G 166 0.08 18.02 -12.07
N VAL G 167 0.93 17.01 -11.82
CA VAL G 167 1.25 15.97 -12.78
C VAL G 167 0.04 15.08 -13.01
N ALA G 168 -0.70 14.76 -11.93
CA ALA G 168 -1.91 13.95 -12.02
C ALA G 168 -2.98 14.66 -12.84
N ALA G 169 -3.07 16.00 -12.74
CA ALA G 169 -4.01 16.78 -13.53
C ALA G 169 -3.62 16.71 -15.01
N VAL G 170 -2.32 16.82 -15.32
CA VAL G 170 -1.85 16.66 -16.71
C VAL G 170 -2.13 15.24 -17.23
N ARG G 171 -1.82 14.19 -16.42
CA ARG G 171 -2.10 12.79 -16.77
C ARG G 171 -3.56 12.56 -17.10
N ALA G 172 -4.46 13.09 -16.23
CA ALA G 172 -5.90 12.96 -16.40
C ALA G 172 -6.37 13.69 -17.66
N ALA G 173 -5.77 14.85 -17.95
CA ALA G 173 -6.09 15.62 -19.16
C ALA G 173 -5.59 14.95 -20.48
N LEU G 174 -4.62 14.01 -20.40
CA LEU G 174 -4.19 13.32 -21.61
C LEU G 174 -5.22 12.27 -22.08
N GLY G 175 -6.47 12.50 -21.65
CA GLY G 175 -7.72 11.89 -22.06
C GLY G 175 -7.66 10.42 -22.06
N PRO G 176 -8.58 9.79 -22.79
CA PRO G 176 -8.54 8.33 -22.84
C PRO G 176 -7.45 7.78 -23.78
N GLU G 177 -7.06 8.55 -24.81
CA GLU G 177 -6.14 8.05 -25.80
C GLU G 177 -4.69 8.57 -25.75
N GLY G 178 -4.31 9.32 -24.72
CA GLY G 178 -2.96 9.86 -24.61
C GLY G 178 -2.14 9.37 -23.44
N HIS G 179 -2.44 8.19 -22.90
CA HIS G 179 -1.70 7.65 -21.76
C HIS G 179 -0.21 7.25 -22.06
N GLY G 180 0.13 7.03 -23.34
CA GLY G 180 1.49 6.71 -23.77
C GLY G 180 2.41 7.92 -23.91
N ILE G 181 1.86 9.12 -23.83
CA ILE G 181 2.61 10.35 -23.97
C ILE G 181 3.46 10.56 -22.72
N LYS G 182 4.74 10.91 -22.90
CA LYS G 182 5.64 11.13 -21.78
C LYS G 182 5.41 12.50 -21.17
N ILE G 183 5.34 12.60 -19.85
CA ILE G 183 5.18 13.89 -19.17
C ILE G 183 6.50 14.28 -18.54
N ILE G 184 7.11 15.33 -19.05
CA ILE G 184 8.34 15.88 -18.54
C ILE G 184 7.92 17.13 -17.76
N SER G 185 8.04 17.10 -16.42
CA SER G 185 7.64 18.23 -15.58
C SER G 185 8.67 19.34 -15.56
N LYS G 186 8.25 20.57 -15.85
CA LYS G 186 9.15 21.71 -15.81
C LYS G 186 9.24 22.28 -14.40
N ILE G 187 10.45 22.31 -13.80
CA ILE G 187 10.63 22.86 -12.48
C ILE G 187 11.09 24.29 -12.68
N GLU G 188 10.21 25.25 -12.33
CA GLU G 188 10.44 26.67 -12.61
C GLU G 188 10.35 27.59 -11.40
N ASN G 189 10.16 27.05 -10.19
CA ASN G 189 10.03 27.91 -9.00
C ASN G 189 10.50 27.21 -7.72
N HIS G 190 10.54 27.93 -6.60
CA HIS G 190 10.98 27.41 -5.32
C HIS G 190 10.19 26.20 -4.85
N GLU G 191 8.86 26.25 -5.01
CA GLU G 191 8.02 25.13 -4.58
C GLU G 191 8.30 23.85 -5.38
N GLY G 192 8.52 23.97 -6.70
CA GLY G 192 8.85 22.83 -7.54
C GLY G 192 10.15 22.18 -7.12
N VAL G 193 11.16 23.02 -6.76
CA VAL G 193 12.46 22.54 -6.28
C VAL G 193 12.29 21.82 -4.95
N LYS G 194 11.53 22.42 -4.03
CA LYS G 194 11.33 21.83 -2.71
C LYS G 194 10.51 20.55 -2.73
N ARG G 195 9.53 20.45 -3.63
CA ARG G 195 8.70 19.26 -3.75
C ARG G 195 9.18 18.33 -4.88
N PHE G 196 10.45 18.47 -5.32
CA PHE G 196 11.06 17.73 -6.41
C PHE G 196 10.86 16.22 -6.34
N ASP G 197 11.14 15.59 -5.18
CA ASP G 197 11.03 14.14 -5.07
C ASP G 197 9.64 13.61 -5.37
N GLU G 198 8.60 14.30 -4.87
CA GLU G 198 7.23 13.85 -5.12
C GLU G 198 6.82 14.07 -6.59
N ILE G 199 7.38 15.11 -7.23
CA ILE G 199 7.11 15.40 -8.63
C ILE G 199 7.81 14.36 -9.54
N LEU G 200 9.09 14.06 -9.27
CA LEU G 200 9.87 13.10 -10.05
C LEU G 200 9.25 11.70 -9.97
N GLU G 201 8.75 11.32 -8.81
CA GLU G 201 8.11 10.02 -8.61
C GLU G 201 6.94 9.78 -9.56
N VAL G 202 6.12 10.82 -9.83
CA VAL G 202 4.98 10.65 -10.71
C VAL G 202 5.23 11.12 -12.17
N SER G 203 6.38 11.75 -12.46
CA SER G 203 6.68 12.21 -13.80
C SER G 203 7.52 11.20 -14.57
N ASP G 204 7.55 11.32 -15.89
CA ASP G 204 8.42 10.48 -16.72
C ASP G 204 9.85 11.07 -16.75
N GLY G 205 9.99 12.37 -16.50
CA GLY G 205 11.24 13.08 -16.50
C GLY G 205 11.08 14.51 -16.06
N ILE G 206 12.17 15.27 -16.09
CA ILE G 206 12.18 16.64 -15.62
C ILE G 206 12.85 17.57 -16.59
N MET G 207 12.42 18.83 -16.59
CA MET G 207 13.11 19.87 -17.35
C MET G 207 13.53 20.93 -16.35
N VAL G 208 14.81 21.30 -16.34
CA VAL G 208 15.31 22.38 -15.51
C VAL G 208 15.06 23.62 -16.36
N ALA G 209 13.91 24.28 -16.11
CA ALA G 209 13.45 25.46 -16.86
C ALA G 209 14.10 26.70 -16.25
N ARG G 210 15.36 26.94 -16.60
CA ARG G 210 16.19 27.99 -16.01
C ARG G 210 15.71 29.44 -16.18
N GLY G 211 14.94 29.73 -17.23
CA GLY G 211 14.40 31.07 -17.45
C GLY G 211 13.55 31.56 -16.29
N ASP G 212 12.43 30.86 -16.00
CA ASP G 212 11.57 31.25 -14.90
C ASP G 212 12.23 30.94 -13.56
N LEU G 213 12.97 29.83 -13.46
CA LEU G 213 13.65 29.46 -12.22
C LEU G 213 14.61 30.59 -11.76
N GLY G 214 15.31 31.19 -12.71
CA GLY G 214 16.23 32.29 -12.47
C GLY G 214 15.59 33.60 -12.05
N ILE G 215 14.26 33.71 -12.18
CA ILE G 215 13.47 34.87 -11.75
C ILE G 215 12.81 34.54 -10.40
N GLU G 216 12.33 33.29 -10.21
CA GLU G 216 11.67 32.83 -9.00
C GLU G 216 12.61 32.65 -7.81
N ILE G 217 13.85 32.23 -8.07
CA ILE G 217 14.88 32.05 -7.03
C ILE G 217 16.07 32.92 -7.42
N PRO G 218 17.00 33.24 -6.48
CA PRO G 218 18.16 34.06 -6.85
C PRO G 218 18.94 33.47 -8.03
N ALA G 219 19.34 34.30 -9.00
CA ALA G 219 20.04 33.82 -10.20
C ALA G 219 21.29 33.01 -9.88
N GLU G 220 22.01 33.39 -8.82
CA GLU G 220 23.22 32.69 -8.40
C GLU G 220 22.99 31.31 -7.78
N LYS G 221 21.73 30.90 -7.58
CA LYS G 221 21.40 29.59 -7.02
C LYS G 221 20.89 28.60 -8.08
N VAL G 222 20.61 29.06 -9.32
CA VAL G 222 20.09 28.18 -10.37
C VAL G 222 21.00 26.99 -10.66
N PHE G 223 22.34 27.20 -10.66
CA PHE G 223 23.27 26.12 -10.90
C PHE G 223 23.15 25.00 -9.85
N LEU G 224 22.81 25.35 -8.58
CA LEU G 224 22.65 24.35 -7.53
C LEU G 224 21.41 23.52 -7.81
N ALA G 225 20.31 24.17 -8.23
CA ALA G 225 19.08 23.48 -8.53
C ALA G 225 19.27 22.58 -9.77
N GLN G 226 19.99 23.06 -10.80
CA GLN G 226 20.27 22.27 -11.98
C GLN G 226 21.09 21.02 -11.64
N LYS G 227 22.19 21.19 -10.91
CA LYS G 227 23.04 20.07 -10.55
C LYS G 227 22.33 19.05 -9.66
N MET G 228 21.49 19.53 -8.75
CA MET G 228 20.74 18.65 -7.86
C MET G 228 19.70 17.82 -8.63
N MET G 229 18.93 18.47 -9.50
CA MET G 229 17.90 17.80 -10.26
C MET G 229 18.48 16.80 -11.25
N ILE G 230 19.60 17.15 -11.89
CA ILE G 230 20.25 16.23 -12.82
C ILE G 230 20.76 15.00 -12.07
N GLY G 231 21.39 15.19 -10.91
CA GLY G 231 21.84 14.10 -10.07
C GLY G 231 20.71 13.16 -9.66
N ARG G 232 19.60 13.74 -9.19
CA ARG G 232 18.46 12.94 -8.74
C ARG G 232 17.78 12.19 -9.87
N CYS G 233 17.72 12.79 -11.07
CA CYS G 233 17.15 12.14 -12.23
C CYS G 233 18.04 11.02 -12.69
N ASN G 234 19.37 11.22 -12.69
CA ASN G 234 20.33 10.18 -13.05
C ASN G 234 20.20 9.01 -12.07
N LEU G 235 20.02 9.31 -10.77
CA LEU G 235 19.87 8.30 -9.74
C LEU G 235 18.56 7.52 -9.96
N ALA G 236 17.46 8.22 -10.31
CA ALA G 236 16.18 7.59 -10.58
C ALA G 236 16.09 6.89 -11.95
N GLY G 237 17.04 7.15 -12.85
CA GLY G 237 17.02 6.59 -14.19
C GLY G 237 15.92 7.20 -15.05
N LYS G 238 15.63 8.50 -14.82
CA LYS G 238 14.60 9.21 -15.58
C LYS G 238 15.20 10.36 -16.33
N PRO G 239 14.72 10.63 -17.56
CA PRO G 239 15.32 11.70 -18.36
C PRO G 239 15.27 13.10 -17.74
N VAL G 240 16.34 13.86 -17.97
CA VAL G 240 16.42 15.23 -17.49
C VAL G 240 16.88 16.12 -18.65
N VAL G 241 16.17 17.24 -18.86
CA VAL G 241 16.50 18.20 -19.89
C VAL G 241 17.08 19.45 -19.26
N CYS G 242 18.19 19.98 -19.81
CA CYS G 242 18.67 21.27 -19.37
C CYS G 242 18.17 22.28 -20.42
N ALA G 243 17.52 23.36 -19.96
CA ALA G 243 16.92 24.31 -20.90
C ALA G 243 17.19 25.76 -20.59
N THR G 244 17.06 26.61 -21.62
CA THR G 244 17.01 28.09 -21.65
C THR G 244 18.35 28.83 -21.57
N GLN G 245 18.55 29.69 -22.60
CA GLN G 245 19.68 30.60 -22.77
C GLN G 245 21.02 29.89 -22.92
N MET G 246 21.02 28.61 -23.36
CA MET G 246 22.26 27.86 -23.50
C MET G 246 23.20 28.50 -24.54
N LEU G 247 22.63 28.99 -25.67
CA LEU G 247 23.38 29.65 -26.73
C LEU G 247 22.67 30.97 -27.12
N GLU G 248 22.11 31.68 -26.14
CA GLU G 248 21.31 32.90 -26.31
C GLU G 248 21.84 33.93 -27.31
N SER G 249 23.14 34.25 -27.28
CA SER G 249 23.74 35.21 -28.21
C SER G 249 23.63 34.78 -29.68
N MET G 250 23.45 33.48 -29.94
CA MET G 250 23.29 32.98 -31.31
C MET G 250 21.92 33.35 -31.93
N ILE G 251 21.04 34.05 -31.18
CA ILE G 251 19.79 34.54 -31.75
C ILE G 251 20.15 35.63 -32.81
N THR G 252 21.20 36.44 -32.56
CA THR G 252 21.62 37.47 -33.49
C THR G 252 23.04 37.27 -34.04
N LYS G 253 23.90 36.49 -33.38
CA LYS G 253 25.29 36.29 -33.82
C LYS G 253 25.58 34.87 -34.33
N PRO G 254 26.44 34.66 -35.34
CA PRO G 254 26.67 33.30 -35.85
C PRO G 254 27.60 32.42 -35.01
N ARG G 255 28.24 32.98 -33.98
CA ARG G 255 29.09 32.21 -33.06
C ARG G 255 28.67 32.53 -31.62
N PRO G 256 28.70 31.54 -30.70
CA PRO G 256 28.32 31.83 -29.31
C PRO G 256 29.47 32.39 -28.48
N THR G 257 29.15 32.82 -27.25
CA THR G 257 30.17 33.33 -26.34
C THR G 257 30.91 32.15 -25.65
N ARG G 258 32.03 32.46 -24.97
CA ARG G 258 32.78 31.46 -24.24
C ARG G 258 31.98 30.88 -23.07
N ALA G 259 31.07 31.68 -22.47
CA ALA G 259 30.22 31.20 -21.38
C ALA G 259 29.16 30.21 -21.88
N GLU G 260 28.63 30.47 -23.09
CA GLU G 260 27.61 29.64 -23.70
C GLU G 260 28.12 28.25 -24.08
N THR G 261 29.31 28.16 -24.69
CA THR G 261 29.86 26.84 -25.01
C THR G 261 30.18 26.06 -23.71
N SER G 262 30.67 26.78 -22.70
CA SER G 262 30.97 26.21 -21.40
C SER G 262 29.69 25.67 -20.75
N ASP G 263 28.58 26.44 -20.84
CA ASP G 263 27.28 26.05 -20.30
C ASP G 263 26.75 24.74 -20.92
N VAL G 264 26.85 24.61 -22.25
CA VAL G 264 26.42 23.41 -22.93
C VAL G 264 27.27 22.21 -22.49
N ALA G 265 28.59 22.40 -22.45
CA ALA G 265 29.50 21.35 -22.06
C ALA G 265 29.26 20.90 -20.63
N ASN G 266 29.02 21.86 -19.73
CA ASN G 266 28.78 21.55 -18.34
C ASN G 266 27.44 20.90 -18.09
N ALA G 267 26.41 21.21 -18.88
CA ALA G 267 25.11 20.55 -18.74
C ALA G 267 25.27 19.05 -19.12
N VAL G 268 26.04 18.76 -20.20
CA VAL G 268 26.31 17.39 -20.62
C VAL G 268 27.16 16.69 -19.55
N LEU G 269 28.21 17.34 -19.04
CA LEU G 269 29.03 16.77 -17.99
C LEU G 269 28.25 16.51 -16.68
N ASP G 270 27.28 17.38 -16.36
CA ASP G 270 26.42 17.23 -15.18
C ASP G 270 25.62 15.93 -15.25
N GLY G 271 25.20 15.55 -16.45
CA GLY G 271 24.43 14.34 -16.66
C GLY G 271 23.12 14.54 -17.38
N ALA G 272 22.93 15.68 -18.07
CA ALA G 272 21.68 15.93 -18.78
C ALA G 272 21.49 14.97 -19.94
N ASP G 273 20.29 14.40 -20.07
CA ASP G 273 19.96 13.52 -21.18
C ASP G 273 19.71 14.35 -22.44
N CYS G 274 19.10 15.53 -22.29
CA CYS G 274 18.77 16.40 -23.41
C CYS G 274 19.22 17.80 -23.13
N ILE G 275 19.54 18.54 -24.19
CA ILE G 275 19.85 19.95 -24.13
C ILE G 275 18.86 20.65 -25.09
N MET G 276 18.47 21.88 -24.77
CA MET G 276 17.44 22.56 -25.53
C MET G 276 17.85 23.88 -26.11
N LEU G 277 17.20 24.25 -27.22
CA LEU G 277 17.32 25.54 -27.89
C LEU G 277 15.92 26.13 -27.95
N SER G 278 15.76 27.39 -27.52
CA SER G 278 14.45 28.04 -27.53
CA SER G 278 14.45 28.04 -27.53
C SER G 278 14.42 29.15 -28.60
N GLY G 279 14.68 30.41 -28.23
CA GLY G 279 14.72 31.52 -29.18
C GLY G 279 15.78 31.33 -30.24
N GLU G 280 16.87 30.60 -29.94
CA GLU G 280 17.96 30.29 -30.85
C GLU G 280 17.46 29.62 -32.14
N THR G 281 16.42 28.80 -32.06
CA THR G 281 15.89 28.12 -33.24
C THR G 281 14.49 28.62 -33.63
N ALA G 282 13.70 29.08 -32.64
CA ALA G 282 12.34 29.55 -32.91
C ALA G 282 12.29 30.88 -33.65
N LYS G 283 13.14 31.83 -33.25
CA LYS G 283 13.10 33.17 -33.82
C LYS G 283 14.48 33.74 -34.18
N GLY G 284 15.55 32.99 -33.96
CA GLY G 284 16.89 33.50 -34.19
C GLY G 284 17.27 33.56 -35.66
N ASN G 285 18.42 34.19 -35.94
CA ASN G 285 18.96 34.34 -37.30
C ASN G 285 19.77 33.12 -37.75
N PHE G 286 20.26 32.30 -36.80
CA PHE G 286 21.09 31.16 -37.14
C PHE G 286 20.58 29.85 -36.48
N PRO G 287 19.35 29.39 -36.80
CA PRO G 287 18.82 28.18 -36.15
C PRO G 287 19.60 26.90 -36.44
N VAL G 288 20.04 26.69 -37.70
CA VAL G 288 20.79 25.50 -38.08
C VAL G 288 22.17 25.50 -37.41
N GLU G 289 22.81 26.67 -37.36
CA GLU G 289 24.12 26.86 -36.74
C GLU G 289 24.08 26.62 -35.23
N ALA G 290 22.95 26.98 -34.59
CA ALA G 290 22.75 26.75 -33.15
C ALA G 290 22.68 25.22 -32.88
N VAL G 291 22.00 24.48 -33.76
CA VAL G 291 21.89 23.03 -33.63
C VAL G 291 23.27 22.39 -33.86
N LYS G 292 24.01 22.89 -34.86
CA LYS G 292 25.35 22.37 -35.15
C LYS G 292 26.30 22.59 -34.00
N MET G 293 26.19 23.74 -33.34
CA MET G 293 27.04 24.09 -32.21
C MET G 293 26.77 23.17 -31.00
N GLN G 294 25.48 22.92 -30.70
CA GLN G 294 25.14 22.02 -29.61
C GLN G 294 25.63 20.62 -29.89
N HIS G 295 25.51 20.18 -31.17
CA HIS G 295 25.97 18.88 -31.59
C HIS G 295 27.47 18.73 -31.34
N ALA G 296 28.26 19.72 -31.81
CA ALA G 296 29.70 19.73 -31.66
C ALA G 296 30.16 19.72 -30.20
N ILE G 297 29.55 20.55 -29.33
CA ILE G 297 29.94 20.62 -27.92
C ILE G 297 29.57 19.33 -27.17
N ALA G 298 28.34 18.81 -27.40
CA ALA G 298 27.89 17.60 -26.73
C ALA G 298 28.80 16.42 -27.00
N ARG G 299 29.23 16.25 -28.27
CA ARG G 299 30.16 15.18 -28.65
C ARG G 299 31.47 15.27 -27.85
N GLU G 300 32.02 16.48 -27.73
CA GLU G 300 33.27 16.69 -27.01
C GLU G 300 33.10 16.42 -25.52
N ALA G 301 31.97 16.87 -24.95
CA ALA G 301 31.71 16.70 -23.53
C ALA G 301 31.43 15.25 -23.15
N GLU G 302 30.78 14.49 -24.05
CA GLU G 302 30.49 13.08 -23.78
C GLU G 302 31.76 12.24 -23.70
N ALA G 303 32.76 12.55 -24.55
CA ALA G 303 34.02 11.84 -24.49
C ALA G 303 34.78 12.14 -23.19
N ALA G 304 34.59 13.33 -22.63
CA ALA G 304 35.25 13.78 -21.40
C ALA G 304 34.58 13.30 -20.11
N VAL G 305 33.48 12.53 -20.21
CA VAL G 305 32.81 12.00 -19.03
C VAL G 305 33.74 10.98 -18.33
N TYR G 306 33.86 11.04 -17.01
CA TYR G 306 34.71 10.15 -16.23
C TYR G 306 33.95 8.87 -15.88
N HIS G 307 33.77 8.00 -16.87
CA HIS G 307 33.01 6.76 -16.70
C HIS G 307 33.50 5.86 -15.57
N ARG G 308 34.81 5.87 -15.26
CA ARG G 308 35.34 5.02 -14.21
C ARG G 308 34.64 5.20 -12.87
N GLN G 309 34.48 6.46 -12.43
CA GLN G 309 33.79 6.71 -11.17
C GLN G 309 32.27 6.77 -11.38
N LEU G 310 31.82 7.31 -12.53
CA LEU G 310 30.40 7.41 -12.82
C LEU G 310 29.69 6.04 -12.79
N PHE G 311 30.23 5.04 -13.50
CA PHE G 311 29.64 3.72 -13.53
C PHE G 311 29.63 3.07 -12.14
N GLU G 312 30.74 3.20 -11.40
CA GLU G 312 30.84 2.66 -10.04
C GLU G 312 29.78 3.27 -9.12
N GLU G 313 29.55 4.58 -9.22
CA GLU G 313 28.56 5.25 -8.40
C GLU G 313 27.13 4.94 -8.80
N LEU G 314 26.86 4.82 -10.11
CA LEU G 314 25.52 4.48 -10.58
C LEU G 314 25.17 3.06 -10.15
N ARG G 315 26.12 2.14 -10.28
CA ARG G 315 26.00 0.74 -9.88
C ARG G 315 25.73 0.65 -8.37
N ARG G 316 26.54 1.32 -7.55
CA ARG G 316 26.43 1.31 -6.08
C ARG G 316 25.11 1.93 -5.60
N ALA G 317 24.66 3.01 -6.25
CA ALA G 317 23.45 3.70 -5.84
C ALA G 317 22.17 2.99 -6.27
N ALA G 318 22.22 2.24 -7.36
CA ALA G 318 21.05 1.53 -7.85
C ALA G 318 20.73 0.36 -6.92
N PRO G 319 19.47 0.22 -6.51
CA PRO G 319 19.13 -0.86 -5.57
C PRO G 319 19.12 -2.23 -6.22
N LEU G 320 19.15 -3.29 -5.40
CA LEU G 320 19.04 -4.65 -5.90
C LEU G 320 17.69 -4.83 -6.59
N SER G 321 17.65 -5.65 -7.62
CA SER G 321 16.44 -5.83 -8.37
C SER G 321 16.24 -7.25 -8.74
N ARG G 322 15.01 -7.70 -8.69
CA ARG G 322 14.66 -9.02 -9.18
C ARG G 322 13.97 -8.94 -10.55
N ASP G 323 13.96 -7.76 -11.21
CA ASP G 323 13.37 -7.58 -12.53
C ASP G 323 14.43 -7.99 -13.56
N PRO G 324 14.12 -8.98 -14.39
CA PRO G 324 15.11 -9.45 -15.37
C PRO G 324 15.62 -8.40 -16.34
N THR G 325 14.81 -7.38 -16.69
CA THR G 325 15.24 -6.33 -17.60
C THR G 325 16.32 -5.50 -16.93
N GLU G 326 16.09 -5.13 -15.67
CA GLU G 326 17.05 -4.37 -14.87
CA GLU G 326 17.05 -4.37 -14.87
C GLU G 326 18.36 -5.15 -14.66
N VAL G 327 18.28 -6.47 -14.37
CA VAL G 327 19.46 -7.33 -14.18
C VAL G 327 20.24 -7.50 -15.50
N THR G 328 19.54 -7.70 -16.63
CA THR G 328 20.18 -7.83 -17.93
C THR G 328 20.87 -6.54 -18.32
N ALA G 329 20.25 -5.38 -18.04
CA ALA G 329 20.81 -4.08 -18.38
C ALA G 329 22.16 -3.82 -17.71
N ILE G 330 22.30 -4.07 -16.38
CA ILE G 330 23.57 -3.83 -15.72
C ILE G 330 24.63 -4.82 -16.20
N GLY G 331 24.25 -6.08 -16.43
CA GLY G 331 25.15 -7.08 -16.99
C GLY G 331 25.68 -6.69 -18.36
N ALA G 332 24.79 -6.15 -19.22
CA ALA G 332 25.16 -5.72 -20.57
C ALA G 332 26.07 -4.53 -20.58
N VAL G 333 25.83 -3.55 -19.69
CA VAL G 333 26.66 -2.35 -19.61
C VAL G 333 28.07 -2.73 -19.08
N GLU G 334 28.12 -3.65 -18.10
CA GLU G 334 29.38 -4.16 -17.58
CA GLU G 334 29.38 -4.16 -17.58
C GLU G 334 30.17 -4.87 -18.70
N ALA G 335 29.50 -5.72 -19.49
CA ALA G 335 30.09 -6.44 -20.61
C ALA G 335 30.59 -5.47 -21.67
N ALA G 336 29.83 -4.41 -21.98
CA ALA G 336 30.23 -3.39 -22.95
C ALA G 336 31.53 -2.66 -22.54
N PHE G 337 31.70 -2.36 -21.25
CA PHE G 337 32.90 -1.69 -20.76
C PHE G 337 34.12 -2.61 -20.82
N LYS G 338 33.92 -3.90 -20.53
CA LYS G 338 34.99 -4.88 -20.51
C LYS G 338 35.67 -5.06 -21.87
N CYS G 339 34.91 -4.95 -22.96
CA CYS G 339 35.48 -5.14 -24.31
C CYS G 339 35.53 -3.88 -25.16
N CYS G 340 35.15 -2.71 -24.60
CA CYS G 340 35.06 -1.46 -25.36
C CYS G 340 34.11 -1.63 -26.54
N ALA G 341 32.95 -2.27 -26.30
CA ALA G 341 31.93 -2.55 -27.32
C ALA G 341 31.56 -1.30 -28.06
N ALA G 342 31.45 -1.37 -29.37
CA ALA G 342 31.08 -0.22 -30.18
C ALA G 342 29.60 0.15 -29.95
N ALA G 343 28.75 -0.83 -29.63
CA ALA G 343 27.33 -0.61 -29.41
C ALA G 343 26.68 -1.72 -28.59
N ILE G 344 25.51 -1.43 -28.02
CA ILE G 344 24.64 -2.38 -27.36
C ILE G 344 23.38 -2.35 -28.21
N ILE G 345 23.05 -3.43 -28.91
CA ILE G 345 21.85 -3.47 -29.73
C ILE G 345 20.74 -4.06 -28.90
N VAL G 346 19.64 -3.33 -28.71
CA VAL G 346 18.52 -3.80 -27.88
C VAL G 346 17.20 -3.80 -28.63
N LEU G 347 16.41 -4.86 -28.49
CA LEU G 347 15.09 -4.94 -29.08
C LEU G 347 14.14 -4.41 -28.01
N THR G 348 13.27 -3.46 -28.40
CA THR G 348 12.36 -2.86 -27.44
C THR G 348 10.99 -2.52 -28.08
N THR G 349 9.88 -2.72 -27.34
CA THR G 349 8.58 -2.33 -27.89
C THR G 349 8.15 -0.97 -27.34
N THR G 350 8.37 -0.76 -26.05
CA THR G 350 7.97 0.47 -25.36
C THR G 350 9.14 1.44 -25.11
N GLY G 351 10.37 1.01 -25.33
CA GLY G 351 11.55 1.82 -25.05
C GLY G 351 12.17 1.52 -23.68
N ARG G 352 11.44 0.78 -22.82
CA ARG G 352 11.91 0.51 -21.46
C ARG G 352 13.27 -0.18 -21.35
N SER G 353 13.54 -1.21 -22.19
CA SER G 353 14.81 -1.93 -22.13
C SER G 353 15.97 -1.01 -22.49
N ALA G 354 15.77 -0.09 -23.44
CA ALA G 354 16.80 0.86 -23.84
C ALA G 354 17.03 1.88 -22.73
N GLN G 355 15.95 2.32 -22.06
CA GLN G 355 16.05 3.26 -20.97
C GLN G 355 16.85 2.67 -19.78
N LEU G 356 16.61 1.40 -19.43
CA LEU G 356 17.35 0.76 -18.34
C LEU G 356 18.83 0.57 -18.68
N LEU G 357 19.19 0.50 -19.98
CA LEU G 357 20.59 0.41 -20.37
C LEU G 357 21.23 1.81 -20.20
N SER G 358 20.54 2.83 -20.69
CA SER G 358 20.91 4.23 -20.67
C SER G 358 21.18 4.76 -19.26
N ARG G 359 20.44 4.31 -18.24
CA ARG G 359 20.62 4.80 -16.87
C ARG G 359 22.03 4.50 -16.27
N TYR G 360 22.73 3.47 -16.80
CA TYR G 360 24.08 3.14 -16.35
C TYR G 360 25.17 3.87 -17.11
N ARG G 361 24.79 4.76 -18.02
CA ARG G 361 25.66 5.62 -18.80
C ARG G 361 26.80 4.88 -19.47
N PRO G 362 26.48 3.89 -20.33
CA PRO G 362 27.56 3.21 -21.05
C PRO G 362 28.23 4.15 -22.04
N ARG G 363 29.48 3.88 -22.35
CA ARG G 363 30.18 4.61 -23.40
C ARG G 363 29.67 4.10 -24.77
N ALA G 364 29.32 2.82 -24.88
CA ALA G 364 28.78 2.21 -26.09
C ALA G 364 27.41 2.78 -26.44
N ALA G 365 27.18 3.07 -27.72
CA ALA G 365 25.88 3.55 -28.19
C ALA G 365 24.81 2.47 -27.96
N VAL G 366 23.62 2.85 -27.52
CA VAL G 366 22.52 1.91 -27.33
C VAL G 366 21.66 2.00 -28.56
N ILE G 367 21.80 1.05 -29.49
CA ILE G 367 21.03 1.04 -30.72
C ILE G 367 19.72 0.31 -30.43
N ALA G 368 18.60 1.05 -30.39
CA ALA G 368 17.32 0.45 -30.05
C ALA G 368 16.51 0.15 -31.27
N VAL G 369 16.23 -1.12 -31.52
CA VAL G 369 15.46 -1.52 -32.67
C VAL G 369 14.01 -1.77 -32.23
N THR G 370 13.08 -1.03 -32.84
CA THR G 370 11.69 -1.14 -32.48
C THR G 370 10.76 -1.05 -33.68
N ARG G 371 9.59 -1.66 -33.57
CA ARG G 371 8.50 -1.58 -34.56
C ARG G 371 7.53 -0.41 -34.23
N SER G 372 7.57 0.11 -32.98
CA SER G 372 6.74 1.21 -32.54
C SER G 372 7.35 2.55 -32.95
N ALA G 373 6.66 3.26 -33.83
CA ALA G 373 7.13 4.58 -34.27
C ALA G 373 7.13 5.56 -33.10
N GLN G 374 6.17 5.46 -32.17
CA GLN G 374 6.13 6.32 -31.00
C GLN G 374 7.34 6.07 -30.06
N ALA G 375 7.65 4.80 -29.76
CA ALA G 375 8.77 4.46 -28.90
C ALA G 375 10.08 4.94 -29.53
N ALA G 376 10.22 4.80 -30.85
CA ALA G 376 11.42 5.28 -31.56
C ALA G 376 11.59 6.79 -31.39
N ARG G 377 10.49 7.56 -31.36
CA ARG G 377 10.59 9.00 -31.15
C ARG G 377 10.86 9.33 -29.68
N GLN G 378 10.20 8.63 -28.78
CA GLN G 378 10.33 8.90 -27.34
C GLN G 378 11.65 8.50 -26.72
N VAL G 379 12.36 7.49 -27.27
CA VAL G 379 13.65 7.10 -26.66
C VAL G 379 14.73 8.18 -26.86
N HIS G 380 14.47 9.23 -27.67
CA HIS G 380 15.39 10.35 -27.78
C HIS G 380 15.53 11.08 -26.42
N LEU G 381 14.61 10.89 -25.47
CA LEU G 381 14.71 11.48 -24.14
C LEU G 381 15.86 10.87 -23.32
N CYS G 382 16.29 9.64 -23.65
CA CYS G 382 17.32 8.93 -22.91
C CYS G 382 18.68 9.04 -23.57
N ARG G 383 19.68 9.52 -22.83
CA ARG G 383 21.02 9.70 -23.36
C ARG G 383 21.61 8.43 -23.92
N GLY G 384 22.17 8.53 -25.12
CA GLY G 384 22.84 7.44 -25.77
C GLY G 384 21.96 6.41 -26.43
N VAL G 385 20.66 6.69 -26.61
CA VAL G 385 19.78 5.75 -27.27
C VAL G 385 19.55 6.21 -28.70
N PHE G 386 19.92 5.38 -29.69
CA PHE G 386 19.81 5.66 -31.12
C PHE G 386 18.71 4.82 -31.69
N PRO G 387 17.53 5.38 -31.91
CA PRO G 387 16.39 4.55 -32.38
C PRO G 387 16.39 4.17 -33.84
N LEU G 388 16.01 2.91 -34.10
CA LEU G 388 15.88 2.43 -35.45
C LEU G 388 14.47 1.88 -35.58
N LEU G 389 13.69 2.47 -36.48
CA LEU G 389 12.33 2.03 -36.72
C LEU G 389 12.34 0.89 -37.76
N TYR G 390 11.88 -0.29 -37.38
CA TYR G 390 11.89 -1.46 -38.23
C TYR G 390 10.52 -1.64 -38.86
N ARG G 391 10.48 -1.59 -40.16
CA ARG G 391 9.23 -1.62 -40.93
C ARG G 391 9.03 -2.92 -41.72
N GLU G 392 9.95 -3.88 -41.62
CA GLU G 392 9.83 -5.11 -42.39
C GLU G 392 8.67 -5.99 -42.00
N PRO G 393 8.13 -6.76 -42.98
CA PRO G 393 7.07 -7.71 -42.64
C PRO G 393 7.64 -8.83 -41.75
N PRO G 394 6.81 -9.45 -40.89
CA PRO G 394 7.35 -10.40 -39.91
C PRO G 394 7.74 -11.73 -40.50
N GLU G 395 8.62 -12.44 -39.80
CA GLU G 395 8.99 -13.78 -40.21
C GLU G 395 8.02 -14.70 -39.47
N ALA G 396 7.76 -15.89 -40.03
CA ALA G 396 6.86 -16.88 -39.42
C ALA G 396 7.45 -17.40 -38.10
N ILE G 397 8.78 -17.63 -38.09
CA ILE G 397 9.47 -18.08 -36.89
C ILE G 397 9.98 -16.88 -36.09
N TRP G 398 9.51 -16.73 -34.85
CA TRP G 398 9.88 -15.62 -33.98
C TRP G 398 11.41 -15.44 -33.83
N ALA G 399 12.17 -16.50 -33.57
CA ALA G 399 13.63 -16.42 -33.44
C ALA G 399 14.27 -15.85 -34.72
N ASP G 400 13.74 -16.16 -35.89
CA ASP G 400 14.26 -15.60 -37.15
C ASP G 400 13.92 -14.12 -37.27
N ASP G 401 12.76 -13.72 -36.82
CA ASP G 401 12.32 -12.33 -36.84
C ASP G 401 13.19 -11.48 -35.88
N VAL G 402 13.57 -12.07 -34.71
CA VAL G 402 14.45 -11.45 -33.74
C VAL G 402 15.82 -11.24 -34.39
N ASP G 403 16.40 -12.29 -34.99
CA ASP G 403 17.69 -12.22 -35.66
C ASP G 403 17.73 -11.21 -36.77
N ARG G 404 16.63 -11.09 -37.55
CA ARG G 404 16.57 -10.08 -38.61
C ARG G 404 16.63 -8.68 -38.01
N ARG G 405 16.03 -8.48 -36.83
CA ARG G 405 16.04 -7.17 -36.19
C ARG G 405 17.40 -6.79 -35.66
N VAL G 406 18.10 -7.76 -35.06
CA VAL G 406 19.48 -7.60 -34.59
C VAL G 406 20.38 -7.26 -35.84
N GLN G 407 20.31 -8.00 -36.95
CA GLN G 407 21.07 -7.65 -38.18
C GLN G 407 20.74 -6.32 -38.76
N PHE G 408 19.48 -5.92 -38.69
CA PHE G 408 19.06 -4.60 -39.10
C PHE G 408 19.79 -3.51 -38.27
N GLY G 409 20.03 -3.78 -36.99
CA GLY G 409 20.74 -2.83 -36.14
C GLY G 409 22.22 -2.78 -36.48
N ILE G 410 22.81 -3.95 -36.77
CA ILE G 410 24.21 -4.06 -37.20
C ILE G 410 24.41 -3.38 -38.56
N GLU G 411 23.52 -3.63 -39.53
CA GLU G 411 23.62 -3.05 -40.87
C GLU G 411 23.47 -1.56 -40.80
N SER G 412 22.51 -1.04 -40.00
CA SER G 412 22.34 0.41 -39.83
C SER G 412 23.57 1.00 -39.13
N GLY G 413 24.11 0.30 -38.14
CA GLY G 413 25.30 0.74 -37.41
C GLY G 413 26.52 0.83 -38.30
N LYS G 414 26.69 -0.14 -39.20
CA LYS G 414 27.79 -0.12 -40.18
C LYS G 414 27.61 1.04 -41.16
N LEU G 415 26.38 1.23 -41.65
CA LEU G 415 26.08 2.31 -42.59
C LEU G 415 26.33 3.68 -41.96
N ARG G 416 25.89 3.88 -40.71
CA ARG G 416 26.03 5.17 -40.03
C ARG G 416 27.42 5.44 -39.41
N GLY G 417 28.30 4.45 -39.41
CA GLY G 417 29.64 4.63 -38.85
C GLY G 417 29.84 4.21 -37.41
N PHE G 418 28.80 3.68 -36.75
CA PHE G 418 28.93 3.19 -35.37
C PHE G 418 29.78 1.93 -35.29
N LEU G 419 29.72 1.06 -36.32
CA LEU G 419 30.34 -0.27 -36.28
C LEU G 419 31.19 -0.58 -37.50
N ARG G 420 32.13 -1.52 -37.34
CA ARG G 420 33.00 -2.03 -38.37
C ARG G 420 33.16 -3.53 -38.14
N VAL G 421 33.52 -4.28 -39.18
CA VAL G 421 33.81 -5.73 -39.08
C VAL G 421 34.97 -5.91 -38.09
N GLY G 422 34.84 -6.85 -37.17
CA GLY G 422 35.83 -7.03 -36.12
C GLY G 422 35.45 -6.40 -34.79
N ASP G 423 34.51 -5.47 -34.79
CA ASP G 423 34.01 -4.86 -33.54
C ASP G 423 33.23 -5.87 -32.69
N LEU G 424 33.11 -5.60 -31.39
CA LEU G 424 32.28 -6.42 -30.52
C LEU G 424 31.03 -5.58 -30.19
N VAL G 425 29.86 -6.23 -30.16
CA VAL G 425 28.61 -5.58 -29.76
C VAL G 425 27.97 -6.49 -28.76
N ILE G 426 27.20 -5.89 -27.85
CA ILE G 426 26.41 -6.60 -26.87
C ILE G 426 24.98 -6.58 -27.40
N VAL G 427 24.27 -7.70 -27.41
CA VAL G 427 22.92 -7.76 -27.93
C VAL G 427 21.97 -8.12 -26.83
N VAL G 428 20.97 -7.27 -26.58
CA VAL G 428 20.00 -7.50 -25.52
C VAL G 428 18.63 -7.82 -26.11
N THR G 429 18.07 -8.97 -25.73
CA THR G 429 16.78 -9.45 -26.18
C THR G 429 16.04 -10.16 -24.98
N GLY G 430 14.89 -10.78 -25.25
CA GLY G 430 14.11 -11.53 -24.29
C GLY G 430 13.80 -12.92 -24.79
N TRP G 431 13.20 -13.73 -23.93
CA TRP G 431 12.95 -15.14 -24.23
C TRP G 431 11.68 -15.46 -25.00
N ARG G 432 10.77 -14.51 -25.07
CA ARG G 432 9.49 -14.69 -25.72
C ARG G 432 9.00 -13.34 -26.21
N PRO G 433 8.12 -13.33 -27.24
CA PRO G 433 7.63 -12.04 -27.76
C PRO G 433 6.84 -11.29 -26.71
N GLY G 434 6.70 -10.00 -26.92
CA GLY G 434 5.99 -9.15 -26.00
C GLY G 434 6.92 -8.33 -25.14
N SER G 435 6.53 -7.14 -24.83
CA SER G 435 7.24 -6.26 -23.94
C SER G 435 7.30 -6.86 -22.51
N GLY G 436 8.31 -6.50 -21.73
CA GLY G 436 8.45 -6.92 -20.34
C GLY G 436 9.18 -8.22 -20.07
N TYR G 437 9.79 -8.83 -21.11
CA TYR G 437 10.48 -10.10 -20.94
C TYR G 437 11.97 -10.11 -21.29
N THR G 438 12.64 -8.95 -21.41
CA THR G 438 14.07 -8.91 -21.70
C THR G 438 14.83 -9.65 -20.60
N ASN G 439 15.69 -10.63 -20.97
CA ASN G 439 16.42 -11.42 -19.97
C ASN G 439 17.73 -12.03 -20.56
N ILE G 440 18.15 -11.62 -21.77
CA ILE G 440 19.31 -12.20 -22.42
C ILE G 440 20.28 -11.10 -22.87
N MET G 441 21.58 -11.37 -22.68
CA MET G 441 22.69 -10.52 -23.08
C MET G 441 23.63 -11.46 -23.88
N ARG G 442 23.99 -11.08 -25.12
CA ARG G 442 24.88 -11.87 -25.97
C ARG G 442 26.07 -11.03 -26.41
N VAL G 443 27.24 -11.64 -26.53
CA VAL G 443 28.45 -10.98 -27.02
C VAL G 443 28.60 -11.43 -28.47
N LEU G 444 28.59 -10.48 -29.39
CA LEU G 444 28.64 -10.78 -30.81
C LEU G 444 29.83 -10.12 -31.47
N SER G 445 30.57 -10.87 -32.31
CA SER G 445 31.66 -10.29 -33.08
C SER G 445 31.07 -9.87 -34.43
N ILE G 446 31.26 -8.62 -34.85
CA ILE G 446 30.72 -8.12 -36.11
C ILE G 446 31.44 -8.74 -37.32
N SER G 447 30.69 -9.41 -38.18
CA SER G 447 31.22 -10.03 -39.38
C SER G 447 30.67 -9.33 -40.65
N GLY H 23 12.70 -10.65 2.40
CA GLY H 23 12.53 -10.68 3.85
C GLY H 23 13.72 -10.13 4.62
N THR H 24 13.46 -9.58 5.82
CA THR H 24 14.51 -9.02 6.68
C THR H 24 15.48 -10.12 7.17
N ALA H 25 14.95 -11.32 7.41
CA ALA H 25 15.75 -12.45 7.86
C ALA H 25 16.81 -12.83 6.82
N PHE H 26 16.48 -12.70 5.52
CA PHE H 26 17.40 -13.00 4.42
C PHE H 26 18.64 -12.09 4.53
N PHE H 27 18.41 -10.79 4.77
CA PHE H 27 19.48 -9.80 4.84
C PHE H 27 20.26 -9.80 6.18
N GLN H 28 19.91 -10.67 7.13
CA GLN H 28 20.64 -10.81 8.39
C GLN H 28 21.65 -11.98 8.31
N GLN H 29 21.37 -12.99 7.46
CA GLN H 29 22.21 -14.15 7.25
C GLN H 29 23.43 -13.82 6.34
N GLN H 30 24.38 -14.78 6.22
CA GLN H 30 25.61 -14.77 5.41
C GLN H 30 26.38 -13.42 5.41
N GLN H 31 26.45 -12.78 6.60
CA GLN H 31 27.14 -11.51 6.85
C GLN H 31 26.74 -10.40 5.87
N LEU H 32 25.45 -10.39 5.46
CA LEU H 32 24.97 -9.38 4.51
C LEU H 32 25.06 -7.94 5.08
N PRO H 33 24.76 -7.66 6.38
CA PRO H 33 25.01 -6.30 6.89
C PRO H 33 26.49 -5.88 6.76
N ALA H 34 27.44 -6.79 7.03
CA ALA H 34 28.87 -6.50 6.91
C ALA H 34 29.30 -6.32 5.43
N ALA H 35 28.61 -7.01 4.50
CA ALA H 35 28.91 -6.92 3.07
C ALA H 35 28.46 -5.60 2.48
N MET H 36 27.41 -4.96 3.05
CA MET H 36 26.87 -3.68 2.57
C MET H 36 27.65 -2.46 3.09
N ALA H 37 28.66 -2.65 3.96
CA ALA H 37 29.41 -1.55 4.56
C ALA H 37 30.21 -0.72 3.54
N ASP H 38 30.36 0.58 3.82
CA ASP H 38 31.04 1.51 2.94
C ASP H 38 32.56 1.54 3.10
N THR H 39 33.07 1.01 4.22
CA THR H 39 34.50 0.92 4.46
C THR H 39 34.84 -0.49 4.97
N PHE H 40 36.10 -0.89 4.81
CA PHE H 40 36.56 -2.16 5.33
C PHE H 40 36.48 -2.18 6.87
N LEU H 41 36.76 -1.03 7.52
CA LEU H 41 36.68 -0.94 8.98
C LEU H 41 35.24 -1.20 9.45
N GLU H 42 34.24 -0.58 8.80
CA GLU H 42 32.81 -0.77 9.11
C GLU H 42 32.39 -2.23 8.86
N HIS H 43 32.93 -2.84 7.78
CA HIS H 43 32.71 -4.23 7.42
C HIS H 43 33.15 -5.13 8.56
N LEU H 44 34.36 -4.90 9.10
CA LEU H 44 34.87 -5.69 10.23
C LEU H 44 33.99 -5.51 11.45
N CYS H 45 33.59 -4.25 11.76
CA CYS H 45 32.76 -3.91 12.90
C CYS H 45 31.38 -4.57 12.85
N LEU H 46 30.86 -4.84 11.64
CA LEU H 46 29.55 -5.45 11.45
C LEU H 46 29.55 -6.97 11.36
N LEU H 47 30.71 -7.63 11.47
CA LEU H 47 30.76 -9.10 11.43
C LEU H 47 30.01 -9.65 12.65
N ASP H 48 29.09 -10.60 12.40
CA ASP H 48 28.21 -11.12 13.43
C ASP H 48 28.35 -12.63 13.58
N ILE H 49 28.68 -13.14 14.80
CA ILE H 49 28.76 -14.59 15.02
C ILE H 49 27.37 -15.27 14.91
N ASP H 50 26.29 -14.52 15.02
CA ASP H 50 24.93 -15.05 14.89
C ASP H 50 24.42 -15.05 13.47
N SER H 51 25.17 -14.46 12.52
CA SER H 51 24.79 -14.43 11.12
C SER H 51 25.26 -15.75 10.51
N GLU H 52 24.31 -16.66 10.24
CA GLU H 52 24.66 -17.98 9.74
C GLU H 52 24.97 -18.04 8.26
N PRO H 53 25.98 -18.82 7.89
CA PRO H 53 26.28 -18.96 6.45
C PRO H 53 25.15 -19.73 5.72
N VAL H 54 24.78 -19.28 4.53
CA VAL H 54 23.70 -19.91 3.76
C VAL H 54 24.27 -20.57 2.50
N ALA H 55 25.23 -19.93 1.86
CA ALA H 55 25.82 -20.45 0.63
C ALA H 55 26.59 -21.77 0.84
N ALA H 56 26.70 -22.57 -0.24
CA ALA H 56 27.50 -23.77 -0.21
C ALA H 56 28.97 -23.36 -0.12
N ARG H 57 29.78 -24.19 0.56
CA ARG H 57 31.19 -23.93 0.75
C ARG H 57 31.89 -23.95 -0.59
N SER H 58 32.58 -22.88 -0.92
CA SER H 58 33.21 -22.71 -2.21
C SER H 58 34.73 -22.99 -2.29
N THR H 59 35.46 -23.02 -1.18
CA THR H 59 36.89 -23.30 -1.20
C THR H 59 37.05 -24.79 -1.16
N SER H 60 37.74 -25.39 -2.12
CA SER H 60 37.90 -26.85 -2.16
C SER H 60 38.85 -27.37 -1.14
N ILE H 61 38.61 -28.59 -0.69
CA ILE H 61 39.45 -29.21 0.29
C ILE H 61 40.22 -30.33 -0.40
N ILE H 62 41.55 -30.27 -0.28
CA ILE H 62 42.42 -31.32 -0.80
C ILE H 62 42.85 -32.18 0.40
N ALA H 63 42.68 -33.50 0.35
CA ALA H 63 43.06 -34.39 1.45
C ALA H 63 44.08 -35.36 0.95
N THR H 64 45.19 -35.43 1.66
CA THR H 64 46.25 -36.36 1.33
C THR H 64 45.83 -37.76 1.74
N ILE H 65 45.94 -38.72 0.81
CA ILE H 65 45.53 -40.10 1.05
C ILE H 65 46.71 -40.86 1.65
N GLY H 66 46.44 -41.64 2.68
CA GLY H 66 47.46 -42.46 3.33
C GLY H 66 46.82 -43.58 4.12
N PRO H 67 47.58 -44.23 5.03
CA PRO H 67 47.00 -45.34 5.82
C PRO H 67 45.71 -45.02 6.55
N ALA H 68 45.53 -43.76 7.03
CA ALA H 68 44.33 -43.34 7.75
C ALA H 68 43.11 -43.07 6.86
N SER H 69 43.31 -42.96 5.54
CA SER H 69 42.24 -42.60 4.65
C SER H 69 42.23 -43.42 3.37
N ARG H 70 42.62 -44.69 3.44
CA ARG H 70 42.66 -45.53 2.25
C ARG H 70 41.47 -46.48 2.09
N SER H 71 40.77 -46.82 3.17
CA SER H 71 39.65 -47.72 3.02
C SER H 71 38.53 -47.09 2.19
N VAL H 72 37.87 -47.90 1.37
CA VAL H 72 36.77 -47.44 0.53
C VAL H 72 35.63 -46.87 1.39
N GLU H 73 35.35 -47.48 2.53
CA GLU H 73 34.31 -47.03 3.43
C GLU H 73 34.65 -45.69 4.09
N ARG H 74 35.91 -45.48 4.50
CA ARG H 74 36.30 -44.19 5.05
C ARG H 74 36.32 -43.09 3.94
N LEU H 75 36.83 -43.43 2.73
CA LEU H 75 36.85 -42.48 1.61
C LEU H 75 35.44 -41.99 1.28
N LYS H 76 34.41 -42.83 1.42
CA LYS H 76 33.00 -42.44 1.22
C LYS H 76 32.60 -41.40 2.25
N GLU H 77 33.04 -41.60 3.52
CA GLU H 77 32.76 -40.65 4.58
C GLU H 77 33.48 -39.33 4.33
N MET H 78 34.71 -39.37 3.77
CA MET H 78 35.46 -38.14 3.49
CA MET H 78 35.52 -38.18 3.43
C MET H 78 34.83 -37.38 2.32
N ILE H 79 34.27 -38.08 1.33
CA ILE H 79 33.57 -37.43 0.24
C ILE H 79 32.32 -36.75 0.80
N LYS H 80 31.59 -37.41 1.68
CA LYS H 80 30.41 -36.79 2.33
C LYS H 80 30.73 -35.58 3.23
N ALA H 81 31.88 -35.60 3.87
CA ALA H 81 32.33 -34.51 4.73
C ALA H 81 32.81 -33.31 3.93
N GLY H 82 33.13 -33.48 2.66
CA GLY H 82 33.54 -32.37 1.82
C GLY H 82 34.86 -32.44 1.06
N MET H 83 35.56 -33.59 1.04
CA MET H 83 36.80 -33.74 0.28
C MET H 83 36.46 -33.57 -1.23
N ASN H 84 37.25 -32.77 -1.95
CA ASN H 84 37.05 -32.53 -3.38
C ASN H 84 38.16 -33.06 -4.21
N ILE H 85 39.41 -33.01 -3.68
CA ILE H 85 40.61 -33.49 -4.36
C ILE H 85 41.38 -34.43 -3.44
N ALA H 86 41.78 -35.60 -3.95
CA ALA H 86 42.56 -36.59 -3.24
C ALA H 86 44.04 -36.40 -3.69
N ARG H 87 44.93 -36.14 -2.74
CA ARG H 87 46.35 -35.95 -3.05
C ARG H 87 47.15 -37.21 -2.76
N LEU H 88 47.94 -37.65 -3.75
CA LEU H 88 48.83 -38.81 -3.59
C LEU H 88 50.23 -38.27 -3.46
N ASN H 89 50.85 -38.45 -2.29
CA ASN H 89 52.19 -37.93 -2.07
C ASN H 89 53.22 -38.96 -2.54
N PHE H 90 53.84 -38.71 -3.70
CA PHE H 90 54.82 -39.64 -4.27
C PHE H 90 56.19 -39.59 -3.55
N SER H 91 56.32 -38.82 -2.45
CA SER H 91 57.51 -38.85 -1.60
C SER H 91 57.52 -40.16 -0.75
N HIS H 92 56.37 -40.82 -0.57
CA HIS H 92 56.23 -42.05 0.19
C HIS H 92 55.45 -43.08 -0.63
N GLY H 93 55.75 -44.35 -0.43
CA GLY H 93 55.05 -45.43 -1.09
C GLY H 93 55.51 -45.73 -2.50
N SER H 94 55.21 -46.93 -2.94
CA SER H 94 55.58 -47.40 -4.27
C SER H 94 54.45 -47.09 -5.28
N HIS H 95 54.70 -47.34 -6.58
CA HIS H 95 53.69 -47.21 -7.62
C HIS H 95 52.50 -48.13 -7.34
N GLU H 96 52.76 -49.33 -6.79
CA GLU H 96 51.73 -50.30 -6.47
C GLU H 96 50.81 -49.75 -5.38
N TYR H 97 51.40 -49.08 -4.38
CA TYR H 97 50.65 -48.49 -3.29
C TYR H 97 49.74 -47.36 -3.83
N HIS H 98 50.30 -46.45 -4.65
CA HIS H 98 49.51 -45.36 -5.22
C HIS H 98 48.43 -45.83 -6.20
N ALA H 99 48.67 -46.92 -6.94
CA ALA H 99 47.66 -47.49 -7.82
C ALA H 99 46.46 -48.01 -7.02
N GLU H 100 46.72 -48.60 -5.85
CA GLU H 100 45.66 -49.09 -4.94
C GLU H 100 44.90 -47.92 -4.36
N SER H 101 45.59 -46.84 -4.02
CA SER H 101 44.97 -45.60 -3.49
C SER H 101 44.00 -45.05 -4.53
N ILE H 102 44.45 -44.93 -5.80
CA ILE H 102 43.65 -44.44 -6.91
C ILE H 102 42.41 -45.30 -7.09
N ALA H 103 42.59 -46.63 -7.07
CA ALA H 103 41.48 -47.58 -7.23
C ALA H 103 40.46 -47.45 -6.10
N ASN H 104 40.91 -47.24 -4.85
CA ASN H 104 40.01 -47.07 -3.70
C ASN H 104 39.24 -45.77 -3.78
N VAL H 105 39.91 -44.69 -4.21
CA VAL H 105 39.25 -43.40 -4.38
C VAL H 105 38.17 -43.53 -5.45
N ARG H 106 38.50 -44.06 -6.62
CA ARG H 106 37.55 -44.23 -7.70
C ARG H 106 36.37 -45.13 -7.32
N GLU H 107 36.62 -46.17 -6.54
CA GLU H 107 35.55 -47.05 -6.08
C GLU H 107 34.60 -46.30 -5.14
N ALA H 108 35.14 -45.52 -4.19
CA ALA H 108 34.31 -44.73 -3.28
C ALA H 108 33.53 -43.64 -4.03
N VAL H 109 34.16 -42.97 -4.98
CA VAL H 109 33.51 -41.94 -5.77
C VAL H 109 32.37 -42.53 -6.63
N GLU H 110 32.63 -43.65 -7.31
CA GLU H 110 31.63 -44.26 -8.18
C GLU H 110 30.50 -44.96 -7.45
N SER H 111 30.63 -45.22 -6.15
CA SER H 111 29.56 -45.82 -5.36
C SER H 111 28.35 -44.87 -5.23
N PHE H 112 28.51 -43.59 -5.54
CA PHE H 112 27.41 -42.63 -5.52
C PHE H 112 26.91 -42.31 -6.94
N ALA H 113 27.46 -42.93 -7.99
CA ALA H 113 27.06 -42.67 -9.38
C ALA H 113 25.63 -43.13 -9.72
N GLY H 114 25.04 -44.01 -8.91
CA GLY H 114 23.68 -44.47 -9.11
C GLY H 114 22.65 -43.36 -9.00
N SER H 115 22.98 -42.26 -8.29
CA SER H 115 22.14 -41.07 -8.16
C SER H 115 22.86 -39.89 -8.85
N PRO H 116 22.61 -39.70 -10.15
CA PRO H 116 23.32 -38.64 -10.90
C PRO H 116 23.13 -37.21 -10.42
N LEU H 117 21.96 -36.92 -9.82
CA LEU H 117 21.67 -35.57 -9.31
C LEU H 117 22.47 -35.20 -8.07
N SER H 118 23.04 -36.19 -7.35
CA SER H 118 23.79 -35.90 -6.13
C SER H 118 25.29 -36.34 -6.20
N TYR H 119 25.69 -37.02 -7.30
CA TYR H 119 27.04 -37.51 -7.53
C TYR H 119 28.09 -36.40 -7.41
N ARG H 120 29.13 -36.62 -6.63
CA ARG H 120 30.18 -35.63 -6.42
C ARG H 120 31.50 -36.10 -7.08
N PRO H 121 31.97 -35.47 -8.18
CA PRO H 121 33.26 -35.85 -8.72
C PRO H 121 34.38 -35.51 -7.71
N VAL H 122 35.48 -36.29 -7.70
CA VAL H 122 36.64 -36.05 -6.83
C VAL H 122 37.90 -36.13 -7.70
N ALA H 123 38.72 -35.07 -7.74
CA ALA H 123 39.95 -35.08 -8.53
C ALA H 123 41.05 -35.89 -7.89
N ILE H 124 41.97 -36.41 -8.71
CA ILE H 124 43.12 -37.13 -8.20
C ILE H 124 44.38 -36.36 -8.58
N ALA H 125 45.12 -35.92 -7.58
CA ALA H 125 46.34 -35.14 -7.82
C ALA H 125 47.59 -35.89 -7.40
N LEU H 126 48.63 -35.85 -8.24
CA LEU H 126 49.88 -36.54 -7.97
C LEU H 126 50.88 -35.48 -7.49
N ASP H 127 51.37 -35.60 -6.26
CA ASP H 127 52.36 -34.67 -5.75
C ASP H 127 53.74 -35.33 -5.95
N THR H 128 54.61 -34.73 -6.77
CA THR H 128 55.92 -35.34 -7.06
C THR H 128 56.91 -35.26 -5.89
N LYS H 129 57.89 -36.17 -5.89
CA LYS H 129 58.94 -36.24 -4.88
C LYS H 129 59.86 -35.01 -4.96
N GLY H 130 60.17 -34.58 -6.17
CA GLY H 130 61.02 -33.42 -6.38
C GLY H 130 62.42 -33.69 -6.90
N PRO H 131 63.17 -32.61 -7.14
CA PRO H 131 64.52 -32.75 -7.72
C PRO H 131 65.62 -33.20 -6.76
N GLY H 132 65.42 -32.93 -5.46
CA GLY H 132 66.40 -33.23 -4.43
C GLY H 132 67.66 -32.43 -4.65
N SER H 133 68.82 -33.11 -4.63
CA SER H 133 70.11 -32.47 -4.87
C SER H 133 70.32 -32.04 -6.36
N GLY H 134 69.54 -32.62 -7.28
CA GLY H 134 69.65 -32.34 -8.69
C GLY H 134 69.19 -30.96 -9.15
N PRO H 135 69.59 -30.58 -10.37
CA PRO H 135 69.24 -29.24 -10.88
C PRO H 135 67.84 -29.10 -11.47
N GLY H 136 67.37 -30.16 -12.14
CA GLY H 136 66.05 -30.17 -12.76
C GLY H 136 65.24 -31.42 -12.47
N LEU H 137 64.52 -31.92 -13.48
CA LEU H 137 63.65 -33.08 -13.32
C LEU H 137 64.41 -34.37 -13.05
N SER H 138 64.14 -34.99 -11.90
CA SER H 138 64.78 -36.24 -11.52
C SER H 138 64.27 -37.43 -12.34
N GLU H 139 65.00 -38.55 -12.33
CA GLU H 139 64.57 -39.75 -13.06
C GLU H 139 63.37 -40.42 -12.40
N GLN H 140 63.26 -40.33 -11.06
CA GLN H 140 62.10 -40.87 -10.35
C GLN H 140 60.86 -40.03 -10.71
N ASP H 141 61.01 -38.71 -10.85
CA ASP H 141 59.91 -37.84 -11.24
C ASP H 141 59.42 -38.19 -12.63
N VAL H 142 60.33 -38.48 -13.58
CA VAL H 142 59.93 -38.88 -14.93
C VAL H 142 59.10 -40.16 -14.91
N ARG H 143 59.49 -41.14 -14.09
CA ARG H 143 58.74 -42.38 -13.96
C ARG H 143 57.39 -42.19 -13.29
N ASP H 144 57.34 -41.35 -12.24
CA ASP H 144 56.11 -41.06 -11.50
C ASP H 144 55.13 -40.27 -12.36
N LEU H 145 55.63 -39.31 -13.15
CA LEU H 145 54.79 -38.55 -14.07
C LEU H 145 54.20 -39.44 -15.16
N ARG H 146 54.97 -40.41 -15.64
CA ARG H 146 54.52 -41.38 -16.62
C ARG H 146 53.46 -42.33 -16.01
N PHE H 147 53.60 -42.69 -14.72
CA PHE H 147 52.61 -43.47 -13.99
C PHE H 147 51.28 -42.68 -13.90
N GLY H 148 51.37 -41.37 -13.63
CA GLY H 148 50.21 -40.51 -13.53
C GLY H 148 49.40 -40.45 -14.79
N VAL H 149 50.07 -40.30 -15.94
CA VAL H 149 49.37 -40.29 -17.22
C VAL H 149 48.71 -41.66 -17.47
N GLU H 150 49.41 -42.76 -17.19
CA GLU H 150 48.86 -44.10 -17.39
C GLU H 150 47.67 -44.41 -16.49
N HIS H 151 47.65 -43.81 -15.29
CA HIS H 151 46.55 -44.02 -14.36
C HIS H 151 45.49 -42.92 -14.39
N GLY H 152 45.58 -41.99 -15.35
CA GLY H 152 44.60 -40.94 -15.54
C GLY H 152 44.46 -39.90 -14.44
N VAL H 153 45.58 -39.45 -13.83
CA VAL H 153 45.48 -38.41 -12.81
C VAL H 153 45.02 -37.10 -13.45
N ASP H 154 44.36 -36.25 -12.67
CA ASP H 154 43.84 -34.99 -13.20
C ASP H 154 44.80 -33.84 -13.04
N ILE H 155 45.57 -33.84 -11.94
CA ILE H 155 46.44 -32.73 -11.57
C ILE H 155 47.80 -33.24 -11.15
N VAL H 156 48.85 -32.43 -11.36
CA VAL H 156 50.17 -32.70 -10.86
C VAL H 156 50.56 -31.53 -9.95
N PHE H 157 50.96 -31.80 -8.70
CA PHE H 157 51.49 -30.77 -7.82
C PHE H 157 53.00 -30.95 -7.98
N ALA H 158 53.63 -30.15 -8.84
CA ALA H 158 55.07 -30.29 -9.12
C ALA H 158 55.92 -29.70 -8.01
N SER H 159 56.65 -30.55 -7.27
CA SER H 159 57.50 -30.09 -6.16
C SER H 159 58.73 -29.27 -6.60
N PHE H 160 59.11 -28.33 -5.72
CA PHE H 160 60.25 -27.44 -5.83
C PHE H 160 60.44 -26.80 -7.22
N VAL H 161 59.40 -26.12 -7.73
CA VAL H 161 59.52 -25.43 -9.01
C VAL H 161 60.29 -24.15 -8.78
N ARG H 162 61.38 -23.93 -9.53
CA ARG H 162 62.25 -22.74 -9.33
C ARG H 162 62.28 -21.79 -10.52
N LYS H 163 61.85 -22.25 -11.69
CA LYS H 163 61.86 -21.45 -12.89
C LYS H 163 60.89 -22.03 -13.92
N ALA H 164 60.61 -21.29 -14.99
CA ALA H 164 59.69 -21.73 -16.02
C ALA H 164 60.13 -23.02 -16.72
N SER H 165 61.44 -23.24 -16.88
CA SER H 165 61.95 -24.45 -17.54
C SER H 165 61.64 -25.72 -16.74
N ASP H 166 61.45 -25.61 -15.41
CA ASP H 166 61.05 -26.76 -14.58
C ASP H 166 59.63 -27.20 -14.96
N VAL H 167 58.73 -26.25 -15.23
CA VAL H 167 57.36 -26.51 -15.62
C VAL H 167 57.34 -27.16 -17.01
N ALA H 168 58.18 -26.67 -17.92
CA ALA H 168 58.28 -27.21 -19.29
C ALA H 168 58.77 -28.65 -19.26
N ALA H 169 59.70 -28.97 -18.34
CA ALA H 169 60.21 -30.34 -18.17
C ALA H 169 59.09 -31.26 -17.68
N VAL H 170 58.25 -30.79 -16.72
CA VAL H 170 57.13 -31.61 -16.23
C VAL H 170 56.14 -31.84 -17.33
N ARG H 171 55.84 -30.80 -18.10
N ARG H 171 55.83 -30.79 -18.10
CA ARG H 171 54.92 -30.89 -19.23
CA ARG H 171 54.91 -30.90 -19.24
C ARG H 171 55.42 -31.93 -20.27
C ARG H 171 55.42 -31.93 -20.27
N ALA H 172 56.73 -31.89 -20.59
CA ALA H 172 57.34 -32.83 -21.53
C ALA H 172 57.30 -34.25 -21.01
N ALA H 173 57.54 -34.44 -19.70
CA ALA H 173 57.51 -35.79 -19.09
C ALA H 173 56.11 -36.39 -19.06
N LEU H 174 55.07 -35.57 -19.10
CA LEU H 174 53.71 -36.06 -19.17
C LEU H 174 53.36 -36.61 -20.57
N GLY H 175 54.17 -36.29 -21.58
CA GLY H 175 54.01 -36.75 -22.96
C GLY H 175 52.81 -36.20 -23.68
N PRO H 176 52.56 -36.72 -24.88
CA PRO H 176 51.42 -36.24 -25.67
C PRO H 176 50.06 -36.65 -25.09
N GLU H 177 50.00 -37.75 -24.34
CA GLU H 177 48.73 -38.22 -23.77
C GLU H 177 48.32 -37.48 -22.46
N GLY H 178 49.24 -36.69 -21.89
CA GLY H 178 48.94 -35.96 -20.66
C GLY H 178 48.80 -34.47 -20.88
N HIS H 179 48.34 -34.07 -22.07
CA HIS H 179 48.18 -32.65 -22.39
CA HIS H 179 48.18 -32.64 -22.40
C HIS H 179 47.08 -31.98 -21.56
N GLY H 180 46.06 -32.75 -21.17
CA GLY H 180 44.95 -32.21 -20.39
C GLY H 180 45.18 -32.11 -18.90
N ILE H 181 46.26 -32.71 -18.36
CA ILE H 181 46.55 -32.69 -16.93
C ILE H 181 46.96 -31.29 -16.50
N LYS H 182 46.43 -30.81 -15.36
CA LYS H 182 46.77 -29.48 -14.87
C LYS H 182 48.07 -29.52 -14.08
N ILE H 183 48.97 -28.58 -14.32
CA ILE H 183 50.22 -28.50 -13.57
C ILE H 183 50.15 -27.35 -12.57
N ILE H 184 50.13 -27.68 -11.29
CA ILE H 184 50.11 -26.71 -10.20
C ILE H 184 51.54 -26.70 -9.65
N SER H 185 52.26 -25.60 -9.84
CA SER H 185 53.64 -25.51 -9.39
C SER H 185 53.75 -25.22 -7.90
N LYS H 186 54.52 -26.04 -7.17
CA LYS H 186 54.73 -25.79 -5.76
C LYS H 186 55.89 -24.82 -5.54
N ILE H 187 55.62 -23.68 -4.88
CA ILE H 187 56.65 -22.71 -4.57
C ILE H 187 57.13 -23.04 -3.17
N GLU H 188 58.36 -23.57 -3.06
CA GLU H 188 58.90 -24.04 -1.78
C GLU H 188 60.22 -23.41 -1.38
N ASN H 189 60.75 -22.45 -2.16
CA ASN H 189 62.04 -21.84 -1.81
C ASN H 189 62.14 -20.40 -2.30
N HIS H 190 63.26 -19.71 -1.93
CA HIS H 190 63.49 -18.33 -2.28
C HIS H 190 63.47 -18.11 -3.80
N GLU H 191 64.10 -18.99 -4.56
CA GLU H 191 64.17 -18.84 -6.01
C GLU H 191 62.80 -18.89 -6.66
N GLY H 192 61.95 -19.82 -6.22
CA GLY H 192 60.58 -19.96 -6.70
C GLY H 192 59.78 -18.70 -6.44
N VAL H 193 59.95 -18.07 -5.24
CA VAL H 193 59.26 -16.84 -4.89
C VAL H 193 59.75 -15.70 -5.78
N LYS H 194 61.06 -15.61 -6.00
CA LYS H 194 61.63 -14.55 -6.83
C LYS H 194 61.32 -14.69 -8.31
N ARG H 195 61.24 -15.92 -8.81
CA ARG H 195 60.88 -16.14 -10.21
C ARG H 195 59.39 -16.46 -10.39
N PHE H 196 58.54 -16.12 -9.40
CA PHE H 196 57.10 -16.38 -9.37
C PHE H 196 56.37 -16.01 -10.65
N ASP H 197 56.56 -14.80 -11.17
CA ASP H 197 55.83 -14.38 -12.36
C ASP H 197 56.06 -15.26 -13.58
N GLU H 198 57.32 -15.67 -13.81
CA GLU H 198 57.64 -16.53 -14.94
C GLU H 198 57.08 -17.95 -14.76
N ILE H 199 57.00 -18.42 -13.51
CA ILE H 199 56.45 -19.73 -13.17
C ILE H 199 54.91 -19.74 -13.35
N LEU H 200 54.23 -18.71 -12.82
CA LEU H 200 52.78 -18.60 -12.91
C LEU H 200 52.34 -18.51 -14.37
N GLU H 201 53.10 -17.80 -15.20
CA GLU H 201 52.79 -17.62 -16.61
C GLU H 201 52.66 -18.93 -17.35
N VAL H 202 53.51 -19.91 -17.06
CA VAL H 202 53.49 -21.21 -17.74
C VAL H 202 52.76 -22.30 -16.97
N SER H 203 52.35 -22.06 -15.73
CA SER H 203 51.64 -23.06 -14.91
C SER H 203 50.13 -22.88 -15.00
N ASP H 204 49.38 -23.90 -14.65
CA ASP H 204 47.94 -23.80 -14.54
C ASP H 204 47.51 -23.14 -13.20
N GLY H 205 48.37 -23.21 -12.19
CA GLY H 205 48.12 -22.68 -10.87
C GLY H 205 49.32 -22.87 -9.96
N ILE H 206 49.16 -22.49 -8.68
CA ILE H 206 50.25 -22.51 -7.72
C ILE H 206 49.87 -23.14 -6.40
N MET H 207 50.83 -23.75 -5.72
CA MET H 207 50.62 -24.22 -4.36
C MET H 207 51.65 -23.50 -3.48
N VAL H 208 51.18 -22.86 -2.41
CA VAL H 208 52.06 -22.24 -1.42
C VAL H 208 52.44 -23.40 -0.47
N ALA H 209 53.57 -24.03 -0.73
CA ALA H 209 54.04 -25.18 0.02
C ALA H 209 54.80 -24.69 1.25
N ARG H 210 54.07 -24.32 2.30
CA ARG H 210 54.60 -23.68 3.50
C ARG H 210 55.59 -24.50 4.32
N GLY H 211 55.51 -25.82 4.27
CA GLY H 211 56.45 -26.68 5.00
C GLY H 211 57.90 -26.44 4.62
N ASP H 212 58.24 -26.65 3.34
CA ASP H 212 59.60 -26.41 2.86
C ASP H 212 59.89 -24.94 2.77
N LEU H 213 58.92 -24.12 2.36
CA LEU H 213 59.12 -22.67 2.28
C LEU H 213 59.54 -22.08 3.63
N GLY H 214 58.93 -22.57 4.71
CA GLY H 214 59.23 -22.17 6.07
C GLY H 214 60.58 -22.58 6.59
N ILE H 215 61.28 -23.46 5.87
CA ILE H 215 62.63 -23.84 6.23
C ILE H 215 63.65 -23.21 5.24
N GLU H 216 63.25 -22.94 3.99
CA GLU H 216 64.09 -22.30 2.98
C GLU H 216 64.22 -20.80 3.20
N ILE H 217 63.16 -20.16 3.69
CA ILE H 217 63.16 -18.73 4.02
C ILE H 217 62.80 -18.58 5.52
N PRO H 218 63.09 -17.44 6.17
CA PRO H 218 62.72 -17.28 7.59
C PRO H 218 61.23 -17.53 7.82
N ALA H 219 60.90 -18.28 8.87
CA ALA H 219 59.52 -18.64 9.18
C ALA H 219 58.58 -17.43 9.26
N GLU H 220 59.06 -16.32 9.79
CA GLU H 220 58.27 -15.10 9.94
C GLU H 220 58.00 -14.37 8.63
N LYS H 221 58.54 -14.85 7.50
CA LYS H 221 58.30 -14.23 6.19
C LYS H 221 57.33 -15.04 5.33
N VAL H 222 56.95 -16.27 5.74
CA VAL H 222 56.07 -17.12 4.96
C VAL H 222 54.73 -16.45 4.69
N PHE H 223 54.16 -15.76 5.69
CA PHE H 223 52.87 -15.07 5.49
C PHE H 223 52.93 -14.01 4.36
N LEU H 224 54.09 -13.35 4.17
CA LEU H 224 54.23 -12.36 3.11
C LEU H 224 54.21 -13.06 1.75
N ALA H 225 54.91 -14.22 1.65
CA ALA H 225 54.96 -14.99 0.42
C ALA H 225 53.57 -15.57 0.11
N GLN H 226 52.86 -16.08 1.12
CA GLN H 226 51.52 -16.61 0.94
C GLN H 226 50.56 -15.52 0.42
N LYS H 227 50.50 -14.36 1.09
CA LYS H 227 49.59 -13.30 0.72
C LYS H 227 49.92 -12.73 -0.66
N MET H 228 51.21 -12.64 -1.00
CA MET H 228 51.64 -12.16 -2.32
C MET H 228 51.20 -13.13 -3.43
N MET H 229 51.47 -14.43 -3.26
CA MET H 229 51.17 -15.43 -4.26
C MET H 229 49.67 -15.57 -4.45
N ILE H 230 48.90 -15.55 -3.37
CA ILE H 230 47.45 -15.62 -3.48
C ILE H 230 46.91 -14.40 -4.25
N GLY H 231 47.38 -13.20 -3.92
CA GLY H 231 47.00 -11.98 -4.61
C GLY H 231 47.30 -12.04 -6.11
N ARG H 232 48.51 -12.48 -6.48
CA ARG H 232 48.92 -12.57 -7.88
C ARG H 232 48.16 -13.60 -8.65
N CYS H 233 47.83 -14.74 -8.01
CA CYS H 233 47.02 -15.78 -8.64
C CYS H 233 45.61 -15.29 -8.84
N ASN H 234 45.03 -14.58 -7.85
CA ASN H 234 43.70 -13.98 -7.96
C ASN H 234 43.66 -12.99 -9.12
N LEU H 235 44.74 -12.21 -9.27
CA LEU H 235 44.85 -11.22 -10.34
C LEU H 235 44.93 -11.93 -11.72
N ALA H 236 45.71 -13.03 -11.80
CA ALA H 236 45.85 -13.81 -13.01
C ALA H 236 44.63 -14.72 -13.32
N GLY H 237 43.73 -14.91 -12.35
CA GLY H 237 42.60 -15.81 -12.53
C GLY H 237 43.03 -17.26 -12.59
N LYS H 238 44.10 -17.62 -11.85
CA LYS H 238 44.59 -19.00 -11.83
C LYS H 238 44.49 -19.54 -10.42
N PRO H 239 44.19 -20.85 -10.29
CA PRO H 239 44.03 -21.41 -8.94
C PRO H 239 45.25 -21.34 -8.04
N VAL H 240 45.01 -21.10 -6.75
CA VAL H 240 46.08 -21.10 -5.76
C VAL H 240 45.65 -21.95 -4.55
N VAL H 241 46.57 -22.83 -4.10
CA VAL H 241 46.33 -23.71 -2.97
C VAL H 241 47.14 -23.26 -1.79
N CYS H 242 46.52 -23.21 -0.60
CA CYS H 242 47.30 -22.95 0.61
C CYS H 242 47.52 -24.30 1.26
N ALA H 243 48.77 -24.65 1.57
CA ALA H 243 49.08 -25.96 2.11
C ALA H 243 49.96 -25.96 3.36
N THR H 244 49.88 -27.07 4.14
CA THR H 244 50.75 -27.54 5.23
C THR H 244 50.50 -26.92 6.61
N GLN H 245 50.28 -27.82 7.59
CA GLN H 245 50.08 -27.57 9.01
C GLN H 245 48.90 -26.70 9.35
N MET H 246 47.88 -26.66 8.45
CA MET H 246 46.69 -25.85 8.68
C MET H 246 45.93 -26.28 9.92
N LEU H 247 45.80 -27.60 10.15
CA LEU H 247 45.11 -28.17 11.33
C LEU H 247 46.01 -29.27 11.94
N GLU H 248 47.33 -29.05 11.97
CA GLU H 248 48.34 -30.01 12.43
C GLU H 248 48.02 -30.77 13.73
N SER H 249 47.56 -30.09 14.77
CA SER H 249 47.21 -30.72 16.03
C SER H 249 46.07 -31.73 15.91
N MET H 250 45.24 -31.67 14.84
CA MET H 250 44.18 -32.68 14.62
C MET H 250 44.71 -34.03 14.15
N ILE H 251 46.05 -34.17 13.98
CA ILE H 251 46.62 -35.48 13.69
C ILE H 251 46.40 -36.39 14.95
N THR H 252 46.50 -35.81 16.16
CA THR H 252 46.35 -36.55 17.40
C THR H 252 45.19 -36.10 18.26
N LYS H 253 44.70 -34.85 18.09
CA LYS H 253 43.61 -34.34 18.91
C LYS H 253 42.30 -34.13 18.14
N PRO H 254 41.15 -34.32 18.84
CA PRO H 254 39.83 -34.20 18.16
C PRO H 254 39.43 -32.80 17.66
N ARG H 255 39.98 -31.74 18.31
CA ARG H 255 39.70 -30.34 18.01
C ARG H 255 41.00 -29.57 17.76
N PRO H 256 41.00 -28.60 16.84
CA PRO H 256 42.24 -27.87 16.55
C PRO H 256 42.48 -26.72 17.55
N THR H 257 43.67 -26.08 17.45
CA THR H 257 44.00 -24.95 18.30
C THR H 257 43.38 -23.67 17.74
N ARG H 258 43.39 -22.58 18.53
CA ARG H 258 42.86 -21.30 18.10
C ARG H 258 43.66 -20.73 16.92
N ALA H 259 44.97 -21.01 16.84
CA ALA H 259 45.80 -20.53 15.75
C ALA H 259 45.49 -21.27 14.44
N GLU H 260 45.17 -22.57 14.54
CA GLU H 260 44.83 -23.39 13.39
C GLU H 260 43.52 -22.98 12.72
N THR H 261 42.45 -22.73 13.53
CA THR H 261 41.19 -22.28 12.93
C THR H 261 41.37 -20.89 12.28
N SER H 262 42.14 -20.04 12.93
CA SER H 262 42.46 -18.72 12.46
C SER H 262 43.23 -18.80 11.11
N ASP H 263 44.19 -19.71 11.00
CA ASP H 263 44.98 -19.93 9.81
C ASP H 263 44.10 -20.34 8.62
N VAL H 264 43.14 -21.28 8.84
CA VAL H 264 42.25 -21.71 7.78
C VAL H 264 41.38 -20.55 7.33
N ALA H 265 40.80 -19.82 8.29
CA ALA H 265 39.93 -18.70 7.98
C ALA H 265 40.67 -17.60 7.22
N ASN H 266 41.92 -17.32 7.63
CA ASN H 266 42.72 -16.32 6.96
C ASN H 266 43.18 -16.74 5.58
N ALA H 267 43.44 -18.03 5.33
CA ALA H 267 43.81 -18.48 3.98
C ALA H 267 42.62 -18.26 3.02
N VAL H 268 41.37 -18.56 3.49
CA VAL H 268 40.17 -18.35 2.71
C VAL H 268 39.96 -16.85 2.50
N LEU H 269 40.09 -16.02 3.55
CA LEU H 269 39.96 -14.58 3.42
C LEU H 269 41.01 -14.00 2.47
N ASP H 270 42.26 -14.51 2.48
CA ASP H 270 43.34 -14.08 1.59
C ASP H 270 42.95 -14.23 0.13
N GLY H 271 42.21 -15.32 -0.19
CA GLY H 271 41.77 -15.57 -1.55
C GLY H 271 42.17 -16.93 -2.10
N ALA H 272 42.55 -17.87 -1.22
CA ALA H 272 42.93 -19.22 -1.69
C ALA H 272 41.75 -19.95 -2.31
N ASP H 273 41.97 -20.56 -3.47
CA ASP H 273 40.94 -21.37 -4.12
C ASP H 273 40.78 -22.70 -3.40
N CYS H 274 41.90 -23.28 -2.93
CA CYS H 274 41.91 -24.58 -2.25
C CYS H 274 42.67 -24.50 -0.94
N ILE H 275 42.30 -25.32 0.00
CA ILE H 275 43.00 -25.49 1.27
C ILE H 275 43.34 -26.99 1.36
N MET H 276 44.47 -27.31 2.01
CA MET H 276 44.94 -28.69 2.03
C MET H 276 45.14 -29.28 3.43
N LEU H 277 44.99 -30.61 3.51
CA LEU H 277 45.25 -31.41 4.70
C LEU H 277 46.30 -32.46 4.29
N SER H 278 47.37 -32.61 5.08
CA SER H 278 48.45 -33.54 4.80
C SER H 278 48.38 -34.67 5.85
N GLY H 279 49.11 -34.57 6.97
CA GLY H 279 49.10 -35.57 8.00
C GLY H 279 47.75 -35.75 8.62
N GLU H 280 46.94 -34.67 8.66
CA GLU H 280 45.59 -34.69 9.23
C GLU H 280 44.73 -35.75 8.57
N THR H 281 44.86 -35.97 7.24
CA THR H 281 44.07 -37.02 6.59
C THR H 281 44.88 -38.25 6.21
N ALA H 282 46.19 -38.10 5.99
CA ALA H 282 47.04 -39.22 5.59
C ALA H 282 47.37 -40.20 6.71
N LYS H 283 47.68 -39.71 7.93
CA LYS H 283 48.13 -40.60 8.98
C LYS H 283 47.53 -40.40 10.38
N GLY H 284 46.77 -39.34 10.61
CA GLY H 284 46.22 -39.05 11.92
C GLY H 284 45.00 -39.86 12.32
N ASN H 285 44.46 -39.58 13.51
CA ASN H 285 43.27 -40.33 13.99
C ASN H 285 41.94 -39.63 13.68
N PHE H 286 41.99 -38.44 13.06
CA PHE H 286 40.79 -37.68 12.79
C PHE H 286 40.68 -37.19 11.34
N PRO H 287 40.83 -38.07 10.31
CA PRO H 287 40.74 -37.57 8.93
C PRO H 287 39.42 -36.97 8.55
N VAL H 288 38.29 -37.60 8.93
CA VAL H 288 36.97 -37.12 8.57
C VAL H 288 36.66 -35.82 9.32
N GLU H 289 37.05 -35.74 10.60
CA GLU H 289 36.82 -34.56 11.42
C GLU H 289 37.66 -33.40 10.94
N ALA H 290 38.88 -33.66 10.42
CA ALA H 290 39.73 -32.60 9.90
C ALA H 290 39.06 -32.00 8.61
N VAL H 291 38.44 -32.83 7.78
CA VAL H 291 37.73 -32.38 6.57
C VAL H 291 36.49 -31.57 6.99
N LYS H 292 35.75 -32.05 8.01
CA LYS H 292 34.58 -31.35 8.52
C LYS H 292 34.93 -29.99 9.09
N MET H 293 36.08 -29.89 9.77
CA MET H 293 36.54 -28.64 10.36
C MET H 293 36.91 -27.64 9.29
N GLN H 294 37.63 -28.05 8.27
CA GLN H 294 37.96 -27.15 7.16
C GLN H 294 36.72 -26.69 6.44
N HIS H 295 35.75 -27.60 6.27
CA HIS H 295 34.47 -27.26 5.64
C HIS H 295 33.74 -26.17 6.45
N ALA H 296 33.62 -26.37 7.77
CA ALA H 296 32.95 -25.43 8.65
C ALA H 296 33.62 -24.06 8.67
N ILE H 297 34.97 -23.99 8.78
CA ILE H 297 35.67 -22.70 8.79
C ILE H 297 35.57 -21.99 7.44
N ALA H 298 35.80 -22.71 6.32
CA ALA H 298 35.74 -22.12 4.99
C ALA H 298 34.38 -21.47 4.72
N ARG H 299 33.28 -22.12 5.09
CA ARG H 299 31.93 -21.56 4.92
C ARG H 299 31.77 -20.26 5.68
N GLU H 300 32.26 -20.19 6.95
CA GLU H 300 32.16 -18.98 7.74
C GLU H 300 32.99 -17.87 7.12
N ALA H 301 34.21 -18.18 6.68
CA ALA H 301 35.12 -17.20 6.12
C ALA H 301 34.65 -16.67 4.76
N GLU H 302 34.00 -17.53 3.93
CA GLU H 302 33.48 -17.10 2.64
C GLU H 302 32.35 -16.08 2.80
N ALA H 303 31.48 -16.24 3.80
CA ALA H 303 30.42 -15.28 4.04
C ALA H 303 30.99 -13.93 4.51
N ALA H 304 32.15 -13.94 5.21
CA ALA H 304 32.81 -12.73 5.72
C ALA H 304 33.65 -12.00 4.65
N VAL H 305 33.70 -12.48 3.41
CA VAL H 305 34.46 -11.82 2.35
C VAL H 305 33.78 -10.48 2.02
N TYR H 306 34.58 -9.42 1.88
CA TYR H 306 34.08 -8.08 1.58
C TYR H 306 33.93 -7.90 0.08
N HIS H 307 32.90 -8.51 -0.50
CA HIS H 307 32.66 -8.47 -1.95
C HIS H 307 32.56 -7.07 -2.54
N ARG H 308 32.10 -6.08 -1.77
CA ARG H 308 31.97 -4.72 -2.28
C ARG H 308 33.29 -4.17 -2.82
N GLN H 309 34.38 -4.25 -2.05
CA GLN H 309 35.67 -3.78 -2.54
C GLN H 309 36.35 -4.85 -3.42
N LEU H 310 36.22 -6.14 -3.05
CA LEU H 310 36.81 -7.23 -3.82
C LEU H 310 36.39 -7.24 -5.28
N PHE H 311 35.08 -7.21 -5.56
CA PHE H 311 34.60 -7.20 -6.93
C PHE H 311 35.07 -5.98 -7.71
N GLU H 312 35.03 -4.79 -7.07
CA GLU H 312 35.50 -3.55 -7.68
C GLU H 312 36.96 -3.62 -8.05
N GLU H 313 37.79 -4.19 -7.16
CA GLU H 313 39.22 -4.31 -7.43
C GLU H 313 39.52 -5.38 -8.47
N LEU H 314 38.78 -6.50 -8.48
CA LEU H 314 39.01 -7.54 -9.49
C LEU H 314 38.65 -7.01 -10.87
N ARG H 315 37.53 -6.24 -10.99
CA ARG H 315 37.16 -5.72 -12.30
C ARG H 315 38.13 -4.57 -12.73
N ARG H 316 38.55 -3.71 -11.80
CA ARG H 316 39.52 -2.64 -12.13
C ARG H 316 40.88 -3.20 -12.54
N ALA H 317 41.35 -4.26 -11.87
CA ALA H 317 42.66 -4.85 -12.17
C ALA H 317 42.67 -5.69 -13.43
N ALA H 318 41.54 -6.33 -13.75
CA ALA H 318 41.47 -7.18 -14.92
C ALA H 318 41.51 -6.31 -16.17
N PRO H 319 42.36 -6.69 -17.12
CA PRO H 319 42.47 -5.88 -18.35
C PRO H 319 41.26 -6.02 -19.28
N LEU H 320 41.10 -5.07 -20.21
CA LEU H 320 40.07 -5.16 -21.23
C LEU H 320 40.25 -6.43 -22.05
N SER H 321 39.14 -7.01 -22.51
CA SER H 321 39.24 -8.24 -23.26
C SER H 321 38.33 -8.26 -24.43
N ARG H 322 38.79 -8.84 -25.51
CA ARG H 322 37.96 -9.04 -26.69
C ARG H 322 37.49 -10.51 -26.80
N ASP H 323 37.70 -11.34 -25.74
CA ASP H 323 37.29 -12.71 -25.74
C ASP H 323 35.85 -12.80 -25.24
N PRO H 324 34.92 -13.32 -26.03
CA PRO H 324 33.51 -13.36 -25.59
C PRO H 324 33.24 -14.15 -24.32
N THR H 325 34.05 -15.19 -24.01
CA THR H 325 33.86 -15.94 -22.76
C THR H 325 34.18 -15.01 -21.58
N GLU H 326 35.28 -14.28 -21.66
CA GLU H 326 35.78 -13.34 -20.67
C GLU H 326 34.71 -12.21 -20.44
N VAL H 327 34.17 -11.64 -21.54
CA VAL H 327 33.16 -10.59 -21.52
C VAL H 327 31.82 -11.08 -20.92
N THR H 328 31.38 -12.30 -21.30
CA THR H 328 30.15 -12.87 -20.77
C THR H 328 30.30 -13.19 -19.29
N ALA H 329 31.46 -13.67 -18.86
CA ALA H 329 31.72 -13.98 -17.45
C ALA H 329 31.57 -12.73 -16.54
N ILE H 330 32.16 -11.58 -16.90
CA ILE H 330 32.03 -10.39 -16.06
C ILE H 330 30.57 -9.86 -16.07
N GLY H 331 29.90 -9.93 -17.21
CA GLY H 331 28.49 -9.55 -17.31
C GLY H 331 27.61 -10.44 -16.43
N ALA H 332 27.90 -11.76 -16.41
CA ALA H 332 27.12 -12.70 -15.60
C ALA H 332 27.35 -12.51 -14.12
N VAL H 333 28.58 -12.19 -13.70
CA VAL H 333 28.88 -11.97 -12.28
C VAL H 333 28.22 -10.66 -11.82
N GLU H 334 28.24 -9.63 -12.67
CA GLU H 334 27.57 -8.35 -12.39
C GLU H 334 26.06 -8.57 -12.25
N ALA H 335 25.46 -9.34 -13.16
CA ALA H 335 24.03 -9.67 -13.13
C ALA H 335 23.69 -10.48 -11.88
N ALA H 336 24.52 -11.46 -11.50
CA ALA H 336 24.29 -12.26 -10.30
C ALA H 336 24.29 -11.41 -9.02
N PHE H 337 25.17 -10.42 -8.91
CA PHE H 337 25.20 -9.52 -7.76
C PHE H 337 23.97 -8.62 -7.69
N LYS H 338 23.49 -8.14 -8.84
CA LYS H 338 22.35 -7.25 -8.95
C LYS H 338 21.06 -7.85 -8.38
N CYS H 339 20.85 -9.15 -8.59
CA CYS H 339 19.62 -9.81 -8.15
C CYS H 339 19.82 -10.77 -7.00
N CYS H 340 21.05 -10.90 -6.43
CA CYS H 340 21.34 -11.89 -5.38
C CYS H 340 20.99 -13.29 -5.88
N ALA H 341 21.43 -13.60 -7.13
CA ALA H 341 21.19 -14.89 -7.77
C ALA H 341 21.70 -16.02 -6.87
N ALA H 342 20.91 -17.10 -6.73
CA ALA H 342 21.31 -18.26 -5.95
C ALA H 342 22.49 -19.00 -6.63
N ALA H 343 22.57 -18.94 -7.97
CA ALA H 343 23.60 -19.65 -8.70
C ALA H 343 23.79 -19.06 -10.12
N ILE H 344 24.94 -19.38 -10.72
CA ILE H 344 25.25 -19.12 -12.10
C ILE H 344 25.43 -20.52 -12.67
N ILE H 345 24.52 -20.99 -13.54
CA ILE H 345 24.65 -22.31 -14.16
C ILE H 345 25.40 -22.12 -15.46
N VAL H 346 26.52 -22.84 -15.65
CA VAL H 346 27.34 -22.69 -16.85
C VAL H 346 27.58 -24.04 -17.53
N LEU H 347 27.50 -24.07 -18.86
CA LEU H 347 27.83 -25.26 -19.61
C LEU H 347 29.29 -25.12 -19.97
N THR H 348 30.09 -26.16 -19.71
CA THR H 348 31.51 -26.11 -20.02
C THR H 348 32.04 -27.47 -20.47
N THR H 349 32.99 -27.47 -21.42
CA THR H 349 33.56 -28.71 -21.95
C THR H 349 34.93 -28.92 -21.31
N THR H 350 35.75 -27.84 -21.20
CA THR H 350 37.10 -27.89 -20.64
C THR H 350 37.17 -27.33 -19.20
N GLY H 351 36.12 -26.66 -18.73
CA GLY H 351 36.10 -25.99 -17.44
C GLY H 351 36.43 -24.51 -17.52
N ARG H 352 36.94 -24.05 -18.69
CA ARG H 352 37.37 -22.67 -18.84
C ARG H 352 36.28 -21.62 -18.57
N SER H 353 35.05 -21.84 -19.04
CA SER H 353 33.98 -20.84 -18.81
C SER H 353 33.65 -20.71 -17.34
N ALA H 354 33.72 -21.80 -16.58
CA ALA H 354 33.47 -21.77 -15.15
C ALA H 354 34.63 -21.06 -14.44
N GLN H 355 35.88 -21.30 -14.88
CA GLN H 355 37.06 -20.64 -14.30
C GLN H 355 37.00 -19.11 -14.49
N LEU H 356 36.58 -18.62 -15.69
CA LEU H 356 36.48 -17.20 -15.91
C LEU H 356 35.34 -16.56 -15.07
N LEU H 357 34.32 -17.33 -14.68
CA LEU H 357 33.28 -16.82 -13.78
C LEU H 357 33.88 -16.70 -12.36
N SER H 358 34.56 -17.75 -11.93
CA SER H 358 35.19 -17.91 -10.64
C SER H 358 36.21 -16.79 -10.31
N ARG H 359 36.95 -16.30 -11.30
CA ARG H 359 37.99 -15.27 -11.08
C ARG H 359 37.42 -13.94 -10.56
N TYR H 360 36.11 -13.67 -10.79
CA TYR H 360 35.47 -12.44 -10.29
C TYR H 360 34.86 -12.62 -8.91
N ARG H 361 35.04 -13.81 -8.30
CA ARG H 361 34.60 -14.12 -6.95
C ARG H 361 33.14 -13.77 -6.70
N PRO H 362 32.21 -14.33 -7.50
CA PRO H 362 30.80 -14.10 -7.21
C PRO H 362 30.39 -14.73 -5.88
N ARG H 363 29.36 -14.17 -5.27
CA ARG H 363 28.77 -14.75 -4.07
C ARG H 363 27.93 -15.98 -4.50
N ALA H 364 27.28 -15.92 -5.69
CA ALA H 364 26.47 -17.00 -6.25
C ALA H 364 27.34 -18.22 -6.61
N ALA H 365 26.85 -19.42 -6.32
CA ALA H 365 27.55 -20.64 -6.64
C ALA H 365 27.65 -20.78 -8.18
N VAL H 366 28.78 -21.26 -8.70
CA VAL H 366 28.92 -21.48 -10.14
C VAL H 366 28.70 -22.96 -10.36
N ILE H 367 27.50 -23.33 -10.81
CA ILE H 367 27.18 -24.71 -11.05
C ILE H 367 27.60 -25.06 -12.46
N ALA H 368 28.66 -25.87 -12.61
CA ALA H 368 29.20 -26.19 -13.92
C ALA H 368 28.72 -27.52 -14.42
N VAL H 369 27.96 -27.52 -15.52
CA VAL H 369 27.47 -28.76 -16.10
C VAL H 369 28.36 -29.18 -17.24
N THR H 370 28.96 -30.36 -17.14
CA THR H 370 29.87 -30.85 -18.17
C THR H 370 29.69 -32.32 -18.45
N ARG H 371 30.03 -32.75 -19.65
CA ARG H 371 30.08 -34.17 -20.03
C ARG H 371 31.50 -34.74 -19.83
N SER H 372 32.52 -33.89 -19.66
CA SER H 372 33.87 -34.36 -19.47
C SER H 372 34.10 -34.73 -18.00
N ALA H 373 34.31 -36.00 -17.70
CA ALA H 373 34.57 -36.45 -16.33
C ALA H 373 35.86 -35.80 -15.80
N GLN H 374 36.89 -35.62 -16.65
CA GLN H 374 38.12 -34.98 -16.23
C GLN H 374 37.92 -33.49 -15.89
N ALA H 375 37.19 -32.73 -16.74
CA ALA H 375 36.91 -31.32 -16.46
C ALA H 375 36.10 -31.20 -15.17
N ALA H 376 35.14 -32.08 -14.94
CA ALA H 376 34.34 -32.08 -13.71
C ALA H 376 35.24 -32.24 -12.47
N ARG H 377 36.29 -33.06 -12.55
CA ARG H 377 37.21 -33.22 -11.44
C ARG H 377 38.15 -32.00 -11.31
N GLN H 378 38.66 -31.51 -12.44
CA GLN H 378 39.61 -30.39 -12.44
C GLN H 378 39.02 -29.03 -12.03
N VAL H 379 37.70 -28.78 -12.23
CA VAL H 379 37.15 -27.49 -11.87
C VAL H 379 37.09 -27.27 -10.35
N HIS H 380 37.34 -28.30 -9.52
CA HIS H 380 37.44 -28.12 -8.06
C HIS H 380 38.62 -27.19 -7.72
N LEU H 381 39.58 -26.99 -8.65
CA LEU H 381 40.70 -26.07 -8.39
C LEU H 381 40.23 -24.61 -8.32
N CYS H 382 39.05 -24.27 -8.89
CA CYS H 382 38.56 -22.90 -8.91
C CYS H 382 37.53 -22.69 -7.86
N ARG H 383 37.71 -21.69 -7.01
CA ARG H 383 36.77 -21.40 -5.94
C ARG H 383 35.36 -21.14 -6.43
N GLY H 384 34.39 -21.75 -5.78
CA GLY H 384 32.98 -21.52 -6.07
C GLY H 384 32.43 -22.25 -7.25
N VAL H 385 33.18 -23.22 -7.82
CA VAL H 385 32.70 -24.03 -8.94
C VAL H 385 32.26 -25.38 -8.42
N PHE H 386 30.99 -25.74 -8.62
CA PHE H 386 30.36 -26.98 -8.20
C PHE H 386 30.09 -27.79 -9.45
N PRO H 387 30.92 -28.81 -9.70
CA PRO H 387 30.78 -29.55 -10.97
C PRO H 387 29.72 -30.63 -10.97
N LEU H 388 29.00 -30.71 -12.08
CA LEU H 388 27.98 -31.71 -12.28
C LEU H 388 28.34 -32.48 -13.54
N LEU H 389 28.48 -33.79 -13.44
CA LEU H 389 28.77 -34.62 -14.60
C LEU H 389 27.45 -35.07 -15.26
N TYR H 390 27.21 -34.62 -16.47
CA TYR H 390 26.04 -34.97 -17.26
C TYR H 390 26.39 -36.24 -18.01
N ARG H 391 25.54 -37.29 -17.88
CA ARG H 391 25.85 -38.58 -18.49
C ARG H 391 25.07 -38.94 -19.73
N GLU H 392 23.96 -38.22 -19.99
CA GLU H 392 23.12 -38.50 -21.15
C GLU H 392 23.80 -38.24 -22.48
N PRO H 393 23.57 -39.10 -23.48
CA PRO H 393 24.15 -38.85 -24.80
C PRO H 393 23.43 -37.64 -25.45
N PRO H 394 24.15 -36.89 -26.30
CA PRO H 394 23.53 -35.71 -26.93
C PRO H 394 22.16 -35.90 -27.56
N GLU H 395 21.25 -34.93 -27.41
CA GLU H 395 19.96 -34.89 -28.08
C GLU H 395 20.21 -34.55 -29.57
N ALA H 396 19.30 -34.91 -30.44
CA ALA H 396 19.40 -34.65 -31.89
C ALA H 396 19.38 -33.13 -32.16
N ILE H 397 18.53 -32.39 -31.45
CA ILE H 397 18.47 -30.94 -31.60
C ILE H 397 19.36 -30.31 -30.53
N TRP H 398 20.43 -29.61 -30.97
CA TRP H 398 21.41 -29.03 -30.07
C TRP H 398 20.79 -28.10 -29.00
N ALA H 399 19.87 -27.21 -29.38
CA ALA H 399 19.20 -26.36 -28.40
C ALA H 399 18.50 -27.17 -27.28
N ASP H 400 17.91 -28.33 -27.61
CA ASP H 400 17.26 -29.17 -26.60
C ASP H 400 18.31 -29.84 -25.71
N ASP H 401 19.47 -30.23 -26.26
CA ASP H 401 20.59 -30.79 -25.48
C ASP H 401 21.11 -29.73 -24.49
N VAL H 402 21.13 -28.46 -24.91
CA VAL H 402 21.52 -27.37 -24.05
C VAL H 402 20.51 -27.23 -22.93
N ASP H 403 19.21 -27.17 -23.23
CA ASP H 403 18.15 -27.04 -22.24
C ASP H 403 18.09 -28.20 -21.24
N ARG H 404 18.33 -29.44 -21.71
CA ARG H 404 18.31 -30.58 -20.82
C ARG H 404 19.44 -30.50 -19.80
N ARG H 405 20.61 -30.01 -20.19
CA ARG H 405 21.74 -29.85 -19.28
C ARG H 405 21.49 -28.74 -18.27
N VAL H 406 20.84 -27.67 -18.69
CA VAL H 406 20.50 -26.56 -17.81
C VAL H 406 19.48 -27.05 -16.79
N GLN H 407 18.48 -27.83 -17.22
CA GLN H 407 17.49 -28.42 -16.31
C GLN H 407 18.15 -29.42 -15.37
N PHE H 408 19.16 -30.16 -15.85
CA PHE H 408 19.95 -31.06 -15.00
C PHE H 408 20.63 -30.25 -13.87
N GLY H 409 21.18 -29.07 -14.22
CA GLY H 409 21.79 -28.17 -13.26
C GLY H 409 20.80 -27.66 -12.23
N ILE H 410 19.56 -27.33 -12.64
CA ILE H 410 18.50 -26.86 -11.75
C ILE H 410 18.02 -27.97 -10.80
N GLU H 411 17.76 -29.18 -11.34
CA GLU H 411 17.29 -30.28 -10.53
C GLU H 411 18.33 -30.71 -9.50
N SER H 412 19.63 -30.71 -9.87
CA SER H 412 20.70 -31.02 -8.93
C SER H 412 20.80 -29.93 -7.86
N GLY H 413 20.65 -28.67 -8.26
CA GLY H 413 20.70 -27.54 -7.37
C GLY H 413 19.59 -27.59 -6.35
N LYS H 414 18.37 -27.97 -6.78
CA LYS H 414 17.22 -28.10 -5.88
C LYS H 414 17.45 -29.26 -4.92
N LEU H 415 17.93 -30.41 -5.42
CA LEU H 415 18.19 -31.56 -4.58
C LEU H 415 19.24 -31.27 -3.52
N ARG H 416 20.34 -30.59 -3.91
CA ARG H 416 21.43 -30.31 -2.99
C ARG H 416 21.23 -29.10 -2.09
N GLY H 417 20.15 -28.34 -2.28
CA GLY H 417 19.88 -27.19 -1.43
C GLY H 417 20.37 -25.85 -1.91
N PHE H 418 20.97 -25.80 -3.12
CA PHE H 418 21.43 -24.53 -3.70
C PHE H 418 20.26 -23.65 -4.14
N LEU H 419 19.18 -24.27 -4.62
CA LEU H 419 18.07 -23.56 -5.24
C LEU H 419 16.73 -23.97 -4.70
N ARG H 420 15.77 -23.08 -4.81
CA ARG H 420 14.38 -23.30 -4.45
C ARG H 420 13.54 -22.51 -5.45
N VAL H 421 12.27 -22.87 -5.62
CA VAL H 421 11.32 -22.18 -6.48
C VAL H 421 11.25 -20.69 -6.09
N GLY H 422 11.29 -19.82 -7.09
CA GLY H 422 11.29 -18.38 -6.85
C GLY H 422 12.66 -17.75 -6.91
N ASP H 423 13.72 -18.55 -6.83
CA ASP H 423 15.09 -18.03 -6.93
C ASP H 423 15.39 -17.55 -8.35
N LEU H 424 16.36 -16.65 -8.49
CA LEU H 424 16.83 -16.22 -9.79
C LEU H 424 18.20 -16.89 -10.04
N VAL H 425 18.44 -17.41 -11.24
CA VAL H 425 19.74 -17.92 -11.64
C VAL H 425 20.18 -17.19 -12.92
N ILE H 426 21.49 -17.15 -13.13
CA ILE H 426 22.10 -16.61 -14.33
C ILE H 426 22.56 -17.87 -15.08
N VAL H 427 22.20 -18.02 -16.36
CA VAL H 427 22.59 -19.18 -17.14
C VAL H 427 23.57 -18.75 -18.23
N VAL H 428 24.76 -19.38 -18.27
CA VAL H 428 25.81 -19.04 -19.21
C VAL H 428 26.01 -20.16 -20.20
N THR H 429 25.80 -19.87 -21.50
CA THR H 429 25.91 -20.84 -22.58
C THR H 429 26.64 -20.20 -23.78
N GLY H 430 26.80 -20.96 -24.88
CA GLY H 430 27.43 -20.46 -26.09
C GLY H 430 26.54 -20.53 -27.31
N TRP H 431 27.05 -20.05 -28.44
CA TRP H 431 26.26 -19.98 -29.65
C TRP H 431 26.35 -21.21 -30.55
N ARG H 432 27.35 -22.06 -30.33
CA ARG H 432 27.50 -23.28 -31.11
C ARG H 432 28.13 -24.38 -30.23
N PRO H 433 28.04 -25.66 -30.65
CA PRO H 433 28.71 -26.73 -29.87
C PRO H 433 30.23 -26.61 -29.97
N GLY H 434 30.90 -27.28 -29.04
CA GLY H 434 32.33 -27.22 -28.95
C GLY H 434 32.76 -26.14 -28.00
N SER H 435 33.96 -26.30 -27.48
CA SER H 435 34.64 -25.47 -26.53
C SER H 435 35.05 -24.15 -27.17
N GLY H 436 35.06 -23.07 -26.37
CA GLY H 436 35.53 -21.75 -26.75
C GLY H 436 34.54 -20.76 -27.32
N TYR H 437 33.23 -21.11 -27.34
CA TYR H 437 32.21 -20.26 -27.92
C TYR H 437 31.13 -19.72 -26.95
N THR H 438 31.42 -19.65 -25.62
CA THR H 438 30.50 -19.08 -24.64
C THR H 438 30.30 -17.60 -24.98
N ASN H 439 29.05 -17.12 -25.01
CA ASN H 439 28.79 -15.73 -25.34
C ASN H 439 27.40 -15.25 -24.88
N ILE H 440 26.63 -16.10 -24.17
CA ILE H 440 25.28 -15.74 -23.77
C ILE H 440 25.09 -15.84 -22.27
N MET H 441 24.46 -14.83 -21.67
CA MET H 441 23.99 -14.92 -20.29
C MET H 441 22.46 -14.64 -20.25
N ARG H 442 21.70 -15.50 -19.55
CA ARG H 442 20.24 -15.38 -19.40
CA ARG H 442 20.27 -15.28 -19.41
C ARG H 442 19.84 -15.28 -17.94
N VAL H 443 18.83 -14.48 -17.64
CA VAL H 443 18.28 -14.38 -16.28
C VAL H 443 17.05 -15.28 -16.26
N LEU H 444 17.06 -16.28 -15.39
CA LEU H 444 16.01 -17.30 -15.32
C LEU H 444 15.39 -17.38 -13.93
N SER H 445 14.08 -17.49 -13.85
CA SER H 445 13.37 -17.63 -12.59
C SER H 445 13.12 -19.12 -12.36
N ILE H 446 13.50 -19.64 -11.18
CA ILE H 446 13.31 -21.05 -10.88
C ILE H 446 11.86 -21.40 -10.62
N SER H 447 11.33 -22.37 -11.38
CA SER H 447 9.95 -22.84 -11.23
C SER H 447 9.92 -24.31 -10.71
P1 FBP I . -57.05 -41.18 6.98
O1P FBP I . -58.38 -41.11 6.29
O2P FBP I . -55.96 -41.65 6.00
O3P FBP I . -57.00 -42.04 8.25
O1 FBP I . -56.68 -39.70 7.51
C1 FBP I . -55.38 -39.31 8.01
C2 FBP I . -55.30 -37.76 7.85
O2 FBP I . -54.14 -37.33 8.52
C3 FBP I . -56.56 -37.03 8.35
O3 FBP I . -56.64 -36.95 9.77
C4 FBP I . -56.49 -35.74 7.56
O4 FBP I . -57.75 -35.08 7.48
C5 FBP I . -56.14 -36.30 6.19
O5 FBP I . -55.21 -37.37 6.48
C6 FBP I . -55.54 -35.33 5.21
O6 FBP I . -56.10 -35.58 3.90
P2 FBP I . -56.16 -34.35 2.83
O4P FBP I . -57.04 -33.29 3.45
O5P FBP I . -56.85 -34.85 1.58
O6P FBP I . -54.77 -33.90 2.55
C1 OXL J . -47.79 -25.29 -27.28
C2 OXL J . -48.40 -26.57 -26.68
O1 OXL J . -48.40 -24.73 -28.18
O2 OXL J . -49.53 -26.96 -27.24
O3 OXL J . -46.66 -24.86 -26.83
O4 OXL J . -47.86 -27.15 -25.74
MG MG K . -50.03 -25.74 -28.80
K K L . -52.25 -31.05 -28.25
P1 FBP M . -46.64 -33.14 32.41
O1P FBP M . -47.21 -31.94 33.19
O2P FBP M . -45.39 -33.63 33.18
O3P FBP M . -47.67 -34.20 32.09
O1 FBP M . -46.09 -32.66 31.00
C1 FBP M . -46.94 -32.14 29.97
C2 FBP M . -46.03 -31.35 29.02
O2 FBP M . -46.84 -30.87 27.97
C3 FBP M . -44.87 -32.23 28.51
O3 FBP M . -45.23 -33.08 27.44
C4 FBP M . -43.83 -31.18 28.16
O4 FBP M . -42.52 -31.74 28.13
C5 FBP M . -43.98 -30.23 29.34
O5 FBP M . -45.38 -30.27 29.67
C6 FBP M . -43.53 -28.81 29.06
O6 FBP M . -42.99 -28.26 30.28
P2 FBP M . -41.78 -27.21 30.24
O4P FBP M . -42.37 -25.93 29.59
O5P FBP M . -41.37 -26.95 31.62
O6P FBP M . -40.67 -27.78 29.35
C1 OXL N . -33.24 2.39 40.82
C2 OXL N . -33.52 1.21 41.77
O1 OXL N . -34.05 2.68 39.97
O2 OXL N . -34.67 0.53 41.59
O3 OXL N . -32.11 3.04 40.95
O4 OXL N . -32.70 0.93 42.63
MG MG O . -30.92 1.68 42.64
K K P . -33.11 -1.73 46.84
O7 O9R Q . -34.70 -6.01 -8.13
S O9R Q . -34.30 -7.22 -8.80
O6 O9R Q . -34.78 -7.47 -10.13
C4 O9R Q . -32.53 -7.26 -8.83
C3 O9R Q . -31.87 -7.84 -9.91
C2 O9R Q . -30.48 -7.95 -9.87
C1 O9R Q . -29.78 -7.47 -8.79
C24 O9R Q . -31.83 -6.76 -7.75
C O9R Q . -30.44 -6.86 -7.74
O O9R Q . -29.77 -6.23 -6.73
C5 O9R Q . -34.76 -8.57 -7.78
C23 O9R Q . -34.91 -8.38 -6.42
C22 O9R Q . -35.34 -9.43 -5.62
C8 O9R Q . -35.64 -10.66 -6.17
C7 O9R Q . -35.43 -10.86 -7.52
C6 O9R Q . -34.99 -9.83 -8.34
C9 O9R Q . -36.41 -11.66 -5.33
N O9R Q . -35.92 -13.04 -5.36
S1 O9R Q . -36.80 -14.17 -4.62
O1 O9R Q . -35.98 -15.33 -4.47
O5 O9R Q . -37.37 -13.56 -3.45
C10 O9R Q . -38.14 -14.55 -5.71
C15 O9R Q . -37.90 -15.30 -6.89
C14 O9R Q . -39.02 -15.61 -7.66
C13 O9R Q . -40.30 -15.23 -7.27
O3 O9R Q . -41.38 -15.74 -7.94
C12 O9R Q . -40.49 -14.45 -6.14
O2 O9R Q . -41.70 -13.99 -5.75
C11 O9R Q . -39.40 -14.10 -5.34
C16 O9R Q . -36.57 -15.81 -7.33
C21 O9R Q . -35.98 -16.90 -6.70
C20 O9R Q . -34.67 -17.26 -6.97
C19 O9R Q . -33.92 -16.53 -7.88
O4 O9R Q . -32.60 -16.82 -8.08
C18 O9R Q . -34.51 -15.48 -8.57
C17 O9R Q . -35.82 -15.12 -8.29
H3 O9R Q . -32.41 -8.20 -10.78
H2 O9R Q . -29.97 -8.40 -10.71
H1 O9R Q . -28.69 -7.58 -8.76
H20 O9R Q . -32.37 -6.32 -6.91
H O9R Q . -29.89 -6.78 -5.90
H19 O9R Q . -34.68 -7.42 -5.96
H18 O9R Q . -35.44 -9.25 -4.55
H5 O9R Q . -35.60 -11.84 -7.96
H4 O9R Q . -34.84 -10.01 -9.39
H6 O9R Q . -37.46 -11.65 -5.62
H7 O9R Q . -36.40 -11.29 -4.31
H8 O9R Q . -35.03 -13.17 -5.85
H12 O9R Q . -38.85 -16.16 -8.58
H11 O9R Q . -41.08 -16.36 -8.66
H10 O9R Q . -42.00 -13.36 -6.45
H9 O9R Q . -39.57 -13.47 -4.48
H17 O9R Q . -36.56 -17.49 -5.99
H16 O9R Q . -34.25 -18.12 -6.43
H15 O9R Q . -32.32 -17.57 -7.49
H14 O9R Q . -33.94 -14.94 -9.32
H13 O9R Q . -36.28 -14.29 -8.83
P1 FBP R . -14.14 19.71 -20.64
O1P FBP R . -14.68 21.09 -20.88
O2P FBP R . -14.66 18.76 -21.71
O3P FBP R . -12.68 19.67 -20.49
O1 FBP R . -14.79 19.20 -19.25
C1 FBP R . -16.19 19.15 -19.00
C2 FBP R . -16.39 18.12 -17.90
O2 FBP R . -17.75 18.15 -17.54
C3 FBP R . -15.47 18.39 -16.69
O3 FBP R . -15.98 19.39 -15.83
C4 FBP R . -15.45 17.04 -16.05
O4 FBP R . -14.34 16.99 -15.15
C5 FBP R . -15.24 16.16 -17.27
O5 FBP R . -15.99 16.80 -18.32
C6 FBP R . -15.74 14.76 -17.09
O6 FBP R . -14.98 13.85 -17.90
P2 FBP R . -14.79 12.35 -17.38
O4P FBP R . -16.11 11.64 -17.42
O5P FBP R . -13.71 11.73 -18.26
O6P FBP R . -14.28 12.46 -15.97
C1 OXL S . -16.65 -18.78 -25.98
C2 OXL S . -16.14 -17.55 -26.78
O1 OXL S . -17.89 -18.81 -25.59
O2 OXL S . -16.89 -16.60 -27.03
O3 OXL S . -15.84 -19.68 -25.74
O4 OXL S . -14.88 -17.61 -27.15
MG MG T . -13.98 -19.30 -26.21
K K U . -11.49 -15.95 -30.47
P1 FBP V . -31.32 35.21 -4.81
O1P FBP V . -32.54 35.94 -5.17
O2P FBP V . -31.08 35.14 -3.28
O3P FBP V . -30.02 35.74 -5.47
O1 FBP V . -31.52 33.74 -5.31
C1 FBP V . -30.69 32.65 -4.91
C2 FBP V . -31.52 31.39 -5.02
O2 FBP V . -30.58 30.36 -4.86
C3 FBP V . -32.30 31.30 -6.35
O3 FBP V . -31.55 30.77 -7.44
C4 FBP V . -33.40 30.36 -5.97
O4 FBP V . -34.54 30.44 -6.84
C5 FBP V . -33.78 30.84 -4.59
O5 FBP V . -32.53 31.27 -4.02
C6 FBP V . -34.40 29.78 -3.74
O6 FBP V . -35.20 30.36 -2.69
P2 FBP V . -36.53 29.59 -2.27
O4P FBP V . -37.29 30.60 -1.46
O5P FBP V . -37.35 29.01 -3.39
O6P FBP V . -36.07 28.41 -1.37
C1 OXL W . -51.27 24.07 24.82
C2 OXL W . -51.71 22.71 25.43
O1 OXL W . -52.18 24.86 24.60
O2 OXL W . -53.00 22.55 25.65
O3 OXL W . -49.98 24.32 24.57
O4 OXL W . -50.88 21.83 25.65
MG MG X . -54.08 24.34 25.17
K K Y . -52.68 30.14 24.35
O7 O9R Z . -36.44 4.08 10.45
S O9R Z . -37.19 4.39 11.64
O6 O9R Z . -36.53 5.05 12.73
C4 O9R Z . -38.58 5.36 11.17
C3 O9R Z . -39.18 5.16 9.93
C2 O9R Z . -40.25 5.95 9.56
C1 O9R Z . -40.74 6.92 10.42
C24 O9R Z . -39.06 6.33 12.04
C O9R Z . -40.14 7.10 11.66
O O9R Z . -40.62 8.05 12.51
C5 O9R Z . -37.88 2.88 12.24
C23 O9R Z . -38.18 2.73 13.57
C22 O9R Z . -38.70 1.53 14.02
C8 O9R Z . -38.92 0.47 13.14
C7 O9R Z . -38.65 0.66 11.79
C6 O9R Z . -38.13 1.86 11.34
C9 O9R Z . -39.29 -0.90 13.64
N O9R Z . -40.55 -0.87 14.38
S1 O9R Z . -40.99 -2.16 15.22
O1 O9R Z . -42.09 -1.76 16.05
O5 O9R Z . -41.15 -3.23 14.28
C10 O9R Z . -39.65 -2.64 16.29
C15 O9R Z . -39.48 -2.13 17.60
C14 O9R Z . -38.62 -2.83 18.43
C13 O9R Z . -37.89 -3.92 17.98
O3 O9R Z . -37.08 -4.56 18.86
C12 O9R Z . -38.01 -4.34 16.66
O2 O9R Z . -37.33 -5.42 16.19
C11 O9R Z . -38.88 -3.69 15.81
C16 O9R Z . -39.90 -0.76 18.04
C21 O9R Z . -39.97 -0.45 19.40
C20 O9R Z . -40.23 0.85 19.83
C19 O9R Z . -40.46 1.85 18.90
O4 O9R Z . -40.82 3.11 19.33
C18 O9R Z . -40.39 1.56 17.55
C17 O9R Z . -40.10 0.27 17.14
H3 O9R Z . -38.81 4.39 9.25
H2 O9R Z . -40.71 5.81 8.59
H1 O9R Z . -41.59 7.53 10.13
H20 O9R Z . -38.58 6.48 13.01
H O9R Z . -41.06 7.59 13.27
H19 O9R Z . -38.01 3.54 14.29
H18 O9R Z . -38.92 1.43 15.08
H5 O9R Z . -38.85 -0.13 11.08
H4 O9R Z . -37.93 1.97 10.28
H6 O9R Z . -39.35 -1.61 12.82
H7 O9R Z . -38.47 -1.24 14.26
H8 O9R Z . -41.10 -0.03 14.21
H12 O9R Z . -38.52 -2.54 19.47
H11 O9R Z . -36.62 -5.31 18.38
H10 O9R Z . -36.48 -5.10 15.80
H9 O9R Z . -38.90 -3.99 14.76
H17 O9R Z . -39.84 -1.22 20.15
H16 O9R Z . -40.23 1.04 20.91
H15 O9R Z . -40.88 3.13 20.32
H14 O9R Z . -40.57 2.35 16.82
H13 O9R Z . -39.96 0.09 16.08
P1 FBP AA . 59.33 37.35 10.36
O1P FBP AA . 58.26 38.18 9.66
O2P FBP AA . 60.62 37.60 9.58
O3P FBP AA . 59.39 37.53 11.85
O1 FBP AA . 58.94 35.81 10.17
C1 FBP AA . 57.80 35.20 10.81
C2 FBP AA . 57.58 33.85 10.10
O2 FBP AA . 56.53 33.20 10.76
C3 FBP AA . 58.88 33.01 10.04
O3 FBP AA . 59.13 32.29 11.23
C4 FBP AA . 58.63 32.16 8.83
O4 FBP AA . 59.83 31.64 8.29
C5 FBP AA . 58.02 33.19 7.88
O5 FBP AA . 57.24 34.04 8.73
C6 FBP AA . 57.14 32.61 6.78
O6 FBP AA . 57.25 33.42 5.61
P2 FBP AA . 57.14 32.76 4.13
O4P FBP AA . 55.73 32.33 3.94
O5P FBP AA . 57.56 33.79 3.10
O6P FBP AA . 58.15 31.62 4.11
C1 OXL BA . 42.76 37.56 -23.36
C2 OXL BA . 41.81 36.53 -24.05
O1 OXL BA . 42.47 37.95 -22.11
O2 OXL BA . 40.88 36.06 -23.42
O3 OXL BA . 43.73 37.97 -23.99
O4 OXL BA . 42.09 36.19 -25.28
MG MG CA . 43.87 37.46 -25.86
K K DA . 46.12 42.58 -23.70
P1 FBP EA . 53.98 19.01 32.09
O1P FBP EA . 53.06 18.94 33.28
O2P FBP EA . 54.81 17.73 32.02
O3P FBP EA . 55.01 20.15 32.04
O1 FBP EA . 53.12 19.20 30.74
C1 FBP EA . 53.71 19.13 29.43
C2 FBP EA . 52.56 18.78 28.45
O2 FBP EA . 53.08 18.81 27.14
C3 FBP EA . 51.36 19.73 28.63
O3 FBP EA . 51.50 20.98 27.95
C4 FBP EA . 50.25 18.88 28.08
O4 FBP EA . 48.97 19.31 28.54
C5 FBP EA . 50.59 17.52 28.70
O5 FBP EA . 52.03 17.47 28.74
C6 FBP EA . 50.03 16.33 27.96
O6 FBP EA . 49.73 15.29 28.92
P2 FBP EA . 48.50 14.31 28.64
O4P FBP EA . 47.27 15.15 28.40
O5P FBP EA . 48.32 13.45 29.90
O6P FBP EA . 48.90 13.43 27.42
C1 OXL FA . 41.38 -17.48 27.45
C2 OXL FA . 42.03 -16.67 28.61
O1 OXL FA . 40.24 -18.06 27.67
O2 OXL FA . 41.30 -16.63 29.71
O3 OXL FA . 41.93 -17.56 26.39
O4 OXL FA . 43.15 -16.14 28.48
MG MG GA . 39.79 -17.84 29.95
K K HA . 42.77 -16.00 34.87
O7 O9R IA . 43.47 -0.62 4.78
S O9R IA . 43.33 -1.95 5.30
O6 O9R IA . 44.52 -2.68 5.63
C4 O9R IA . 42.30 -1.87 6.73
C3 O9R IA . 41.39 -0.82 6.87
C2 O9R IA . 40.67 -0.70 8.03
C1 O9R IA . 40.84 -1.59 9.07
C24 O9R IA . 42.48 -2.79 7.76
C O9R IA . 41.75 -2.64 8.94
O O9R IA . 41.94 -3.47 9.99
C5 O9R IA . 42.43 -2.90 4.12
C23 O9R IA . 41.78 -2.25 3.10
C22 O9R IA . 40.90 -2.95 2.29
C8 O9R IA . 40.66 -4.29 2.50
C7 O9R IA . 41.39 -4.95 3.47
C6 O9R IA . 42.28 -4.26 4.29
C9 O9R IA . 39.47 -4.91 1.80
N O9R IA . 39.54 -6.34 1.50
S1 O9R IA . 38.81 -6.95 0.19
O1 O9R IA . 37.64 -7.63 0.65
O5 O9R IA . 38.68 -5.92 -0.78
C10 O9R IA . 39.95 -8.17 -0.40
C15 O9R IA . 40.25 -9.26 0.44
C14 O9R IA . 41.23 -10.12 -0.03
C13 O9R IA . 41.86 -9.93 -1.24
O3 O9R IA . 42.67 -10.91 -1.73
C12 O9R IA . 41.56 -8.80 -2.02
O2 O9R IA . 42.24 -8.54 -3.16
C11 O9R IA . 40.58 -7.91 -1.61
C16 O9R IA . 39.66 -9.51 1.79
C21 O9R IA . 40.42 -9.36 2.95
C20 O9R IA . 39.87 -9.55 4.20
C19 O9R IA . 38.52 -9.88 4.32
O4 O9R IA . 37.92 -9.99 5.55
C18 O9R IA . 37.75 -10.07 3.18
C17 O9R IA . 38.32 -9.90 1.93
H3 O9R IA . 41.22 -0.12 6.05
H2 O9R IA . 39.96 0.12 8.14
H1 O9R IA . 40.26 -1.50 9.99
H20 O9R IA . 43.18 -3.61 7.64
H O9R IA . 42.92 -3.51 10.19
H19 O9R IA . 42.00 -1.21 2.88
H18 O9R IA . 40.41 -2.42 1.49
H5 O9R IA . 41.28 -6.02 3.68
H4 O9R IA . 42.84 -4.80 5.06
H6 O9R IA . 39.27 -4.34 0.90
H7 O9R IA . 38.61 -4.72 2.44
H8 O9R IA . 40.04 -6.91 2.16
H12 O9R IA . 41.49 -10.97 0.60
H11 O9R IA . 42.70 -11.68 -1.11
H10 O9R IA . 41.58 -8.41 -3.88
H9 O9R IA . 40.33 -7.06 -2.24
H17 O9R IA . 41.47 -9.08 2.86
H16 O9R IA . 40.51 -9.41 5.07
H15 O9R IA . 38.59 -9.78 6.26
H14 O9R IA . 36.71 -10.36 3.27
H13 O9R IA . 37.72 -10.07 1.04
P1 FBP JA . 8.90 -8.81 -29.92
O1P FBP JA . 7.44 -8.89 -29.49
O2P FBP JA . 9.15 -7.44 -30.54
O3P FBP JA . 9.29 -10.00 -30.79
O1 FBP JA . 9.80 -8.88 -28.62
C1 FBP JA . 11.23 -8.83 -28.65
C2 FBP JA . 11.69 -8.48 -27.23
O2 FBP JA . 13.08 -8.62 -27.21
C3 FBP JA . 11.00 -9.36 -26.15
O3 FBP JA . 11.56 -10.65 -25.98
C4 FBP JA . 11.18 -8.44 -24.94
O4 FBP JA . 10.30 -8.76 -23.87
C5 FBP JA . 10.78 -7.11 -25.54
O5 FBP JA . 11.33 -7.13 -26.87
C6 FBP JA . 11.32 -5.95 -24.75
O6 FBP JA . 10.55 -4.77 -25.01
P2 FBP JA . 10.35 -3.73 -23.81
O4P FBP JA . 9.21 -2.84 -24.24
O5P FBP JA . 11.60 -2.86 -23.71
O6P FBP JA . 10.03 -4.43 -22.55
C1 OXL KA . 11.66 28.44 -18.74
C2 OXL KA . 10.81 27.60 -19.70
O1 OXL KA . 11.00 29.20 -17.92
O2 OXL KA . 9.59 27.77 -19.64
O3 OXL KA . 12.88 28.35 -18.74
O4 OXL KA . 11.43 26.75 -20.52
MG MG LA . 9.02 28.93 -18.15
K K MA . 5.56 27.48 -22.67
O7 O9R NA . 32.44 10.12 -11.93
S O9R NA . 31.99 11.49 -12.07
O6 O9R NA . 32.11 12.13 -13.34
C4 O9R NA . 30.30 11.56 -11.54
C3 O9R NA . 29.83 10.63 -10.64
C2 O9R NA . 28.48 10.61 -10.33
C1 O9R NA . 27.61 11.53 -10.90
C24 O9R NA . 29.46 12.50 -12.12
C O9R NA . 28.12 12.48 -11.79
O O9R NA . 27.27 13.38 -12.37
C5 O9R NA . 32.87 12.45 -10.88
C23 O9R NA . 33.30 11.85 -9.72
C22 O9R NA . 33.98 12.60 -8.77
C8 O9R NA . 34.22 13.94 -8.98
C7 O9R NA . 33.74 14.54 -10.12
C6 O9R NA . 33.07 13.80 -11.09
C9 O9R NA . 35.15 14.67 -8.03
N O9R NA . 34.58 15.91 -7.48
S1 O9R NA . 35.53 16.84 -6.56
O1 O9R NA . 36.10 15.99 -5.57
O5 O9R NA . 34.75 17.97 -6.16
C10 O9R NA . 36.85 17.41 -7.61
C15 O9R NA . 36.80 18.55 -8.45
C14 O9R NA . 38.02 19.05 -8.92
C13 O9R NA . 39.22 18.39 -8.70
O3 O9R NA . 40.37 18.95 -9.13
C12 O9R NA . 39.21 17.19 -7.97
O2 O9R NA . 40.35 16.48 -7.74
C11 O9R NA . 38.04 16.71 -7.43
C16 O9R NA . 35.60 19.08 -9.15
C21 O9R NA . 34.37 19.22 -8.52
C20 O9R NA . 33.22 19.61 -9.21
C19 O9R NA . 33.30 19.85 -10.57
O4 O9R NA . 32.18 20.11 -11.31
C18 O9R NA . 34.52 19.77 -11.22
C17 O9R NA . 35.65 19.39 -10.52
H3 O9R NA . 30.50 9.91 -10.16
H2 O9R NA . 28.10 9.86 -9.64
H1 O9R NA . 26.56 11.52 -10.65
H20 O9R NA . 29.85 13.25 -12.81
H O9R NA . 27.21 13.18 -13.34
H19 O9R NA . 33.07 10.80 -9.53
H18 O9R NA . 34.31 12.10 -7.87
H5 O9R NA . 33.88 15.60 -10.28
H4 O9R NA . 32.72 14.30 -11.99
H6 O9R NA . 36.09 14.87 -8.53
H7 O9R NA . 35.39 13.99 -7.21
H8 O9R NA . 33.61 16.08 -7.74
H12 O9R NA . 38.01 20.01 -9.44
H11 O9R NA . 40.19 19.82 -9.57
H10 O9R NA . 41.10 17.11 -7.79
H9 O9R NA . 38.09 15.77 -6.89
H17 O9R NA . 34.31 19.07 -7.44
H16 O9R NA . 32.29 19.72 -8.65
H15 O9R NA . 31.39 20.09 -10.73
H14 O9R NA . 34.58 19.97 -12.28
H13 O9R NA . 36.58 19.30 -11.07
P1 FBP OA . 28.54 -28.48 -26.18
O1P FBP OA . 27.14 -28.68 -26.79
O2P FBP OA . 28.67 -29.16 -24.83
O3P FBP OA . 29.54 -28.90 -27.17
O1 FBP OA . 28.70 -26.99 -25.98
C1 FBP OA . 27.88 -26.22 -25.10
C2 FBP OA . 28.70 -24.93 -24.76
O2 FBP OA . 27.86 -24.11 -23.99
C3 FBP OA . 29.26 -24.27 -26.04
O3 FBP OA . 28.33 -23.43 -26.69
C4 FBP OA . 30.40 -23.47 -25.47
O4 FBP OA . 31.36 -23.07 -26.46
C5 FBP OA . 31.01 -24.47 -24.51
O5 FBP OA . 29.88 -25.21 -23.99
C6 FBP OA . 31.80 -23.87 -23.39
O6 FBP OA . 32.88 -24.76 -23.06
P2 FBP OA . 34.28 -24.22 -22.53
O4P FBP OA . 34.04 -23.62 -21.14
O5P FBP OA . 34.85 -23.18 -23.46
O6P FBP OA . 35.14 -25.42 -22.43
C1 OXL PA . 54.84 -29.56 0.58
C2 OXL PA . 55.46 -28.58 1.59
O1 OXL PA . 53.62 -29.78 0.51
O2 OXL PA . 54.66 -27.88 2.34
O3 OXL PA . 55.74 -30.11 -0.19
O4 OXL PA . 56.68 -28.50 1.63
MG MG QA . 57.66 -29.58 0.17
K K RA . 55.85 -34.68 -2.50
#